data_2KMW
#
_entry.id   2KMW
#
_cell.length_a   1.000
_cell.length_b   1.000
_cell.length_c   1.000
_cell.angle_alpha   90.00
_cell.angle_beta   90.00
_cell.angle_gamma   90.00
#
_symmetry.space_group_name_H-M   'P 1'
#
_entity_poly.entity_id   1
_entity_poly.type   'polypeptide(L)'
_entity_poly.pdbx_seq_one_letter_code
;SSRNPEVLWAQRSDKVYLTVALPDAKDISVKCEPQGLFSFSALGAQGERFEFSLELYGKIMTEYRKNVGLRNIIFSIQKE
ERSWWTRLLKSEEKPAPYIKVDWNKWCDEDEEVNSETASDDESAFVNQDSESSDDDGLLYLPDLEKARNK
;
_entity_poly.pdbx_strand_id   A
#
# COMPACT_ATOMS: atom_id res chain seq x y z
N SER A 1 -8.55 9.84 24.01
CA SER A 1 -9.83 9.32 23.49
C SER A 1 -9.68 8.88 22.04
N SER A 2 -9.36 9.83 21.16
CA SER A 2 -9.21 9.55 19.75
C SER A 2 -7.74 9.68 19.35
N ARG A 3 -7.24 8.73 18.57
CA ARG A 3 -5.85 8.72 18.20
C ARG A 3 -5.67 8.83 16.68
N ASN A 4 -4.59 9.50 16.30
CA ASN A 4 -4.16 9.60 14.91
C ASN A 4 -2.64 9.65 14.84
N PRO A 5 -1.98 8.48 14.74
CA PRO A 5 -0.54 8.39 14.52
C PRO A 5 -0.18 8.78 13.09
N GLU A 6 0.80 8.11 12.50
CA GLU A 6 1.15 8.38 11.11
C GLU A 6 0.44 7.41 10.18
N VAL A 7 -0.09 7.97 9.11
CA VAL A 7 -0.74 7.21 8.07
C VAL A 7 -0.04 7.45 6.75
N LEU A 8 0.62 6.43 6.24
CA LEU A 8 1.46 6.56 5.06
C LEU A 8 0.66 6.21 3.82
N TRP A 9 0.82 7.01 2.77
CA TRP A 9 0.18 6.70 1.51
C TRP A 9 1.23 6.41 0.45
N ALA A 10 0.87 5.54 -0.47
CA ALA A 10 1.69 5.21 -1.62
C ALA A 10 0.78 4.61 -2.67
N GLN A 11 1.09 4.81 -3.94
CA GLN A 11 0.20 4.35 -4.98
C GLN A 11 0.92 3.63 -6.09
N ARG A 12 0.17 2.79 -6.79
CA ARG A 12 0.63 2.15 -8.00
C ARG A 12 -0.28 2.58 -9.14
N SER A 13 -0.06 2.05 -10.34
CA SER A 13 -0.87 2.42 -11.49
C SER A 13 -2.37 2.24 -11.20
N ASP A 14 -2.75 1.03 -10.79
CA ASP A 14 -4.16 0.74 -10.54
C ASP A 14 -4.55 1.04 -9.09
N LYS A 15 -3.90 0.38 -8.14
CA LYS A 15 -4.32 0.42 -6.75
C LYS A 15 -3.51 1.43 -5.94
N VAL A 16 -4.03 1.76 -4.77
CA VAL A 16 -3.35 2.65 -3.82
C VAL A 16 -3.21 1.92 -2.47
N TYR A 17 -2.12 2.20 -1.78
CA TYR A 17 -1.84 1.55 -0.51
C TYR A 17 -2.01 2.53 0.63
N LEU A 18 -2.62 2.03 1.69
CA LEU A 18 -2.78 2.78 2.92
C LEU A 18 -2.02 2.10 4.04
N THR A 19 -0.94 2.71 4.49
CA THR A 19 -0.14 2.13 5.55
C THR A 19 -0.44 2.83 6.87
N VAL A 20 -1.22 2.17 7.70
CA VAL A 20 -1.62 2.74 8.98
C VAL A 20 -0.78 2.14 10.11
N ALA A 21 -0.18 3.00 10.92
CA ALA A 21 0.58 2.53 12.07
C ALA A 21 -0.38 2.10 13.17
N LEU A 22 -0.65 0.81 13.22
CA LEU A 22 -1.65 0.26 14.12
C LEU A 22 -1.26 -1.16 14.52
N PRO A 23 -0.73 -1.34 15.74
CA PRO A 23 -0.24 -2.65 16.21
C PRO A 23 -1.36 -3.68 16.39
N ASP A 24 -2.35 -3.35 17.23
CA ASP A 24 -3.43 -4.29 17.51
C ASP A 24 -4.77 -3.73 17.04
N ALA A 25 -5.32 -4.35 16.01
CA ALA A 25 -6.55 -3.88 15.39
C ALA A 25 -7.78 -4.45 16.09
N LYS A 26 -8.76 -3.60 16.34
CA LYS A 26 -10.02 -4.00 16.94
C LYS A 26 -11.16 -3.17 16.38
N ASP A 27 -12.28 -3.84 16.08
CA ASP A 27 -13.50 -3.15 15.62
C ASP A 27 -13.23 -2.06 14.59
N ILE A 28 -12.83 -2.46 13.40
CA ILE A 28 -12.52 -1.50 12.35
C ILE A 28 -13.71 -1.33 11.42
N SER A 29 -14.33 -0.17 11.50
CA SER A 29 -15.48 0.16 10.67
C SER A 29 -15.07 1.21 9.64
N VAL A 30 -15.08 0.83 8.36
CA VAL A 30 -14.55 1.69 7.32
C VAL A 30 -15.67 2.26 6.44
N LYS A 31 -15.82 3.57 6.47
CA LYS A 31 -16.68 4.26 5.51
C LYS A 31 -15.82 5.07 4.55
N CYS A 32 -15.73 4.60 3.31
CA CYS A 32 -14.99 5.32 2.27
C CYS A 32 -15.87 5.54 1.02
N GLU A 33 -15.93 6.77 0.51
CA GLU A 33 -16.53 7.00 -0.79
C GLU A 33 -15.41 7.17 -1.80
N PRO A 34 -15.71 6.99 -3.11
CA PRO A 34 -14.75 7.25 -4.19
C PRO A 34 -14.28 8.69 -4.21
N GLN A 35 -14.88 9.49 -3.35
CA GLN A 35 -14.62 10.91 -3.28
C GLN A 35 -14.25 11.33 -1.85
N GLY A 36 -14.39 10.41 -0.91
CA GLY A 36 -14.05 10.72 0.47
C GLY A 36 -15.03 10.14 1.46
N LEU A 37 -14.52 9.53 2.51
CA LEU A 37 -15.32 9.18 3.68
C LEU A 37 -14.41 8.95 4.88
N PHE A 38 -15.00 8.66 6.03
CA PHE A 38 -14.26 8.60 7.29
C PHE A 38 -14.22 7.17 7.82
N SER A 39 -13.12 6.81 8.48
CA SER A 39 -12.95 5.46 8.97
C SER A 39 -12.74 5.46 10.49
N PHE A 40 -13.35 4.49 11.15
CA PHE A 40 -13.28 4.39 12.59
C PHE A 40 -12.66 3.06 13.01
N SER A 41 -11.64 3.13 13.85
CA SER A 41 -10.97 1.94 14.34
C SER A 41 -10.84 1.99 15.85
N ALA A 42 -10.58 0.85 16.47
CA ALA A 42 -10.32 0.80 17.90
C ALA A 42 -8.94 0.20 18.14
N LEU A 43 -8.19 0.83 19.03
CA LEU A 43 -6.86 0.37 19.35
C LEU A 43 -6.90 -0.50 20.59
N GLY A 44 -6.67 -1.78 20.40
CA GLY A 44 -6.77 -2.74 21.48
C GLY A 44 -5.57 -2.72 22.40
N ALA A 45 -4.41 -2.36 21.86
CA ALA A 45 -3.18 -2.37 22.62
C ALA A 45 -3.11 -1.19 23.59
N GLN A 46 -3.90 -0.17 23.33
CA GLN A 46 -3.95 0.99 24.21
C GLN A 46 -5.27 1.06 24.96
N GLY A 47 -6.35 0.68 24.29
CA GLY A 47 -7.67 0.89 24.83
C GLY A 47 -8.23 2.22 24.37
N GLU A 48 -7.69 2.70 23.25
CA GLU A 48 -8.03 4.00 22.71
C GLU A 48 -8.73 3.86 21.38
N ARG A 49 -9.39 4.91 20.94
CA ARG A 49 -10.04 4.88 19.65
C ARG A 49 -9.15 5.49 18.57
N PHE A 50 -9.36 5.07 17.33
CA PHE A 50 -8.65 5.62 16.19
C PHE A 50 -9.70 6.13 15.21
N GLU A 51 -9.47 7.30 14.63
CA GLU A 51 -10.44 7.85 13.70
C GLU A 51 -9.84 8.91 12.78
N PHE A 52 -9.95 8.66 11.49
CA PHE A 52 -9.42 9.56 10.48
C PHE A 52 -10.43 9.74 9.35
N SER A 53 -10.25 10.77 8.56
CA SER A 53 -11.18 11.08 7.49
C SER A 53 -10.40 11.44 6.23
N LEU A 54 -10.72 10.79 5.13
CA LEU A 54 -9.99 11.00 3.88
C LEU A 54 -10.90 11.60 2.82
N GLU A 55 -10.54 12.79 2.36
CA GLU A 55 -11.24 13.44 1.26
C GLU A 55 -10.44 13.24 -0.02
N LEU A 56 -11.05 12.58 -1.00
CA LEU A 56 -10.32 12.16 -2.20
C LEU A 56 -10.55 13.09 -3.37
N TYR A 57 -9.47 13.69 -3.86
CA TYR A 57 -9.50 14.49 -5.08
C TYR A 57 -9.64 13.54 -6.27
N GLY A 58 -8.90 12.45 -6.20
CA GLY A 58 -9.06 11.39 -7.17
C GLY A 58 -10.32 10.61 -6.91
N LYS A 59 -10.52 9.53 -7.64
CA LYS A 59 -11.71 8.72 -7.47
C LYS A 59 -11.35 7.26 -7.25
N ILE A 60 -12.02 6.64 -6.29
CA ILE A 60 -11.64 5.32 -5.82
C ILE A 60 -12.70 4.28 -6.20
N MET A 61 -12.25 3.06 -6.41
CA MET A 61 -13.16 1.95 -6.62
C MET A 61 -13.22 1.11 -5.36
N THR A 62 -14.29 1.31 -4.59
CA THR A 62 -14.44 0.69 -3.27
C THR A 62 -14.76 -0.82 -3.35
N GLU A 63 -14.59 -1.39 -4.54
CA GLU A 63 -14.83 -2.81 -4.74
C GLU A 63 -13.62 -3.62 -4.32
N TYR A 64 -12.48 -3.31 -4.94
CA TYR A 64 -11.24 -4.00 -4.61
C TYR A 64 -10.62 -3.40 -3.36
N ARG A 65 -10.68 -4.16 -2.27
CA ARG A 65 -10.16 -3.71 -1.00
C ARG A 65 -9.51 -4.88 -0.25
N LYS A 66 -8.29 -4.67 0.22
CA LYS A 66 -7.56 -5.69 0.95
C LYS A 66 -6.95 -5.11 2.21
N ASN A 67 -7.09 -5.82 3.32
CA ASN A 67 -6.47 -5.41 4.58
C ASN A 67 -5.46 -6.46 5.03
N VAL A 68 -4.19 -6.15 4.84
CA VAL A 68 -3.11 -7.02 5.28
C VAL A 68 -2.29 -6.33 6.37
N GLY A 69 -2.09 -7.01 7.48
CA GLY A 69 -1.44 -6.37 8.61
C GLY A 69 -0.33 -7.21 9.22
N LEU A 70 0.83 -6.60 9.40
CA LEU A 70 1.94 -7.25 10.09
C LEU A 70 2.07 -6.70 11.50
N ARG A 71 2.72 -5.56 11.62
CA ARG A 71 2.74 -4.79 12.87
C ARG A 71 1.89 -3.55 12.67
N ASN A 72 1.35 -3.45 11.47
CA ASN A 72 0.62 -2.29 11.01
C ASN A 72 -0.44 -2.72 10.02
N ILE A 73 -1.45 -1.89 9.81
CA ILE A 73 -2.54 -2.25 8.91
C ILE A 73 -2.33 -1.61 7.54
N ILE A 74 -2.13 -2.44 6.54
CA ILE A 74 -2.04 -1.97 5.17
C ILE A 74 -3.35 -2.22 4.44
N PHE A 75 -3.98 -1.15 3.97
CA PHE A 75 -5.26 -1.26 3.31
C PHE A 75 -5.12 -0.82 1.84
N SER A 76 -5.18 -1.77 0.93
CA SER A 76 -5.01 -1.47 -0.48
C SER A 76 -6.38 -1.40 -1.18
N ILE A 77 -6.65 -0.26 -1.79
CA ILE A 77 -7.88 -0.04 -2.53
C ILE A 77 -7.55 0.30 -3.98
N GLN A 78 -8.35 -0.18 -4.91
CA GLN A 78 -8.08 0.10 -6.32
C GLN A 78 -8.64 1.47 -6.71
N LYS A 79 -7.81 2.27 -7.35
CA LYS A 79 -8.22 3.58 -7.83
C LYS A 79 -8.88 3.43 -9.20
N GLU A 80 -10.01 4.09 -9.41
CA GLU A 80 -10.67 4.01 -10.69
C GLU A 80 -9.94 4.90 -11.69
N GLU A 81 -9.33 4.27 -12.68
CA GLU A 81 -8.57 4.99 -13.68
C GLU A 81 -9.50 5.61 -14.70
N ARG A 82 -10.12 6.72 -14.30
CA ARG A 82 -11.06 7.43 -15.14
C ARG A 82 -10.32 8.38 -16.07
N SER A 83 -9.50 9.25 -15.51
CA SER A 83 -8.71 10.18 -16.32
C SER A 83 -7.37 10.50 -15.65
N TRP A 84 -7.33 11.56 -14.86
CA TRP A 84 -6.07 12.03 -14.29
C TRP A 84 -6.26 12.55 -12.87
N TRP A 85 -5.74 11.81 -11.90
CA TRP A 85 -5.84 12.18 -10.51
C TRP A 85 -4.49 12.73 -10.04
N THR A 86 -4.30 14.03 -10.19
CA THR A 86 -3.06 14.68 -9.82
C THR A 86 -2.80 14.57 -8.32
N ARG A 87 -3.87 14.63 -7.54
CA ARG A 87 -3.77 14.57 -6.08
C ARG A 87 -4.74 13.54 -5.54
N LEU A 88 -4.38 12.92 -4.42
CA LEU A 88 -5.29 12.02 -3.74
C LEU A 88 -6.18 12.79 -2.77
N LEU A 89 -5.63 13.85 -2.19
CA LEU A 89 -6.34 14.62 -1.18
C LEU A 89 -7.09 15.78 -1.82
N LYS A 90 -8.42 15.73 -1.74
CA LYS A 90 -9.27 16.78 -2.28
C LYS A 90 -8.92 18.11 -1.64
N SER A 91 -8.69 18.09 -0.34
CA SER A 91 -8.26 19.26 0.39
C SER A 91 -6.75 19.37 0.36
N GLU A 92 -6.21 19.71 -0.81
CA GLU A 92 -4.77 19.84 -1.01
C GLU A 92 -4.27 21.12 -0.35
N GLU A 93 -5.21 22.01 -0.05
CA GLU A 93 -4.89 23.26 0.60
C GLU A 93 -4.52 23.01 2.06
N LYS A 94 -5.23 22.08 2.69
CA LYS A 94 -4.99 21.73 4.08
C LYS A 94 -5.02 20.22 4.26
N PRO A 95 -3.85 19.57 4.20
CA PRO A 95 -3.77 18.13 4.44
C PRO A 95 -3.88 17.79 5.92
N ALA A 96 -4.30 16.58 6.21
CA ALA A 96 -4.34 16.11 7.58
C ALA A 96 -2.93 15.84 8.09
N PRO A 97 -2.60 16.35 9.29
CA PRO A 97 -1.23 16.26 9.84
C PRO A 97 -0.77 14.83 10.08
N TYR A 98 -1.69 13.87 9.98
CA TYR A 98 -1.34 12.48 10.17
C TYR A 98 -1.04 11.79 8.84
N ILE A 99 -1.16 12.54 7.74
CA ILE A 99 -0.87 11.97 6.43
C ILE A 99 0.60 12.15 6.08
N LYS A 100 1.22 11.02 5.74
CA LYS A 100 2.63 10.99 5.41
C LYS A 100 2.87 10.01 4.26
N VAL A 101 4.12 9.87 3.83
CA VAL A 101 4.43 9.04 2.66
C VAL A 101 5.04 7.70 3.07
N ASP A 102 4.56 6.63 2.45
CA ASP A 102 5.13 5.30 2.66
C ASP A 102 6.32 5.05 1.73
N TRP A 103 7.49 4.91 2.33
CA TRP A 103 8.73 4.72 1.58
C TRP A 103 8.97 3.28 1.09
N ASN A 104 8.07 2.35 1.34
CA ASN A 104 8.33 0.95 0.97
C ASN A 104 7.32 0.42 -0.05
N LYS A 105 6.16 1.05 -0.15
CA LYS A 105 5.15 0.62 -1.11
C LYS A 105 5.13 1.53 -2.34
N TRP A 106 6.03 2.52 -2.36
CA TRP A 106 6.20 3.40 -3.50
C TRP A 106 6.56 2.57 -4.74
N CYS A 107 6.27 3.09 -5.93
CA CYS A 107 6.58 2.39 -7.17
C CYS A 107 8.08 2.19 -7.30
N ASP A 108 8.55 0.97 -7.05
CA ASP A 108 9.96 0.65 -7.15
C ASP A 108 10.43 0.80 -8.58
N GLU A 109 11.18 1.84 -8.86
CA GLU A 109 11.79 2.00 -10.17
C GLU A 109 13.06 1.17 -10.23
N ASP A 110 12.87 -0.14 -10.40
CA ASP A 110 13.95 -1.11 -10.50
C ASP A 110 14.71 -1.24 -9.20
N GLU A 111 14.00 -1.57 -8.13
CA GLU A 111 14.63 -1.89 -6.86
C GLU A 111 14.79 -3.39 -6.72
N GLU A 112 15.20 -3.85 -5.54
CA GLU A 112 15.41 -5.27 -5.29
C GLU A 112 15.21 -5.55 -3.81
N VAL A 113 14.23 -6.41 -3.49
CA VAL A 113 13.88 -6.70 -2.10
C VAL A 113 14.03 -8.19 -1.77
N ASN A 114 14.96 -8.86 -2.43
CA ASN A 114 15.21 -10.28 -2.19
C ASN A 114 16.67 -10.45 -1.80
N SER A 115 17.20 -9.40 -1.19
CA SER A 115 18.60 -9.34 -0.81
C SER A 115 18.87 -10.24 0.39
N GLU A 116 19.00 -11.54 0.11
CA GLU A 116 19.38 -12.53 1.13
C GLU A 116 18.31 -12.65 2.21
N THR A 117 17.14 -12.12 1.90
CA THR A 117 16.03 -12.12 2.84
C THR A 117 15.40 -13.50 2.93
N ALA A 118 15.36 -14.21 1.80
CA ALA A 118 14.76 -15.53 1.75
C ALA A 118 15.75 -16.62 2.15
N SER A 119 16.09 -16.66 3.43
CA SER A 119 16.96 -17.70 3.97
C SER A 119 16.19 -18.56 4.95
N ASP A 120 15.89 -19.80 4.54
CA ASP A 120 15.10 -20.70 5.37
C ASP A 120 15.92 -21.94 5.74
N ASP A 121 15.72 -22.42 6.96
CA ASP A 121 16.45 -23.60 7.44
C ASP A 121 15.50 -24.53 8.17
N GLU A 122 15.71 -25.83 8.01
CA GLU A 122 14.84 -26.83 8.62
C GLU A 122 15.64 -27.80 9.48
N SER A 123 14.97 -28.44 10.41
CA SER A 123 15.60 -29.46 11.23
C SER A 123 15.48 -30.82 10.57
N ALA A 124 16.21 -30.99 9.47
CA ALA A 124 16.16 -32.20 8.68
C ALA A 124 16.80 -33.36 9.44
N PHE A 125 16.35 -34.58 9.15
CA PHE A 125 16.92 -35.76 9.76
C PHE A 125 17.81 -36.47 8.76
N VAL A 126 18.93 -36.99 9.23
CA VAL A 126 19.90 -37.63 8.34
C VAL A 126 20.21 -39.04 8.81
N ASN A 127 21.16 -39.15 9.74
CA ASN A 127 21.63 -40.45 10.20
C ASN A 127 21.29 -40.68 11.66
N GLN A 128 20.54 -41.73 11.91
CA GLN A 128 20.23 -42.14 13.27
C GLN A 128 21.03 -43.40 13.60
N ASP A 129 22.06 -43.24 14.41
CA ASP A 129 22.96 -44.33 14.72
C ASP A 129 22.78 -44.78 16.16
N SER A 130 23.25 -43.94 17.08
CA SER A 130 23.16 -44.21 18.51
C SER A 130 23.78 -45.57 18.86
N GLU A 131 24.87 -45.90 18.15
CA GLU A 131 25.58 -47.15 18.39
C GLU A 131 26.40 -47.05 19.67
N SER A 132 26.33 -48.10 20.48
CA SER A 132 27.00 -48.12 21.77
C SER A 132 27.81 -49.39 21.95
N SER A 133 28.82 -49.33 22.80
CA SER A 133 29.63 -50.49 23.10
C SER A 133 29.20 -51.09 24.44
N ASP A 134 29.50 -52.36 24.64
CA ASP A 134 29.14 -53.06 25.86
C ASP A 134 30.33 -53.82 26.40
N ASP A 135 30.53 -53.74 27.70
CA ASP A 135 31.64 -54.45 28.35
C ASP A 135 31.13 -55.66 29.11
N ASP A 136 32.02 -56.62 29.36
CA ASP A 136 31.66 -57.86 30.03
C ASP A 136 31.27 -57.62 31.49
N GLY A 137 31.89 -56.62 32.10
CA GLY A 137 31.59 -56.30 33.48
C GLY A 137 32.79 -56.40 34.38
N LEU A 138 33.33 -57.61 34.52
CA LEU A 138 34.46 -57.82 35.41
C LEU A 138 35.11 -59.17 35.15
N LEU A 139 36.44 -59.21 35.25
CA LEU A 139 37.20 -60.44 35.16
C LEU A 139 38.21 -60.51 36.29
N TYR A 140 37.96 -59.71 37.32
CA TYR A 140 38.86 -59.60 38.46
C TYR A 140 38.75 -60.84 39.34
N LEU A 141 39.82 -61.60 39.43
CA LEU A 141 39.85 -62.81 40.23
C LEU A 141 40.93 -62.71 41.30
N PRO A 142 40.72 -63.35 42.47
CA PRO A 142 41.76 -63.48 43.49
C PRO A 142 42.87 -64.39 42.99
N ASP A 143 44.01 -63.80 42.65
CA ASP A 143 45.10 -64.52 42.01
C ASP A 143 45.61 -65.67 42.86
N LEU A 144 46.19 -65.34 44.00
CA LEU A 144 46.82 -66.35 44.86
C LEU A 144 46.06 -66.51 46.17
N GLU A 145 46.32 -67.62 46.84
CA GLU A 145 45.82 -67.86 48.18
C GLU A 145 46.58 -67.00 49.18
N LYS A 146 46.29 -65.71 49.18
CA LYS A 146 46.96 -64.78 50.07
C LYS A 146 46.39 -64.92 51.49
N ALA A 147 47.02 -65.76 52.29
CA ALA A 147 46.58 -66.01 53.65
C ALA A 147 47.66 -65.65 54.65
N ARG A 148 47.25 -65.31 55.86
CA ARG A 148 48.19 -64.95 56.90
C ARG A 148 48.64 -66.19 57.67
N ASN A 149 49.90 -66.56 57.51
CA ASN A 149 50.45 -67.75 58.14
C ASN A 149 51.04 -67.41 59.49
N LYS A 150 51.15 -68.40 60.36
CA LYS A 150 51.69 -68.17 61.69
C LYS A 150 53.16 -68.59 61.71
N SER A 1 -9.93 13.59 20.85
CA SER A 1 -10.95 12.57 21.19
C SER A 1 -10.52 11.20 20.66
N SER A 2 -10.23 11.14 19.37
CA SER A 2 -9.79 9.91 18.73
C SER A 2 -8.30 9.96 18.46
N ARG A 3 -7.71 8.80 18.21
CA ARG A 3 -6.28 8.70 17.98
C ARG A 3 -5.99 8.89 16.49
N ASN A 4 -4.80 9.38 16.18
CA ASN A 4 -4.37 9.59 14.80
C ASN A 4 -2.86 9.49 14.66
N PRO A 5 -2.35 8.29 14.32
CA PRO A 5 -0.93 8.05 14.10
C PRO A 5 -0.51 8.27 12.65
N GLU A 6 0.68 7.78 12.31
CA GLU A 6 1.23 7.93 10.97
C GLU A 6 0.33 7.34 9.89
N VAL A 7 0.05 8.13 8.87
CA VAL A 7 -0.71 7.68 7.71
C VAL A 7 0.09 7.97 6.44
N LEU A 8 0.56 6.91 5.80
CA LEU A 8 1.37 7.03 4.60
C LEU A 8 0.59 6.53 3.39
N TRP A 9 0.88 7.09 2.22
CA TRP A 9 0.29 6.60 0.99
C TRP A 9 1.37 6.30 -0.04
N ALA A 10 1.07 5.35 -0.90
CA ALA A 10 1.95 4.96 -2.01
C ALA A 10 1.13 4.29 -3.10
N GLN A 11 1.19 4.80 -4.32
CA GLN A 11 0.29 4.34 -5.36
C GLN A 11 0.93 3.30 -6.26
N ARG A 12 0.08 2.58 -6.99
CA ARG A 12 0.51 1.64 -8.01
C ARG A 12 -0.17 2.00 -9.33
N SER A 13 -0.09 1.09 -10.30
CA SER A 13 -0.59 1.34 -11.64
C SER A 13 -2.10 1.58 -11.69
N ASP A 14 -2.83 1.14 -10.66
CA ASP A 14 -4.28 1.28 -10.65
C ASP A 14 -4.82 1.38 -9.23
N LYS A 15 -4.22 0.62 -8.32
CA LYS A 15 -4.61 0.67 -6.92
C LYS A 15 -3.61 1.49 -6.13
N VAL A 16 -4.08 2.12 -5.06
CA VAL A 16 -3.22 2.89 -4.19
C VAL A 16 -3.12 2.22 -2.82
N TYR A 17 -1.92 2.21 -2.26
CA TYR A 17 -1.69 1.61 -0.96
C TYR A 17 -1.74 2.66 0.12
N LEU A 18 -2.44 2.34 1.18
CA LEU A 18 -2.53 3.21 2.34
C LEU A 18 -1.88 2.51 3.53
N THR A 19 -0.77 3.05 4.00
CA THR A 19 -0.03 2.46 5.09
C THR A 19 -0.30 3.24 6.38
N VAL A 20 -1.15 2.70 7.22
CA VAL A 20 -1.47 3.37 8.48
C VAL A 20 -0.80 2.65 9.64
N ALA A 21 -0.31 3.42 10.60
CA ALA A 21 0.32 2.84 11.79
C ALA A 21 -0.75 2.30 12.72
N LEU A 22 -0.94 0.99 12.67
CA LEU A 22 -2.02 0.34 13.40
C LEU A 22 -1.65 -1.10 13.72
N PRO A 23 -0.89 -1.32 14.80
CA PRO A 23 -0.44 -2.67 15.19
C PRO A 23 -1.55 -3.50 15.82
N ASP A 24 -2.06 -3.04 16.95
CA ASP A 24 -3.10 -3.77 17.66
C ASP A 24 -4.44 -3.11 17.43
N ALA A 25 -5.19 -3.65 16.49
CA ALA A 25 -6.45 -3.06 16.09
C ALA A 25 -7.63 -3.98 16.37
N LYS A 26 -8.77 -3.38 16.62
CA LYS A 26 -10.00 -4.10 16.92
C LYS A 26 -11.19 -3.27 16.49
N ASP A 27 -12.34 -3.93 16.33
CA ASP A 27 -13.61 -3.25 15.99
C ASP A 27 -13.40 -2.35 14.78
N ILE A 28 -12.73 -2.87 13.77
CA ILE A 28 -12.38 -2.11 12.59
C ILE A 28 -13.56 -2.05 11.63
N SER A 29 -14.05 -0.86 11.37
CA SER A 29 -15.04 -0.65 10.34
C SER A 29 -14.61 0.51 9.44
N VAL A 30 -14.29 0.19 8.20
CA VAL A 30 -13.83 1.19 7.27
C VAL A 30 -14.98 1.67 6.41
N LYS A 31 -15.17 2.98 6.39
CA LYS A 31 -16.19 3.58 5.54
C LYS A 31 -15.54 4.57 4.59
N CYS A 32 -15.52 4.23 3.31
CA CYS A 32 -15.01 5.11 2.27
C CYS A 32 -16.03 5.27 1.14
N GLU A 33 -16.37 6.50 0.76
CA GLU A 33 -17.21 6.71 -0.40
C GLU A 33 -16.31 6.99 -1.58
N PRO A 34 -16.84 6.90 -2.81
CA PRO A 34 -16.07 7.17 -4.04
C PRO A 34 -15.52 8.60 -4.10
N GLN A 35 -15.79 9.39 -3.07
CA GLN A 35 -15.38 10.78 -3.02
C GLN A 35 -15.03 11.22 -1.59
N GLY A 36 -15.11 10.31 -0.63
CA GLY A 36 -14.77 10.66 0.74
C GLY A 36 -15.59 9.90 1.77
N LEU A 37 -14.91 9.28 2.71
CA LEU A 37 -15.54 8.79 3.93
C LEU A 37 -14.49 8.59 5.02
N PHE A 38 -14.94 8.16 6.20
CA PHE A 38 -14.06 8.07 7.37
C PHE A 38 -13.86 6.61 7.77
N SER A 39 -12.64 6.27 8.13
CA SER A 39 -12.32 4.93 8.56
C SER A 39 -12.25 4.87 10.09
N PHE A 40 -13.00 3.95 10.67
CA PHE A 40 -13.10 3.86 12.12
C PHE A 40 -12.47 2.55 12.63
N SER A 41 -11.41 2.68 13.41
CA SER A 41 -10.75 1.54 14.01
C SER A 41 -10.53 1.76 15.50
N ALA A 42 -10.25 0.71 16.24
CA ALA A 42 -9.92 0.84 17.64
C ALA A 42 -8.56 0.23 17.95
N LEU A 43 -7.90 0.78 18.95
CA LEU A 43 -6.61 0.27 19.41
C LEU A 43 -6.85 -0.65 20.60
N GLY A 44 -6.63 -1.93 20.39
CA GLY A 44 -6.91 -2.92 21.42
C GLY A 44 -5.94 -2.85 22.58
N ALA A 45 -4.71 -2.44 22.28
CA ALA A 45 -3.68 -2.34 23.30
C ALA A 45 -3.90 -1.12 24.20
N GLN A 46 -4.60 -0.11 23.67
CA GLN A 46 -4.78 1.14 24.41
C GLN A 46 -6.22 1.34 24.87
N GLY A 47 -7.13 0.53 24.33
CA GLY A 47 -8.54 0.71 24.62
C GLY A 47 -9.06 1.98 23.98
N GLU A 48 -8.29 2.51 23.05
CA GLU A 48 -8.55 3.81 22.45
C GLU A 48 -9.20 3.60 21.09
N ARG A 49 -9.86 4.61 20.56
CA ARG A 49 -10.39 4.52 19.22
C ARG A 49 -9.65 5.48 18.30
N PHE A 50 -9.39 5.02 17.10
CA PHE A 50 -8.66 5.79 16.11
C PHE A 50 -9.49 5.94 14.85
N GLU A 51 -9.47 7.12 14.26
CA GLU A 51 -10.23 7.34 13.04
C GLU A 51 -9.61 8.44 12.20
N PHE A 52 -9.96 8.43 10.93
CA PHE A 52 -9.52 9.45 10.00
C PHE A 52 -10.50 9.55 8.84
N SER A 53 -10.86 10.76 8.47
CA SER A 53 -11.76 11.00 7.37
C SER A 53 -10.98 11.51 6.16
N LEU A 54 -11.18 10.89 5.02
CA LEU A 54 -10.47 11.29 3.82
C LEU A 54 -11.45 11.71 2.73
N GLU A 55 -11.28 12.94 2.24
CA GLU A 55 -11.98 13.39 1.05
C GLU A 55 -11.15 12.99 -0.16
N LEU A 56 -11.78 12.47 -1.19
CA LEU A 56 -11.04 11.94 -2.32
C LEU A 56 -11.18 12.81 -3.56
N TYR A 57 -10.02 13.25 -4.06
CA TYR A 57 -9.96 14.01 -5.29
C TYR A 57 -10.08 13.05 -6.47
N GLY A 58 -9.38 11.92 -6.35
CA GLY A 58 -9.54 10.84 -7.30
C GLY A 58 -10.58 9.86 -6.79
N LYS A 59 -11.56 9.55 -7.62
CA LYS A 59 -12.70 8.76 -7.17
C LYS A 59 -12.30 7.34 -6.83
N ILE A 60 -12.93 6.80 -5.79
CA ILE A 60 -12.62 5.47 -5.30
C ILE A 60 -13.55 4.45 -5.91
N MET A 61 -13.03 3.24 -6.06
CA MET A 61 -13.84 2.11 -6.45
C MET A 61 -14.12 1.29 -5.20
N THR A 62 -15.24 1.61 -4.55
CA THR A 62 -15.58 1.04 -3.24
C THR A 62 -15.93 -0.45 -3.33
N GLU A 63 -15.77 -1.01 -4.53
CA GLU A 63 -16.07 -2.40 -4.77
C GLU A 63 -14.87 -3.29 -4.46
N TYR A 64 -13.66 -2.72 -4.57
CA TYR A 64 -12.44 -3.49 -4.35
C TYR A 64 -11.46 -2.76 -3.45
N ARG A 65 -11.30 -3.28 -2.23
CA ARG A 65 -10.30 -2.78 -1.30
C ARG A 65 -9.99 -3.84 -0.25
N LYS A 66 -8.70 -4.06 -0.01
CA LYS A 66 -8.27 -5.15 0.88
C LYS A 66 -7.19 -4.64 1.84
N ASN A 67 -7.30 -4.98 3.11
CA ASN A 67 -6.35 -4.51 4.12
C ASN A 67 -5.55 -5.65 4.74
N VAL A 68 -4.23 -5.58 4.57
CA VAL A 68 -3.33 -6.56 5.16
C VAL A 68 -2.44 -5.88 6.19
N GLY A 69 -2.52 -6.31 7.43
CA GLY A 69 -1.71 -5.68 8.46
C GLY A 69 -0.77 -6.64 9.16
N LEU A 70 0.43 -6.17 9.44
CA LEU A 70 1.40 -6.90 10.24
C LEU A 70 1.75 -6.08 11.47
N ARG A 71 2.53 -5.03 11.24
CA ARG A 71 2.77 -4.03 12.27
C ARG A 71 1.91 -2.80 11.96
N ASN A 72 1.49 -2.73 10.70
CA ASN A 72 0.72 -1.60 10.19
C ASN A 72 -0.32 -2.15 9.22
N ILE A 73 -1.43 -1.46 9.08
CA ILE A 73 -2.49 -1.92 8.20
C ILE A 73 -2.30 -1.34 6.81
N ILE A 74 -2.03 -2.20 5.85
CA ILE A 74 -1.90 -1.77 4.46
C ILE A 74 -3.24 -1.92 3.77
N PHE A 75 -3.78 -0.81 3.29
CA PHE A 75 -5.10 -0.82 2.68
C PHE A 75 -4.98 -0.54 1.18
N SER A 76 -5.34 -1.52 0.37
CA SER A 76 -5.26 -1.37 -1.07
C SER A 76 -6.58 -0.83 -1.62
N ILE A 77 -6.56 0.44 -2.00
CA ILE A 77 -7.73 1.12 -2.51
C ILE A 77 -7.69 1.15 -4.05
N GLN A 78 -8.83 0.92 -4.69
CA GLN A 78 -8.86 0.89 -6.15
C GLN A 78 -9.38 2.23 -6.70
N LYS A 79 -8.78 2.67 -7.80
CA LYS A 79 -9.26 3.86 -8.51
C LYS A 79 -10.57 3.59 -9.23
N GLU A 80 -11.48 4.55 -9.19
CA GLU A 80 -12.69 4.48 -10.03
C GLU A 80 -12.35 4.99 -11.42
N GLU A 81 -11.84 6.21 -11.49
CA GLU A 81 -11.38 6.77 -12.75
C GLU A 81 -9.88 6.52 -12.90
N ARG A 82 -9.47 6.19 -14.13
CA ARG A 82 -8.12 5.71 -14.40
C ARG A 82 -7.11 6.84 -14.38
N SER A 83 -7.59 8.06 -14.55
CA SER A 83 -6.75 9.24 -14.68
C SER A 83 -5.75 9.39 -13.53
N TRP A 84 -4.54 9.83 -13.88
CA TRP A 84 -3.47 9.98 -12.91
C TRP A 84 -3.62 11.22 -12.05
N TRP A 85 -4.47 11.12 -11.04
CA TRP A 85 -4.52 12.13 -10.00
C TRP A 85 -3.60 11.70 -8.87
N THR A 86 -2.47 12.35 -8.76
CA THR A 86 -1.47 12.00 -7.76
C THR A 86 -1.95 12.42 -6.38
N ARG A 87 -2.80 13.43 -6.34
CA ARG A 87 -3.34 13.91 -5.08
C ARG A 87 -4.66 13.22 -4.79
N LEU A 88 -4.59 12.08 -4.12
CA LEU A 88 -5.78 11.33 -3.76
C LEU A 88 -6.64 12.11 -2.76
N LEU A 89 -5.97 12.80 -1.85
CA LEU A 89 -6.64 13.60 -0.84
C LEU A 89 -7.17 14.89 -1.47
N LYS A 90 -8.48 15.04 -1.51
CA LYS A 90 -9.12 16.23 -2.05
C LYS A 90 -8.74 17.45 -1.22
N SER A 91 -8.54 17.21 0.07
CA SER A 91 -8.18 18.26 1.02
C SER A 91 -6.68 18.54 1.00
N GLU A 92 -6.06 18.37 -0.17
CA GLU A 92 -4.60 18.51 -0.30
C GLU A 92 -4.14 19.95 -0.14
N GLU A 93 -5.08 20.88 -0.10
CA GLU A 93 -4.78 22.28 0.16
C GLU A 93 -4.09 22.41 1.51
N LYS A 94 -4.56 21.62 2.47
CA LYS A 94 -3.98 21.57 3.80
C LYS A 94 -4.09 20.16 4.36
N PRO A 95 -3.08 19.31 4.08
CA PRO A 95 -3.06 17.93 4.57
C PRO A 95 -2.81 17.86 6.07
N ALA A 96 -3.33 16.82 6.70
CA ALA A 96 -3.13 16.61 8.12
C ALA A 96 -1.69 16.22 8.41
N PRO A 97 -1.14 16.65 9.55
CA PRO A 97 0.28 16.44 9.89
C PRO A 97 0.69 14.96 9.93
N TYR A 98 -0.27 14.09 10.22
CA TYR A 98 0.03 12.66 10.31
C TYR A 98 0.03 12.03 8.93
N ILE A 99 -0.40 12.78 7.93
CA ILE A 99 -0.43 12.29 6.57
C ILE A 99 0.88 12.58 5.87
N LYS A 100 1.50 11.52 5.41
CA LYS A 100 2.78 11.58 4.74
C LYS A 100 2.82 10.59 3.59
N VAL A 101 3.88 10.63 2.81
CA VAL A 101 4.05 9.67 1.72
C VAL A 101 4.91 8.50 2.19
N ASP A 102 4.46 7.29 1.90
CA ASP A 102 5.20 6.09 2.27
C ASP A 102 6.52 6.04 1.52
N TRP A 103 7.60 6.35 2.20
CA TRP A 103 8.94 6.34 1.59
C TRP A 103 9.51 4.93 1.49
N ASN A 104 8.84 3.95 2.10
CA ASN A 104 9.40 2.61 2.19
C ASN A 104 8.75 1.68 1.16
N LYS A 105 7.44 1.77 1.02
CA LYS A 105 6.70 0.92 0.11
C LYS A 105 6.46 1.62 -1.22
N TRP A 106 7.16 2.72 -1.46
CA TRP A 106 7.02 3.46 -2.69
C TRP A 106 7.96 2.91 -3.75
N CYS A 107 7.45 2.79 -4.96
CA CYS A 107 8.25 2.33 -6.08
C CYS A 107 8.04 3.26 -7.26
N ASP A 108 8.65 2.96 -8.40
CA ASP A 108 8.45 3.76 -9.60
C ASP A 108 6.99 3.70 -10.02
N GLU A 109 6.39 4.87 -10.20
CA GLU A 109 4.99 4.96 -10.53
C GLU A 109 4.74 4.57 -11.99
N ASP A 110 4.14 3.40 -12.18
CA ASP A 110 3.64 2.95 -13.48
C ASP A 110 4.79 2.59 -14.43
N GLU A 111 6.00 2.51 -13.90
CA GLU A 111 7.15 2.13 -14.70
C GLU A 111 7.43 0.64 -14.55
N GLU A 112 7.19 -0.11 -15.63
CA GLU A 112 7.43 -1.54 -15.66
C GLU A 112 7.90 -1.96 -17.05
N VAL A 113 8.15 -3.24 -17.22
CA VAL A 113 8.50 -3.77 -18.53
C VAL A 113 7.22 -3.93 -19.36
N ASN A 114 6.09 -4.00 -18.67
CA ASN A 114 4.80 -4.11 -19.31
C ASN A 114 4.33 -2.74 -19.78
N SER A 115 4.93 -2.29 -20.86
CA SER A 115 4.50 -1.09 -21.54
C SER A 115 4.33 -1.42 -23.02
N GLU A 116 3.14 -1.92 -23.35
CA GLU A 116 2.78 -2.27 -24.72
C GLU A 116 3.53 -3.51 -25.20
N THR A 117 4.13 -4.24 -24.27
CA THR A 117 4.87 -5.45 -24.61
C THR A 117 3.91 -6.62 -24.83
N ALA A 118 2.78 -6.59 -24.15
CA ALA A 118 1.78 -7.64 -24.29
C ALA A 118 0.90 -7.37 -25.51
N SER A 119 0.83 -8.36 -26.39
CA SER A 119 0.00 -8.25 -27.58
C SER A 119 -1.00 -9.41 -27.59
N ASP A 120 -2.20 -9.16 -28.10
CA ASP A 120 -3.24 -10.18 -28.09
C ASP A 120 -3.92 -10.26 -29.46
N ASP A 121 -4.58 -11.37 -29.74
CA ASP A 121 -5.20 -11.59 -31.04
C ASP A 121 -6.61 -12.13 -30.89
N GLU A 122 -7.30 -12.32 -32.00
CA GLU A 122 -8.65 -12.86 -31.99
C GLU A 122 -8.80 -13.88 -33.10
N SER A 123 -8.73 -15.15 -32.75
CA SER A 123 -8.87 -16.22 -33.72
C SER A 123 -10.34 -16.46 -34.05
N ALA A 124 -10.93 -15.50 -34.75
CA ALA A 124 -12.32 -15.60 -35.16
C ALA A 124 -12.44 -16.49 -36.39
N PHE A 125 -13.17 -17.58 -36.27
CA PHE A 125 -13.37 -18.51 -37.36
C PHE A 125 -14.32 -17.91 -38.39
N VAL A 126 -13.95 -18.02 -39.66
CA VAL A 126 -14.74 -17.47 -40.74
C VAL A 126 -14.32 -18.10 -42.07
N ASN A 127 -15.28 -18.63 -42.81
CA ASN A 127 -15.01 -19.22 -44.11
C ASN A 127 -16.29 -19.44 -44.90
N GLN A 128 -16.23 -19.14 -46.19
CA GLN A 128 -17.30 -19.46 -47.13
C GLN A 128 -16.69 -20.19 -48.31
N ASP A 129 -17.00 -21.46 -48.42
CA ASP A 129 -16.35 -22.31 -49.40
C ASP A 129 -17.22 -23.52 -49.72
N SER A 130 -18.17 -23.32 -50.61
CA SER A 130 -19.04 -24.40 -51.05
C SER A 130 -19.51 -24.16 -52.49
N GLU A 131 -19.68 -25.24 -53.23
CA GLU A 131 -20.16 -25.15 -54.60
C GLU A 131 -21.42 -25.97 -54.80
N SER A 132 -22.11 -25.73 -55.89
CA SER A 132 -23.33 -26.44 -56.20
C SER A 132 -23.26 -27.08 -57.59
N SER A 133 -24.11 -28.05 -57.83
CA SER A 133 -24.19 -28.73 -59.11
C SER A 133 -25.62 -29.15 -59.36
N ASP A 134 -25.98 -29.39 -60.62
CA ASP A 134 -27.35 -29.76 -60.95
C ASP A 134 -27.37 -30.77 -62.10
N ASP A 135 -28.48 -31.47 -62.21
CA ASP A 135 -28.69 -32.43 -63.28
C ASP A 135 -30.08 -32.27 -63.85
N ASP A 136 -30.43 -33.11 -64.80
CA ASP A 136 -31.79 -33.15 -65.32
C ASP A 136 -32.30 -34.58 -65.31
N GLY A 137 -31.89 -35.35 -66.33
CA GLY A 137 -32.21 -36.76 -66.39
C GLY A 137 -33.69 -37.05 -66.31
N LEU A 138 -34.50 -36.15 -66.85
CA LEU A 138 -35.94 -36.31 -66.80
C LEU A 138 -36.37 -37.40 -67.79
N LEU A 139 -36.72 -38.56 -67.25
CA LEU A 139 -37.05 -39.73 -68.04
C LEU A 139 -38.49 -39.67 -68.53
N TYR A 140 -38.67 -39.76 -69.84
CA TYR A 140 -39.99 -39.80 -70.44
C TYR A 140 -40.12 -41.00 -71.37
N LEU A 141 -40.74 -42.06 -70.86
CA LEU A 141 -41.02 -43.27 -71.65
C LEU A 141 -39.73 -44.03 -71.99
N PRO A 142 -39.65 -45.31 -71.60
CA PRO A 142 -38.60 -46.21 -72.05
C PRO A 142 -38.81 -46.59 -73.51
N ASP A 143 -38.41 -45.72 -74.41
CA ASP A 143 -38.77 -45.83 -75.81
C ASP A 143 -37.61 -46.38 -76.61
N LEU A 144 -37.31 -47.65 -76.38
CA LEU A 144 -36.30 -48.36 -77.15
C LEU A 144 -36.96 -49.08 -78.32
N GLU A 145 -36.17 -49.80 -79.10
CA GLU A 145 -36.71 -50.54 -80.25
C GLU A 145 -37.36 -51.84 -79.81
N LYS A 146 -38.53 -51.71 -79.21
CA LYS A 146 -39.39 -52.83 -78.90
C LYS A 146 -40.58 -52.85 -79.85
N ALA A 147 -40.61 -53.86 -80.70
CA ALA A 147 -41.62 -53.92 -81.76
C ALA A 147 -42.90 -54.57 -81.27
N ARG A 148 -43.97 -54.37 -82.03
CA ARG A 148 -45.26 -54.96 -81.70
C ARG A 148 -45.31 -56.40 -82.19
N ASN A 149 -44.35 -56.77 -83.03
CA ASN A 149 -44.28 -58.10 -83.58
C ASN A 149 -43.28 -58.94 -82.82
N LYS A 150 -43.39 -60.25 -82.94
CA LYS A 150 -42.49 -61.17 -82.29
C LYS A 150 -41.49 -61.72 -83.30
N SER A 1 -13.30 9.44 20.19
CA SER A 1 -12.18 10.27 20.68
C SER A 1 -11.11 10.40 19.62
N SER A 2 -10.77 11.63 19.27
CA SER A 2 -9.89 11.89 18.14
C SER A 2 -8.43 11.62 18.48
N ARG A 3 -7.97 10.43 18.12
CA ARG A 3 -6.57 10.08 18.21
C ARG A 3 -6.12 9.48 16.88
N ASN A 4 -4.89 9.76 16.48
CA ASN A 4 -4.38 9.33 15.20
C ASN A 4 -2.92 8.86 15.31
N PRO A 5 -2.55 7.79 14.59
CA PRO A 5 -1.18 7.31 14.52
C PRO A 5 -0.48 7.78 13.23
N GLU A 6 0.51 7.02 12.78
CA GLU A 6 1.23 7.34 11.56
C GLU A 6 0.43 6.86 10.34
N VAL A 7 0.02 7.79 9.48
CA VAL A 7 -0.76 7.44 8.29
C VAL A 7 0.00 7.81 7.02
N LEU A 8 0.43 6.80 6.27
CA LEU A 8 1.17 7.03 5.05
C LEU A 8 0.37 6.51 3.85
N TRP A 9 0.54 7.14 2.70
CA TRP A 9 -0.09 6.66 1.48
C TRP A 9 0.92 6.56 0.35
N ALA A 10 0.63 5.69 -0.61
CA ALA A 10 1.49 5.49 -1.76
C ALA A 10 0.62 5.25 -3.00
N GLN A 11 0.90 5.98 -4.06
CA GLN A 11 0.11 5.84 -5.27
C GLN A 11 0.81 4.93 -6.28
N ARG A 12 0.02 4.17 -7.01
CA ARG A 12 0.55 3.25 -8.02
C ARG A 12 -0.21 3.50 -9.33
N SER A 13 -0.09 2.59 -10.29
CA SER A 13 -0.68 2.81 -11.61
C SER A 13 -2.21 2.83 -11.52
N ASP A 14 -2.80 1.72 -11.11
CA ASP A 14 -4.26 1.61 -11.06
C ASP A 14 -4.77 1.59 -9.63
N LYS A 15 -3.88 1.35 -8.68
CA LYS A 15 -4.28 1.19 -7.28
C LYS A 15 -3.52 2.14 -6.37
N VAL A 16 -3.98 2.22 -5.13
CA VAL A 16 -3.37 3.07 -4.12
C VAL A 16 -3.20 2.30 -2.82
N TYR A 17 -2.08 2.51 -2.16
CA TYR A 17 -1.78 1.82 -0.90
C TYR A 17 -1.85 2.79 0.26
N LEU A 18 -2.51 2.36 1.31
CA LEU A 18 -2.59 3.14 2.54
C LEU A 18 -1.90 2.36 3.66
N THR A 19 -0.82 2.89 4.18
CA THR A 19 -0.06 2.21 5.20
C THR A 19 -0.16 2.96 6.53
N VAL A 20 -0.99 2.45 7.43
CA VAL A 20 -1.18 3.08 8.72
C VAL A 20 -0.53 2.24 9.82
N ALA A 21 0.26 2.90 10.66
CA ALA A 21 0.96 2.22 11.73
C ALA A 21 0.00 1.94 12.88
N LEU A 22 -0.36 0.67 13.04
CA LEU A 22 -1.35 0.29 14.03
C LEU A 22 -0.96 -1.02 14.69
N PRO A 23 -0.44 -0.97 15.93
CA PRO A 23 0.07 -2.15 16.65
C PRO A 23 -1.01 -3.21 16.88
N ASP A 24 -2.09 -2.83 17.57
CA ASP A 24 -3.18 -3.74 17.85
C ASP A 24 -4.49 -2.98 17.83
N ALA A 25 -5.47 -3.51 17.11
CA ALA A 25 -6.74 -2.82 16.95
C ALA A 25 -7.90 -3.79 16.85
N LYS A 26 -9.10 -3.29 17.08
CA LYS A 26 -10.31 -4.11 17.11
C LYS A 26 -11.48 -3.35 16.50
N ASP A 27 -12.49 -4.10 16.05
CA ASP A 27 -13.64 -3.57 15.31
C ASP A 27 -13.22 -2.46 14.35
N ILE A 28 -12.11 -2.70 13.68
CA ILE A 28 -11.53 -1.74 12.76
C ILE A 28 -12.51 -1.42 11.64
N SER A 29 -13.08 -0.24 11.68
CA SER A 29 -14.03 0.15 10.67
C SER A 29 -13.42 1.20 9.76
N VAL A 30 -13.18 0.82 8.53
CA VAL A 30 -12.67 1.74 7.52
C VAL A 30 -13.67 1.84 6.40
N LYS A 31 -14.24 3.02 6.22
CA LYS A 31 -15.25 3.20 5.20
C LYS A 31 -14.91 4.39 4.34
N CYS A 32 -14.72 4.12 3.05
CA CYS A 32 -14.44 5.15 2.05
C CYS A 32 -15.42 5.06 0.90
N GLU A 33 -16.05 6.18 0.53
CA GLU A 33 -16.88 6.21 -0.65
C GLU A 33 -15.98 6.46 -1.85
N PRO A 34 -16.47 6.23 -3.08
CA PRO A 34 -15.71 6.52 -4.31
C PRO A 34 -15.42 8.02 -4.48
N GLN A 35 -15.32 8.73 -3.36
CA GLN A 35 -15.23 10.18 -3.33
C GLN A 35 -14.91 10.68 -1.91
N GLY A 36 -15.17 9.86 -0.89
CA GLY A 36 -14.85 10.26 0.46
C GLY A 36 -15.69 9.56 1.51
N LEU A 37 -15.03 9.02 2.53
CA LEU A 37 -15.72 8.53 3.72
C LEU A 37 -14.76 8.50 4.92
N PHE A 38 -15.27 8.06 6.06
CA PHE A 38 -14.56 8.20 7.34
C PHE A 38 -14.07 6.86 7.86
N SER A 39 -13.03 6.88 8.67
CA SER A 39 -12.50 5.68 9.29
C SER A 39 -12.54 5.81 10.81
N PHE A 40 -13.01 4.77 11.47
CA PHE A 40 -13.17 4.76 12.92
C PHE A 40 -12.80 3.40 13.47
N SER A 41 -11.71 3.33 14.22
CA SER A 41 -11.20 2.06 14.72
C SER A 41 -10.92 2.14 16.22
N ALA A 42 -10.79 0.98 16.85
CA ALA A 42 -10.42 0.91 18.26
C ALA A 42 -9.00 0.40 18.41
N LEU A 43 -8.29 0.95 19.38
CA LEU A 43 -6.94 0.51 19.69
C LEU A 43 -7.02 -0.49 20.83
N GLY A 44 -6.75 -1.75 20.51
CA GLY A 44 -6.98 -2.83 21.45
C GLY A 44 -6.12 -2.77 22.69
N ALA A 45 -4.82 -2.68 22.49
CA ALA A 45 -3.87 -2.69 23.60
C ALA A 45 -3.97 -1.41 24.44
N GLN A 46 -4.57 -0.37 23.87
CA GLN A 46 -4.72 0.89 24.56
C GLN A 46 -6.09 1.00 25.22
N GLY A 47 -7.10 0.41 24.58
CA GLY A 47 -8.47 0.57 25.03
C GLY A 47 -9.00 1.94 24.64
N GLU A 48 -8.36 2.52 23.63
CA GLU A 48 -8.66 3.87 23.20
C GLU A 48 -9.14 3.88 21.76
N ARG A 49 -9.77 4.96 21.35
CA ARG A 49 -10.33 5.03 20.00
C ARG A 49 -9.46 5.84 19.06
N PHE A 50 -9.57 5.51 17.78
CA PHE A 50 -8.88 6.22 16.71
C PHE A 50 -9.88 6.57 15.62
N GLU A 51 -9.78 7.77 15.06
CA GLU A 51 -10.81 8.26 14.14
C GLU A 51 -10.28 9.39 13.24
N PHE A 52 -10.73 9.38 11.98
CA PHE A 52 -10.44 10.45 11.04
C PHE A 52 -11.29 10.25 9.78
N SER A 53 -11.27 11.22 8.88
CA SER A 53 -12.05 11.13 7.67
C SER A 53 -11.18 11.46 6.45
N LEU A 54 -11.44 10.80 5.33
CA LEU A 54 -10.69 11.05 4.11
C LEU A 54 -11.60 11.53 3.00
N GLU A 55 -11.25 12.68 2.43
CA GLU A 55 -11.91 13.19 1.25
C GLU A 55 -11.10 12.81 0.02
N LEU A 56 -11.76 12.22 -0.97
CA LEU A 56 -11.07 11.77 -2.17
C LEU A 56 -11.36 12.70 -3.34
N TYR A 57 -10.32 13.36 -3.82
CA TYR A 57 -10.44 14.20 -5.01
C TYR A 57 -10.51 13.30 -6.23
N GLY A 58 -9.76 12.22 -6.18
CA GLY A 58 -9.81 11.21 -7.20
C GLY A 58 -10.75 10.10 -6.80
N LYS A 59 -11.72 9.82 -7.64
CA LYS A 59 -12.71 8.80 -7.35
C LYS A 59 -12.06 7.44 -7.15
N ILE A 60 -12.55 6.69 -6.19
CA ILE A 60 -11.96 5.40 -5.86
C ILE A 60 -12.93 4.28 -6.20
N MET A 61 -12.40 3.09 -6.43
CA MET A 61 -13.22 1.92 -6.66
C MET A 61 -13.46 1.22 -5.32
N THR A 62 -14.57 1.57 -4.68
CA THR A 62 -14.87 1.12 -3.33
C THR A 62 -15.07 -0.40 -3.25
N GLU A 63 -15.22 -1.04 -4.40
CA GLU A 63 -15.50 -2.48 -4.43
C GLU A 63 -14.21 -3.30 -4.56
N TYR A 64 -13.08 -2.63 -4.76
CA TYR A 64 -11.80 -3.34 -4.88
C TYR A 64 -10.83 -2.92 -3.79
N ARG A 65 -10.62 -3.81 -2.82
CA ARG A 65 -9.70 -3.51 -1.72
C ARG A 65 -9.29 -4.78 -0.98
N LYS A 66 -8.03 -4.80 -0.56
CA LYS A 66 -7.47 -5.92 0.21
C LYS A 66 -6.55 -5.37 1.28
N ASN A 67 -6.75 -5.79 2.53
CA ASN A 67 -5.96 -5.26 3.64
C ASN A 67 -5.12 -6.35 4.29
N VAL A 68 -3.84 -6.07 4.46
CA VAL A 68 -2.93 -6.95 5.17
C VAL A 68 -2.39 -6.25 6.41
N GLY A 69 -2.30 -6.98 7.52
CA GLY A 69 -1.79 -6.38 8.73
C GLY A 69 -0.74 -7.23 9.42
N LEU A 70 0.36 -6.62 9.78
CA LEU A 70 1.41 -7.30 10.52
C LEU A 70 1.66 -6.57 11.84
N ARG A 71 2.35 -5.44 11.75
CA ARG A 71 2.54 -4.55 12.90
C ARG A 71 1.80 -3.27 12.63
N ASN A 72 1.09 -3.28 11.51
CA ASN A 72 0.45 -2.10 10.97
C ASN A 72 -0.59 -2.56 9.96
N ILE A 73 -1.39 -1.64 9.46
CA ILE A 73 -2.44 -1.99 8.51
C ILE A 73 -2.14 -1.43 7.14
N ILE A 74 -1.82 -2.33 6.21
CA ILE A 74 -1.60 -1.94 4.83
C ILE A 74 -2.86 -2.22 4.03
N PHE A 75 -3.42 -1.17 3.46
CA PHE A 75 -4.69 -1.27 2.76
C PHE A 75 -4.50 -0.96 1.29
N SER A 76 -4.72 -1.96 0.44
CA SER A 76 -4.59 -1.79 -0.99
C SER A 76 -5.96 -1.62 -1.63
N ILE A 77 -6.24 -0.42 -2.11
CA ILE A 77 -7.52 -0.13 -2.75
C ILE A 77 -7.27 0.27 -4.20
N GLN A 78 -8.15 -0.15 -5.10
CA GLN A 78 -8.02 0.24 -6.50
C GLN A 78 -8.78 1.54 -6.73
N LYS A 79 -8.19 2.47 -7.47
CA LYS A 79 -8.83 3.76 -7.69
C LYS A 79 -9.53 3.80 -9.02
N GLU A 80 -10.44 4.74 -9.13
CA GLU A 80 -11.07 5.03 -10.40
C GLU A 80 -10.31 6.17 -11.04
N GLU A 81 -10.64 6.47 -12.29
CA GLU A 81 -10.01 7.54 -13.06
C GLU A 81 -8.56 7.23 -13.38
N ARG A 82 -8.32 6.94 -14.64
CA ARG A 82 -6.98 6.62 -15.11
C ARG A 82 -6.51 7.70 -16.08
N SER A 83 -7.11 8.87 -15.96
CA SER A 83 -6.81 9.98 -16.84
C SER A 83 -5.71 10.87 -16.26
N TRP A 84 -6.09 11.84 -15.44
CA TRP A 84 -5.15 12.82 -14.89
C TRP A 84 -5.28 12.94 -13.37
N TRP A 85 -6.12 12.09 -12.79
CA TRP A 85 -6.34 12.11 -11.35
C TRP A 85 -5.20 11.43 -10.60
N THR A 86 -4.19 12.23 -10.28
CA THR A 86 -3.09 11.79 -9.43
C THR A 86 -3.31 12.31 -8.03
N ARG A 87 -4.11 13.37 -7.92
CA ARG A 87 -4.50 13.90 -6.63
C ARG A 87 -5.68 13.13 -6.09
N LEU A 88 -5.41 12.21 -5.18
CA LEU A 88 -6.48 11.41 -4.60
C LEU A 88 -7.00 12.05 -3.32
N LEU A 89 -6.15 12.81 -2.65
CA LEU A 89 -6.57 13.50 -1.44
C LEU A 89 -7.23 14.83 -1.81
N LYS A 90 -8.52 14.93 -1.52
CA LYS A 90 -9.29 16.13 -1.86
C LYS A 90 -8.70 17.36 -1.19
N SER A 91 -8.51 17.30 0.11
CA SER A 91 -7.96 18.42 0.85
C SER A 91 -6.44 18.34 0.90
N GLU A 92 -5.81 18.31 -0.27
CA GLU A 92 -4.36 18.19 -0.37
C GLU A 92 -3.67 19.53 -0.15
N GLU A 93 -4.45 20.61 -0.16
CA GLU A 93 -3.91 21.93 0.11
C GLU A 93 -3.60 22.09 1.59
N LYS A 94 -4.29 21.31 2.41
CA LYS A 94 -4.06 21.34 3.86
C LYS A 94 -3.95 19.92 4.38
N PRO A 95 -2.78 19.28 4.21
CA PRO A 95 -2.56 17.93 4.70
C PRO A 95 -2.26 17.91 6.20
N ALA A 96 -2.97 17.05 6.91
CA ALA A 96 -2.76 16.89 8.34
C ALA A 96 -1.36 16.35 8.62
N PRO A 97 -0.75 16.74 9.74
CA PRO A 97 0.65 16.38 10.06
C PRO A 97 0.86 14.87 10.22
N TYR A 98 -0.24 14.11 10.27
CA TYR A 98 -0.13 12.68 10.41
C TYR A 98 -0.26 11.97 9.07
N ILE A 99 -0.50 12.74 8.00
CA ILE A 99 -0.62 12.19 6.66
C ILE A 99 0.64 12.47 5.87
N LYS A 100 1.30 11.39 5.49
CA LYS A 100 2.55 11.47 4.74
C LYS A 100 2.63 10.35 3.72
N VAL A 101 3.74 10.28 3.00
CA VAL A 101 3.89 9.32 1.92
C VAL A 101 4.62 8.06 2.38
N ASP A 102 4.03 6.91 2.10
CA ASP A 102 4.66 5.63 2.36
C ASP A 102 5.58 5.23 1.23
N TRP A 103 6.88 5.31 1.47
CA TRP A 103 7.88 4.92 0.49
C TRP A 103 8.04 3.40 0.45
N ASN A 104 7.46 2.73 1.43
CA ASN A 104 7.58 1.28 1.56
C ASN A 104 6.78 0.54 0.49
N LYS A 105 5.50 0.89 0.37
CA LYS A 105 4.62 0.22 -0.57
C LYS A 105 4.50 0.98 -1.88
N TRP A 106 5.40 1.93 -2.10
CA TRP A 106 5.49 2.63 -3.37
C TRP A 106 5.92 1.65 -4.46
N CYS A 107 5.54 1.95 -5.69
CA CYS A 107 5.85 1.07 -6.81
C CYS A 107 7.32 1.18 -7.21
N ASP A 108 8.07 0.10 -7.04
CA ASP A 108 9.46 0.06 -7.47
C ASP A 108 9.51 0.18 -8.99
N GLU A 109 9.96 1.33 -9.44
CA GLU A 109 9.95 1.65 -10.86
C GLU A 109 10.92 0.78 -11.66
N ASP A 110 10.36 -0.23 -12.33
CA ASP A 110 11.11 -1.13 -13.19
C ASP A 110 12.13 -1.95 -12.39
N GLU A 111 11.71 -2.40 -11.23
CA GLU A 111 12.52 -3.31 -10.43
C GLU A 111 11.94 -4.71 -10.50
N GLU A 112 12.80 -5.71 -10.40
CA GLU A 112 12.41 -7.11 -10.52
C GLU A 112 11.77 -7.61 -9.23
N VAL A 113 10.82 -6.85 -8.72
CA VAL A 113 10.12 -7.21 -7.50
C VAL A 113 8.74 -7.80 -7.84
N ASN A 114 8.78 -8.99 -8.46
CA ASN A 114 7.58 -9.72 -8.85
C ASN A 114 6.79 -8.99 -9.93
N SER A 115 7.42 -7.99 -10.55
CA SER A 115 6.78 -7.28 -11.64
C SER A 115 6.78 -8.14 -12.89
N GLU A 116 7.60 -9.18 -12.87
CA GLU A 116 7.66 -10.14 -13.97
C GLU A 116 6.39 -10.99 -14.00
N THR A 117 6.07 -11.57 -12.87
CA THR A 117 4.92 -12.47 -12.75
C THR A 117 3.61 -11.69 -12.63
N ALA A 118 3.64 -10.58 -11.91
CA ALA A 118 2.46 -9.77 -11.73
C ALA A 118 2.49 -8.55 -12.64
N SER A 119 1.77 -8.63 -13.75
CA SER A 119 1.62 -7.50 -14.64
C SER A 119 0.61 -6.53 -14.03
N ASP A 120 1.11 -5.67 -13.15
CA ASP A 120 0.25 -4.77 -12.39
C ASP A 120 -0.07 -3.52 -13.19
N ASP A 121 -1.12 -3.63 -14.01
CA ASP A 121 -1.62 -2.53 -14.84
C ASP A 121 -2.78 -3.05 -15.69
N GLU A 122 -3.87 -2.31 -15.72
CA GLU A 122 -5.08 -2.77 -16.39
C GLU A 122 -5.30 -2.04 -17.72
N SER A 123 -6.29 -2.49 -18.46
CA SER A 123 -6.58 -1.90 -19.76
C SER A 123 -7.85 -1.06 -19.70
N ALA A 124 -7.74 0.13 -19.14
CA ALA A 124 -8.84 1.07 -19.15
C ALA A 124 -8.65 2.09 -20.27
N PHE A 125 -9.67 2.90 -20.51
CA PHE A 125 -9.60 3.92 -21.54
C PHE A 125 -10.17 5.23 -21.05
N VAL A 126 -9.77 6.32 -21.68
CA VAL A 126 -10.26 7.64 -21.32
C VAL A 126 -10.33 8.53 -22.57
N ASN A 127 -11.53 8.97 -22.88
CA ASN A 127 -11.76 9.80 -24.05
C ASN A 127 -12.03 11.24 -23.63
N GLN A 128 -11.19 12.15 -24.11
CA GLN A 128 -11.35 13.57 -23.82
C GLN A 128 -12.15 14.24 -24.92
N ASP A 129 -13.07 15.11 -24.53
CA ASP A 129 -13.98 15.75 -25.47
C ASP A 129 -13.34 16.96 -26.13
N SER A 130 -12.45 17.63 -25.40
CA SER A 130 -11.72 18.79 -25.90
C SER A 130 -12.68 19.94 -26.28
N GLU A 131 -12.86 20.87 -25.37
CA GLU A 131 -13.74 22.01 -25.60
C GLU A 131 -12.98 23.12 -26.34
N SER A 132 -13.71 23.96 -27.06
CA SER A 132 -13.11 25.07 -27.79
C SER A 132 -14.08 26.24 -27.88
N SER A 133 -13.54 27.45 -27.78
CA SER A 133 -14.36 28.66 -27.85
C SER A 133 -13.52 29.83 -28.38
N ASP A 134 -14.18 30.77 -29.03
CA ASP A 134 -13.48 31.92 -29.61
C ASP A 134 -14.14 33.23 -29.21
N ASP A 135 -13.66 34.33 -29.78
CA ASP A 135 -14.15 35.67 -29.46
C ASP A 135 -14.34 36.47 -30.73
N ASP A 136 -15.22 37.46 -30.67
CA ASP A 136 -15.38 38.40 -31.78
C ASP A 136 -14.35 39.52 -31.67
N GLY A 137 -14.61 40.49 -30.82
CA GLY A 137 -13.66 41.54 -30.54
C GLY A 137 -14.30 42.90 -30.67
N LEU A 138 -14.32 43.40 -31.90
CA LEU A 138 -14.89 44.70 -32.20
C LEU A 138 -14.85 44.93 -33.71
N LEU A 139 -15.74 45.76 -34.21
CA LEU A 139 -15.78 46.07 -35.63
C LEU A 139 -16.32 47.47 -35.86
N TYR A 140 -15.70 48.17 -36.79
CA TYR A 140 -16.17 49.49 -37.21
C TYR A 140 -15.77 49.74 -38.66
N LEU A 141 -16.74 49.63 -39.54
CA LEU A 141 -16.52 49.80 -40.97
C LEU A 141 -16.95 51.18 -41.43
N PRO A 142 -16.13 51.86 -42.23
CA PRO A 142 -16.48 53.15 -42.82
C PRO A 142 -17.50 52.99 -43.95
N ASP A 143 -18.76 52.86 -43.59
CA ASP A 143 -19.83 52.68 -44.55
C ASP A 143 -20.57 53.99 -44.77
N LEU A 144 -19.99 55.07 -44.26
CA LEU A 144 -20.61 56.37 -44.31
C LEU A 144 -20.62 56.91 -45.73
N GLU A 145 -21.66 57.65 -46.07
CA GLU A 145 -21.81 58.22 -47.39
C GLU A 145 -21.21 59.62 -47.44
N LYS A 146 -20.30 59.89 -46.51
CA LYS A 146 -19.77 61.24 -46.37
C LYS A 146 -18.76 61.57 -47.46
N ALA A 147 -19.30 62.09 -48.56
CA ALA A 147 -18.54 62.58 -49.68
C ALA A 147 -19.48 63.35 -50.61
N ARG A 148 -19.45 64.67 -50.52
CA ARG A 148 -20.38 65.51 -51.28
C ARG A 148 -20.00 65.49 -52.76
N ASN A 149 -20.80 64.78 -53.55
CA ASN A 149 -20.51 64.60 -54.97
C ASN A 149 -21.04 65.78 -55.79
N LYS A 150 -20.95 66.97 -55.22
CA LYS A 150 -21.32 68.19 -55.91
C LYS A 150 -20.83 69.40 -55.13
N SER A 1 -12.72 8.54 18.85
CA SER A 1 -12.03 9.60 19.61
C SER A 1 -10.96 10.23 18.73
N SER A 2 -10.62 11.48 19.00
CA SER A 2 -9.62 12.19 18.20
C SER A 2 -8.23 11.66 18.51
N ARG A 3 -7.90 10.54 17.88
CA ARG A 3 -6.63 9.88 18.07
C ARG A 3 -6.16 9.35 16.72
N ASN A 4 -4.92 9.66 16.35
CA ASN A 4 -4.37 9.23 15.07
C ASN A 4 -2.89 8.94 15.17
N PRO A 5 -2.44 7.87 14.51
CA PRO A 5 -1.03 7.55 14.36
C PRO A 5 -0.49 8.06 13.03
N GLU A 6 0.58 7.45 12.54
CA GLU A 6 1.16 7.83 11.26
C GLU A 6 0.45 7.12 10.11
N VAL A 7 0.17 7.88 9.08
CA VAL A 7 -0.53 7.35 7.90
C VAL A 7 0.24 7.69 6.63
N LEU A 8 0.81 6.67 6.01
CA LEU A 8 1.56 6.85 4.78
C LEU A 8 0.77 6.32 3.59
N TRP A 9 0.58 7.15 2.57
CA TRP A 9 -0.13 6.72 1.38
C TRP A 9 0.85 6.36 0.26
N ALA A 10 0.43 5.40 -0.55
CA ALA A 10 1.21 4.94 -1.70
C ALA A 10 0.26 4.49 -2.80
N GLN A 11 0.79 4.20 -3.98
CA GLN A 11 -0.06 3.82 -5.09
C GLN A 11 0.62 2.83 -6.03
N ARG A 12 -0.20 2.20 -6.86
CA ARG A 12 0.27 1.36 -7.97
C ARG A 12 -0.69 1.54 -9.13
N SER A 13 -0.37 0.96 -10.28
CA SER A 13 -1.22 1.10 -11.46
C SER A 13 -2.43 0.17 -11.38
N ASP A 14 -3.23 0.35 -10.33
CA ASP A 14 -4.39 -0.50 -10.09
C ASP A 14 -5.08 -0.09 -8.79
N LYS A 15 -4.32 -0.12 -7.70
CA LYS A 15 -4.87 0.15 -6.38
C LYS A 15 -4.12 1.26 -5.65
N VAL A 16 -4.60 1.56 -4.46
CA VAL A 16 -3.97 2.53 -3.56
C VAL A 16 -3.54 1.81 -2.28
N TYR A 17 -2.44 2.24 -1.71
CA TYR A 17 -1.96 1.67 -0.46
C TYR A 17 -2.11 2.66 0.69
N LEU A 18 -2.70 2.20 1.78
CA LEU A 18 -2.73 2.98 3.00
C LEU A 18 -1.95 2.25 4.07
N THR A 19 -0.82 2.80 4.43
CA THR A 19 0.07 2.16 5.39
C THR A 19 0.05 2.93 6.71
N VAL A 20 -0.58 2.34 7.72
CA VAL A 20 -0.72 2.99 9.00
C VAL A 20 0.18 2.32 10.04
N ALA A 21 0.84 3.13 10.86
CA ALA A 21 1.66 2.62 11.93
C ALA A 21 0.78 2.21 13.11
N LEU A 22 0.43 0.95 13.16
CA LEU A 22 -0.52 0.46 14.14
C LEU A 22 -0.22 -0.99 14.50
N PRO A 23 0.15 -1.24 15.78
CA PRO A 23 0.52 -2.57 16.24
C PRO A 23 -0.68 -3.49 16.51
N ASP A 24 -1.69 -2.98 17.22
CA ASP A 24 -2.79 -3.82 17.66
C ASP A 24 -4.13 -3.09 17.54
N ALA A 25 -4.95 -3.52 16.60
CA ALA A 25 -6.26 -2.92 16.39
C ALA A 25 -7.33 -3.98 16.22
N LYS A 26 -8.58 -3.54 16.15
CA LYS A 26 -9.72 -4.43 15.97
C LYS A 26 -10.91 -3.59 15.52
N ASP A 27 -11.98 -4.27 15.05
CA ASP A 27 -13.20 -3.59 14.62
C ASP A 27 -12.91 -2.55 13.55
N ILE A 28 -11.83 -2.74 12.82
CA ILE A 28 -11.38 -1.76 11.84
C ILE A 28 -12.41 -1.59 10.73
N SER A 29 -13.10 -0.45 10.76
CA SER A 29 -14.14 -0.16 9.80
C SER A 29 -13.74 1.03 8.93
N VAL A 30 -13.54 0.80 7.65
CA VAL A 30 -13.15 1.87 6.76
C VAL A 30 -14.31 2.21 5.82
N LYS A 31 -14.83 3.42 5.95
CA LYS A 31 -15.89 3.88 5.08
C LYS A 31 -15.33 4.94 4.15
N CYS A 32 -15.23 4.60 2.86
CA CYS A 32 -14.74 5.54 1.85
C CYS A 32 -15.75 5.66 0.71
N GLU A 33 -16.00 6.88 0.22
CA GLU A 33 -16.78 7.07 -0.98
C GLU A 33 -15.82 7.20 -2.15
N PRO A 34 -16.30 7.07 -3.40
CA PRO A 34 -15.47 7.30 -4.59
C PRO A 34 -14.98 8.75 -4.69
N GLN A 35 -15.26 9.52 -3.65
CA GLN A 35 -14.89 10.92 -3.56
C GLN A 35 -14.35 11.26 -2.17
N GLY A 36 -14.43 10.32 -1.23
CA GLY A 36 -13.99 10.58 0.12
C GLY A 36 -14.98 10.08 1.17
N LEU A 37 -14.46 9.44 2.20
CA LEU A 37 -15.24 9.12 3.39
C LEU A 37 -14.29 8.89 4.58
N PHE A 38 -14.85 8.59 5.74
CA PHE A 38 -14.07 8.56 6.98
C PHE A 38 -13.92 7.13 7.51
N SER A 39 -12.86 6.88 8.25
CA SER A 39 -12.60 5.55 8.79
C SER A 39 -12.66 5.56 10.31
N PHE A 40 -13.14 4.46 10.88
CA PHE A 40 -13.24 4.30 12.32
C PHE A 40 -12.65 2.96 12.74
N SER A 41 -11.59 3.00 13.54
CA SER A 41 -10.95 1.79 14.00
C SER A 41 -10.73 1.80 15.50
N ALA A 42 -10.77 0.62 16.11
CA ALA A 42 -10.54 0.49 17.54
C ALA A 42 -9.16 -0.10 17.80
N LEU A 43 -8.51 0.40 18.83
CA LEU A 43 -7.20 -0.08 19.21
C LEU A 43 -7.35 -1.05 20.37
N GLY A 44 -6.95 -2.30 20.17
CA GLY A 44 -7.18 -3.33 21.16
C GLY A 44 -6.32 -3.17 22.40
N ALA A 45 -5.03 -2.97 22.19
CA ALA A 45 -4.08 -2.82 23.30
C ALA A 45 -4.34 -1.54 24.09
N GLN A 46 -5.19 -0.69 23.57
CA GLN A 46 -5.51 0.56 24.23
C GLN A 46 -6.94 0.55 24.76
N GLY A 47 -7.81 -0.18 24.10
CA GLY A 47 -9.23 -0.17 24.44
C GLY A 47 -9.88 1.13 24.00
N GLU A 48 -9.23 1.81 23.07
CA GLU A 48 -9.65 3.14 22.63
C GLU A 48 -10.00 3.12 21.15
N ARG A 49 -10.76 4.09 20.68
CA ARG A 49 -11.14 4.10 19.27
C ARG A 49 -10.58 5.35 18.58
N PHE A 50 -9.92 5.12 17.45
CA PHE A 50 -9.26 6.19 16.71
C PHE A 50 -10.00 6.45 15.40
N GLU A 51 -9.89 7.66 14.85
CA GLU A 51 -10.72 8.04 13.71
C GLU A 51 -10.06 9.10 12.84
N PHE A 52 -10.27 8.98 11.54
CA PHE A 52 -9.73 9.93 10.57
C PHE A 52 -10.58 9.96 9.31
N SER A 53 -10.56 11.08 8.61
CA SER A 53 -11.32 11.22 7.37
C SER A 53 -10.38 11.25 6.16
N LEU A 54 -10.82 10.67 5.06
CA LEU A 54 -10.04 10.66 3.84
C LEU A 54 -10.82 11.32 2.70
N GLU A 55 -10.38 12.51 2.32
CA GLU A 55 -10.97 13.21 1.19
C GLU A 55 -10.17 12.90 -0.07
N LEU A 56 -10.83 12.28 -1.03
CA LEU A 56 -10.14 11.82 -2.23
C LEU A 56 -10.31 12.80 -3.38
N TYR A 57 -9.19 13.17 -3.95
CA TYR A 57 -9.14 14.04 -5.13
C TYR A 57 -9.45 13.23 -6.38
N GLY A 58 -9.35 11.92 -6.24
CA GLY A 58 -9.56 11.02 -7.36
C GLY A 58 -10.75 10.12 -7.16
N LYS A 59 -11.01 9.25 -8.13
CA LYS A 59 -12.16 8.36 -8.10
C LYS A 59 -11.77 7.03 -7.48
N ILE A 60 -12.54 6.57 -6.51
CA ILE A 60 -12.23 5.33 -5.80
C ILE A 60 -13.21 4.23 -6.16
N MET A 61 -12.75 2.99 -6.02
CA MET A 61 -13.58 1.82 -6.23
C MET A 61 -13.93 1.22 -4.88
N THR A 62 -15.17 1.43 -4.44
CA THR A 62 -15.57 1.08 -3.08
C THR A 62 -15.71 -0.43 -2.88
N GLU A 63 -15.68 -1.18 -3.97
CA GLU A 63 -15.78 -2.63 -3.90
C GLU A 63 -14.61 -3.24 -3.14
N TYR A 64 -13.41 -3.03 -3.68
CA TYR A 64 -12.22 -3.69 -3.15
C TYR A 64 -11.64 -2.90 -1.99
N ARG A 65 -11.80 -3.45 -0.79
CA ARG A 65 -11.22 -2.89 0.42
C ARG A 65 -10.84 -4.02 1.36
N LYS A 66 -9.59 -4.07 1.78
CA LYS A 66 -9.14 -5.12 2.68
C LYS A 66 -7.86 -4.68 3.38
N ASN A 67 -7.81 -4.90 4.68
CA ASN A 67 -6.67 -4.53 5.51
C ASN A 67 -5.92 -5.77 5.98
N VAL A 68 -4.61 -5.77 5.77
CA VAL A 68 -3.75 -6.83 6.27
C VAL A 68 -2.79 -6.26 7.30
N GLY A 69 -2.37 -7.07 8.26
CA GLY A 69 -1.48 -6.58 9.30
C GLY A 69 -0.45 -7.61 9.71
N LEU A 70 0.82 -7.21 9.66
CA LEU A 70 1.91 -8.05 10.13
C LEU A 70 2.67 -7.33 11.24
N ARG A 71 3.35 -6.25 10.88
CA ARG A 71 3.98 -5.37 11.86
C ARG A 71 3.32 -4.01 11.82
N ASN A 72 2.31 -3.91 10.98
CA ASN A 72 1.56 -2.68 10.76
C ASN A 72 0.33 -3.00 9.93
N ILE A 73 -0.55 -2.03 9.73
CA ILE A 73 -1.77 -2.28 8.98
C ILE A 73 -1.69 -1.66 7.59
N ILE A 74 -1.72 -2.51 6.58
CA ILE A 74 -1.76 -2.05 5.21
C ILE A 74 -3.15 -2.25 4.64
N PHE A 75 -3.78 -1.16 4.24
CA PHE A 75 -5.11 -1.21 3.69
C PHE A 75 -5.07 -1.00 2.19
N SER A 76 -5.58 -1.96 1.44
CA SER A 76 -5.57 -1.87 -0.01
C SER A 76 -6.95 -1.49 -0.54
N ILE A 77 -7.00 -0.44 -1.35
CA ILE A 77 -8.24 0.00 -1.96
C ILE A 77 -8.07 0.09 -3.47
N GLN A 78 -9.05 -0.36 -4.22
CA GLN A 78 -9.00 -0.25 -5.68
C GLN A 78 -9.41 1.17 -6.08
N LYS A 79 -8.82 1.71 -7.13
CA LYS A 79 -9.19 3.06 -7.53
C LYS A 79 -9.63 3.11 -8.99
N GLU A 80 -10.58 3.99 -9.28
CA GLU A 80 -11.11 4.15 -10.61
C GLU A 80 -10.27 5.15 -11.40
N GLU A 81 -9.27 4.64 -12.10
CA GLU A 81 -8.41 5.49 -12.91
C GLU A 81 -9.04 5.77 -14.26
N ARG A 82 -9.91 6.76 -14.28
CA ARG A 82 -10.63 7.12 -15.49
C ARG A 82 -10.48 8.62 -15.76
N SER A 83 -9.55 9.25 -15.05
CA SER A 83 -9.36 10.68 -15.15
C SER A 83 -7.92 11.07 -14.85
N TRP A 84 -7.61 12.36 -15.00
CA TRP A 84 -6.26 12.87 -14.77
C TRP A 84 -6.14 13.41 -13.35
N TRP A 85 -5.08 13.01 -12.64
CA TRP A 85 -4.85 13.51 -11.29
C TRP A 85 -3.40 13.93 -11.12
N THR A 86 -3.20 14.96 -10.32
CA THR A 86 -1.87 15.34 -9.90
C THR A 86 -1.53 14.63 -8.58
N ARG A 87 -2.59 14.34 -7.82
CA ARG A 87 -2.51 13.59 -6.57
C ARG A 87 -3.93 13.28 -6.10
N LEU A 88 -4.08 12.26 -5.28
CA LEU A 88 -5.42 11.80 -4.90
C LEU A 88 -5.87 12.36 -3.55
N LEU A 89 -5.13 13.33 -3.03
CA LEU A 89 -5.52 14.00 -1.78
C LEU A 89 -6.31 15.26 -2.11
N LYS A 90 -7.60 15.23 -1.82
CA LYS A 90 -8.48 16.34 -2.12
C LYS A 90 -8.06 17.60 -1.37
N SER A 91 -7.79 17.45 -0.09
CA SER A 91 -7.39 18.59 0.72
C SER A 91 -5.88 18.75 0.70
N GLU A 92 -5.35 19.16 -0.45
CA GLU A 92 -3.94 19.45 -0.59
C GLU A 92 -3.65 20.88 -0.13
N GLU A 93 -4.72 21.63 0.07
CA GLU A 93 -4.62 23.00 0.56
C GLU A 93 -4.27 22.97 2.04
N LYS A 94 -5.08 22.25 2.81
CA LYS A 94 -4.82 22.05 4.22
C LYS A 94 -4.92 20.55 4.54
N PRO A 95 -3.78 19.85 4.58
CA PRO A 95 -3.75 18.42 4.85
C PRO A 95 -3.75 18.13 6.35
N ALA A 96 -4.20 16.94 6.70
CA ALA A 96 -4.19 16.50 8.08
C ALA A 96 -2.77 16.09 8.48
N PRO A 97 -2.34 16.46 9.69
CA PRO A 97 -0.96 16.23 10.16
C PRO A 97 -0.53 14.77 10.12
N TYR A 98 -1.49 13.85 10.17
CA TYR A 98 -1.19 12.43 10.17
C TYR A 98 -0.96 11.90 8.77
N ILE A 99 -1.23 12.72 7.76
CA ILE A 99 -1.07 12.31 6.38
C ILE A 99 0.34 12.59 5.89
N LYS A 100 1.01 11.52 5.54
CA LYS A 100 2.38 11.58 5.04
C LYS A 100 2.55 10.58 3.92
N VAL A 101 3.63 10.71 3.15
CA VAL A 101 3.85 9.84 2.00
C VAL A 101 4.73 8.64 2.38
N ASP A 102 4.32 7.45 1.97
CA ASP A 102 5.11 6.24 2.20
C ASP A 102 6.28 6.17 1.23
N TRP A 103 7.46 6.51 1.72
CA TRP A 103 8.65 6.57 0.87
C TRP A 103 9.21 5.17 0.58
N ASN A 104 8.54 4.15 1.10
CA ASN A 104 9.02 2.77 0.95
C ASN A 104 8.41 2.10 -0.27
N LYS A 105 7.10 2.22 -0.42
CA LYS A 105 6.39 1.59 -1.52
C LYS A 105 6.37 2.47 -2.75
N TRP A 106 6.57 3.77 -2.57
CA TRP A 106 6.85 4.63 -3.70
C TRP A 106 8.24 4.30 -4.21
N CYS A 107 8.29 3.57 -5.32
CA CYS A 107 9.55 3.09 -5.84
C CYS A 107 9.63 3.25 -7.34
N ASP A 108 9.24 2.22 -8.06
CA ASP A 108 9.27 2.25 -9.50
C ASP A 108 7.92 1.93 -10.09
N GLU A 109 7.50 2.78 -11.00
CA GLU A 109 6.38 2.47 -11.85
C GLU A 109 6.93 1.94 -13.16
N ASP A 110 7.19 0.64 -13.13
CA ASP A 110 7.85 -0.09 -14.23
C ASP A 110 9.07 0.66 -14.74
N GLU A 111 10.04 0.80 -13.86
CA GLU A 111 11.31 1.46 -14.18
C GLU A 111 12.35 0.42 -14.59
N GLU A 112 13.27 0.82 -15.46
CA GLU A 112 14.37 -0.05 -15.84
C GLU A 112 15.39 -0.06 -14.72
N VAL A 113 15.63 -1.24 -14.15
CA VAL A 113 16.48 -1.39 -12.98
C VAL A 113 17.97 -1.35 -13.32
N ASN A 114 18.30 -0.62 -14.38
CA ASN A 114 19.69 -0.49 -14.85
C ASN A 114 20.23 -1.85 -15.30
N SER A 115 19.34 -2.69 -15.79
CA SER A 115 19.73 -4.00 -16.27
C SER A 115 20.32 -3.88 -17.67
N GLU A 116 19.62 -3.17 -18.54
CA GLU A 116 20.07 -2.99 -19.92
C GLU A 116 20.67 -1.60 -20.10
N THR A 117 20.12 -0.64 -19.39
CA THR A 117 20.58 0.74 -19.50
C THR A 117 21.85 0.96 -18.67
N ALA A 118 21.67 1.31 -17.40
CA ALA A 118 22.78 1.58 -16.49
C ALA A 118 23.68 2.70 -17.01
N SER A 119 24.84 2.87 -16.38
CA SER A 119 25.79 3.88 -16.78
C SER A 119 27.11 3.69 -16.02
N ASP A 120 28.23 3.83 -16.72
CA ASP A 120 29.54 3.71 -16.09
C ASP A 120 30.56 4.59 -16.82
N ASP A 121 30.81 5.75 -16.25
CA ASP A 121 31.71 6.73 -16.86
C ASP A 121 32.17 7.72 -15.79
N GLU A 122 32.38 7.22 -14.59
CA GLU A 122 32.62 8.06 -13.44
C GLU A 122 33.95 8.78 -13.57
N SER A 123 33.97 10.06 -13.22
CA SER A 123 35.16 10.87 -13.34
C SER A 123 36.16 10.55 -12.21
N ALA A 124 36.64 9.32 -12.20
CA ALA A 124 37.65 8.90 -11.24
C ALA A 124 39.01 9.52 -11.59
N PHE A 125 39.24 10.73 -11.12
CA PHE A 125 40.47 11.45 -11.38
C PHE A 125 41.63 10.85 -10.60
N VAL A 126 42.75 10.66 -11.29
CA VAL A 126 43.98 10.20 -10.65
C VAL A 126 45.13 11.12 -11.05
N ASN A 127 46.03 11.39 -10.11
CA ASN A 127 47.13 12.31 -10.37
C ASN A 127 48.31 11.99 -9.46
N GLN A 128 49.45 11.70 -10.05
CA GLN A 128 50.67 11.44 -9.30
C GLN A 128 51.42 12.75 -9.06
N ASP A 129 51.64 13.06 -7.79
CA ASP A 129 52.28 14.31 -7.42
C ASP A 129 53.07 14.14 -6.13
N SER A 130 54.28 13.62 -6.27
CA SER A 130 55.18 13.52 -5.14
C SER A 130 56.61 13.33 -5.64
N GLU A 131 57.16 14.36 -6.28
CA GLU A 131 58.53 14.29 -6.77
C GLU A 131 59.52 14.53 -5.64
N SER A 132 59.75 13.48 -4.86
CA SER A 132 60.65 13.56 -3.73
C SER A 132 62.09 13.29 -4.18
N SER A 133 62.88 14.35 -4.28
CA SER A 133 64.27 14.22 -4.64
C SER A 133 65.13 14.11 -3.38
N ASP A 134 65.56 12.90 -3.08
CA ASP A 134 66.35 12.64 -1.87
C ASP A 134 67.60 11.86 -2.23
N ASP A 135 68.74 12.51 -2.15
CA ASP A 135 70.01 11.89 -2.51
C ASP A 135 70.98 11.88 -1.36
N ASP A 136 72.03 11.08 -1.50
CA ASP A 136 73.12 11.07 -0.54
C ASP A 136 74.17 12.06 -0.97
N GLY A 137 74.92 11.71 -2.01
CA GLY A 137 75.83 12.64 -2.63
C GLY A 137 77.19 12.02 -2.85
N LEU A 138 78.06 12.24 -1.89
CA LEU A 138 79.45 11.81 -1.94
C LEU A 138 80.18 12.43 -0.75
N LEU A 139 80.93 11.64 -0.01
CA LEU A 139 81.61 12.15 1.16
C LEU A 139 83.08 11.76 1.18
N TYR A 140 83.96 12.77 1.21
CA TYR A 140 85.37 12.55 1.50
C TYR A 140 85.90 13.75 2.28
N LEU A 141 86.21 13.52 3.54
CA LEU A 141 86.69 14.59 4.41
C LEU A 141 87.94 14.13 5.16
N PRO A 142 89.13 14.50 4.66
CA PRO A 142 90.39 14.14 5.29
C PRO A 142 90.81 15.17 6.35
N ASP A 143 90.12 15.15 7.49
CA ASP A 143 90.44 16.05 8.59
C ASP A 143 91.63 15.50 9.37
N LEU A 144 92.72 15.30 8.66
CA LEU A 144 93.93 14.74 9.24
C LEU A 144 94.77 15.84 9.89
N GLU A 145 94.66 17.05 9.33
CA GLU A 145 95.39 18.24 9.79
C GLU A 145 96.83 17.91 10.17
N LYS A 146 97.50 17.18 9.30
CA LYS A 146 98.86 16.73 9.55
C LYS A 146 99.87 17.82 9.27
N ALA A 147 99.93 18.80 10.14
CA ALA A 147 100.90 19.87 10.03
C ALA A 147 102.13 19.53 10.86
N ARG A 148 103.24 19.31 10.19
CA ARG A 148 104.45 18.91 10.89
C ARG A 148 105.19 20.14 11.39
N ASN A 149 105.55 20.10 12.67
CA ASN A 149 106.26 21.21 13.30
C ASN A 149 107.75 21.13 13.02
N LYS A 150 108.51 22.05 13.59
CA LYS A 150 109.96 22.08 13.39
C LYS A 150 110.64 21.30 14.51
N SER A 1 -12.35 13.14 19.97
CA SER A 1 -13.00 11.89 20.44
C SER A 1 -12.18 10.67 20.06
N SER A 2 -11.27 10.83 19.11
CA SER A 2 -10.48 9.72 18.62
C SER A 2 -9.03 10.11 18.45
N ARG A 3 -8.19 9.13 18.12
CA ARG A 3 -6.80 9.38 17.81
C ARG A 3 -6.53 9.09 16.35
N ASN A 4 -5.35 9.46 15.90
CA ASN A 4 -4.95 9.21 14.52
C ASN A 4 -3.43 9.02 14.41
N PRO A 5 -2.97 7.77 14.42
CA PRO A 5 -1.58 7.44 14.10
C PRO A 5 -1.20 7.88 12.69
N GLU A 6 0.06 7.70 12.35
CA GLU A 6 0.57 8.17 11.06
C GLU A 6 0.06 7.30 9.92
N VAL A 7 -0.60 7.95 8.96
CA VAL A 7 -1.15 7.26 7.82
C VAL A 7 -0.30 7.54 6.58
N LEU A 8 0.33 6.50 6.07
CA LEU A 8 1.18 6.63 4.90
C LEU A 8 0.44 6.15 3.66
N TRP A 9 0.31 7.01 2.67
CA TRP A 9 -0.34 6.64 1.43
C TRP A 9 0.65 6.62 0.28
N ALA A 10 0.34 5.82 -0.72
CA ALA A 10 1.17 5.72 -1.91
C ALA A 10 0.29 5.45 -3.13
N GLN A 11 0.67 6.06 -4.24
CA GLN A 11 -0.11 5.93 -5.47
C GLN A 11 0.52 4.88 -6.38
N ARG A 12 -0.28 3.88 -6.73
CA ARG A 12 0.16 2.86 -7.67
C ARG A 12 -0.50 3.14 -9.01
N SER A 13 -0.21 2.32 -10.01
CA SER A 13 -0.70 2.56 -11.36
C SER A 13 -2.22 2.38 -11.47
N ASP A 14 -2.79 1.43 -10.73
CA ASP A 14 -4.23 1.18 -10.84
C ASP A 14 -4.94 1.16 -9.49
N LYS A 15 -4.20 1.49 -8.43
CA LYS A 15 -4.78 1.43 -7.09
C LYS A 15 -3.99 2.30 -6.10
N VAL A 16 -4.51 2.43 -4.88
CA VAL A 16 -3.86 3.19 -3.83
C VAL A 16 -3.39 2.25 -2.72
N TYR A 17 -2.19 2.49 -2.21
CA TYR A 17 -1.68 1.72 -1.09
C TYR A 17 -1.73 2.56 0.17
N LEU A 18 -2.39 2.04 1.19
CA LEU A 18 -2.49 2.74 2.47
C LEU A 18 -1.79 1.92 3.54
N THR A 19 -0.80 2.50 4.18
CA THR A 19 -0.08 1.84 5.25
C THR A 19 -0.16 2.68 6.51
N VAL A 20 -1.01 2.28 7.44
CA VAL A 20 -1.18 3.03 8.67
C VAL A 20 -0.42 2.35 9.81
N ALA A 21 0.39 3.13 10.51
CA ALA A 21 1.20 2.59 11.60
C ALA A 21 0.34 2.37 12.83
N LEU A 22 -0.13 1.15 12.99
CA LEU A 22 -1.04 0.82 14.07
C LEU A 22 -0.55 -0.43 14.79
N PRO A 23 -0.20 -0.29 16.09
CA PRO A 23 0.30 -1.41 16.90
C PRO A 23 -0.75 -2.53 17.10
N ASP A 24 -1.87 -2.19 17.71
CA ASP A 24 -2.92 -3.18 18.00
C ASP A 24 -4.27 -2.68 17.53
N ALA A 25 -4.74 -3.22 16.41
CA ALA A 25 -5.99 -2.82 15.82
C ALA A 25 -7.08 -3.84 16.10
N LYS A 26 -8.32 -3.39 16.19
CA LYS A 26 -9.45 -4.28 16.41
C LYS A 26 -10.75 -3.57 16.03
N ASP A 27 -11.74 -4.34 15.61
CA ASP A 27 -13.06 -3.80 15.28
C ASP A 27 -12.99 -2.76 14.16
N ILE A 28 -12.08 -3.00 13.23
CA ILE A 28 -11.85 -2.07 12.13
C ILE A 28 -13.04 -2.05 11.17
N SER A 29 -13.77 -0.94 11.15
CA SER A 29 -14.85 -0.76 10.21
C SER A 29 -14.53 0.40 9.28
N VAL A 30 -14.35 0.09 8.01
CA VAL A 30 -13.93 1.07 7.03
C VAL A 30 -15.13 1.58 6.22
N LYS A 31 -15.44 2.85 6.35
CA LYS A 31 -16.46 3.45 5.50
C LYS A 31 -15.85 4.54 4.65
N CYS A 32 -15.67 4.24 3.37
CA CYS A 32 -15.12 5.19 2.41
C CYS A 32 -16.06 5.35 1.22
N GLU A 33 -16.23 6.58 0.73
CA GLU A 33 -16.98 6.79 -0.49
C GLU A 33 -16.01 6.98 -1.65
N PRO A 34 -16.47 6.86 -2.89
CA PRO A 34 -15.65 7.12 -4.08
C PRO A 34 -15.24 8.60 -4.16
N GLN A 35 -15.53 9.33 -3.10
CA GLN A 35 -15.26 10.75 -3.01
C GLN A 35 -14.86 11.14 -1.58
N GLY A 36 -14.70 10.15 -0.71
CA GLY A 36 -14.28 10.43 0.65
C GLY A 36 -15.23 9.86 1.69
N LEU A 37 -14.68 9.19 2.68
CA LEU A 37 -15.42 8.82 3.89
C LEU A 37 -14.44 8.49 5.03
N PHE A 38 -14.97 8.15 6.21
CA PHE A 38 -14.14 7.96 7.38
C PHE A 38 -14.06 6.49 7.80
N SER A 39 -12.87 6.07 8.18
CA SER A 39 -12.64 4.70 8.62
C SER A 39 -12.33 4.70 10.11
N PHE A 40 -12.99 3.82 10.86
CA PHE A 40 -12.82 3.82 12.31
C PHE A 40 -12.44 2.44 12.84
N SER A 41 -11.43 2.43 13.70
CA SER A 41 -10.95 1.23 14.34
C SER A 41 -10.83 1.47 15.84
N ALA A 42 -10.74 0.40 16.61
CA ALA A 42 -10.50 0.53 18.03
C ALA A 42 -9.05 0.16 18.34
N LEU A 43 -8.42 0.91 19.23
CA LEU A 43 -7.05 0.64 19.61
C LEU A 43 -7.03 -0.12 20.93
N GLY A 44 -6.67 -1.39 20.84
CA GLY A 44 -6.75 -2.27 21.99
C GLY A 44 -5.64 -2.04 23.00
N ALA A 45 -4.43 -1.82 22.50
CA ALA A 45 -3.27 -1.61 23.36
C ALA A 45 -3.23 -0.16 23.87
N GLN A 46 -4.17 0.64 23.41
CA GLN A 46 -4.24 2.04 23.82
C GLN A 46 -5.47 2.29 24.68
N GLY A 47 -6.50 1.47 24.49
CA GLY A 47 -7.78 1.71 25.14
C GLY A 47 -8.47 2.92 24.55
N GLU A 48 -8.05 3.26 23.34
CA GLU A 48 -8.52 4.46 22.67
C GLU A 48 -9.21 4.12 21.36
N ARG A 49 -9.98 5.05 20.85
CA ARG A 49 -10.64 4.90 19.56
C ARG A 49 -9.81 5.57 18.49
N PHE A 50 -9.80 4.99 17.30
CA PHE A 50 -9.06 5.55 16.19
C PHE A 50 -9.96 5.71 14.98
N GLU A 51 -9.83 6.81 14.27
CA GLU A 51 -10.55 6.98 13.02
C GLU A 51 -9.88 8.05 12.17
N PHE A 52 -10.02 7.91 10.88
CA PHE A 52 -9.47 8.88 9.95
C PHE A 52 -10.43 9.07 8.78
N SER A 53 -10.71 10.32 8.47
CA SER A 53 -11.58 10.64 7.37
C SER A 53 -10.77 11.08 6.16
N LEU A 54 -10.87 10.30 5.09
CA LEU A 54 -10.15 10.63 3.87
C LEU A 54 -11.08 11.27 2.86
N GLU A 55 -10.94 12.59 2.70
CA GLU A 55 -11.65 13.30 1.66
C GLU A 55 -10.97 13.05 0.33
N LEU A 56 -11.68 12.45 -0.60
CA LEU A 56 -11.08 12.01 -1.84
C LEU A 56 -11.61 12.83 -3.02
N TYR A 57 -10.75 13.67 -3.58
CA TYR A 57 -11.15 14.57 -4.65
C TYR A 57 -11.24 13.84 -5.99
N GLY A 58 -10.70 12.62 -6.03
CA GLY A 58 -10.71 11.84 -7.24
C GLY A 58 -11.75 10.75 -7.21
N LYS A 59 -11.82 9.97 -8.29
CA LYS A 59 -12.77 8.87 -8.38
C LYS A 59 -12.15 7.57 -7.85
N ILE A 60 -12.71 7.05 -6.77
CA ILE A 60 -12.20 5.85 -6.16
C ILE A 60 -13.11 4.66 -6.46
N MET A 61 -12.53 3.48 -6.51
CA MET A 61 -13.29 2.25 -6.65
C MET A 61 -13.38 1.54 -5.31
N THR A 62 -14.43 1.86 -4.57
CA THR A 62 -14.63 1.31 -3.24
C THR A 62 -15.04 -0.16 -3.28
N GLU A 63 -15.30 -0.65 -4.49
CA GLU A 63 -15.68 -2.04 -4.70
C GLU A 63 -14.56 -2.99 -4.29
N TYR A 64 -13.39 -2.82 -4.88
CA TYR A 64 -12.26 -3.68 -4.61
C TYR A 64 -11.41 -3.11 -3.49
N ARG A 65 -11.32 -3.85 -2.40
CA ARG A 65 -10.64 -3.39 -1.20
C ARG A 65 -10.18 -4.58 -0.36
N LYS A 66 -9.01 -4.44 0.26
CA LYS A 66 -8.50 -5.47 1.16
C LYS A 66 -7.42 -4.86 2.07
N ASN A 67 -7.51 -5.15 3.36
CA ASN A 67 -6.50 -4.68 4.31
C ASN A 67 -5.85 -5.86 5.01
N VAL A 68 -4.53 -5.88 5.01
CA VAL A 68 -3.78 -6.88 5.75
C VAL A 68 -2.94 -6.20 6.83
N GLY A 69 -3.13 -6.61 8.08
CA GLY A 69 -2.35 -6.04 9.16
C GLY A 69 -1.28 -6.99 9.64
N LEU A 70 -0.10 -6.85 9.08
CA LEU A 70 1.02 -7.70 9.44
C LEU A 70 1.83 -7.02 10.54
N ARG A 71 2.62 -6.03 10.15
CA ARG A 71 3.32 -5.19 11.12
C ARG A 71 2.69 -3.82 11.15
N ASN A 72 1.65 -3.67 10.33
CA ASN A 72 0.98 -2.41 10.09
C ASN A 72 -0.28 -2.74 9.33
N ILE A 73 -1.23 -1.81 9.27
CA ILE A 73 -2.47 -2.06 8.56
C ILE A 73 -2.35 -1.54 7.14
N ILE A 74 -2.15 -2.45 6.20
CA ILE A 74 -2.03 -2.08 4.80
C ILE A 74 -3.36 -2.32 4.08
N PHE A 75 -3.92 -1.26 3.56
CA PHE A 75 -5.20 -1.32 2.87
C PHE A 75 -4.98 -0.98 1.40
N SER A 76 -5.51 -1.80 0.51
CA SER A 76 -5.41 -1.55 -0.91
C SER A 76 -6.77 -1.23 -1.51
N ILE A 77 -6.87 -0.07 -2.13
CA ILE A 77 -8.12 0.37 -2.74
C ILE A 77 -7.93 0.57 -4.23
N GLN A 78 -8.87 0.08 -5.03
CA GLN A 78 -8.80 0.26 -6.47
C GLN A 78 -9.19 1.68 -6.84
N LYS A 79 -8.59 2.21 -7.89
CA LYS A 79 -8.91 3.55 -8.37
C LYS A 79 -9.76 3.47 -9.62
N GLU A 80 -10.80 4.29 -9.70
CA GLU A 80 -11.65 4.34 -10.88
C GLU A 80 -10.80 4.84 -12.04
N GLU A 81 -10.29 6.05 -11.89
CA GLU A 81 -9.22 6.52 -12.75
C GLU A 81 -7.98 6.72 -11.90
N ARG A 82 -6.86 6.28 -12.41
CA ARG A 82 -5.65 6.18 -11.61
C ARG A 82 -4.46 6.87 -12.26
N SER A 83 -4.54 7.13 -13.55
CA SER A 83 -3.42 7.72 -14.27
C SER A 83 -3.36 9.22 -14.05
N TRP A 84 -4.52 9.87 -14.07
CA TRP A 84 -4.58 11.32 -13.93
C TRP A 84 -4.50 11.76 -12.48
N TRP A 85 -5.34 11.17 -11.65
CA TRP A 85 -5.38 11.54 -10.23
C TRP A 85 -4.15 11.01 -9.50
N THR A 86 -3.13 11.85 -9.41
CA THR A 86 -1.89 11.52 -8.73
C THR A 86 -2.04 11.76 -7.23
N ARG A 87 -3.03 12.56 -6.88
CA ARG A 87 -3.31 12.85 -5.49
C ARG A 87 -4.64 12.23 -5.09
N LEU A 88 -5.10 12.52 -3.88
CA LEU A 88 -6.37 11.97 -3.41
C LEU A 88 -7.05 12.86 -2.38
N LEU A 89 -6.27 13.64 -1.63
CA LEU A 89 -6.82 14.43 -0.54
C LEU A 89 -7.52 15.67 -1.10
N LYS A 90 -8.82 15.76 -0.88
CA LYS A 90 -9.58 16.95 -1.26
C LYS A 90 -8.92 18.21 -0.68
N SER A 91 -8.45 18.09 0.56
CA SER A 91 -7.71 19.18 1.20
C SER A 91 -6.21 19.03 0.94
N GLU A 92 -5.87 18.72 -0.31
CA GLU A 92 -4.49 18.44 -0.70
C GLU A 92 -3.58 19.65 -0.49
N GLU A 93 -4.16 20.84 -0.47
CA GLU A 93 -3.38 22.06 -0.29
C GLU A 93 -2.91 22.22 1.15
N LYS A 94 -3.54 21.50 2.07
CA LYS A 94 -3.15 21.53 3.47
C LYS A 94 -3.46 20.20 4.12
N PRO A 95 -2.52 19.25 4.04
CA PRO A 95 -2.69 17.92 4.61
C PRO A 95 -2.69 17.92 6.12
N ALA A 96 -3.56 17.12 6.71
CA ALA A 96 -3.61 16.97 8.16
C ALA A 96 -2.32 16.30 8.66
N PRO A 97 -1.95 16.54 9.93
CA PRO A 97 -0.68 16.07 10.50
C PRO A 97 -0.47 14.56 10.44
N TYR A 98 -1.50 13.80 10.11
CA TYR A 98 -1.37 12.35 10.06
C TYR A 98 -1.21 11.85 8.62
N ILE A 99 -1.13 12.77 7.66
CA ILE A 99 -0.95 12.39 6.26
C ILE A 99 0.52 12.47 5.86
N LYS A 100 1.07 11.33 5.45
CA LYS A 100 2.41 11.27 4.88
C LYS A 100 2.46 10.20 3.79
N VAL A 101 3.46 10.27 2.93
CA VAL A 101 3.59 9.33 1.83
C VAL A 101 4.43 8.13 2.25
N ASP A 102 3.89 6.94 2.05
CA ASP A 102 4.63 5.71 2.34
C ASP A 102 5.75 5.51 1.32
N TRP A 103 6.98 5.55 1.82
CA TRP A 103 8.17 5.41 0.99
C TRP A 103 8.44 3.95 0.62
N ASN A 104 7.56 3.06 1.07
CA ASN A 104 7.76 1.63 0.85
C ASN A 104 7.03 1.16 -0.40
N LYS A 105 5.80 1.65 -0.58
CA LYS A 105 4.99 1.27 -1.73
C LYS A 105 5.26 2.22 -2.90
N TRP A 106 6.02 3.28 -2.60
CA TRP A 106 6.44 4.24 -3.59
C TRP A 106 7.10 3.56 -4.79
N CYS A 107 6.74 4.01 -5.99
CA CYS A 107 7.35 3.52 -7.21
C CYS A 107 8.71 4.17 -7.40
N ASP A 108 9.76 3.35 -7.35
CA ASP A 108 11.11 3.85 -7.49
C ASP A 108 11.62 3.59 -8.90
N GLU A 109 12.46 4.46 -9.39
CA GLU A 109 13.08 4.27 -10.68
C GLU A 109 14.39 3.50 -10.51
N ASP A 110 14.73 3.23 -9.26
CA ASP A 110 15.94 2.48 -8.93
C ASP A 110 15.61 1.17 -8.22
N GLU A 111 14.31 0.85 -8.11
CA GLU A 111 13.87 -0.38 -7.42
C GLU A 111 14.15 -1.64 -8.24
N GLU A 112 15.16 -1.61 -9.08
CA GLU A 112 15.50 -2.77 -9.91
C GLU A 112 16.24 -3.82 -9.09
N VAL A 113 15.48 -4.72 -8.49
CA VAL A 113 16.03 -5.80 -7.69
C VAL A 113 16.50 -6.95 -8.57
N ASN A 114 16.33 -6.80 -9.87
CA ASN A 114 16.77 -7.81 -10.83
C ASN A 114 18.29 -7.70 -10.95
N SER A 115 18.76 -6.49 -10.71
CA SER A 115 20.18 -6.20 -10.71
C SER A 115 20.84 -6.79 -9.46
N GLU A 116 20.03 -7.11 -8.46
CA GLU A 116 20.53 -7.68 -7.22
C GLU A 116 20.63 -9.20 -7.36
N THR A 117 19.99 -9.72 -8.40
CA THR A 117 19.93 -11.16 -8.70
C THR A 117 19.47 -11.97 -7.49
N ALA A 118 18.18 -12.16 -7.37
CA ALA A 118 17.60 -12.92 -6.28
C ALA A 118 17.51 -14.39 -6.67
N SER A 119 17.79 -15.28 -5.73
CA SER A 119 17.77 -16.70 -6.00
C SER A 119 16.35 -17.25 -5.91
N ASP A 120 16.02 -18.18 -6.78
CA ASP A 120 14.69 -18.79 -6.78
C ASP A 120 14.75 -20.15 -6.07
N ASP A 121 13.63 -20.82 -5.97
CA ASP A 121 13.56 -22.12 -5.31
C ASP A 121 13.89 -23.24 -6.30
N GLU A 122 14.51 -24.31 -5.83
CA GLU A 122 14.96 -25.37 -6.71
C GLU A 122 14.37 -26.71 -6.30
N SER A 123 14.48 -27.06 -5.03
CA SER A 123 14.10 -28.39 -4.59
C SER A 123 12.96 -28.36 -3.57
N ALA A 124 11.74 -28.34 -4.08
CA ALA A 124 10.56 -28.53 -3.25
C ALA A 124 10.23 -30.01 -3.16
N PHE A 125 10.18 -30.54 -1.95
CA PHE A 125 9.96 -31.96 -1.75
C PHE A 125 8.48 -32.31 -1.89
N VAL A 126 8.22 -33.56 -2.23
CA VAL A 126 6.85 -34.03 -2.42
C VAL A 126 6.30 -34.66 -1.13
N ASN A 127 5.02 -34.98 -1.15
CA ASN A 127 4.37 -35.59 0.01
C ASN A 127 4.49 -37.11 -0.07
N GLN A 128 4.22 -37.77 1.04
CA GLN A 128 4.31 -39.22 1.09
C GLN A 128 2.92 -39.85 1.04
N ASP A 129 2.82 -40.96 0.32
CA ASP A 129 1.55 -41.67 0.17
C ASP A 129 1.84 -43.11 -0.26
N SER A 130 2.18 -43.93 0.70
CA SER A 130 2.58 -45.30 0.43
C SER A 130 1.54 -46.31 0.90
N GLU A 131 1.32 -47.34 0.10
CA GLU A 131 0.48 -48.45 0.48
C GLU A 131 1.35 -49.62 0.94
N SER A 132 0.74 -50.75 1.27
CA SER A 132 1.51 -51.87 1.76
C SER A 132 1.14 -53.14 1.02
N SER A 133 2.14 -53.81 0.47
CA SER A 133 1.93 -55.05 -0.26
C SER A 133 1.57 -56.18 0.70
N ASP A 134 0.52 -56.93 0.35
CA ASP A 134 0.13 -58.10 1.12
C ASP A 134 0.56 -59.35 0.37
N ASP A 135 0.69 -60.46 1.08
CA ASP A 135 1.19 -61.69 0.47
C ASP A 135 0.11 -62.76 0.44
N ASP A 136 0.13 -63.57 -0.62
CA ASP A 136 -0.90 -64.59 -0.84
C ASP A 136 -0.64 -65.87 -0.05
N GLY A 137 0.62 -66.24 0.09
CA GLY A 137 0.97 -67.50 0.73
C GLY A 137 0.39 -68.69 0.00
N LEU A 138 0.85 -68.92 -1.23
CA LEU A 138 0.35 -70.01 -2.04
C LEU A 138 0.75 -71.35 -1.44
N LEU A 139 -0.23 -72.23 -1.26
CA LEU A 139 -0.02 -73.52 -0.62
C LEU A 139 0.76 -74.46 -1.54
N TYR A 140 1.43 -75.44 -0.95
CA TYR A 140 2.18 -76.43 -1.71
C TYR A 140 1.24 -77.55 -2.16
N LEU A 141 0.50 -77.28 -3.22
CA LEU A 141 -0.43 -78.24 -3.77
C LEU A 141 0.13 -78.79 -5.08
N PRO A 142 0.63 -80.03 -5.06
CA PRO A 142 1.23 -80.66 -6.22
C PRO A 142 0.20 -81.35 -7.11
N ASP A 143 -0.02 -80.78 -8.30
CA ASP A 143 -0.94 -81.35 -9.26
C ASP A 143 -0.17 -82.07 -10.36
N LEU A 144 1.02 -82.53 -10.00
CA LEU A 144 1.94 -83.14 -10.95
C LEU A 144 1.32 -84.39 -11.56
N GLU A 145 1.74 -84.71 -12.78
CA GLU A 145 1.24 -85.90 -13.44
C GLU A 145 1.99 -87.11 -12.89
N LYS A 146 1.69 -87.42 -11.63
CA LYS A 146 2.27 -88.55 -10.92
C LYS A 146 2.19 -89.86 -11.68
N ALA A 147 3.06 -90.79 -11.33
CA ALA A 147 3.05 -92.13 -11.88
C ALA A 147 3.14 -93.13 -10.73
N ARG A 148 2.41 -94.23 -10.82
CA ARG A 148 2.38 -95.20 -9.75
C ARG A 148 3.23 -96.42 -10.08
N ASN A 149 3.74 -96.43 -11.31
CA ASN A 149 4.65 -97.48 -11.79
C ASN A 149 3.97 -98.83 -11.87
N LYS A 150 3.39 -99.12 -13.02
CA LYS A 150 2.86 -100.42 -13.32
C LYS A 150 3.41 -100.88 -14.66
N SER A 1 -8.84 9.94 23.61
CA SER A 1 -10.01 9.20 23.09
C SER A 1 -10.01 9.19 21.56
N SER A 2 -9.79 10.35 20.97
CA SER A 2 -9.66 10.46 19.52
C SER A 2 -8.19 10.66 19.16
N ARG A 3 -7.58 9.64 18.58
CA ARG A 3 -6.15 9.68 18.29
C ARG A 3 -5.88 9.39 16.81
N ASN A 4 -4.70 9.78 16.34
CA ASN A 4 -4.26 9.47 14.99
C ASN A 4 -2.78 9.12 14.99
N PRO A 5 -2.42 7.97 14.39
CA PRO A 5 -1.04 7.55 14.27
C PRO A 5 -0.41 8.05 12.98
N GLU A 6 0.71 7.46 12.58
CA GLU A 6 1.37 7.83 11.34
C GLU A 6 0.67 7.17 10.17
N VAL A 7 0.28 7.98 9.19
CA VAL A 7 -0.45 7.51 8.03
C VAL A 7 0.36 7.71 6.76
N LEU A 8 0.80 6.61 6.17
CA LEU A 8 1.59 6.65 4.95
C LEU A 8 0.75 6.26 3.75
N TRP A 9 0.64 7.13 2.77
CA TRP A 9 -0.10 6.80 1.57
C TRP A 9 0.86 6.51 0.43
N ALA A 10 0.46 5.58 -0.42
CA ALA A 10 1.22 5.21 -1.59
C ALA A 10 0.30 5.02 -2.78
N GLN A 11 0.33 5.96 -3.71
CA GLN A 11 -0.57 5.95 -4.84
C GLN A 11 0.11 5.34 -6.06
N ARG A 12 -0.50 4.30 -6.62
CA ARG A 12 0.06 3.64 -7.78
C ARG A 12 -0.95 3.62 -8.93
N SER A 13 -0.67 2.80 -9.94
CA SER A 13 -1.43 2.81 -11.18
C SER A 13 -2.85 2.27 -11.01
N ASP A 14 -2.98 1.09 -10.42
CA ASP A 14 -4.25 0.38 -10.36
C ASP A 14 -4.96 0.58 -9.01
N LYS A 15 -4.17 0.76 -7.96
CA LYS A 15 -4.75 0.92 -6.63
C LYS A 15 -3.90 1.85 -5.78
N VAL A 16 -4.44 2.22 -4.62
CA VAL A 16 -3.75 3.08 -3.69
C VAL A 16 -3.58 2.36 -2.34
N TYR A 17 -2.40 2.50 -1.75
CA TYR A 17 -2.09 1.84 -0.49
C TYR A 17 -2.18 2.83 0.65
N LEU A 18 -2.85 2.42 1.70
CA LEU A 18 -2.91 3.22 2.91
C LEU A 18 -2.25 2.45 4.06
N THR A 19 -1.10 2.93 4.49
CA THR A 19 -0.34 2.29 5.54
C THR A 19 -0.54 3.01 6.87
N VAL A 20 -1.13 2.33 7.82
CA VAL A 20 -1.31 2.91 9.14
C VAL A 20 -0.47 2.18 10.18
N ALA A 21 0.18 2.93 11.06
CA ALA A 21 0.95 2.33 12.15
C ALA A 21 0.00 1.84 13.22
N LEU A 22 -0.19 0.54 13.29
CA LEU A 22 -1.18 -0.05 14.18
C LEU A 22 -0.67 -1.36 14.76
N PRO A 23 -0.23 -1.34 16.03
CA PRO A 23 0.28 -2.53 16.71
C PRO A 23 -0.82 -3.55 17.00
N ASP A 24 -1.78 -3.18 17.84
CA ASP A 24 -2.90 -4.06 18.17
C ASP A 24 -4.20 -3.48 17.65
N ALA A 25 -4.81 -4.19 16.72
CA ALA A 25 -5.94 -3.67 15.97
C ALA A 25 -7.24 -4.39 16.29
N LYS A 26 -8.32 -3.61 16.42
CA LYS A 26 -9.65 -4.14 16.67
C LYS A 26 -10.69 -3.16 16.14
N ASP A 27 -11.87 -3.68 15.79
CA ASP A 27 -12.97 -2.85 15.31
C ASP A 27 -12.59 -2.06 14.07
N ILE A 28 -11.64 -2.58 13.29
CA ILE A 28 -11.20 -1.93 12.07
C ILE A 28 -12.36 -1.78 11.09
N SER A 29 -12.86 -0.57 10.94
CA SER A 29 -13.95 -0.30 10.03
C SER A 29 -13.58 0.82 9.07
N VAL A 30 -13.47 0.48 7.80
CA VAL A 30 -13.14 1.46 6.78
C VAL A 30 -14.37 1.75 5.94
N LYS A 31 -14.83 2.99 5.99
CA LYS A 31 -16.04 3.36 5.29
C LYS A 31 -15.78 4.55 4.38
N CYS A 32 -15.62 4.28 3.10
CA CYS A 32 -15.29 5.32 2.12
C CYS A 32 -16.33 5.36 0.99
N GLU A 33 -16.57 6.56 0.45
CA GLU A 33 -17.45 6.71 -0.69
C GLU A 33 -16.62 6.75 -1.96
N PRO A 34 -17.24 6.62 -3.15
CA PRO A 34 -16.54 6.71 -4.44
C PRO A 34 -15.88 8.08 -4.66
N GLN A 35 -15.94 8.90 -3.63
CA GLN A 35 -15.31 10.21 -3.63
C GLN A 35 -14.75 10.55 -2.24
N GLY A 36 -14.77 9.57 -1.33
CA GLY A 36 -14.19 9.78 -0.02
C GLY A 36 -15.17 9.54 1.10
N LEU A 37 -14.72 8.83 2.12
CA LEU A 37 -15.44 8.73 3.39
C LEU A 37 -14.44 8.36 4.51
N PHE A 38 -14.92 8.26 5.75
CA PHE A 38 -14.03 8.22 6.91
C PHE A 38 -13.72 6.78 7.34
N SER A 39 -12.54 6.59 7.91
CA SER A 39 -12.15 5.28 8.42
C SER A 39 -11.99 5.35 9.94
N PHE A 40 -12.46 4.33 10.62
CA PHE A 40 -12.49 4.30 12.08
C PHE A 40 -11.99 2.96 12.61
N SER A 41 -10.90 3.00 13.38
CA SER A 41 -10.37 1.79 13.98
C SER A 41 -10.09 2.01 15.47
N ALA A 42 -9.94 0.92 16.20
CA ALA A 42 -9.69 1.01 17.64
C ALA A 42 -8.35 0.38 18.00
N LEU A 43 -7.73 0.94 19.03
CA LEU A 43 -6.50 0.40 19.58
C LEU A 43 -6.86 -0.49 20.76
N GLY A 44 -6.69 -1.78 20.58
CA GLY A 44 -7.15 -2.74 21.56
C GLY A 44 -6.37 -2.67 22.87
N ALA A 45 -5.06 -2.86 22.78
CA ALA A 45 -4.19 -2.89 23.96
C ALA A 45 -4.12 -1.53 24.65
N GLN A 46 -4.74 -0.52 24.05
CA GLN A 46 -4.79 0.81 24.66
C GLN A 46 -6.19 1.15 25.13
N GLY A 47 -7.20 0.53 24.52
CA GLY A 47 -8.57 0.82 24.87
C GLY A 47 -9.04 2.15 24.33
N GLU A 48 -8.32 2.66 23.34
CA GLU A 48 -8.64 3.97 22.78
C GLU A 48 -8.96 3.84 21.31
N ARG A 49 -9.63 4.82 20.73
CA ARG A 49 -10.00 4.77 19.32
C ARG A 49 -9.11 5.67 18.49
N PHE A 50 -9.05 5.41 17.19
CA PHE A 50 -8.36 6.30 16.28
C PHE A 50 -9.15 6.41 14.99
N GLU A 51 -9.22 7.62 14.45
CA GLU A 51 -10.14 7.90 13.36
C GLU A 51 -9.60 8.98 12.43
N PHE A 52 -9.82 8.80 11.14
CA PHE A 52 -9.40 9.77 10.14
C PHE A 52 -10.34 9.73 8.93
N SER A 53 -10.66 10.89 8.41
CA SER A 53 -11.55 11.01 7.27
C SER A 53 -10.75 11.15 5.98
N LEU A 54 -11.00 10.26 5.03
CA LEU A 54 -10.28 10.29 3.76
C LEU A 54 -11.20 10.67 2.63
N GLU A 55 -11.12 11.92 2.21
CA GLU A 55 -11.83 12.37 1.04
C GLU A 55 -10.88 12.34 -0.15
N LEU A 56 -11.26 11.66 -1.22
CA LEU A 56 -10.36 11.48 -2.34
C LEU A 56 -10.72 12.41 -3.49
N TYR A 57 -9.69 12.87 -4.20
CA TYR A 57 -9.84 13.87 -5.24
C TYR A 57 -10.73 13.39 -6.38
N GLY A 58 -10.50 12.16 -6.82
CA GLY A 58 -11.21 11.67 -7.98
C GLY A 58 -12.04 10.43 -7.71
N LYS A 59 -12.66 9.91 -8.76
CA LYS A 59 -13.55 8.76 -8.65
C LYS A 59 -12.78 7.46 -8.38
N ILE A 60 -13.04 6.87 -7.22
CA ILE A 60 -12.42 5.61 -6.86
C ILE A 60 -13.44 4.49 -6.81
N MET A 61 -12.97 3.27 -7.00
CA MET A 61 -13.82 2.10 -6.98
C MET A 61 -13.84 1.52 -5.58
N THR A 62 -14.78 2.00 -4.78
CA THR A 62 -14.84 1.69 -3.37
C THR A 62 -15.30 0.27 -3.10
N GLU A 63 -15.72 -0.42 -4.15
CA GLU A 63 -16.08 -1.83 -4.06
C GLU A 63 -14.89 -2.63 -3.54
N TYR A 64 -13.71 -2.31 -4.02
CA TYR A 64 -12.51 -3.02 -3.63
C TYR A 64 -11.70 -2.26 -2.59
N ARG A 65 -11.73 -2.76 -1.37
CA ARG A 65 -10.86 -2.29 -0.31
C ARG A 65 -10.65 -3.43 0.69
N LYS A 66 -9.40 -3.74 0.99
CA LYS A 66 -9.09 -4.89 1.82
C LYS A 66 -8.05 -4.51 2.89
N ASN A 67 -8.28 -4.96 4.11
CA ASN A 67 -7.38 -4.72 5.22
C ASN A 67 -6.35 -5.84 5.34
N VAL A 68 -5.17 -5.63 4.79
CA VAL A 68 -4.09 -6.60 4.92
C VAL A 68 -2.93 -5.99 5.70
N GLY A 69 -2.37 -6.72 6.65
CA GLY A 69 -1.26 -6.18 7.41
C GLY A 69 -0.88 -7.06 8.58
N LEU A 70 0.27 -6.74 9.18
CA LEU A 70 0.80 -7.51 10.31
C LEU A 70 1.47 -6.58 11.32
N ARG A 71 2.58 -5.97 10.91
CA ARG A 71 3.27 -4.98 11.73
C ARG A 71 2.63 -3.63 11.51
N ASN A 72 2.11 -3.45 10.31
CA ASN A 72 1.35 -2.26 9.96
C ASN A 72 0.18 -2.67 9.11
N ILE A 73 -0.92 -1.93 9.20
CA ILE A 73 -2.14 -2.30 8.48
C ILE A 73 -2.24 -1.53 7.18
N ILE A 74 -2.42 -2.27 6.10
CA ILE A 74 -2.49 -1.68 4.77
C ILE A 74 -3.90 -1.78 4.21
N PHE A 75 -4.48 -0.64 3.91
CA PHE A 75 -5.77 -0.59 3.26
C PHE A 75 -5.56 -0.46 1.76
N SER A 76 -5.91 -1.49 1.02
CA SER A 76 -5.76 -1.47 -0.43
C SER A 76 -7.07 -1.07 -1.10
N ILE A 77 -7.12 0.16 -1.61
CA ILE A 77 -8.30 0.66 -2.30
C ILE A 77 -8.05 0.75 -3.80
N GLN A 78 -9.00 0.30 -4.60
CA GLN A 78 -8.85 0.32 -6.04
C GLN A 78 -9.39 1.63 -6.63
N LYS A 79 -8.60 2.26 -7.50
CA LYS A 79 -9.01 3.51 -8.11
C LYS A 79 -9.75 3.24 -9.41
N GLU A 80 -10.75 4.06 -9.72
CA GLU A 80 -11.55 3.84 -10.91
C GLU A 80 -11.30 4.97 -11.89
N GLU A 81 -10.07 5.04 -12.36
CA GLU A 81 -9.65 6.05 -13.32
C GLU A 81 -8.22 5.76 -13.77
N ARG A 82 -7.90 6.11 -15.00
CA ARG A 82 -6.59 5.84 -15.56
C ARG A 82 -5.65 7.01 -15.26
N SER A 83 -6.24 8.17 -15.03
CA SER A 83 -5.48 9.37 -14.70
C SER A 83 -4.88 9.27 -13.29
N TRP A 84 -3.92 10.14 -13.00
CA TRP A 84 -3.26 10.15 -11.71
C TRP A 84 -3.62 11.41 -10.94
N TRP A 85 -3.91 11.26 -9.66
CA TRP A 85 -4.26 12.40 -8.83
C TRP A 85 -3.00 13.03 -8.27
N THR A 86 -2.77 14.29 -8.61
CA THR A 86 -1.62 15.02 -8.09
C THR A 86 -1.84 15.36 -6.61
N ARG A 87 -3.09 15.41 -6.21
CA ARG A 87 -3.46 15.66 -4.83
C ARG A 87 -4.53 14.67 -4.40
N LEU A 88 -4.17 13.73 -3.54
CA LEU A 88 -5.09 12.66 -3.14
C LEU A 88 -6.26 13.21 -2.32
N LEU A 89 -5.98 14.18 -1.47
CA LEU A 89 -6.98 14.70 -0.56
C LEU A 89 -7.91 15.68 -1.26
N LYS A 90 -9.19 15.30 -1.32
CA LYS A 90 -10.24 16.09 -1.98
C LYS A 90 -10.27 17.54 -1.53
N SER A 91 -9.84 17.80 -0.30
CA SER A 91 -9.82 19.17 0.24
C SER A 91 -8.86 20.08 -0.52
N GLU A 92 -8.07 19.49 -1.40
CA GLU A 92 -7.20 20.19 -2.35
C GLU A 92 -5.94 20.73 -1.67
N GLU A 93 -6.09 21.16 -0.43
CA GLU A 93 -5.03 21.86 0.27
C GLU A 93 -4.06 20.90 0.94
N LYS A 94 -4.42 20.44 2.13
CA LYS A 94 -3.55 19.59 2.92
C LYS A 94 -4.37 18.51 3.62
N PRO A 95 -3.93 17.24 3.54
CA PRO A 95 -4.61 16.13 4.22
C PRO A 95 -4.55 16.29 5.73
N ALA A 96 -3.34 16.11 6.27
CA ALA A 96 -3.09 16.26 7.70
C ALA A 96 -1.60 16.12 7.96
N PRO A 97 -1.09 16.68 9.07
CA PRO A 97 0.33 16.63 9.43
C PRO A 97 0.86 15.19 9.55
N TYR A 98 -0.03 14.25 9.85
CA TYR A 98 0.40 12.86 10.04
C TYR A 98 0.29 12.05 8.75
N ILE A 99 -0.12 12.70 7.66
CA ILE A 99 -0.13 12.06 6.36
C ILE A 99 1.23 12.23 5.71
N LYS A 100 1.91 11.11 5.50
CA LYS A 100 3.22 11.10 4.89
C LYS A 100 3.25 10.05 3.78
N VAL A 101 4.27 10.08 2.96
CA VAL A 101 4.38 9.14 1.86
C VAL A 101 5.05 7.85 2.31
N ASP A 102 4.40 6.72 2.05
CA ASP A 102 4.97 5.41 2.34
C ASP A 102 6.25 5.19 1.53
N TRP A 103 7.38 5.33 2.19
CA TRP A 103 8.68 5.24 1.54
C TRP A 103 9.13 3.80 1.28
N ASN A 104 8.36 2.82 1.76
CA ASN A 104 8.81 1.43 1.69
C ASN A 104 8.11 0.66 0.58
N LYS A 105 6.95 1.13 0.16
CA LYS A 105 6.21 0.49 -0.93
C LYS A 105 6.38 1.26 -2.22
N TRP A 106 7.33 2.18 -2.25
CA TRP A 106 7.61 2.95 -3.43
C TRP A 106 8.38 2.09 -4.43
N CYS A 107 7.82 1.90 -5.61
CA CYS A 107 8.43 1.08 -6.63
C CYS A 107 9.10 1.94 -7.69
N ASP A 108 10.31 1.58 -8.07
CA ASP A 108 11.05 2.33 -9.07
C ASP A 108 10.61 1.90 -10.46
N GLU A 109 10.64 2.84 -11.39
CA GLU A 109 10.34 2.57 -12.79
C GLU A 109 11.55 2.87 -13.66
N ASP A 110 12.71 2.99 -13.00
CA ASP A 110 13.94 3.37 -13.67
C ASP A 110 15.14 2.76 -12.96
N GLU A 111 15.11 2.79 -11.63
CA GLU A 111 16.21 2.31 -10.80
C GLU A 111 17.47 3.14 -11.03
N GLU A 112 17.64 4.18 -10.22
CA GLU A 112 18.78 5.05 -10.35
C GLU A 112 19.55 5.14 -9.03
N VAL A 113 20.85 5.23 -9.14
CA VAL A 113 21.70 5.39 -7.96
C VAL A 113 22.39 6.75 -7.96
N ASN A 114 21.95 7.60 -8.87
CA ASN A 114 22.59 8.89 -9.11
C ASN A 114 22.32 9.85 -7.96
N SER A 115 21.06 10.07 -7.65
CA SER A 115 20.67 11.00 -6.60
C SER A 115 21.01 10.42 -5.23
N GLU A 116 21.38 9.15 -5.21
CA GLU A 116 21.79 8.47 -3.99
C GLU A 116 23.25 8.81 -3.67
N THR A 117 24.09 8.83 -4.70
CA THR A 117 25.53 9.05 -4.49
C THR A 117 25.94 10.50 -4.75
N ALA A 118 25.06 11.27 -5.36
CA ALA A 118 25.37 12.66 -5.68
C ALA A 118 25.32 13.55 -4.44
N SER A 119 26.47 14.09 -4.06
CA SER A 119 26.55 15.06 -2.97
C SER A 119 27.09 16.37 -3.50
N ASP A 120 26.24 17.38 -3.55
CA ASP A 120 26.64 18.68 -4.07
C ASP A 120 27.17 19.57 -2.94
N ASP A 121 28.48 19.77 -2.95
CA ASP A 121 29.13 20.60 -1.94
C ASP A 121 29.69 21.85 -2.59
N GLU A 122 30.08 22.83 -1.79
CA GLU A 122 30.65 24.06 -2.32
C GLU A 122 31.86 24.48 -1.50
N SER A 123 33.00 24.56 -2.17
CA SER A 123 34.26 24.91 -1.53
C SER A 123 34.46 26.43 -1.49
N ALA A 124 33.43 27.16 -1.06
CA ALA A 124 33.50 28.61 -0.98
C ALA A 124 34.44 29.05 0.12
N PHE A 125 35.63 29.48 -0.26
CA PHE A 125 36.64 29.88 0.72
C PHE A 125 36.52 31.36 1.06
N VAL A 126 36.96 31.71 2.25
CA VAL A 126 36.96 33.10 2.69
C VAL A 126 38.40 33.54 2.94
N ASN A 127 38.86 34.51 2.16
CA ASN A 127 40.21 35.02 2.31
C ASN A 127 40.19 36.51 2.62
N GLN A 128 40.81 36.88 3.72
CA GLN A 128 40.88 38.28 4.12
C GLN A 128 42.28 38.62 4.62
N ASP A 129 43.00 39.37 3.81
CA ASP A 129 44.33 39.85 4.19
C ASP A 129 44.31 41.35 4.33
N SER A 130 43.54 42.00 3.46
CA SER A 130 43.30 43.45 3.49
C SER A 130 44.59 44.26 3.73
N GLU A 131 45.27 44.61 2.64
CA GLU A 131 46.47 45.43 2.73
C GLU A 131 46.13 46.83 3.23
N SER A 132 47.03 47.42 3.99
CA SER A 132 46.80 48.76 4.53
C SER A 132 47.75 49.76 3.87
N SER A 133 47.18 50.81 3.29
CA SER A 133 47.97 51.82 2.61
C SER A 133 48.45 52.89 3.59
N ASP A 134 49.65 53.40 3.38
CA ASP A 134 50.22 54.44 4.22
C ASP A 134 50.94 55.48 3.35
N ASP A 135 50.67 56.75 3.60
CA ASP A 135 51.27 57.82 2.81
C ASP A 135 51.63 59.02 3.68
N ASP A 136 52.66 59.75 3.27
CA ASP A 136 53.11 60.93 3.99
C ASP A 136 52.40 62.19 3.48
N GLY A 137 52.84 62.67 2.32
CA GLY A 137 52.16 63.79 1.68
C GLY A 137 52.73 65.15 2.05
N LEU A 138 53.86 65.18 2.73
CA LEU A 138 54.51 66.44 3.06
C LEU A 138 55.58 66.77 2.03
N LEU A 139 55.49 67.95 1.43
CA LEU A 139 56.43 68.34 0.38
C LEU A 139 56.87 69.80 0.57
N TYR A 140 58.16 70.03 0.42
CA TYR A 140 58.70 71.37 0.44
C TYR A 140 59.23 71.73 -0.94
N LEU A 141 58.39 72.36 -1.75
CA LEU A 141 58.77 72.78 -3.08
C LEU A 141 58.72 74.31 -3.18
N PRO A 142 59.88 74.97 -3.17
CA PRO A 142 59.98 76.42 -3.20
C PRO A 142 59.74 76.99 -4.60
N ASP A 143 58.53 77.44 -4.85
CA ASP A 143 58.21 78.13 -6.08
C ASP A 143 58.33 79.62 -5.84
N LEU A 144 59.56 80.05 -5.70
CA LEU A 144 59.88 81.44 -5.38
C LEU A 144 59.26 82.41 -6.39
N GLU A 145 59.23 82.01 -7.67
CA GLU A 145 58.66 82.82 -8.76
C GLU A 145 59.52 84.05 -9.06
N LYS A 146 60.42 84.38 -8.15
CA LYS A 146 61.15 85.64 -8.20
C LYS A 146 62.21 85.63 -9.30
N ALA A 147 61.79 86.02 -10.49
CA ALA A 147 62.72 86.24 -11.59
C ALA A 147 62.94 87.73 -11.74
N ARG A 148 64.20 88.14 -11.84
CA ARG A 148 64.53 89.56 -11.90
C ARG A 148 64.08 90.15 -13.24
N ASN A 149 63.21 91.14 -13.18
CA ASN A 149 62.67 91.79 -14.37
C ASN A 149 63.62 92.86 -14.87
N LYS A 150 63.30 93.44 -16.02
CA LYS A 150 64.06 94.53 -16.58
C LYS A 150 63.19 95.77 -16.71
N SER A 1 -10.46 12.58 22.97
CA SER A 1 -11.25 12.17 21.80
C SER A 1 -10.59 10.96 21.12
N SER A 2 -10.98 10.69 19.88
CA SER A 2 -10.42 9.57 19.14
C SER A 2 -8.96 9.83 18.77
N ARG A 3 -8.24 8.76 18.46
CA ARG A 3 -6.82 8.85 18.17
C ARG A 3 -6.58 8.74 16.67
N ASN A 4 -5.43 9.22 16.21
CA ASN A 4 -5.00 9.03 14.83
C ASN A 4 -3.49 9.18 14.72
N PRO A 5 -2.78 8.03 14.56
CA PRO A 5 -1.33 8.01 14.46
C PRO A 5 -0.81 8.40 13.08
N GLU A 6 0.43 8.05 12.79
CA GLU A 6 1.06 8.38 11.52
C GLU A 6 0.42 7.60 10.38
N VAL A 7 0.06 8.32 9.33
CA VAL A 7 -0.62 7.74 8.18
C VAL A 7 0.19 8.00 6.90
N LEU A 8 0.62 6.93 6.25
CA LEU A 8 1.40 7.02 5.03
C LEU A 8 0.59 6.45 3.88
N TRP A 9 0.80 6.97 2.68
CA TRP A 9 0.16 6.39 1.52
C TRP A 9 1.18 5.97 0.47
N ALA A 10 0.81 4.97 -0.31
CA ALA A 10 1.66 4.43 -1.37
C ALA A 10 0.79 4.01 -2.53
N GLN A 11 1.31 4.05 -3.74
CA GLN A 11 0.50 3.72 -4.91
C GLN A 11 1.13 2.62 -5.75
N ARG A 12 0.27 1.82 -6.35
CA ARG A 12 0.66 0.86 -7.36
C ARG A 12 0.39 1.45 -8.73
N SER A 13 0.41 0.63 -9.76
CA SER A 13 0.10 1.08 -11.10
C SER A 13 -1.39 1.42 -11.24
N ASP A 14 -2.24 0.75 -10.45
CA ASP A 14 -3.69 1.00 -10.52
C ASP A 14 -4.29 1.17 -9.12
N LYS A 15 -3.90 0.30 -8.20
CA LYS A 15 -4.45 0.33 -6.86
C LYS A 15 -3.58 1.16 -5.90
N VAL A 16 -4.17 1.60 -4.80
CA VAL A 16 -3.47 2.42 -3.82
C VAL A 16 -3.46 1.72 -2.46
N TYR A 17 -2.38 1.91 -1.71
CA TYR A 17 -2.24 1.35 -0.38
C TYR A 17 -2.22 2.47 0.66
N LEU A 18 -2.80 2.17 1.82
CA LEU A 18 -2.75 3.09 2.95
C LEU A 18 -2.05 2.41 4.10
N THR A 19 -0.94 3.00 4.54
CA THR A 19 -0.14 2.42 5.61
C THR A 19 -0.37 3.19 6.91
N VAL A 20 -1.04 2.58 7.86
CA VAL A 20 -1.21 3.18 9.17
C VAL A 20 -0.29 2.49 10.17
N ALA A 21 0.56 3.28 10.83
CA ALA A 21 1.50 2.75 11.79
C ALA A 21 0.80 2.45 13.10
N LEU A 22 0.41 1.20 13.27
CA LEU A 22 -0.38 0.79 14.42
C LEU A 22 -0.13 -0.69 14.71
N PRO A 23 0.48 -0.99 15.87
CA PRO A 23 0.82 -2.36 16.26
C PRO A 23 -0.41 -3.27 16.42
N ASP A 24 -1.39 -2.82 17.19
CA ASP A 24 -2.55 -3.65 17.49
C ASP A 24 -3.85 -2.94 17.10
N ALA A 25 -4.40 -3.35 15.98
CA ALA A 25 -5.64 -2.77 15.50
C ALA A 25 -6.74 -3.83 15.45
N LYS A 26 -7.93 -3.45 15.89
CA LYS A 26 -9.06 -4.36 15.96
C LYS A 26 -10.32 -3.63 15.52
N ASP A 27 -11.35 -4.38 15.13
CA ASP A 27 -12.59 -3.80 14.62
C ASP A 27 -12.32 -2.81 13.50
N ILE A 28 -11.27 -3.09 12.74
CA ILE A 28 -10.82 -2.20 11.68
C ILE A 28 -11.88 -2.08 10.59
N SER A 29 -12.52 -0.91 10.54
CA SER A 29 -13.53 -0.64 9.54
C SER A 29 -13.22 0.68 8.84
N VAL A 30 -12.90 0.61 7.57
CA VAL A 30 -12.58 1.80 6.81
C VAL A 30 -13.71 2.12 5.82
N LYS A 31 -14.34 3.26 6.01
CA LYS A 31 -15.42 3.69 5.15
C LYS A 31 -14.88 4.67 4.13
N CYS A 32 -14.94 4.31 2.86
CA CYS A 32 -14.50 5.17 1.77
C CYS A 32 -15.59 5.31 0.70
N GLU A 33 -15.88 6.53 0.23
CA GLU A 33 -16.71 6.72 -0.95
C GLU A 33 -15.81 7.10 -2.11
N PRO A 34 -16.30 7.02 -3.37
CA PRO A 34 -15.51 7.39 -4.55
C PRO A 34 -15.10 8.86 -4.54
N GLN A 35 -15.61 9.58 -3.54
CA GLN A 35 -15.35 11.00 -3.39
C GLN A 35 -14.79 11.30 -1.99
N GLY A 36 -14.70 10.27 -1.15
CA GLY A 36 -14.20 10.47 0.19
C GLY A 36 -15.08 9.84 1.24
N LEU A 37 -14.47 9.23 2.24
CA LEU A 37 -15.17 8.81 3.44
C LEU A 37 -14.18 8.68 4.60
N PHE A 38 -14.66 8.28 5.76
CA PHE A 38 -13.87 8.32 6.98
C PHE A 38 -13.62 6.90 7.50
N SER A 39 -12.44 6.67 8.06
CA SER A 39 -12.09 5.37 8.59
C SER A 39 -12.26 5.36 10.11
N PHE A 40 -12.68 4.22 10.65
CA PHE A 40 -12.90 4.09 12.08
C PHE A 40 -12.46 2.71 12.57
N SER A 41 -11.40 2.68 13.35
CA SER A 41 -10.86 1.44 13.87
C SER A 41 -10.67 1.52 15.37
N ALA A 42 -10.54 0.38 16.03
CA ALA A 42 -10.30 0.34 17.45
C ALA A 42 -8.86 -0.03 17.74
N LEU A 43 -8.29 0.58 18.77
CA LEU A 43 -6.95 0.25 19.22
C LEU A 43 -7.05 -0.74 20.36
N GLY A 44 -6.68 -1.97 20.11
CA GLY A 44 -6.93 -3.02 21.09
C GLY A 44 -6.07 -2.90 22.32
N ALA A 45 -4.77 -2.74 22.10
CA ALA A 45 -3.80 -2.65 23.21
C ALA A 45 -4.07 -1.44 24.10
N GLN A 46 -4.68 -0.41 23.53
CA GLN A 46 -4.94 0.82 24.28
C GLN A 46 -6.38 0.87 24.80
N GLY A 47 -7.28 0.18 24.12
CA GLY A 47 -8.69 0.27 24.48
C GLY A 47 -9.29 1.60 24.05
N GLU A 48 -8.68 2.18 23.02
CA GLU A 48 -9.06 3.50 22.54
C GLU A 48 -9.55 3.40 21.10
N ARG A 49 -10.29 4.39 20.64
CA ARG A 49 -10.77 4.36 19.25
C ARG A 49 -9.95 5.30 18.37
N PHE A 50 -9.89 4.97 17.10
CA PHE A 50 -9.12 5.74 16.12
C PHE A 50 -9.98 6.06 14.91
N GLU A 51 -9.88 7.29 14.41
CA GLU A 51 -10.68 7.72 13.26
C GLU A 51 -9.99 8.84 12.49
N PHE A 52 -10.32 8.94 11.21
CA PHE A 52 -9.86 10.04 10.36
C PHE A 52 -10.61 10.03 9.05
N SER A 53 -10.82 11.21 8.47
CA SER A 53 -11.58 11.32 7.23
C SER A 53 -10.66 11.63 6.04
N LEU A 54 -10.89 10.94 4.93
CA LEU A 54 -10.13 11.22 3.71
C LEU A 54 -11.07 11.57 2.56
N GLU A 55 -10.98 12.79 2.08
CA GLU A 55 -11.75 13.21 0.93
C GLU A 55 -10.95 12.98 -0.35
N LEU A 56 -11.57 12.35 -1.33
CA LEU A 56 -10.88 12.00 -2.56
C LEU A 56 -11.05 13.08 -3.62
N TYR A 57 -9.93 13.45 -4.22
CA TYR A 57 -9.89 14.47 -5.27
C TYR A 57 -10.35 13.86 -6.59
N GLY A 58 -10.40 12.52 -6.64
CA GLY A 58 -10.78 11.85 -7.85
C GLY A 58 -11.61 10.61 -7.57
N LYS A 59 -12.36 10.17 -8.58
CA LYS A 59 -13.26 9.03 -8.45
C LYS A 59 -12.50 7.72 -8.27
N ILE A 60 -12.58 7.16 -7.06
CA ILE A 60 -11.93 5.90 -6.76
C ILE A 60 -12.90 4.73 -6.88
N MET A 61 -12.35 3.52 -6.88
CA MET A 61 -13.14 2.32 -7.05
C MET A 61 -13.30 1.60 -5.72
N THR A 62 -14.37 1.94 -5.00
CA THR A 62 -14.62 1.37 -3.69
C THR A 62 -15.54 0.14 -3.80
N GLU A 63 -15.06 -0.89 -4.48
CA GLU A 63 -15.77 -2.15 -4.58
C GLU A 63 -15.87 -2.79 -3.19
N TYR A 64 -14.72 -3.18 -2.67
CA TYR A 64 -14.60 -3.71 -1.32
C TYR A 64 -13.27 -3.26 -0.74
N ARG A 65 -13.30 -2.68 0.45
CA ARG A 65 -12.08 -2.22 1.09
C ARG A 65 -11.42 -3.36 1.85
N LYS A 66 -10.14 -3.57 1.57
CA LYS A 66 -9.41 -4.67 2.17
C LYS A 66 -8.36 -4.16 3.16
N ASN A 67 -8.29 -4.79 4.32
CA ASN A 67 -7.32 -4.40 5.34
C ASN A 67 -6.51 -5.60 5.79
N VAL A 68 -5.21 -5.57 5.51
CA VAL A 68 -4.30 -6.62 5.95
C VAL A 68 -3.29 -6.06 6.95
N GLY A 69 -2.82 -6.87 7.88
CA GLY A 69 -1.87 -6.39 8.86
C GLY A 69 -0.69 -7.30 9.05
N LEU A 70 0.51 -6.74 8.92
CA LEU A 70 1.74 -7.48 9.15
C LEU A 70 2.50 -6.83 10.32
N ARG A 71 3.14 -5.70 10.04
CA ARG A 71 3.77 -4.90 11.07
C ARG A 71 2.95 -3.62 11.26
N ASN A 72 1.88 -3.54 10.49
CA ASN A 72 1.03 -2.37 10.42
C ASN A 72 -0.22 -2.73 9.64
N ILE A 73 -1.14 -1.79 9.48
CA ILE A 73 -2.37 -2.07 8.77
C ILE A 73 -2.34 -1.44 7.38
N ILE A 74 -2.37 -2.29 6.36
CA ILE A 74 -2.34 -1.84 4.98
C ILE A 74 -3.74 -1.94 4.38
N PHE A 75 -4.26 -0.82 3.93
CA PHE A 75 -5.56 -0.79 3.26
C PHE A 75 -5.39 -0.87 1.75
N SER A 76 -6.20 -1.69 1.11
CA SER A 76 -6.16 -1.87 -0.33
C SER A 76 -7.41 -1.29 -0.98
N ILE A 77 -7.23 -0.20 -1.72
CA ILE A 77 -8.31 0.43 -2.47
C ILE A 77 -7.78 0.82 -3.86
N GLN A 78 -8.52 0.49 -4.91
CA GLN A 78 -8.06 0.79 -6.25
C GLN A 78 -8.75 2.04 -6.79
N LYS A 79 -8.09 2.79 -7.67
CA LYS A 79 -8.71 3.99 -8.23
C LYS A 79 -9.56 3.60 -9.43
N GLU A 80 -10.69 4.30 -9.61
CA GLU A 80 -11.63 3.94 -10.67
C GLU A 80 -11.27 4.61 -11.97
N GLU A 81 -11.26 5.93 -11.96
CA GLU A 81 -11.05 6.71 -13.17
C GLU A 81 -9.73 6.34 -13.85
N ARG A 82 -9.75 6.27 -15.17
CA ARG A 82 -8.57 5.90 -15.93
C ARG A 82 -7.72 7.14 -16.17
N SER A 83 -8.29 8.30 -15.86
CA SER A 83 -7.56 9.55 -15.90
C SER A 83 -6.69 9.65 -14.65
N TRP A 84 -5.50 10.21 -14.79
CA TRP A 84 -4.54 10.21 -13.71
C TRP A 84 -4.60 11.49 -12.88
N TRP A 85 -5.11 11.34 -11.68
CA TRP A 85 -5.17 12.43 -10.74
C TRP A 85 -3.89 12.44 -9.90
N THR A 86 -3.01 13.39 -10.17
CA THR A 86 -1.74 13.47 -9.46
C THR A 86 -1.96 13.99 -8.03
N ARG A 87 -3.20 14.41 -7.76
CA ARG A 87 -3.60 14.82 -6.43
C ARG A 87 -4.78 13.95 -6.02
N LEU A 88 -4.59 13.05 -5.05
CA LEU A 88 -5.69 12.18 -4.63
C LEU A 88 -6.45 12.78 -3.46
N LEU A 89 -5.86 13.75 -2.79
CA LEU A 89 -6.46 14.37 -1.62
C LEU A 89 -7.26 15.60 -2.00
N LYS A 90 -8.58 15.52 -1.82
CA LYS A 90 -9.46 16.65 -2.10
C LYS A 90 -9.19 17.79 -1.13
N SER A 91 -8.98 17.43 0.13
CA SER A 91 -8.68 18.41 1.16
C SER A 91 -7.17 18.62 1.23
N GLU A 92 -6.55 18.93 0.10
CA GLU A 92 -5.11 19.15 0.07
C GLU A 92 -4.76 20.54 0.60
N GLU A 93 -5.75 21.42 0.65
CA GLU A 93 -5.56 22.75 1.20
C GLU A 93 -5.52 22.70 2.72
N LYS A 94 -6.07 21.63 3.27
CA LYS A 94 -6.05 21.41 4.71
C LYS A 94 -5.80 19.93 4.98
N PRO A 95 -4.53 19.54 5.11
CA PRO A 95 -4.15 18.17 5.42
C PRO A 95 -4.06 17.93 6.92
N ALA A 96 -3.29 16.92 7.29
CA ALA A 96 -3.06 16.61 8.69
C ALA A 96 -1.57 16.33 8.90
N PRO A 97 -1.01 16.77 10.04
CA PRO A 97 0.42 16.62 10.33
C PRO A 97 0.88 15.17 10.34
N TYR A 98 -0.05 14.23 10.45
CA TYR A 98 0.29 12.82 10.48
C TYR A 98 0.26 12.20 9.09
N ILE A 99 -0.15 12.97 8.09
CA ILE A 99 -0.21 12.46 6.74
C ILE A 99 1.11 12.64 6.01
N LYS A 100 1.68 11.51 5.62
CA LYS A 100 2.95 11.50 4.93
C LYS A 100 2.91 10.46 3.81
N VAL A 101 4.03 10.29 3.12
CA VAL A 101 4.13 9.29 2.07
C VAL A 101 4.99 8.12 2.54
N ASP A 102 4.53 6.90 2.29
CA ASP A 102 5.28 5.71 2.69
C ASP A 102 6.45 5.50 1.74
N TRP A 103 7.65 5.77 2.23
CA TRP A 103 8.85 5.72 1.42
C TRP A 103 9.35 4.28 1.21
N ASN A 104 8.68 3.31 1.82
CA ASN A 104 9.13 1.93 1.73
C ASN A 104 8.13 1.05 0.99
N LYS A 105 6.84 1.31 1.16
CA LYS A 105 5.82 0.52 0.51
C LYS A 105 5.57 1.00 -0.92
N TRP A 106 6.22 2.09 -1.30
CA TRP A 106 6.14 2.58 -2.68
C TRP A 106 6.82 1.60 -3.63
N CYS A 107 6.38 1.62 -4.88
CA CYS A 107 6.91 0.71 -5.88
C CYS A 107 8.27 1.18 -6.36
N ASP A 108 9.28 0.35 -6.20
CA ASP A 108 10.61 0.65 -6.69
C ASP A 108 10.72 0.29 -8.15
N GLU A 109 11.38 1.14 -8.92
CA GLU A 109 11.68 0.86 -10.31
C GLU A 109 12.94 0.02 -10.40
N ASP A 110 12.98 -1.02 -9.57
CA ASP A 110 14.17 -1.87 -9.40
C ASP A 110 15.33 -1.03 -8.88
N GLU A 111 15.31 -0.75 -7.59
CA GLU A 111 16.41 -0.06 -6.95
C GLU A 111 17.31 -1.04 -6.24
N GLU A 112 18.49 -0.57 -5.88
CA GLU A 112 19.48 -1.41 -5.21
C GLU A 112 19.36 -1.29 -3.70
N VAL A 113 18.83 -2.32 -3.07
CA VAL A 113 18.62 -2.30 -1.63
C VAL A 113 19.86 -2.80 -0.91
N ASN A 114 20.94 -2.05 -1.06
CA ASN A 114 22.19 -2.31 -0.34
C ASN A 114 23.08 -1.09 -0.39
N SER A 115 22.87 -0.19 0.56
CA SER A 115 23.75 0.94 0.73
C SER A 115 24.35 0.86 2.13
N GLU A 116 25.37 0.01 2.25
CA GLU A 116 26.06 -0.24 3.51
C GLU A 116 25.11 -0.93 4.51
N THR A 117 24.10 -1.60 3.98
CA THR A 117 23.13 -2.28 4.84
C THR A 117 23.66 -3.65 5.26
N ALA A 118 24.54 -4.22 4.43
CA ALA A 118 25.17 -5.49 4.74
C ALA A 118 26.41 -5.30 5.61
N SER A 119 26.45 -4.17 6.31
CA SER A 119 27.58 -3.84 7.16
C SER A 119 27.39 -4.43 8.56
N ASP A 120 28.34 -5.26 8.98
CA ASP A 120 28.33 -5.87 10.30
C ASP A 120 29.74 -6.22 10.73
N ASP A 121 30.06 -5.97 12.00
CA ASP A 121 31.40 -6.27 12.53
C ASP A 121 31.30 -7.12 13.79
N GLU A 122 32.39 -7.79 14.13
CA GLU A 122 32.43 -8.63 15.31
C GLU A 122 33.67 -8.26 16.12
N SER A 123 33.49 -7.40 17.11
CA SER A 123 34.61 -6.91 17.90
C SER A 123 34.79 -7.77 19.14
N ALA A 124 34.36 -9.02 19.05
CA ALA A 124 34.47 -9.94 20.17
C ALA A 124 35.83 -10.62 20.19
N PHE A 125 36.62 -10.34 21.23
CA PHE A 125 37.94 -10.92 21.37
C PHE A 125 38.36 -10.90 22.84
N VAL A 126 38.86 -12.02 23.31
CA VAL A 126 39.33 -12.13 24.70
C VAL A 126 40.75 -12.67 24.73
N ASN A 127 41.51 -12.29 25.76
CA ASN A 127 42.88 -12.74 25.93
C ASN A 127 43.36 -12.47 27.35
N GLN A 128 43.27 -13.48 28.20
CA GLN A 128 43.70 -13.35 29.58
C GLN A 128 44.62 -14.51 29.93
N ASP A 129 45.83 -14.19 30.38
CA ASP A 129 46.83 -15.21 30.66
C ASP A 129 47.82 -14.68 31.68
N SER A 130 47.46 -14.78 32.94
CA SER A 130 48.30 -14.32 34.03
C SER A 130 48.16 -15.19 35.27
N GLU A 131 49.25 -15.36 36.00
CA GLU A 131 49.25 -16.07 37.27
C GLU A 131 50.52 -15.78 38.04
N SER A 132 50.50 -16.00 39.35
CA SER A 132 51.67 -15.81 40.17
C SER A 132 51.83 -16.99 41.14
N SER A 133 52.52 -18.03 40.68
CA SER A 133 52.76 -19.20 41.50
C SER A 133 54.23 -19.26 41.92
N ASP A 134 54.50 -18.81 43.14
CA ASP A 134 55.85 -18.78 43.69
C ASP A 134 55.83 -18.65 45.21
N ASP A 135 56.37 -19.66 45.89
CA ASP A 135 56.46 -19.64 47.34
C ASP A 135 57.92 -19.64 47.76
N ASP A 136 58.17 -19.54 49.06
CA ASP A 136 59.54 -19.45 49.56
C ASP A 136 59.66 -20.17 50.90
N GLY A 137 59.31 -19.48 51.98
CA GLY A 137 59.29 -20.10 53.30
C GLY A 137 60.67 -20.46 53.82
N LEU A 138 61.64 -19.61 53.56
CA LEU A 138 63.00 -19.81 54.07
C LEU A 138 63.02 -19.53 55.57
N LEU A 139 63.06 -20.59 56.36
CA LEU A 139 63.04 -20.46 57.81
C LEU A 139 64.16 -21.28 58.44
N TYR A 140 65.28 -20.62 58.71
CA TYR A 140 66.40 -21.26 59.37
C TYR A 140 66.68 -20.58 60.71
N LEU A 141 66.59 -21.35 61.78
CA LEU A 141 66.88 -20.85 63.11
C LEU A 141 68.19 -21.43 63.63
N PRO A 142 69.17 -20.57 63.92
CA PRO A 142 70.43 -20.97 64.57
C PRO A 142 70.26 -21.09 66.08
N ASP A 143 69.27 -21.87 66.50
CA ASP A 143 68.87 -21.95 67.89
C ASP A 143 69.78 -22.88 68.71
N LEU A 144 71.09 -22.67 68.60
CA LEU A 144 72.04 -23.48 69.32
C LEU A 144 72.73 -22.63 70.37
N GLU A 145 72.27 -22.72 71.61
CA GLU A 145 72.90 -21.99 72.69
C GLU A 145 74.24 -22.65 73.01
N LYS A 146 75.20 -22.37 72.17
CA LYS A 146 76.56 -22.83 72.40
C LYS A 146 77.51 -21.64 72.40
N ALA A 147 77.77 -21.11 73.59
CA ALA A 147 78.68 -19.99 73.74
C ALA A 147 79.62 -20.24 74.90
N ARG A 148 80.79 -19.64 74.85
CA ARG A 148 81.76 -19.78 75.92
C ARG A 148 82.12 -18.41 76.47
N ASN A 149 81.51 -18.06 77.59
CA ASN A 149 81.83 -16.82 78.28
C ASN A 149 82.64 -17.12 79.54
N LYS A 150 83.42 -16.15 79.98
CA LYS A 150 84.29 -16.33 81.13
C LYS A 150 84.32 -15.07 81.97
N SER A 1 -10.80 8.98 23.69
CA SER A 1 -10.20 9.97 22.78
C SER A 1 -10.18 9.43 21.35
N SER A 2 -10.19 10.35 20.39
CA SER A 2 -10.05 9.98 19.00
C SER A 2 -8.60 10.19 18.55
N ARG A 3 -7.87 9.11 18.38
CA ARG A 3 -6.46 9.19 18.02
C ARG A 3 -6.26 9.10 16.51
N ASN A 4 -5.17 9.69 16.05
CA ASN A 4 -4.80 9.67 14.64
C ASN A 4 -3.41 9.08 14.47
N PRO A 5 -3.28 7.99 13.72
CA PRO A 5 -1.99 7.37 13.42
C PRO A 5 -1.36 7.95 12.16
N GLU A 6 -0.07 7.70 11.97
CA GLU A 6 0.62 8.19 10.79
C GLU A 6 0.19 7.39 9.57
N VAL A 7 -0.25 8.11 8.54
CA VAL A 7 -0.80 7.49 7.35
C VAL A 7 0.05 7.84 6.13
N LEU A 8 0.74 6.83 5.60
CA LEU A 8 1.56 6.99 4.42
C LEU A 8 0.77 6.56 3.19
N TRP A 9 1.04 7.18 2.04
CA TRP A 9 0.38 6.78 0.81
C TRP A 9 1.37 6.65 -0.34
N ALA A 10 0.96 5.89 -1.34
CA ALA A 10 1.74 5.69 -2.55
C ALA A 10 0.82 5.28 -3.70
N GLN A 11 0.93 5.97 -4.82
CA GLN A 11 -0.02 5.76 -5.92
C GLN A 11 0.54 4.82 -6.98
N ARG A 12 -0.32 3.93 -7.48
CA ARG A 12 0.02 3.06 -8.60
C ARG A 12 -0.90 3.34 -9.77
N SER A 13 -0.90 2.45 -10.76
CA SER A 13 -1.72 2.63 -11.95
C SER A 13 -3.13 2.07 -11.74
N ASP A 14 -3.28 1.19 -10.77
CA ASP A 14 -4.57 0.54 -10.50
C ASP A 14 -5.10 0.89 -9.11
N LYS A 15 -4.24 0.87 -8.11
CA LYS A 15 -4.67 1.14 -6.75
C LYS A 15 -3.67 2.05 -6.02
N VAL A 16 -4.05 2.47 -4.83
CA VAL A 16 -3.18 3.28 -4.00
C VAL A 16 -2.89 2.53 -2.70
N TYR A 17 -1.65 2.65 -2.23
CA TYR A 17 -1.22 2.00 -1.00
C TYR A 17 -1.37 2.96 0.17
N LEU A 18 -2.00 2.49 1.23
CA LEU A 18 -2.12 3.26 2.46
C LEU A 18 -1.40 2.53 3.58
N THR A 19 -0.29 3.07 4.02
CA THR A 19 0.47 2.48 5.10
C THR A 19 0.11 3.17 6.41
N VAL A 20 -0.72 2.51 7.20
CA VAL A 20 -1.15 3.07 8.47
C VAL A 20 -0.32 2.48 9.60
N ALA A 21 0.40 3.35 10.31
CA ALA A 21 1.21 2.94 11.43
C ALA A 21 0.33 2.68 12.64
N LEU A 22 -0.05 1.43 12.82
CA LEU A 22 -0.94 1.03 13.89
C LEU A 22 -0.65 -0.40 14.33
N PRO A 23 -0.26 -0.59 15.60
CA PRO A 23 0.15 -1.90 16.12
C PRO A 23 -1.01 -2.88 16.28
N ASP A 24 -2.14 -2.43 16.81
CA ASP A 24 -3.23 -3.34 17.15
C ASP A 24 -4.57 -2.62 17.26
N ALA A 25 -5.55 -3.09 16.50
CA ALA A 25 -6.88 -2.49 16.50
C ALA A 25 -7.97 -3.56 16.57
N LYS A 26 -9.22 -3.13 16.65
CA LYS A 26 -10.37 -4.01 16.81
C LYS A 26 -11.58 -3.44 16.08
N ASP A 27 -12.38 -4.33 15.50
CA ASP A 27 -13.64 -3.96 14.85
C ASP A 27 -13.42 -2.80 13.88
N ILE A 28 -12.33 -2.89 13.13
CA ILE A 28 -11.94 -1.83 12.22
C ILE A 28 -13.02 -1.59 11.18
N SER A 29 -13.72 -0.48 11.31
CA SER A 29 -14.81 -0.14 10.42
C SER A 29 -14.43 1.06 9.56
N VAL A 30 -14.58 0.91 8.26
CA VAL A 30 -14.22 1.97 7.34
C VAL A 30 -15.40 2.30 6.44
N LYS A 31 -15.93 3.52 6.54
CA LYS A 31 -16.96 3.97 5.63
C LYS A 31 -16.30 4.79 4.54
N CYS A 32 -16.47 4.36 3.30
CA CYS A 32 -15.85 5.06 2.16
C CYS A 32 -16.88 5.40 1.07
N GLU A 33 -16.85 6.64 0.58
CA GLU A 33 -17.51 6.94 -0.67
C GLU A 33 -16.45 6.98 -1.75
N PRO A 34 -16.83 6.88 -3.04
CA PRO A 34 -15.88 6.98 -4.15
C PRO A 34 -15.29 8.39 -4.27
N GLN A 35 -15.43 9.16 -3.19
CA GLN A 35 -15.03 10.54 -3.14
C GLN A 35 -14.79 11.01 -1.69
N GLY A 36 -14.83 10.09 -0.72
CA GLY A 36 -14.57 10.47 0.66
C GLY A 36 -15.58 9.91 1.65
N LEU A 37 -15.08 9.26 2.70
CA LEU A 37 -15.91 8.90 3.84
C LEU A 37 -15.09 8.67 5.12
N PHE A 38 -15.79 8.29 6.18
CA PHE A 38 -15.26 8.31 7.55
C PHE A 38 -15.02 6.89 8.08
N SER A 39 -13.86 6.68 8.71
CA SER A 39 -13.50 5.38 9.27
C SER A 39 -13.34 5.47 10.80
N PHE A 40 -13.88 4.47 11.51
CA PHE A 40 -13.82 4.44 12.97
C PHE A 40 -13.47 3.04 13.48
N SER A 41 -12.36 2.93 14.19
CA SER A 41 -11.94 1.67 14.79
C SER A 41 -11.52 1.88 16.25
N ALA A 42 -11.43 0.79 16.99
CA ALA A 42 -10.95 0.84 18.37
C ALA A 42 -9.54 0.27 18.44
N LEU A 43 -8.69 0.85 19.27
CA LEU A 43 -7.32 0.38 19.42
C LEU A 43 -7.21 -0.54 20.60
N GLY A 44 -6.88 -1.80 20.32
CA GLY A 44 -6.93 -2.84 21.35
C GLY A 44 -5.77 -2.77 22.31
N ALA A 45 -4.56 -2.90 21.79
CA ALA A 45 -3.35 -2.87 22.60
C ALA A 45 -3.08 -1.47 23.16
N GLN A 46 -3.93 -0.53 22.81
CA GLN A 46 -3.79 0.83 23.30
C GLN A 46 -4.90 1.16 24.30
N GLY A 47 -6.07 0.54 24.10
CA GLY A 47 -7.22 0.81 24.95
C GLY A 47 -7.86 2.13 24.59
N GLU A 48 -7.54 2.65 23.42
CA GLU A 48 -7.97 3.97 23.00
C GLU A 48 -8.81 3.89 21.73
N ARG A 49 -9.58 4.92 21.43
CA ARG A 49 -10.37 4.94 20.19
C ARG A 49 -9.61 5.66 19.08
N PHE A 50 -9.94 5.33 17.85
CA PHE A 50 -9.23 5.86 16.70
C PHE A 50 -10.20 6.12 15.54
N GLU A 51 -9.99 7.23 14.84
CA GLU A 51 -10.85 7.57 13.72
C GLU A 51 -10.15 8.47 12.74
N PHE A 52 -10.67 8.54 11.52
CA PHE A 52 -10.17 9.44 10.50
C PHE A 52 -11.14 9.48 9.34
N SER A 53 -11.24 10.63 8.68
CA SER A 53 -12.10 10.75 7.52
C SER A 53 -11.28 11.18 6.31
N LEU A 54 -11.30 10.37 5.27
CA LEU A 54 -10.53 10.66 4.08
C LEU A 54 -11.45 11.04 2.94
N GLU A 55 -11.37 12.29 2.52
CA GLU A 55 -12.05 12.73 1.31
C GLU A 55 -11.16 12.43 0.12
N LEU A 56 -11.74 11.97 -0.97
CA LEU A 56 -10.97 11.57 -2.13
C LEU A 56 -11.16 12.57 -3.27
N TYR A 57 -10.04 13.16 -3.70
CA TYR A 57 -10.04 14.04 -4.86
C TYR A 57 -10.13 13.21 -6.13
N GLY A 58 -9.43 12.08 -6.11
CA GLY A 58 -9.49 11.17 -7.22
C GLY A 58 -10.53 10.11 -7.00
N LYS A 59 -11.36 9.87 -8.01
CA LYS A 59 -12.46 8.93 -7.89
C LYS A 59 -11.98 7.52 -7.57
N ILE A 60 -12.64 6.90 -6.61
CA ILE A 60 -12.28 5.57 -6.18
C ILE A 60 -13.17 4.53 -6.87
N MET A 61 -12.65 3.33 -7.04
CA MET A 61 -13.42 2.24 -7.62
C MET A 61 -14.39 1.74 -6.57
N THR A 62 -13.93 1.77 -5.31
CA THR A 62 -14.74 1.45 -4.14
C THR A 62 -14.98 -0.07 -4.02
N GLU A 63 -15.08 -0.75 -5.15
CA GLU A 63 -15.30 -2.19 -5.18
C GLU A 63 -14.15 -2.93 -4.48
N TYR A 64 -12.95 -2.78 -5.01
CA TYR A 64 -11.79 -3.42 -4.42
C TYR A 64 -11.22 -2.59 -3.29
N ARG A 65 -11.40 -3.08 -2.07
CA ARG A 65 -10.89 -2.42 -0.88
C ARG A 65 -10.63 -3.46 0.22
N LYS A 66 -9.44 -3.44 0.78
CA LYS A 66 -9.09 -4.37 1.85
C LYS A 66 -7.82 -3.90 2.56
N ASN A 67 -7.63 -4.38 3.77
CA ASN A 67 -6.47 -4.01 4.56
C ASN A 67 -5.74 -5.24 5.08
N VAL A 68 -4.43 -5.25 4.92
CA VAL A 68 -3.61 -6.37 5.39
C VAL A 68 -2.68 -5.89 6.49
N GLY A 69 -2.87 -6.43 7.69
CA GLY A 69 -2.02 -6.05 8.80
C GLY A 69 -0.99 -7.11 9.10
N LEU A 70 0.24 -6.83 8.75
CA LEU A 70 1.34 -7.74 8.99
C LEU A 70 2.35 -7.06 9.90
N ARG A 71 3.01 -6.05 9.35
CA ARG A 71 3.95 -5.22 10.10
C ARG A 71 3.25 -3.93 10.50
N ASN A 72 2.05 -3.75 9.96
CA ASN A 72 1.26 -2.55 10.12
C ASN A 72 -0.01 -2.71 9.33
N ILE A 73 -0.87 -1.71 9.32
CA ILE A 73 -2.14 -1.81 8.61
C ILE A 73 -2.00 -1.20 7.22
N ILE A 74 -1.84 -2.06 6.23
CA ILE A 74 -1.77 -1.60 4.84
C ILE A 74 -3.16 -1.67 4.21
N PHE A 75 -3.66 -0.53 3.79
CA PHE A 75 -4.99 -0.44 3.22
C PHE A 75 -4.89 -0.25 1.71
N SER A 76 -5.35 -1.24 0.96
CA SER A 76 -5.34 -1.18 -0.49
C SER A 76 -6.67 -0.63 -1.02
N ILE A 77 -6.59 0.49 -1.73
CA ILE A 77 -7.78 1.11 -2.29
C ILE A 77 -7.64 1.22 -3.81
N GLN A 78 -8.56 0.61 -4.54
CA GLN A 78 -8.51 0.62 -6.00
C GLN A 78 -9.07 1.93 -6.54
N LYS A 79 -8.39 2.50 -7.53
CA LYS A 79 -8.83 3.74 -8.15
C LYS A 79 -9.94 3.43 -9.17
N GLU A 80 -10.77 4.42 -9.48
CA GLU A 80 -11.85 4.20 -10.43
C GLU A 80 -11.30 3.86 -11.81
N GLU A 81 -10.28 4.59 -12.24
CA GLU A 81 -9.63 4.35 -13.53
C GLU A 81 -8.28 5.06 -13.58
N ARG A 82 -7.65 4.99 -14.75
CA ARG A 82 -6.30 5.54 -14.92
C ARG A 82 -6.36 7.01 -15.35
N SER A 83 -7.24 7.77 -14.72
CA SER A 83 -7.45 9.18 -15.08
C SER A 83 -6.30 10.07 -14.62
N TRP A 84 -5.22 9.43 -14.14
CA TRP A 84 -4.02 10.12 -13.70
C TRP A 84 -4.29 11.05 -12.53
N TRP A 85 -5.20 10.64 -11.65
CA TRP A 85 -5.39 11.37 -10.41
C TRP A 85 -4.26 11.01 -9.46
N THR A 86 -3.20 11.83 -9.53
CA THR A 86 -1.95 11.59 -8.82
C THR A 86 -2.16 11.38 -7.33
N ARG A 87 -3.14 12.06 -6.79
CA ARG A 87 -3.35 12.07 -5.35
C ARG A 87 -4.66 11.40 -5.00
N LEU A 88 -4.96 11.40 -3.71
CA LEU A 88 -6.21 10.84 -3.22
C LEU A 88 -6.87 11.80 -2.24
N LEU A 89 -6.06 12.54 -1.50
CA LEU A 89 -6.56 13.51 -0.55
C LEU A 89 -7.29 14.64 -1.27
N LYS A 90 -8.58 14.74 -1.02
CA LYS A 90 -9.43 15.79 -1.60
C LYS A 90 -8.81 17.16 -1.39
N SER A 91 -8.31 17.40 -0.20
CA SER A 91 -7.66 18.66 0.10
C SER A 91 -6.48 18.47 1.03
N GLU A 92 -5.38 17.94 0.51
CA GLU A 92 -4.15 17.85 1.30
C GLU A 92 -3.39 19.18 1.22
N GLU A 93 -3.98 20.14 0.53
CA GLU A 93 -3.51 21.52 0.57
C GLU A 93 -3.54 22.04 2.01
N LYS A 94 -4.56 21.61 2.73
CA LYS A 94 -4.66 21.84 4.16
C LYS A 94 -4.64 20.48 4.86
N PRO A 95 -3.45 19.91 5.05
CA PRO A 95 -3.31 18.54 5.50
C PRO A 95 -3.23 18.39 7.01
N ALA A 96 -3.36 17.16 7.46
CA ALA A 96 -3.14 16.83 8.86
C ALA A 96 -1.73 16.29 9.04
N PRO A 97 -1.14 16.46 10.22
CA PRO A 97 0.28 16.11 10.48
C PRO A 97 0.58 14.61 10.32
N TYR A 98 -0.44 13.79 10.16
CA TYR A 98 -0.23 12.36 10.00
C TYR A 98 -0.20 11.96 8.52
N ILE A 99 -0.53 12.90 7.64
CA ILE A 99 -0.51 12.61 6.21
C ILE A 99 0.89 12.77 5.67
N LYS A 100 1.40 11.68 5.13
CA LYS A 100 2.78 11.62 4.68
C LYS A 100 2.93 10.57 3.58
N VAL A 101 4.06 10.60 2.88
CA VAL A 101 4.28 9.70 1.77
C VAL A 101 5.02 8.43 2.23
N ASP A 102 4.53 7.29 1.77
CA ASP A 102 5.11 5.99 2.14
C ASP A 102 6.48 5.78 1.50
N TRP A 103 7.52 5.87 2.32
CA TRP A 103 8.88 5.54 1.88
C TRP A 103 9.11 4.04 1.90
N ASN A 104 8.20 3.30 2.52
CA ASN A 104 8.41 1.89 2.81
C ASN A 104 8.30 1.02 1.55
N LYS A 105 7.21 1.18 0.81
CA LYS A 105 6.97 0.40 -0.39
C LYS A 105 6.93 1.29 -1.63
N TRP A 106 7.42 2.51 -1.47
CA TRP A 106 7.43 3.49 -2.55
C TRP A 106 7.94 2.90 -3.86
N CYS A 107 7.19 3.14 -4.92
CA CYS A 107 7.48 2.58 -6.21
C CYS A 107 8.58 3.35 -6.92
N ASP A 108 9.60 2.63 -7.36
CA ASP A 108 10.68 3.22 -8.13
C ASP A 108 10.11 3.84 -9.40
N GLU A 109 10.38 5.12 -9.61
CA GLU A 109 9.88 5.83 -10.78
C GLU A 109 10.68 5.41 -12.01
N ASP A 110 11.88 4.93 -11.76
CA ASP A 110 12.74 4.41 -12.82
C ASP A 110 12.53 2.91 -12.97
N GLU A 111 11.69 2.36 -12.09
CA GLU A 111 11.30 0.95 -12.06
C GLU A 111 12.45 -0.02 -12.37
N GLU A 112 13.63 0.25 -11.81
CA GLU A 112 14.74 -0.68 -11.95
C GLU A 112 14.64 -1.77 -10.90
N VAL A 113 13.98 -2.85 -11.29
CA VAL A 113 13.88 -4.04 -10.46
C VAL A 113 14.25 -5.28 -11.28
N ASN A 114 14.93 -5.03 -12.39
CA ASN A 114 15.24 -6.09 -13.33
C ASN A 114 16.69 -6.53 -13.15
N SER A 115 17.33 -5.94 -12.16
CA SER A 115 18.69 -6.31 -11.81
C SER A 115 18.73 -7.74 -11.27
N GLU A 116 17.61 -8.19 -10.73
CA GLU A 116 17.47 -9.57 -10.27
C GLU A 116 16.86 -10.43 -11.37
N THR A 117 16.16 -9.78 -12.30
CA THR A 117 15.38 -10.46 -13.34
C THR A 117 14.32 -11.35 -12.69
N ALA A 118 13.16 -10.75 -12.43
CA ALA A 118 12.09 -11.42 -11.69
C ALA A 118 11.61 -12.69 -12.39
N SER A 119 12.00 -13.83 -11.84
CA SER A 119 11.58 -15.13 -12.34
C SER A 119 10.95 -15.92 -11.20
N ASP A 120 9.66 -15.70 -10.98
CA ASP A 120 8.96 -16.31 -9.84
C ASP A 120 8.20 -17.56 -10.28
N ASP A 121 8.14 -17.76 -11.58
CA ASP A 121 7.44 -18.90 -12.15
C ASP A 121 8.38 -19.77 -12.96
N GLU A 122 8.12 -21.07 -12.98
CA GLU A 122 8.97 -22.00 -13.69
C GLU A 122 8.15 -22.94 -14.57
N SER A 123 6.83 -22.80 -14.49
CA SER A 123 5.91 -23.58 -15.31
C SER A 123 6.01 -25.08 -15.04
N ALA A 124 6.27 -25.45 -13.79
CA ALA A 124 6.38 -26.86 -13.42
C ALA A 124 5.01 -27.46 -13.10
N PHE A 125 4.31 -27.90 -14.14
CA PHE A 125 3.02 -28.55 -13.96
C PHE A 125 3.11 -30.03 -14.33
N VAL A 126 2.16 -30.83 -13.88
CA VAL A 126 2.16 -32.26 -14.15
C VAL A 126 0.80 -32.69 -14.70
N ASN A 127 0.82 -33.50 -15.76
CA ASN A 127 -0.41 -33.99 -16.35
C ASN A 127 -0.24 -35.42 -16.86
N GLN A 128 -1.36 -36.08 -17.09
CA GLN A 128 -1.38 -37.45 -17.62
C GLN A 128 -2.65 -37.64 -18.43
N ASP A 129 -2.49 -37.91 -19.72
CA ASP A 129 -3.62 -38.00 -20.63
C ASP A 129 -4.37 -39.32 -20.49
N SER A 130 -3.67 -40.41 -20.21
CA SER A 130 -4.32 -41.71 -20.09
C SER A 130 -3.43 -42.71 -19.37
N GLU A 131 -4.05 -43.72 -18.78
CA GLU A 131 -3.32 -44.77 -18.09
C GLU A 131 -3.99 -46.14 -18.31
N SER A 132 -3.39 -46.92 -19.19
CA SER A 132 -3.83 -48.29 -19.43
C SER A 132 -2.64 -49.10 -19.91
N SER A 133 -2.58 -50.38 -19.58
CA SER A 133 -1.43 -51.18 -19.93
C SER A 133 -1.80 -52.61 -20.32
N ASP A 134 -2.37 -53.36 -19.40
CA ASP A 134 -2.50 -54.81 -19.61
C ASP A 134 -3.93 -55.30 -19.37
N ASP A 135 -4.25 -56.42 -19.99
CA ASP A 135 -5.51 -57.12 -19.73
C ASP A 135 -5.21 -58.48 -19.12
N ASP A 136 -5.78 -58.76 -17.97
CA ASP A 136 -5.57 -60.04 -17.31
C ASP A 136 -6.76 -60.95 -17.60
N GLY A 137 -6.87 -61.33 -18.86
CA GLY A 137 -8.02 -62.10 -19.30
C GLY A 137 -7.73 -63.59 -19.38
N LEU A 138 -7.52 -64.19 -18.23
CA LEU A 138 -7.38 -65.64 -18.13
C LEU A 138 -8.36 -66.17 -17.09
N LEU A 139 -9.50 -65.49 -16.99
CA LEU A 139 -10.50 -65.79 -15.98
C LEU A 139 -11.55 -66.74 -16.52
N TYR A 140 -12.36 -67.27 -15.60
CA TYR A 140 -13.47 -68.16 -15.94
C TYR A 140 -12.99 -69.43 -16.62
N LEU A 141 -11.75 -69.83 -16.29
CA LEU A 141 -11.16 -71.07 -16.79
C LEU A 141 -10.84 -70.99 -18.29
N PRO A 142 -10.01 -71.91 -18.81
CA PRO A 142 -9.72 -71.99 -20.24
C PRO A 142 -10.94 -72.45 -21.04
N ASP A 143 -10.84 -72.38 -22.36
CA ASP A 143 -11.93 -72.79 -23.24
C ASP A 143 -12.32 -74.24 -22.99
N LEU A 144 -11.32 -75.07 -22.77
CA LEU A 144 -11.55 -76.46 -22.39
C LEU A 144 -10.36 -76.97 -21.61
N GLU A 145 -10.62 -77.59 -20.46
CA GLU A 145 -9.57 -78.20 -19.67
C GLU A 145 -9.41 -79.66 -20.11
N LYS A 146 -10.12 -80.01 -21.17
CA LYS A 146 -10.12 -81.37 -21.67
C LYS A 146 -8.84 -81.64 -22.47
N ALA A 147 -7.87 -82.27 -21.81
CA ALA A 147 -6.61 -82.58 -22.43
C ALA A 147 -6.43 -84.09 -22.51
N ARG A 148 -5.65 -84.56 -23.46
CA ARG A 148 -5.38 -85.97 -23.59
C ARG A 148 -4.12 -86.31 -22.81
N ASN A 149 -4.31 -86.68 -21.55
CA ASN A 149 -3.21 -86.87 -20.62
C ASN A 149 -2.80 -88.33 -20.49
N LYS A 150 -1.71 -88.55 -19.79
CA LYS A 150 -1.21 -89.88 -19.47
C LYS A 150 -0.80 -89.93 -18.01
N SER A 1 -12.49 10.31 22.80
CA SER A 1 -11.31 11.05 22.33
C SER A 1 -10.99 10.68 20.89
N SER A 2 -10.73 11.68 20.06
CA SER A 2 -10.36 11.43 18.68
C SER A 2 -8.85 11.28 18.55
N ARG A 3 -8.40 10.04 18.52
CA ARG A 3 -6.96 9.76 18.39
C ARG A 3 -6.63 9.36 16.97
N ASN A 4 -5.33 9.30 16.68
CA ASN A 4 -4.85 8.91 15.36
C ASN A 4 -3.39 8.51 15.41
N PRO A 5 -3.05 7.38 14.76
CA PRO A 5 -1.66 6.98 14.55
C PRO A 5 -1.11 7.58 13.26
N GLU A 6 0.04 7.12 12.82
CA GLU A 6 0.66 7.68 11.63
C GLU A 6 0.23 6.91 10.39
N VAL A 7 -0.20 7.65 9.38
CA VAL A 7 -0.72 7.07 8.15
C VAL A 7 0.20 7.41 6.97
N LEU A 8 0.65 6.38 6.28
CA LEU A 8 1.54 6.55 5.14
C LEU A 8 0.79 6.14 3.88
N TRP A 9 1.11 6.74 2.74
CA TRP A 9 0.50 6.32 1.49
C TRP A 9 1.51 6.24 0.37
N ALA A 10 1.15 5.46 -0.64
CA ALA A 10 1.96 5.29 -1.84
C ALA A 10 1.05 5.00 -3.02
N GLN A 11 1.34 5.59 -4.17
CA GLN A 11 0.44 5.50 -5.31
C GLN A 11 1.05 4.65 -6.42
N ARG A 12 0.24 3.74 -6.96
CA ARG A 12 0.63 2.95 -8.12
C ARG A 12 -0.30 3.31 -9.29
N SER A 13 -0.20 2.54 -10.37
CA SER A 13 -1.01 2.82 -11.56
C SER A 13 -2.36 2.10 -11.49
N ASP A 14 -2.40 0.99 -10.74
CA ASP A 14 -3.60 0.16 -10.69
C ASP A 14 -4.35 0.33 -9.37
N LYS A 15 -3.61 0.58 -8.30
CA LYS A 15 -4.22 0.69 -6.98
C LYS A 15 -3.39 1.60 -6.09
N VAL A 16 -4.02 2.10 -5.04
CA VAL A 16 -3.36 2.97 -4.08
C VAL A 16 -3.04 2.19 -2.80
N TYR A 17 -1.86 2.41 -2.26
CA TYR A 17 -1.44 1.75 -1.03
C TYR A 17 -1.59 2.68 0.15
N LEU A 18 -2.34 2.24 1.14
CA LEU A 18 -2.51 2.99 2.36
C LEU A 18 -1.92 2.19 3.52
N THR A 19 -0.83 2.69 4.07
CA THR A 19 -0.14 2.01 5.15
C THR A 19 -0.40 2.70 6.47
N VAL A 20 -1.28 2.16 7.28
CA VAL A 20 -1.56 2.73 8.57
C VAL A 20 -0.69 2.07 9.64
N ALA A 21 0.16 2.87 10.27
CA ALA A 21 1.07 2.36 11.28
C ALA A 21 0.34 2.20 12.61
N LEU A 22 -0.12 0.99 12.86
CA LEU A 22 -0.82 0.67 14.09
C LEU A 22 -0.47 -0.75 14.51
N PRO A 23 0.29 -0.89 15.61
CA PRO A 23 0.75 -2.20 16.08
C PRO A 23 -0.40 -3.12 16.49
N ASP A 24 -1.45 -2.55 17.04
CA ASP A 24 -2.59 -3.32 17.48
C ASP A 24 -3.90 -2.60 17.17
N ALA A 25 -4.67 -3.17 16.27
CA ALA A 25 -5.91 -2.56 15.80
C ALA A 25 -7.11 -3.36 16.26
N LYS A 26 -8.28 -2.71 16.23
CA LYS A 26 -9.52 -3.33 16.65
C LYS A 26 -10.69 -2.88 15.81
N ASP A 27 -11.25 -3.83 15.05
CA ASP A 27 -12.46 -3.61 14.26
C ASP A 27 -12.39 -2.31 13.46
N ILE A 28 -11.37 -2.19 12.62
CA ILE A 28 -11.23 -1.02 11.77
C ILE A 28 -12.39 -0.94 10.79
N SER A 29 -13.29 0.00 11.02
CA SER A 29 -14.45 0.16 10.16
C SER A 29 -14.25 1.36 9.24
N VAL A 30 -14.14 1.09 7.95
CA VAL A 30 -13.90 2.16 7.00
C VAL A 30 -15.15 2.39 6.16
N LYS A 31 -15.73 3.57 6.31
CA LYS A 31 -16.85 3.97 5.50
C LYS A 31 -16.35 4.94 4.45
N CYS A 32 -16.27 4.48 3.21
CA CYS A 32 -15.66 5.24 2.12
C CYS A 32 -16.60 5.39 0.92
N GLU A 33 -16.67 6.60 0.35
CA GLU A 33 -17.36 6.79 -0.93
C GLU A 33 -16.31 6.70 -2.01
N PRO A 34 -16.72 6.44 -3.26
CA PRO A 34 -15.81 6.47 -4.42
C PRO A 34 -15.21 7.86 -4.65
N GLN A 35 -15.42 8.73 -3.66
CA GLN A 35 -14.99 10.11 -3.70
C GLN A 35 -14.71 10.64 -2.29
N GLY A 36 -14.63 9.73 -1.31
CA GLY A 36 -14.29 10.14 0.05
C GLY A 36 -15.37 9.82 1.05
N LEU A 37 -14.97 9.25 2.17
CA LEU A 37 -15.85 9.09 3.33
C LEU A 37 -15.02 8.93 4.61
N PHE A 38 -15.70 8.77 5.75
CA PHE A 38 -15.04 8.83 7.05
C PHE A 38 -14.87 7.45 7.64
N SER A 39 -13.86 7.31 8.46
CA SER A 39 -13.42 6.01 8.93
C SER A 39 -13.30 5.99 10.46
N PHE A 40 -13.74 4.89 11.05
CA PHE A 40 -13.72 4.74 12.51
C PHE A 40 -13.03 3.44 12.90
N SER A 41 -12.00 3.55 13.72
CA SER A 41 -11.28 2.38 14.19
C SER A 41 -11.10 2.42 15.70
N ALA A 42 -10.90 1.26 16.30
CA ALA A 42 -10.57 1.21 17.70
C ALA A 42 -9.10 0.83 17.87
N LEU A 43 -8.46 1.40 18.86
CA LEU A 43 -7.08 1.08 19.15
C LEU A 43 -7.04 0.04 20.27
N GLY A 44 -6.54 -1.13 19.95
CA GLY A 44 -6.62 -2.26 20.86
C GLY A 44 -5.84 -2.04 22.16
N ALA A 45 -4.57 -1.70 22.02
CA ALA A 45 -3.65 -1.61 23.15
C ALA A 45 -4.19 -0.73 24.28
N GLN A 46 -4.77 0.41 23.94
CA GLN A 46 -5.22 1.36 24.94
C GLN A 46 -6.73 1.29 25.16
N GLY A 47 -7.43 0.59 24.27
CA GLY A 47 -8.88 0.66 24.26
C GLY A 47 -9.33 2.04 23.84
N GLU A 48 -8.47 2.69 23.06
CA GLU A 48 -8.66 4.07 22.65
C GLU A 48 -9.40 4.11 21.32
N ARG A 49 -9.97 5.25 20.98
CA ARG A 49 -10.71 5.38 19.74
C ARG A 49 -9.93 6.19 18.70
N PHE A 50 -9.90 5.66 17.48
CA PHE A 50 -9.26 6.34 16.37
C PHE A 50 -10.31 6.71 15.33
N GLU A 51 -10.23 7.90 14.80
CA GLU A 51 -11.19 8.36 13.82
C GLU A 51 -10.58 9.40 12.90
N PHE A 52 -10.91 9.29 11.63
CA PHE A 52 -10.43 10.23 10.63
C PHE A 52 -11.33 10.17 9.41
N SER A 53 -11.08 11.03 8.44
CA SER A 53 -11.91 11.07 7.25
C SER A 53 -11.05 11.25 6.01
N LEU A 54 -11.24 10.39 5.03
CA LEU A 54 -10.50 10.49 3.78
C LEU A 54 -11.35 11.12 2.71
N GLU A 55 -11.19 12.42 2.53
CA GLU A 55 -11.82 13.13 1.43
C GLU A 55 -11.02 12.86 0.17
N LEU A 56 -11.66 12.33 -0.85
CA LEU A 56 -10.94 11.82 -2.00
C LEU A 56 -11.30 12.57 -3.28
N TYR A 57 -10.29 13.19 -3.88
CA TYR A 57 -10.49 13.97 -5.10
C TYR A 57 -10.58 13.06 -6.33
N GLY A 58 -10.03 11.86 -6.20
CA GLY A 58 -9.97 10.95 -7.32
C GLY A 58 -11.12 9.97 -7.36
N LYS A 59 -11.17 9.15 -8.40
CA LYS A 59 -12.22 8.16 -8.54
C LYS A 59 -11.72 6.77 -8.14
N ILE A 60 -12.13 6.31 -6.98
CA ILE A 60 -11.69 5.04 -6.45
C ILE A 60 -12.86 4.08 -6.26
N MET A 61 -12.56 2.78 -6.35
CA MET A 61 -13.57 1.75 -6.17
C MET A 61 -13.56 1.26 -4.72
N THR A 62 -14.47 1.79 -3.92
CA THR A 62 -14.50 1.50 -2.49
C THR A 62 -15.28 0.22 -2.18
N GLU A 63 -15.64 -0.53 -3.21
CA GLU A 63 -16.39 -1.77 -3.03
C GLU A 63 -15.47 -2.89 -2.57
N TYR A 64 -14.68 -3.43 -3.50
CA TYR A 64 -13.75 -4.49 -3.16
C TYR A 64 -12.41 -3.89 -2.75
N ARG A 65 -12.03 -4.18 -1.51
CA ARG A 65 -10.84 -3.60 -0.91
C ARG A 65 -10.01 -4.68 -0.24
N LYS A 66 -8.78 -4.37 0.11
CA LYS A 66 -7.92 -5.34 0.76
C LYS A 66 -7.18 -4.76 1.95
N ASN A 67 -7.11 -5.55 3.00
CA ASN A 67 -6.41 -5.16 4.22
C ASN A 67 -5.51 -6.30 4.70
N VAL A 68 -4.22 -6.13 4.49
CA VAL A 68 -3.24 -7.13 4.91
C VAL A 68 -2.34 -6.56 5.99
N GLY A 69 -2.19 -7.27 7.10
CA GLY A 69 -1.39 -6.75 8.19
C GLY A 69 -0.20 -7.63 8.52
N LEU A 70 0.84 -6.99 9.04
CA LEU A 70 2.05 -7.67 9.49
C LEU A 70 2.71 -6.84 10.57
N ARG A 71 3.34 -5.75 10.17
CA ARG A 71 3.90 -4.77 11.09
C ARG A 71 3.01 -3.53 11.07
N ASN A 72 1.99 -3.59 10.23
CA ASN A 72 1.10 -2.48 9.98
C ASN A 72 -0.10 -2.99 9.20
N ILE A 73 -1.05 -2.12 8.92
CA ILE A 73 -2.21 -2.52 8.15
C ILE A 73 -2.15 -1.91 6.76
N ILE A 74 -1.94 -2.75 5.76
CA ILE A 74 -1.90 -2.31 4.38
C ILE A 74 -3.31 -2.33 3.79
N PHE A 75 -3.77 -1.17 3.38
CA PHE A 75 -5.08 -1.02 2.80
C PHE A 75 -4.94 -0.73 1.30
N SER A 76 -5.39 -1.66 0.48
CA SER A 76 -5.28 -1.52 -0.95
C SER A 76 -6.60 -1.07 -1.56
N ILE A 77 -6.56 0.06 -2.28
CA ILE A 77 -7.75 0.59 -2.94
C ILE A 77 -7.55 0.59 -4.44
N GLN A 78 -8.35 -0.19 -5.15
CA GLN A 78 -8.31 -0.22 -6.59
C GLN A 78 -8.99 1.02 -7.16
N LYS A 79 -8.41 1.58 -8.20
CA LYS A 79 -9.00 2.74 -8.87
C LYS A 79 -10.25 2.35 -9.65
N GLU A 80 -11.20 3.27 -9.73
CA GLU A 80 -12.36 3.09 -10.60
C GLU A 80 -12.01 3.67 -11.97
N GLU A 81 -11.30 4.79 -11.92
CA GLU A 81 -10.80 5.43 -13.12
C GLU A 81 -9.30 5.62 -13.00
N ARG A 82 -8.59 5.53 -14.11
CA ARG A 82 -7.14 5.58 -14.09
C ARG A 82 -6.62 7.00 -14.30
N SER A 83 -7.53 7.94 -14.54
CA SER A 83 -7.15 9.35 -14.60
C SER A 83 -6.76 9.85 -13.21
N TRP A 84 -5.46 9.89 -12.94
CA TRP A 84 -4.98 10.29 -11.64
C TRP A 84 -4.44 11.71 -11.64
N TRP A 85 -4.64 12.41 -10.55
CA TRP A 85 -4.12 13.75 -10.35
C TRP A 85 -3.00 13.75 -9.34
N THR A 86 -2.46 14.94 -9.07
CA THR A 86 -1.41 15.10 -8.08
C THR A 86 -2.03 15.22 -6.68
N ARG A 87 -3.35 15.23 -6.62
CA ARG A 87 -4.07 15.28 -5.37
C ARG A 87 -5.19 14.25 -5.38
N LEU A 88 -5.02 13.18 -4.61
CA LEU A 88 -6.10 12.23 -4.44
C LEU A 88 -6.87 12.56 -3.17
N LEU A 89 -6.30 13.48 -2.39
CA LEU A 89 -6.90 13.92 -1.15
C LEU A 89 -7.59 15.26 -1.38
N LYS A 90 -8.91 15.27 -1.23
CA LYS A 90 -9.71 16.47 -1.45
C LYS A 90 -9.38 17.55 -0.40
N SER A 91 -8.69 17.15 0.66
CA SER A 91 -8.18 18.10 1.64
C SER A 91 -6.97 18.84 1.05
N GLU A 92 -7.24 19.61 0.00
CA GLU A 92 -6.20 20.28 -0.78
C GLU A 92 -5.55 21.44 -0.02
N GLU A 93 -6.16 21.83 1.09
CA GLU A 93 -5.65 22.96 1.86
C GLU A 93 -4.34 22.60 2.56
N LYS A 94 -4.32 21.44 3.19
CA LYS A 94 -3.17 21.00 3.99
C LYS A 94 -3.23 19.50 4.20
N PRO A 95 -2.07 18.84 4.21
CA PRO A 95 -1.99 17.43 4.58
C PRO A 95 -2.10 17.26 6.09
N ALA A 96 -2.90 16.30 6.52
CA ALA A 96 -3.05 16.02 7.94
C ALA A 96 -1.71 15.62 8.54
N PRO A 97 -1.40 16.10 9.76
CA PRO A 97 -0.09 15.90 10.40
C PRO A 97 0.30 14.43 10.51
N TYR A 98 -0.68 13.55 10.57
CA TYR A 98 -0.42 12.13 10.71
C TYR A 98 -0.10 11.48 9.37
N ILE A 99 -0.24 12.24 8.28
CA ILE A 99 -0.01 11.70 6.95
C ILE A 99 1.41 11.91 6.50
N LYS A 100 2.04 10.80 6.17
CA LYS A 100 3.37 10.78 5.60
C LYS A 100 3.35 9.89 4.35
N VAL A 101 4.48 9.73 3.71
CA VAL A 101 4.57 8.85 2.54
C VAL A 101 5.26 7.55 2.90
N ASP A 102 4.67 6.42 2.54
CA ASP A 102 5.31 5.14 2.79
C ASP A 102 6.40 4.91 1.75
N TRP A 103 7.64 5.12 2.17
CA TRP A 103 8.77 5.08 1.27
C TRP A 103 9.18 3.64 0.94
N ASN A 104 8.46 2.68 1.50
CA ASN A 104 8.74 1.27 1.26
C ASN A 104 7.89 0.75 0.11
N LYS A 105 6.60 1.07 0.15
CA LYS A 105 5.67 0.64 -0.88
C LYS A 105 5.81 1.53 -2.11
N TRP A 106 6.25 2.77 -1.89
CA TRP A 106 6.62 3.65 -2.97
C TRP A 106 7.68 3.01 -3.86
N CYS A 107 7.45 3.03 -5.16
CA CYS A 107 8.40 2.46 -6.10
C CYS A 107 8.13 2.98 -7.51
N ASP A 108 7.14 2.41 -8.16
CA ASP A 108 6.85 2.75 -9.54
C ASP A 108 5.55 3.52 -9.63
N GLU A 109 5.67 4.81 -9.88
CA GLU A 109 4.49 5.66 -10.01
C GLU A 109 4.00 5.67 -11.46
N ASP A 110 3.07 4.75 -11.74
CA ASP A 110 2.45 4.62 -13.06
C ASP A 110 3.47 4.15 -14.10
N GLU A 111 4.57 3.57 -13.65
CA GLU A 111 5.54 3.01 -14.58
C GLU A 111 5.08 1.64 -15.04
N GLU A 112 5.44 1.28 -16.27
CA GLU A 112 5.04 0.01 -16.85
C GLU A 112 5.84 -1.15 -16.23
N VAL A 113 5.42 -1.57 -15.05
CA VAL A 113 6.03 -2.70 -14.36
C VAL A 113 5.03 -3.83 -14.21
N ASN A 114 3.87 -3.66 -14.84
CA ASN A 114 2.80 -4.64 -14.76
C ASN A 114 3.12 -5.85 -15.62
N SER A 115 3.66 -5.62 -16.81
CA SER A 115 4.05 -6.72 -17.69
C SER A 115 2.86 -7.65 -17.97
N GLU A 116 1.66 -7.06 -17.95
CA GLU A 116 0.42 -7.78 -18.25
C GLU A 116 -0.01 -8.69 -17.10
N THR A 117 0.51 -8.45 -15.90
CA THR A 117 0.09 -9.22 -14.74
C THR A 117 -1.23 -8.68 -14.19
N ALA A 118 -1.47 -7.39 -14.40
CA ALA A 118 -2.66 -6.74 -13.89
C ALA A 118 -3.88 -7.06 -14.75
N SER A 119 -4.52 -8.17 -14.44
CA SER A 119 -5.75 -8.56 -15.11
C SER A 119 -6.67 -9.30 -14.14
N ASP A 120 -7.82 -8.71 -13.88
CA ASP A 120 -8.76 -9.28 -12.92
C ASP A 120 -9.65 -10.33 -13.61
N ASP A 121 -10.74 -10.70 -12.98
CA ASP A 121 -11.63 -11.72 -13.51
C ASP A 121 -12.92 -11.09 -14.03
N GLU A 122 -13.40 -11.60 -15.15
CA GLU A 122 -14.58 -11.03 -15.77
C GLU A 122 -15.81 -11.81 -15.34
N SER A 123 -16.78 -11.13 -14.78
CA SER A 123 -17.99 -11.78 -14.32
C SER A 123 -18.97 -11.97 -15.48
N ALA A 124 -18.64 -12.91 -16.36
CA ALA A 124 -19.54 -13.27 -17.45
C ALA A 124 -20.89 -13.71 -16.90
N PHE A 125 -21.95 -13.12 -17.43
CA PHE A 125 -23.29 -13.34 -16.90
C PHE A 125 -24.04 -14.41 -17.69
N VAL A 126 -24.75 -15.27 -16.97
CA VAL A 126 -25.55 -16.32 -17.58
C VAL A 126 -27.01 -15.89 -17.62
N ASN A 127 -27.63 -16.00 -18.78
CA ASN A 127 -29.01 -15.56 -18.96
C ASN A 127 -30.00 -16.67 -18.65
N GLN A 128 -31.13 -16.29 -18.07
CA GLN A 128 -32.21 -17.22 -17.78
C GLN A 128 -33.49 -16.69 -18.41
N ASP A 129 -34.27 -17.57 -19.04
CA ASP A 129 -35.38 -17.13 -19.87
C ASP A 129 -36.35 -18.26 -20.13
N SER A 130 -37.26 -18.45 -19.19
CA SER A 130 -38.32 -19.42 -19.32
C SER A 130 -39.66 -18.69 -19.34
N GLU A 131 -40.54 -19.06 -20.26
CA GLU A 131 -41.76 -18.29 -20.50
C GLU A 131 -42.97 -19.18 -20.79
N SER A 132 -44.14 -18.61 -20.51
CA SER A 132 -45.43 -19.15 -20.94
C SER A 132 -45.78 -20.51 -20.34
N SER A 133 -46.61 -20.49 -19.30
CA SER A 133 -47.22 -21.70 -18.79
C SER A 133 -48.65 -21.79 -19.31
N ASP A 134 -48.87 -22.69 -20.27
CA ASP A 134 -50.17 -22.78 -20.94
C ASP A 134 -50.99 -23.92 -20.33
N ASP A 135 -52.26 -24.03 -20.75
CA ASP A 135 -53.16 -25.05 -20.20
C ASP A 135 -54.12 -25.54 -21.28
N ASP A 136 -54.73 -26.68 -21.03
CA ASP A 136 -55.67 -27.29 -21.97
C ASP A 136 -56.47 -28.37 -21.25
N GLY A 137 -57.74 -28.09 -21.03
CA GLY A 137 -58.60 -29.05 -20.36
C GLY A 137 -60.05 -28.62 -20.37
N LEU A 138 -60.82 -29.17 -21.28
CA LEU A 138 -62.24 -28.86 -21.37
C LEU A 138 -63.08 -30.13 -21.28
N LEU A 139 -64.19 -30.03 -20.56
CA LEU A 139 -65.08 -31.17 -20.37
C LEU A 139 -66.53 -30.79 -20.63
N TYR A 140 -67.14 -31.43 -21.61
CA TYR A 140 -68.55 -31.24 -21.88
C TYR A 140 -69.30 -32.56 -21.72
N LEU A 141 -69.91 -32.73 -20.56
CA LEU A 141 -70.68 -33.93 -20.28
C LEU A 141 -72.13 -33.56 -19.98
N PRO A 142 -73.06 -34.06 -20.79
CA PRO A 142 -74.49 -33.83 -20.60
C PRO A 142 -75.03 -34.57 -19.38
N ASP A 143 -75.02 -33.90 -18.24
CA ASP A 143 -75.51 -34.51 -17.02
C ASP A 143 -76.89 -33.94 -16.69
N LEU A 144 -77.85 -34.37 -17.47
CA LEU A 144 -79.24 -33.98 -17.25
C LEU A 144 -80.00 -35.14 -16.62
N GLU A 145 -80.81 -34.84 -15.61
CA GLU A 145 -81.67 -35.84 -15.01
C GLU A 145 -82.83 -36.18 -15.94
N LYS A 146 -82.52 -36.88 -17.02
CA LYS A 146 -83.54 -37.25 -17.99
C LYS A 146 -84.25 -38.51 -17.53
N ALA A 147 -85.21 -38.32 -16.64
CA ALA A 147 -85.96 -39.43 -16.08
C ALA A 147 -87.15 -39.78 -16.95
N ARG A 148 -87.66 -41.00 -16.80
CA ARG A 148 -88.84 -41.43 -17.52
C ARG A 148 -89.96 -41.79 -16.55
N ASN A 149 -89.71 -41.51 -15.26
CA ASN A 149 -90.72 -41.61 -14.20
C ASN A 149 -91.13 -43.07 -13.94
N LYS A 150 -90.62 -43.61 -12.83
CA LYS A 150 -91.00 -44.92 -12.35
C LYS A 150 -91.07 -44.91 -10.83
N SER A 1 -8.14 9.47 23.62
CA SER A 1 -8.98 8.98 22.51
C SER A 1 -8.62 9.73 21.23
N SER A 2 -9.42 9.54 20.18
CA SER A 2 -9.20 10.20 18.89
C SER A 2 -7.80 9.89 18.37
N ARG A 3 -7.47 8.60 18.32
CA ARG A 3 -6.11 8.20 18.00
C ARG A 3 -5.81 8.43 16.53
N ASN A 4 -4.73 9.17 16.27
CA ASN A 4 -4.29 9.48 14.92
C ASN A 4 -2.75 9.53 14.84
N PRO A 5 -2.12 8.37 14.67
CA PRO A 5 -0.68 8.29 14.37
C PRO A 5 -0.41 8.65 12.91
N GLU A 6 0.81 8.44 12.45
CA GLU A 6 1.16 8.85 11.09
C GLU A 6 0.69 7.82 10.08
N VAL A 7 0.23 8.32 8.95
CA VAL A 7 -0.34 7.51 7.89
C VAL A 7 0.37 7.81 6.57
N LEU A 8 0.95 6.78 5.97
CA LEU A 8 1.69 6.96 4.73
C LEU A 8 0.87 6.43 3.56
N TRP A 9 0.99 7.07 2.40
CA TRP A 9 0.35 6.56 1.19
C TRP A 9 1.39 6.24 0.14
N ALA A 10 1.08 5.24 -0.65
CA ALA A 10 1.92 4.82 -1.75
C ALA A 10 1.06 4.43 -2.94
N GLN A 11 1.23 5.11 -4.07
CA GLN A 11 0.38 4.87 -5.22
C GLN A 11 1.07 3.94 -6.20
N ARG A 12 0.29 3.07 -6.84
CA ARG A 12 0.81 2.20 -7.87
C ARG A 12 -0.11 2.28 -9.08
N SER A 13 0.07 1.37 -10.02
CA SER A 13 -0.69 1.39 -11.26
C SER A 13 -2.19 1.27 -11.02
N ASP A 14 -2.64 0.09 -10.59
CA ASP A 14 -4.07 -0.18 -10.44
C ASP A 14 -4.51 -0.01 -8.98
N LYS A 15 -3.58 -0.14 -8.05
CA LYS A 15 -3.94 -0.17 -6.64
C LYS A 15 -3.11 0.83 -5.84
N VAL A 16 -3.65 1.26 -4.70
CA VAL A 16 -2.95 2.16 -3.82
C VAL A 16 -2.77 1.52 -2.43
N TYR A 17 -1.63 1.78 -1.81
CA TYR A 17 -1.35 1.27 -0.48
C TYR A 17 -1.47 2.38 0.56
N LEU A 18 -2.11 2.05 1.67
CA LEU A 18 -2.19 2.96 2.80
C LEU A 18 -1.54 2.34 4.02
N THR A 19 -0.40 2.90 4.43
CA THR A 19 0.34 2.39 5.56
C THR A 19 -0.02 3.17 6.83
N VAL A 20 -0.83 2.54 7.67
CA VAL A 20 -1.26 3.17 8.91
C VAL A 20 -0.47 2.60 10.08
N ALA A 21 0.09 3.48 10.91
CA ALA A 21 0.85 3.04 12.08
C ALA A 21 -0.13 2.63 13.18
N LEU A 22 -0.38 1.33 13.24
CA LEU A 22 -1.36 0.79 14.17
C LEU A 22 -0.95 -0.62 14.59
N PRO A 23 -0.62 -0.80 15.88
CA PRO A 23 -0.21 -2.09 16.41
C PRO A 23 -1.36 -3.09 16.51
N ASP A 24 -2.33 -2.80 17.37
CA ASP A 24 -3.42 -3.74 17.65
C ASP A 24 -4.77 -3.14 17.30
N ALA A 25 -5.31 -3.56 16.17
CA ALA A 25 -6.58 -3.05 15.68
C ALA A 25 -7.70 -4.06 15.89
N LYS A 26 -8.92 -3.56 16.05
CA LYS A 26 -10.09 -4.40 16.30
C LYS A 26 -11.32 -3.77 15.68
N ASP A 27 -12.16 -4.62 15.06
CA ASP A 27 -13.44 -4.18 14.48
C ASP A 27 -13.26 -2.98 13.55
N ILE A 28 -12.24 -3.06 12.70
CA ILE A 28 -11.95 -1.99 11.78
C ILE A 28 -13.08 -1.81 10.78
N SER A 29 -13.74 -0.66 10.84
CA SER A 29 -14.78 -0.32 9.89
C SER A 29 -14.35 0.87 9.04
N VAL A 30 -14.15 0.64 7.76
CA VAL A 30 -13.68 1.69 6.87
C VAL A 30 -14.78 2.09 5.89
N LYS A 31 -15.21 3.34 5.99
CA LYS A 31 -16.20 3.87 5.07
C LYS A 31 -15.56 4.91 4.18
N CYS A 32 -15.34 4.56 2.93
CA CYS A 32 -14.79 5.49 1.95
C CYS A 32 -15.69 5.59 0.73
N GLU A 33 -15.91 6.80 0.22
CA GLU A 33 -16.61 6.99 -1.04
C GLU A 33 -15.60 6.99 -2.17
N PRO A 34 -16.03 6.84 -3.42
CA PRO A 34 -15.15 6.97 -4.60
C PRO A 34 -14.56 8.39 -4.72
N GLN A 35 -14.72 9.15 -3.65
CA GLN A 35 -14.30 10.55 -3.60
C GLN A 35 -14.05 10.98 -2.15
N GLY A 36 -14.01 10.02 -1.21
CA GLY A 36 -13.69 10.36 0.15
C GLY A 36 -14.77 9.97 1.14
N LEU A 37 -14.37 9.31 2.22
CA LEU A 37 -15.24 9.07 3.37
C LEU A 37 -14.40 8.80 4.63
N PHE A 38 -15.07 8.56 5.76
CA PHE A 38 -14.39 8.49 7.05
C PHE A 38 -14.28 7.07 7.54
N SER A 39 -13.23 6.83 8.29
CA SER A 39 -12.87 5.49 8.71
C SER A 39 -12.74 5.42 10.24
N PHE A 40 -13.26 4.34 10.82
CA PHE A 40 -13.26 4.19 12.27
C PHE A 40 -12.74 2.81 12.68
N SER A 41 -11.77 2.80 13.59
CA SER A 41 -11.23 1.55 14.11
C SER A 41 -11.20 1.57 15.63
N ALA A 42 -11.28 0.39 16.25
CA ALA A 42 -11.14 0.29 17.69
C ALA A 42 -9.79 -0.30 18.04
N LEU A 43 -9.07 0.34 18.94
CA LEU A 43 -7.74 -0.14 19.32
C LEU A 43 -7.82 -0.90 20.63
N GLY A 44 -7.39 -2.15 20.61
CA GLY A 44 -7.50 -3.00 21.78
C GLY A 44 -6.38 -2.76 22.76
N ALA A 45 -5.18 -2.57 22.23
CA ALA A 45 -3.99 -2.32 23.05
C ALA A 45 -4.19 -1.11 23.95
N GLN A 46 -4.72 -0.04 23.39
CA GLN A 46 -4.91 1.20 24.13
C GLN A 46 -6.28 1.26 24.78
N GLY A 47 -7.21 0.46 24.26
CA GLY A 47 -8.60 0.57 24.70
C GLY A 47 -9.22 1.86 24.18
N GLU A 48 -8.63 2.37 23.10
CA GLU A 48 -9.00 3.66 22.57
C GLU A 48 -9.55 3.53 21.17
N ARG A 49 -10.20 4.57 20.72
CA ARG A 49 -10.78 4.58 19.39
C ARG A 49 -9.85 5.29 18.41
N PHE A 50 -9.67 4.67 17.26
CA PHE A 50 -8.89 5.26 16.18
C PHE A 50 -9.88 5.85 15.18
N GLU A 51 -9.62 7.04 14.69
CA GLU A 51 -10.58 7.66 13.77
C GLU A 51 -9.91 8.68 12.87
N PHE A 52 -10.04 8.46 11.57
CA PHE A 52 -9.50 9.36 10.56
C PHE A 52 -10.41 9.37 9.35
N SER A 53 -10.43 10.47 8.63
CA SER A 53 -11.23 10.57 7.43
C SER A 53 -10.37 10.96 6.24
N LEU A 54 -10.68 10.42 5.08
CA LEU A 54 -9.90 10.70 3.88
C LEU A 54 -10.76 11.30 2.79
N GLU A 55 -10.53 12.56 2.48
CA GLU A 55 -11.15 13.19 1.33
C GLU A 55 -10.33 12.85 0.09
N LEU A 56 -10.97 12.21 -0.87
CA LEU A 56 -10.27 11.70 -2.04
C LEU A 56 -10.53 12.59 -3.25
N TYR A 57 -9.46 12.99 -3.91
CA TYR A 57 -9.54 13.95 -5.01
C TYR A 57 -10.11 13.31 -6.27
N GLY A 58 -9.62 12.13 -6.59
CA GLY A 58 -10.03 11.47 -7.83
C GLY A 58 -11.01 10.35 -7.57
N LYS A 59 -11.50 9.75 -8.65
CA LYS A 59 -12.48 8.66 -8.55
C LYS A 59 -11.80 7.35 -8.19
N ILE A 60 -12.08 6.89 -6.98
CA ILE A 60 -11.57 5.61 -6.51
C ILE A 60 -12.61 4.53 -6.82
N MET A 61 -12.19 3.27 -6.86
CA MET A 61 -13.12 2.19 -7.14
C MET A 61 -13.95 1.90 -5.90
N THR A 62 -13.27 1.80 -4.75
CA THR A 62 -13.90 1.56 -3.44
C THR A 62 -14.87 0.37 -3.45
N GLU A 63 -14.70 -0.53 -4.41
CA GLU A 63 -15.55 -1.70 -4.53
C GLU A 63 -15.19 -2.70 -3.45
N TYR A 64 -14.04 -3.33 -3.61
CA TYR A 64 -13.52 -4.24 -2.61
C TYR A 64 -12.18 -3.74 -2.13
N ARG A 65 -11.96 -3.80 -0.83
CA ARG A 65 -10.73 -3.31 -0.22
C ARG A 65 -10.34 -4.22 0.94
N LYS A 66 -9.05 -4.49 1.07
CA LYS A 66 -8.59 -5.39 2.11
C LYS A 66 -7.54 -4.72 2.98
N ASN A 67 -7.70 -4.85 4.28
CA ASN A 67 -6.75 -4.34 5.24
C ASN A 67 -6.03 -5.48 5.95
N VAL A 68 -4.75 -5.60 5.70
CA VAL A 68 -3.94 -6.65 6.30
C VAL A 68 -2.90 -6.04 7.24
N GLY A 69 -2.54 -6.78 8.27
CA GLY A 69 -1.61 -6.26 9.24
C GLY A 69 -0.34 -7.09 9.34
N LEU A 70 0.79 -6.41 9.25
CA LEU A 70 2.09 -7.05 9.40
C LEU A 70 2.75 -6.58 10.69
N ARG A 71 3.23 -5.34 10.68
CA ARG A 71 3.65 -4.64 11.89
C ARG A 71 2.81 -3.39 12.04
N ASN A 72 1.85 -3.28 11.12
CA ASN A 72 1.00 -2.11 10.99
C ASN A 72 -0.21 -2.49 10.15
N ILE A 73 -1.11 -1.55 9.91
CA ILE A 73 -2.30 -1.84 9.13
C ILE A 73 -2.14 -1.30 7.72
N ILE A 74 -2.10 -2.20 6.75
CA ILE A 74 -1.98 -1.82 5.35
C ILE A 74 -3.34 -1.91 4.67
N PHE A 75 -3.82 -0.79 4.15
CA PHE A 75 -5.07 -0.78 3.39
C PHE A 75 -4.76 -0.82 1.91
N SER A 76 -5.33 -1.80 1.22
CA SER A 76 -5.14 -1.92 -0.23
C SER A 76 -6.47 -1.68 -0.95
N ILE A 77 -6.51 -0.62 -1.75
CA ILE A 77 -7.71 -0.29 -2.51
C ILE A 77 -7.35 -0.07 -3.97
N GLN A 78 -8.21 -0.51 -4.88
CA GLN A 78 -7.99 -0.29 -6.29
C GLN A 78 -8.59 1.03 -6.77
N LYS A 79 -7.97 1.60 -7.79
CA LYS A 79 -8.39 2.87 -8.36
C LYS A 79 -9.50 2.67 -9.40
N GLU A 80 -10.25 3.74 -9.67
CA GLU A 80 -11.20 3.74 -10.78
C GLU A 80 -10.54 4.46 -11.96
N GLU A 81 -10.10 5.69 -11.69
CA GLU A 81 -9.30 6.48 -12.63
C GLU A 81 -10.03 6.70 -13.96
N ARG A 82 -11.35 6.88 -13.90
CA ARG A 82 -12.09 7.34 -15.06
C ARG A 82 -11.74 8.80 -15.32
N SER A 83 -11.39 9.48 -14.25
CA SER A 83 -10.85 10.83 -14.31
C SER A 83 -9.51 10.85 -13.57
N TRP A 84 -8.44 11.12 -14.30
CA TRP A 84 -7.10 11.08 -13.74
C TRP A 84 -6.92 12.19 -12.70
N TRP A 85 -6.03 11.96 -11.75
CA TRP A 85 -5.76 12.94 -10.71
C TRP A 85 -4.26 13.10 -10.50
N THR A 86 -3.85 14.33 -10.20
CA THR A 86 -2.45 14.62 -9.91
C THR A 86 -2.18 14.43 -8.42
N ARG A 87 -3.24 14.18 -7.67
CA ARG A 87 -3.15 13.94 -6.23
C ARG A 87 -4.39 13.19 -5.77
N LEU A 88 -4.23 12.27 -4.84
CA LEU A 88 -5.36 11.51 -4.35
C LEU A 88 -5.98 12.17 -3.11
N LEU A 89 -5.24 13.11 -2.53
CA LEU A 89 -5.70 13.82 -1.35
C LEU A 89 -6.45 15.08 -1.77
N LYS A 90 -7.75 15.11 -1.49
CA LYS A 90 -8.58 16.25 -1.84
C LYS A 90 -8.30 17.44 -0.93
N SER A 91 -7.81 17.15 0.26
CA SER A 91 -7.45 18.18 1.22
C SER A 91 -5.95 18.46 1.15
N GLU A 92 -5.52 19.10 0.07
CA GLU A 92 -4.10 19.36 -0.13
C GLU A 92 -3.70 20.73 0.43
N GLU A 93 -4.67 21.64 0.54
CA GLU A 93 -4.39 22.96 1.07
C GLU A 93 -3.99 22.87 2.53
N LYS A 94 -4.85 22.29 3.34
CA LYS A 94 -4.51 22.00 4.72
C LYS A 94 -4.67 20.51 5.00
N PRO A 95 -3.59 19.75 4.83
CA PRO A 95 -3.58 18.32 5.15
C PRO A 95 -3.32 18.09 6.63
N ALA A 96 -3.99 17.08 7.18
CA ALA A 96 -3.77 16.70 8.57
C ALA A 96 -2.33 16.28 8.76
N PRO A 97 -1.70 16.69 9.89
CA PRO A 97 -0.25 16.54 10.12
C PRO A 97 0.23 15.09 10.23
N TYR A 98 -0.64 14.13 9.97
CA TYR A 98 -0.24 12.73 9.99
C TYR A 98 -0.24 12.13 8.60
N ILE A 99 -0.60 12.92 7.60
CA ILE A 99 -0.54 12.46 6.21
C ILE A 99 0.87 12.60 5.68
N LYS A 100 1.49 11.46 5.40
CA LYS A 100 2.85 11.43 4.89
C LYS A 100 2.92 10.45 3.72
N VAL A 101 4.06 10.41 3.05
CA VAL A 101 4.22 9.53 1.90
C VAL A 101 5.02 8.28 2.28
N ASP A 102 4.53 7.12 1.87
CA ASP A 102 5.24 5.87 2.08
C ASP A 102 6.27 5.67 0.97
N TRP A 103 7.49 6.09 1.25
CA TRP A 103 8.59 5.95 0.29
C TRP A 103 9.13 4.52 0.28
N ASN A 104 8.54 3.66 1.09
CA ASN A 104 9.01 2.31 1.25
C ASN A 104 8.34 1.36 0.26
N LYS A 105 7.01 1.44 0.18
CA LYS A 105 6.24 0.59 -0.72
C LYS A 105 5.93 1.33 -2.03
N TRP A 106 6.53 2.49 -2.20
CA TRP A 106 6.35 3.27 -3.41
C TRP A 106 7.02 2.55 -4.59
N CYS A 107 6.52 2.78 -5.79
CA CYS A 107 7.03 2.10 -6.97
C CYS A 107 8.21 2.85 -7.56
N ASP A 108 9.26 2.10 -7.89
CA ASP A 108 10.43 2.67 -8.56
C ASP A 108 10.24 2.64 -10.06
N GLU A 109 10.80 3.63 -10.74
CA GLU A 109 10.71 3.70 -12.20
C GLU A 109 11.45 2.55 -12.86
N ASP A 110 12.10 1.73 -12.05
CA ASP A 110 12.71 0.49 -12.52
C ASP A 110 11.63 -0.47 -13.02
N GLU A 111 10.51 -0.49 -12.32
CA GLU A 111 9.37 -1.28 -12.74
C GLU A 111 8.77 -0.71 -14.01
N GLU A 112 8.71 -1.54 -15.02
CA GLU A 112 8.23 -1.13 -16.33
C GLU A 112 6.73 -1.37 -16.47
N VAL A 113 6.01 -0.31 -16.83
CA VAL A 113 4.59 -0.41 -17.15
C VAL A 113 4.37 0.07 -18.58
N ASN A 114 5.49 0.18 -19.30
CA ASN A 114 5.52 0.73 -20.64
C ASN A 114 4.81 -0.19 -21.63
N SER A 115 4.58 -1.43 -21.21
CA SER A 115 3.85 -2.40 -22.02
C SER A 115 2.47 -1.83 -22.42
N GLU A 116 1.85 -1.10 -21.52
CA GLU A 116 0.55 -0.49 -21.81
C GLU A 116 0.68 1.02 -22.04
N THR A 117 1.68 1.63 -21.42
CA THR A 117 1.89 3.06 -21.58
C THR A 117 3.34 3.36 -21.91
N ALA A 118 3.64 3.43 -23.20
CA ALA A 118 4.98 3.73 -23.68
C ALA A 118 5.00 5.04 -24.46
N SER A 119 6.11 5.76 -24.36
CA SER A 119 6.29 6.99 -25.10
C SER A 119 6.67 6.67 -26.54
N ASP A 120 5.71 6.79 -27.43
CA ASP A 120 5.93 6.45 -28.83
C ASP A 120 6.55 7.62 -29.60
N ASP A 121 7.69 7.36 -30.22
CA ASP A 121 8.40 8.39 -30.97
C ASP A 121 9.28 7.77 -32.05
N GLU A 122 9.42 8.47 -33.15
CA GLU A 122 10.27 8.03 -34.24
C GLU A 122 11.03 9.22 -34.83
N SER A 123 11.87 8.95 -35.81
CA SER A 123 12.69 9.99 -36.41
C SER A 123 12.54 9.96 -37.94
N ALA A 124 11.31 9.81 -38.40
CA ALA A 124 11.05 9.76 -39.84
C ALA A 124 11.14 11.14 -40.48
N PHE A 125 12.22 11.37 -41.23
CA PHE A 125 12.36 12.59 -42.01
C PHE A 125 12.39 12.25 -43.50
N VAL A 126 12.32 13.27 -44.35
CA VAL A 126 12.23 13.04 -45.78
C VAL A 126 12.96 14.14 -46.57
N ASN A 127 13.55 13.77 -47.69
CA ASN A 127 14.19 14.73 -48.57
C ASN A 127 13.41 14.84 -49.88
N GLN A 128 12.94 16.03 -50.19
CA GLN A 128 12.20 16.23 -51.42
C GLN A 128 13.13 16.48 -52.59
N ASP A 129 12.98 15.67 -53.63
CA ASP A 129 13.77 15.82 -54.84
C ASP A 129 12.85 15.67 -56.04
N SER A 130 11.91 16.60 -56.15
CA SER A 130 10.87 16.52 -57.15
C SER A 130 11.18 17.40 -58.35
N GLU A 131 11.17 16.79 -59.52
CA GLU A 131 11.35 17.53 -60.76
C GLU A 131 10.39 17.00 -61.82
N SER A 132 9.75 17.90 -62.54
CA SER A 132 8.75 17.52 -63.52
C SER A 132 9.28 17.72 -64.95
N SER A 133 9.99 18.83 -65.14
CA SER A 133 10.52 19.18 -66.46
C SER A 133 9.37 19.29 -67.47
N ASP A 134 8.46 20.20 -67.19
CA ASP A 134 7.23 20.35 -67.99
C ASP A 134 7.52 20.99 -69.33
N ASP A 135 6.47 21.11 -70.14
CA ASP A 135 6.59 21.69 -71.48
C ASP A 135 5.50 22.74 -71.70
N ASP A 136 5.75 23.66 -72.63
CA ASP A 136 4.81 24.74 -72.90
C ASP A 136 3.66 24.27 -73.80
N GLY A 137 3.98 23.45 -74.80
CA GLY A 137 2.99 23.00 -75.74
C GLY A 137 2.41 24.15 -76.57
N LEU A 138 3.21 25.17 -76.79
CA LEU A 138 2.77 26.34 -77.54
C LEU A 138 2.97 26.08 -79.03
N LEU A 139 1.86 25.89 -79.74
CA LEU A 139 1.91 25.60 -81.17
C LEU A 139 1.16 26.67 -81.96
N TYR A 140 1.66 27.00 -83.14
CA TYR A 140 1.01 27.97 -84.00
C TYR A 140 0.23 27.27 -85.10
N LEU A 141 -1.02 27.00 -84.82
CA LEU A 141 -1.89 26.32 -85.77
C LEU A 141 -2.35 27.28 -86.87
N PRO A 142 -2.32 26.83 -88.14
CA PRO A 142 -2.74 27.64 -89.26
C PRO A 142 -4.25 27.56 -89.49
N ASP A 143 -4.98 28.49 -88.89
CA ASP A 143 -6.41 28.57 -89.06
C ASP A 143 -6.79 29.96 -89.55
N LEU A 144 -6.57 30.20 -90.83
CA LEU A 144 -6.82 31.48 -91.44
C LEU A 144 -8.20 31.52 -92.08
N GLU A 145 -8.92 30.39 -91.97
CA GLU A 145 -10.22 30.20 -92.60
C GLU A 145 -10.25 30.77 -94.02
N LYS A 146 -9.32 30.27 -94.85
CA LYS A 146 -9.17 30.74 -96.22
C LYS A 146 -10.33 30.26 -97.09
N ALA A 147 -10.43 30.82 -98.29
CA ALA A 147 -11.56 30.54 -99.18
C ALA A 147 -12.86 30.87 -98.46
N ARG A 148 -12.81 31.96 -97.67
CA ARG A 148 -13.93 32.38 -96.86
C ARG A 148 -15.11 32.77 -97.75
N ASN A 149 -16.12 31.89 -97.79
CA ASN A 149 -17.25 32.08 -98.67
C ASN A 149 -18.55 32.02 -97.87
N LYS A 150 -19.67 32.20 -98.56
CA LYS A 150 -20.97 32.20 -97.93
C LYS A 150 -21.45 30.77 -97.69
N SER A 1 -13.07 11.96 21.21
CA SER A 1 -12.20 10.98 21.87
C SER A 1 -11.62 10.02 20.85
N SER A 2 -10.46 10.38 20.30
CA SER A 2 -9.81 9.53 19.32
C SER A 2 -8.33 9.86 19.22
N ARG A 3 -7.57 8.93 18.65
CA ARG A 3 -6.16 9.13 18.42
C ARG A 3 -5.87 9.14 16.92
N ASN A 4 -4.65 9.51 16.56
CA ASN A 4 -4.28 9.57 15.15
C ASN A 4 -2.78 9.28 14.95
N PRO A 5 -2.44 8.00 14.70
CA PRO A 5 -1.08 7.61 14.31
C PRO A 5 -0.77 8.06 12.89
N GLU A 6 0.41 7.72 12.41
CA GLU A 6 0.86 8.16 11.09
C GLU A 6 0.22 7.31 9.99
N VAL A 7 -0.33 7.98 9.01
CA VAL A 7 -1.00 7.33 7.88
C VAL A 7 -0.26 7.61 6.58
N LEU A 8 0.29 6.57 5.98
CA LEU A 8 1.05 6.70 4.76
C LEU A 8 0.21 6.30 3.56
N TRP A 9 0.41 7.00 2.45
CA TRP A 9 -0.23 6.62 1.21
C TRP A 9 0.83 6.40 0.15
N ALA A 10 0.49 5.62 -0.87
CA ALA A 10 1.41 5.32 -1.95
C ALA A 10 0.65 4.83 -3.17
N GLN A 11 1.13 5.18 -4.36
CA GLN A 11 0.47 4.78 -5.59
C GLN A 11 1.16 3.56 -6.19
N ARG A 12 0.38 2.61 -6.65
CA ARG A 12 0.92 1.44 -7.31
C ARG A 12 0.18 1.25 -8.64
N SER A 13 0.42 0.14 -9.31
CA SER A 13 -0.28 -0.15 -10.56
C SER A 13 -1.75 -0.42 -10.28
N ASP A 14 -2.61 0.52 -10.69
CA ASP A 14 -4.08 0.38 -10.62
C ASP A 14 -4.61 0.57 -9.21
N LYS A 15 -3.87 0.10 -8.23
CA LYS A 15 -4.33 0.11 -6.85
C LYS A 15 -3.49 1.04 -6.00
N VAL A 16 -4.11 1.62 -4.99
CA VAL A 16 -3.45 2.54 -4.10
C VAL A 16 -3.16 1.84 -2.77
N TYR A 17 -2.00 2.15 -2.21
CA TYR A 17 -1.57 1.57 -0.95
C TYR A 17 -1.85 2.53 0.20
N LEU A 18 -2.54 2.05 1.21
CA LEU A 18 -2.77 2.83 2.41
C LEU A 18 -2.10 2.13 3.58
N THR A 19 -1.05 2.74 4.10
CA THR A 19 -0.26 2.14 5.16
C THR A 19 -0.52 2.87 6.47
N VAL A 20 -1.31 2.26 7.33
CA VAL A 20 -1.63 2.87 8.61
C VAL A 20 -0.82 2.22 9.73
N ALA A 21 -0.32 3.04 10.64
CA ALA A 21 0.40 2.53 11.79
C ALA A 21 -0.58 1.98 12.81
N LEU A 22 -0.80 0.66 12.74
CA LEU A 22 -1.77 0.01 13.60
C LEU A 22 -1.19 -1.30 14.11
N PRO A 23 -0.53 -1.25 15.29
CA PRO A 23 0.13 -2.41 15.88
C PRO A 23 -0.84 -3.48 16.37
N ASP A 24 -2.01 -3.03 16.81
CA ASP A 24 -3.04 -3.95 17.30
C ASP A 24 -4.43 -3.38 17.01
N ALA A 25 -5.20 -4.13 16.24
CA ALA A 25 -6.48 -3.66 15.75
C ALA A 25 -7.65 -4.19 16.56
N LYS A 26 -8.72 -3.40 16.61
CA LYS A 26 -9.94 -3.76 17.31
C LYS A 26 -11.14 -3.16 16.60
N ASP A 27 -12.04 -4.02 16.13
CA ASP A 27 -13.27 -3.58 15.46
C ASP A 27 -12.98 -2.54 14.38
N ILE A 28 -12.34 -3.00 13.30
CA ILE A 28 -11.96 -2.11 12.22
C ILE A 28 -13.17 -1.77 11.36
N SER A 29 -13.54 -0.49 11.37
CA SER A 29 -14.65 -0.01 10.59
C SER A 29 -14.17 1.08 9.62
N VAL A 30 -14.27 0.80 8.33
CA VAL A 30 -13.80 1.73 7.32
C VAL A 30 -14.88 2.00 6.27
N LYS A 31 -15.29 3.26 6.16
CA LYS A 31 -16.22 3.68 5.13
C LYS A 31 -15.63 4.82 4.32
N CYS A 32 -15.34 4.54 3.05
CA CYS A 32 -14.82 5.55 2.13
C CYS A 32 -15.71 5.67 0.89
N GLU A 33 -15.87 6.88 0.37
CA GLU A 33 -16.64 7.08 -0.84
C GLU A 33 -15.73 7.15 -2.05
N PRO A 34 -16.28 7.05 -3.27
CA PRO A 34 -15.53 7.29 -4.51
C PRO A 34 -14.99 8.73 -4.59
N GLN A 35 -15.24 9.48 -3.53
CA GLN A 35 -14.76 10.84 -3.38
C GLN A 35 -14.22 11.07 -1.97
N GLY A 36 -14.15 10.00 -1.18
CA GLY A 36 -13.61 10.11 0.16
C GLY A 36 -14.65 9.86 1.23
N LEU A 37 -14.26 9.15 2.27
CA LEU A 37 -15.08 9.01 3.47
C LEU A 37 -14.20 8.66 4.67
N PHE A 38 -14.78 8.51 5.85
CA PHE A 38 -14.00 8.45 7.08
C PHE A 38 -13.96 7.03 7.65
N SER A 39 -12.92 6.72 8.38
CA SER A 39 -12.75 5.40 8.98
C SER A 39 -12.46 5.53 10.46
N PHE A 40 -13.03 4.62 11.26
CA PHE A 40 -12.78 4.59 12.68
C PHE A 40 -12.48 3.18 13.16
N SER A 41 -11.33 3.01 13.79
CA SER A 41 -10.92 1.73 14.33
C SER A 41 -10.48 1.91 15.76
N ALA A 42 -10.41 0.83 16.52
CA ALA A 42 -9.94 0.93 17.89
C ALA A 42 -8.53 0.37 18.01
N LEU A 43 -7.72 0.99 18.85
CA LEU A 43 -6.35 0.54 19.07
C LEU A 43 -6.33 -0.33 20.30
N GLY A 44 -6.16 -1.62 20.09
CA GLY A 44 -6.25 -2.58 21.17
C GLY A 44 -5.10 -2.48 22.15
N ALA A 45 -3.95 -2.03 21.67
CA ALA A 45 -2.77 -1.89 22.52
C ALA A 45 -3.02 -0.88 23.64
N GLN A 46 -3.90 0.08 23.38
CA GLN A 46 -4.20 1.12 24.36
C GLN A 46 -5.61 0.97 24.90
N GLY A 47 -6.51 0.47 24.06
CA GLY A 47 -7.92 0.44 24.42
C GLY A 47 -8.59 1.75 24.02
N GLU A 48 -7.94 2.47 23.14
CA GLU A 48 -8.40 3.80 22.72
C GLU A 48 -8.71 3.79 21.24
N ARG A 49 -9.77 4.48 20.85
CA ARG A 49 -10.18 4.46 19.45
C ARG A 49 -9.44 5.53 18.65
N PHE A 50 -9.31 5.28 17.36
CA PHE A 50 -8.61 6.19 16.47
C PHE A 50 -9.41 6.33 15.17
N GLU A 51 -9.36 7.50 14.56
CA GLU A 51 -10.12 7.73 13.35
C GLU A 51 -9.41 8.69 12.40
N PHE A 52 -9.82 8.64 11.14
CA PHE A 52 -9.25 9.50 10.11
C PHE A 52 -10.23 9.61 8.95
N SER A 53 -10.25 10.77 8.32
CA SER A 53 -11.15 11.01 7.21
C SER A 53 -10.35 11.24 5.93
N LEU A 54 -10.48 10.33 4.97
CA LEU A 54 -9.76 10.46 3.72
C LEU A 54 -10.68 11.02 2.64
N GLU A 55 -10.47 12.28 2.29
CA GLU A 55 -11.23 12.93 1.25
C GLU A 55 -10.44 12.90 -0.06
N LEU A 56 -11.00 12.23 -1.05
CA LEU A 56 -10.28 12.00 -2.31
C LEU A 56 -10.79 12.92 -3.41
N TYR A 57 -9.84 13.46 -4.16
CA TYR A 57 -10.13 14.38 -5.25
C TYR A 57 -10.61 13.65 -6.51
N GLY A 58 -10.33 12.35 -6.58
CA GLY A 58 -10.65 11.60 -7.77
C GLY A 58 -11.52 10.38 -7.51
N LYS A 59 -11.87 9.67 -8.58
CA LYS A 59 -12.74 8.50 -8.50
C LYS A 59 -12.08 7.32 -7.80
N ILE A 60 -12.60 6.94 -6.66
CA ILE A 60 -12.15 5.76 -5.94
C ILE A 60 -13.16 4.64 -6.15
N MET A 61 -12.71 3.39 -6.09
CA MET A 61 -13.61 2.26 -6.25
C MET A 61 -14.01 1.74 -4.87
N THR A 62 -15.21 2.13 -4.43
CA THR A 62 -15.67 1.82 -3.08
C THR A 62 -16.03 0.34 -2.94
N GLU A 63 -16.22 -0.33 -4.07
CA GLU A 63 -16.61 -1.74 -4.06
C GLU A 63 -15.36 -2.63 -4.06
N TYR A 64 -14.20 -2.02 -3.90
CA TYR A 64 -12.94 -2.75 -3.90
C TYR A 64 -12.15 -2.38 -2.65
N ARG A 65 -12.06 -3.31 -1.71
CA ARG A 65 -11.35 -3.06 -0.46
C ARG A 65 -10.91 -4.36 0.21
N LYS A 66 -9.65 -4.40 0.64
CA LYS A 66 -9.14 -5.53 1.39
C LYS A 66 -7.93 -5.10 2.21
N ASN A 67 -7.94 -5.42 3.49
CA ASN A 67 -6.85 -5.01 4.38
C ASN A 67 -6.05 -6.21 4.87
N VAL A 68 -4.76 -6.18 4.55
CA VAL A 68 -3.82 -7.18 5.05
C VAL A 68 -2.80 -6.53 5.95
N GLY A 69 -2.27 -7.26 6.92
CA GLY A 69 -1.35 -6.65 7.86
C GLY A 69 -0.18 -7.55 8.25
N LEU A 70 0.78 -6.94 8.93
CA LEU A 70 1.94 -7.66 9.47
C LEU A 70 2.27 -7.10 10.86
N ARG A 71 2.82 -5.89 10.90
CA ARG A 71 2.98 -5.16 12.16
C ARG A 71 2.08 -3.93 12.12
N ASN A 72 1.46 -3.74 10.97
CA ASN A 72 0.60 -2.62 10.71
C ASN A 72 -0.44 -3.05 9.69
N ILE A 73 -1.35 -2.16 9.32
CA ILE A 73 -2.41 -2.53 8.41
C ILE A 73 -2.25 -1.83 7.06
N ILE A 74 -2.20 -2.63 6.00
CA ILE A 74 -2.16 -2.10 4.66
C ILE A 74 -3.51 -2.29 4.00
N PHE A 75 -4.11 -1.18 3.60
CA PHE A 75 -5.44 -1.20 3.00
C PHE A 75 -5.33 -1.07 1.49
N SER A 76 -5.70 -2.12 0.78
CA SER A 76 -5.60 -2.14 -0.67
C SER A 76 -6.91 -1.68 -1.30
N ILE A 77 -6.85 -0.59 -2.05
CA ILE A 77 -8.01 -0.05 -2.74
C ILE A 77 -7.67 0.18 -4.20
N GLN A 78 -8.59 -0.09 -5.10
CA GLN A 78 -8.35 0.19 -6.51
C GLN A 78 -8.99 1.52 -6.88
N LYS A 79 -8.35 2.25 -7.77
CA LYS A 79 -8.88 3.54 -8.21
C LYS A 79 -9.88 3.31 -9.33
N GLU A 80 -11.05 3.93 -9.22
CA GLU A 80 -12.08 3.76 -10.25
C GLU A 80 -11.62 4.42 -11.55
N GLU A 81 -10.76 5.43 -11.40
CA GLU A 81 -10.12 6.04 -12.55
C GLU A 81 -8.66 5.62 -12.57
N ARG A 82 -8.13 5.41 -13.76
CA ARG A 82 -6.77 4.88 -13.91
C ARG A 82 -5.74 5.99 -13.74
N SER A 83 -6.13 7.20 -14.09
CA SER A 83 -5.23 8.34 -14.07
C SER A 83 -4.88 8.73 -12.63
N TRP A 84 -3.60 8.97 -12.38
CA TRP A 84 -3.16 9.49 -11.10
C TRP A 84 -3.38 10.99 -11.07
N TRP A 85 -4.02 11.47 -10.02
CA TRP A 85 -4.41 12.86 -9.93
C TRP A 85 -3.28 13.70 -9.35
N THR A 86 -3.13 14.90 -9.88
CA THR A 86 -2.07 15.81 -9.47
C THR A 86 -2.06 16.02 -7.97
N ARG A 87 -3.25 16.27 -7.43
CA ARG A 87 -3.43 16.46 -5.99
C ARG A 87 -4.66 15.68 -5.55
N LEU A 88 -4.44 14.50 -4.99
CA LEU A 88 -5.54 13.59 -4.69
C LEU A 88 -6.30 13.96 -3.41
N LEU A 89 -5.84 14.99 -2.72
CA LEU A 89 -6.47 15.41 -1.48
C LEU A 89 -7.59 16.40 -1.77
N LYS A 90 -8.82 15.96 -1.54
CA LYS A 90 -10.01 16.76 -1.86
C LYS A 90 -10.11 17.98 -0.94
N SER A 91 -9.37 17.96 0.17
CA SER A 91 -9.41 19.05 1.14
C SER A 91 -8.51 20.21 0.70
N GLU A 92 -8.45 20.45 -0.61
CA GLU A 92 -7.73 21.59 -1.18
C GLU A 92 -6.27 21.63 -0.71
N GLU A 93 -5.65 20.45 -0.68
CA GLU A 93 -4.24 20.30 -0.28
C GLU A 93 -4.00 20.67 1.18
N LYS A 94 -5.05 20.58 2.00
CA LYS A 94 -4.88 20.74 3.44
C LYS A 94 -4.76 19.37 4.10
N PRO A 95 -3.52 18.95 4.42
CA PRO A 95 -3.26 17.67 5.02
C PRO A 95 -3.11 17.74 6.54
N ALA A 96 -3.85 16.90 7.24
CA ALA A 96 -3.71 16.78 8.68
C ALA A 96 -2.33 16.24 9.02
N PRO A 97 -1.81 16.54 10.22
CA PRO A 97 -0.42 16.25 10.59
C PRO A 97 -0.06 14.76 10.65
N TYR A 98 -0.99 13.89 10.27
CA TYR A 98 -0.70 12.46 10.24
C TYR A 98 -0.74 11.91 8.82
N ILE A 99 -1.02 12.77 7.85
CA ILE A 99 -1.02 12.35 6.45
C ILE A 99 0.38 12.51 5.87
N LYS A 100 0.95 11.39 5.47
CA LYS A 100 2.28 11.38 4.88
C LYS A 100 2.41 10.27 3.83
N VAL A 101 3.49 10.28 3.07
CA VAL A 101 3.69 9.32 2.00
C VAL A 101 4.55 8.15 2.47
N ASP A 102 4.18 6.94 2.05
CA ASP A 102 4.94 5.74 2.39
C ASP A 102 6.31 5.76 1.71
N TRP A 103 7.34 5.87 2.51
CA TRP A 103 8.72 5.96 2.01
C TRP A 103 9.28 4.60 1.59
N ASN A 104 8.54 3.53 1.85
CA ASN A 104 8.99 2.19 1.52
C ASN A 104 8.21 1.62 0.33
N LYS A 105 6.89 1.75 0.41
CA LYS A 105 6.02 1.20 -0.62
C LYS A 105 5.61 2.25 -1.64
N TRP A 106 6.34 3.37 -1.64
CA TRP A 106 6.15 4.43 -2.62
C TRP A 106 6.18 3.87 -4.04
N CYS A 107 5.55 4.59 -4.98
CA CYS A 107 5.43 4.15 -6.36
C CYS A 107 6.77 3.76 -6.98
N ASP A 108 7.02 2.46 -7.03
CA ASP A 108 8.21 1.93 -7.67
C ASP A 108 7.79 1.11 -8.87
N GLU A 109 8.60 1.11 -9.91
CA GLU A 109 8.29 0.32 -11.11
C GLU A 109 9.31 -0.80 -11.28
N ASP A 110 10.19 -0.93 -10.30
CA ASP A 110 11.09 -2.07 -10.20
C ASP A 110 10.50 -3.06 -9.21
N GLU A 111 9.90 -2.55 -8.14
CA GLU A 111 9.09 -3.38 -7.27
C GLU A 111 7.64 -3.31 -7.73
N GLU A 112 7.15 -4.39 -8.30
CA GLU A 112 5.80 -4.42 -8.86
C GLU A 112 4.76 -4.61 -7.75
N VAL A 113 3.51 -4.70 -8.15
CA VAL A 113 2.43 -4.87 -7.19
C VAL A 113 1.48 -6.00 -7.59
N ASN A 114 1.67 -6.55 -8.79
CA ASN A 114 0.80 -7.60 -9.27
C ASN A 114 1.36 -8.25 -10.53
N SER A 115 2.32 -9.14 -10.32
CA SER A 115 2.76 -10.04 -11.35
C SER A 115 2.22 -11.43 -11.01
N GLU A 116 0.99 -11.43 -10.49
CA GLU A 116 0.30 -12.62 -9.99
C GLU A 116 1.19 -13.44 -9.03
N THR A 117 2.11 -12.74 -8.39
CA THR A 117 2.90 -13.34 -7.31
C THR A 117 2.08 -13.27 -6.02
N ALA A 118 1.18 -12.29 -5.99
CA ALA A 118 0.21 -12.16 -4.94
C ALA A 118 -1.18 -12.22 -5.55
N SER A 119 -2.21 -12.34 -4.74
CA SER A 119 -3.56 -12.44 -5.25
C SER A 119 -4.53 -11.63 -4.41
N ASP A 120 -5.50 -11.03 -5.06
CA ASP A 120 -6.53 -10.24 -4.38
C ASP A 120 -7.62 -11.16 -3.82
N ASP A 121 -8.77 -10.58 -3.56
CA ASP A 121 -9.90 -11.33 -2.98
C ASP A 121 -10.62 -12.13 -4.08
N GLU A 122 -11.27 -13.22 -3.69
CA GLU A 122 -12.00 -14.04 -4.63
C GLU A 122 -13.45 -14.16 -4.17
N SER A 123 -14.37 -13.74 -5.01
CA SER A 123 -15.78 -13.66 -4.65
C SER A 123 -16.45 -15.02 -4.78
N ALA A 124 -16.28 -15.81 -3.74
CA ALA A 124 -16.97 -17.10 -3.64
C ALA A 124 -18.48 -16.90 -3.57
N PHE A 125 -19.15 -17.20 -4.68
CA PHE A 125 -20.59 -17.02 -4.79
C PHE A 125 -21.35 -18.13 -4.07
N VAL A 126 -22.41 -17.74 -3.36
CA VAL A 126 -23.27 -18.67 -2.66
C VAL A 126 -24.60 -18.01 -2.29
N ASN A 127 -25.71 -18.72 -2.51
CA ASN A 127 -27.04 -18.19 -2.20
C ASN A 127 -27.90 -19.27 -1.57
N GLN A 128 -28.98 -18.84 -0.91
CA GLN A 128 -29.98 -19.75 -0.39
C GLN A 128 -31.33 -19.46 -1.05
N ASP A 129 -31.95 -20.50 -1.59
CA ASP A 129 -33.16 -20.34 -2.41
C ASP A 129 -34.25 -21.31 -1.97
N SER A 130 -34.48 -21.34 -0.66
CA SER A 130 -35.47 -22.25 -0.09
C SER A 130 -36.88 -21.87 -0.57
N GLU A 131 -37.67 -22.87 -0.90
CA GLU A 131 -39.01 -22.65 -1.43
C GLU A 131 -39.95 -23.74 -0.93
N SER A 132 -41.26 -23.52 -1.08
CA SER A 132 -42.25 -24.47 -0.59
C SER A 132 -43.28 -24.83 -1.67
N SER A 133 -44.10 -25.84 -1.38
CA SER A 133 -45.19 -26.24 -2.25
C SER A 133 -46.20 -27.04 -1.44
N ASP A 134 -47.47 -26.93 -1.77
CA ASP A 134 -48.52 -27.60 -1.01
C ASP A 134 -49.37 -28.50 -1.93
N ASP A 135 -49.84 -29.62 -1.39
CA ASP A 135 -50.60 -30.58 -2.19
C ASP A 135 -52.10 -30.32 -2.09
N ASP A 136 -52.82 -30.61 -3.17
CA ASP A 136 -54.26 -30.39 -3.22
C ASP A 136 -54.99 -31.33 -2.25
N GLY A 137 -55.12 -32.59 -2.64
CA GLY A 137 -55.81 -33.57 -1.81
C GLY A 137 -57.30 -33.32 -1.73
N LEU A 138 -58.05 -33.84 -2.68
CA LEU A 138 -59.49 -33.61 -2.74
C LEU A 138 -60.25 -34.92 -2.91
N LEU A 139 -61.32 -35.07 -2.15
CA LEU A 139 -62.16 -36.27 -2.24
C LEU A 139 -63.52 -35.91 -2.83
N TYR A 140 -64.04 -36.77 -3.68
CA TYR A 140 -65.30 -36.51 -4.36
C TYR A 140 -66.29 -37.63 -4.10
N LEU A 141 -67.03 -37.54 -3.01
CA LEU A 141 -68.05 -38.51 -2.69
C LEU A 141 -69.36 -37.80 -2.31
N PRO A 142 -70.40 -37.97 -3.13
CA PRO A 142 -71.72 -37.40 -2.85
C PRO A 142 -72.52 -38.23 -1.84
N ASP A 143 -72.88 -37.60 -0.73
CA ASP A 143 -73.61 -38.28 0.33
C ASP A 143 -75.08 -37.89 0.31
N LEU A 144 -75.76 -38.28 -0.75
CA LEU A 144 -77.18 -37.98 -0.89
C LEU A 144 -78.02 -39.24 -0.65
N GLU A 145 -77.54 -40.37 -1.16
CA GLU A 145 -78.31 -41.61 -1.19
C GLU A 145 -79.73 -41.34 -1.69
N LYS A 146 -79.83 -40.99 -2.95
CA LYS A 146 -81.11 -40.68 -3.57
C LYS A 146 -81.95 -41.93 -3.73
N ALA A 147 -82.83 -42.17 -2.76
CA ALA A 147 -83.69 -43.33 -2.78
C ALA A 147 -85.15 -42.95 -2.99
N ARG A 148 -85.78 -43.60 -3.94
CA ARG A 148 -87.20 -43.35 -4.23
C ARG A 148 -88.05 -44.41 -3.54
N ASN A 149 -87.37 -45.33 -2.86
CA ASN A 149 -88.03 -46.41 -2.14
C ASN A 149 -88.57 -45.93 -0.80
N LYS A 150 -89.35 -46.78 -0.14
CA LYS A 150 -89.91 -46.44 1.15
C LYS A 150 -89.93 -47.66 2.07
N SER A 1 -14.23 9.84 19.64
CA SER A 1 -12.87 9.75 20.24
C SER A 1 -11.81 9.99 19.19
N SER A 2 -11.23 11.18 19.19
CA SER A 2 -10.24 11.55 18.20
C SER A 2 -8.83 11.19 18.65
N ARG A 3 -8.33 10.09 18.12
CA ARG A 3 -6.96 9.68 18.34
C ARG A 3 -6.40 9.12 17.04
N ASN A 4 -5.10 9.28 16.82
CA ASN A 4 -4.49 8.85 15.57
C ASN A 4 -3.03 8.47 15.76
N PRO A 5 -2.56 7.46 15.02
CA PRO A 5 -1.15 7.13 14.93
C PRO A 5 -0.52 7.81 13.71
N GLU A 6 0.54 7.23 13.18
CA GLU A 6 1.19 7.77 11.99
C GLU A 6 0.59 7.15 10.73
N VAL A 7 0.31 7.98 9.74
CA VAL A 7 -0.37 7.54 8.53
C VAL A 7 0.45 7.87 7.27
N LEU A 8 0.73 6.86 6.46
CA LEU A 8 1.48 7.04 5.22
C LEU A 8 0.63 6.64 4.02
N TRP A 9 0.85 7.28 2.88
CA TRP A 9 0.20 6.88 1.64
C TRP A 9 1.25 6.70 0.54
N ALA A 10 0.92 5.88 -0.45
CA ALA A 10 1.85 5.61 -1.55
C ALA A 10 1.08 5.25 -2.82
N GLN A 11 1.68 5.53 -3.96
CA GLN A 11 1.06 5.21 -5.24
C GLN A 11 1.60 3.89 -5.78
N ARG A 12 0.70 3.03 -6.20
CA ARG A 12 1.08 1.76 -6.79
C ARG A 12 0.36 1.60 -8.12
N SER A 13 0.75 0.60 -8.89
CA SER A 13 0.08 0.30 -10.13
C SER A 13 -1.36 -0.15 -9.84
N ASP A 14 -2.33 0.61 -10.36
CA ASP A 14 -3.75 0.26 -10.29
C ASP A 14 -4.38 0.60 -8.94
N LYS A 15 -3.58 0.61 -7.89
CA LYS A 15 -4.13 0.79 -6.55
C LYS A 15 -3.27 1.73 -5.73
N VAL A 16 -3.92 2.45 -4.83
CA VAL A 16 -3.23 3.34 -3.91
C VAL A 16 -3.07 2.66 -2.55
N TYR A 17 -1.95 2.90 -1.91
CA TYR A 17 -1.64 2.26 -0.63
C TYR A 17 -1.74 3.23 0.51
N LEU A 18 -2.48 2.83 1.54
CA LEU A 18 -2.55 3.60 2.78
C LEU A 18 -1.94 2.77 3.90
N THR A 19 -0.78 3.17 4.37
CA THR A 19 -0.09 2.43 5.41
C THR A 19 -0.19 3.16 6.74
N VAL A 20 -1.01 2.64 7.62
CA VAL A 20 -1.16 3.22 8.94
C VAL A 20 -0.33 2.43 9.96
N ALA A 21 0.45 3.15 10.76
CA ALA A 21 1.30 2.50 11.75
C ALA A 21 0.45 2.07 12.94
N LEU A 22 0.03 0.82 12.92
CA LEU A 22 -0.85 0.30 13.93
C LEU A 22 -0.75 -1.22 13.98
N PRO A 23 -0.07 -1.75 15.01
CA PRO A 23 0.17 -3.19 15.14
C PRO A 23 -1.07 -3.96 15.62
N ASP A 24 -1.87 -3.34 16.47
CA ASP A 24 -3.03 -4.02 17.04
C ASP A 24 -4.30 -3.23 16.81
N ALA A 25 -4.99 -3.57 15.74
CA ALA A 25 -6.23 -2.90 15.37
C ALA A 25 -7.38 -3.90 15.38
N LYS A 26 -8.54 -3.45 15.81
CA LYS A 26 -9.70 -4.32 15.99
C LYS A 26 -10.96 -3.63 15.48
N ASP A 27 -11.90 -4.42 14.98
CA ASP A 27 -13.23 -3.92 14.61
C ASP A 27 -13.12 -2.74 13.65
N ILE A 28 -12.10 -2.79 12.80
CA ILE A 28 -11.87 -1.75 11.82
C ILE A 28 -13.04 -1.65 10.86
N SER A 29 -13.72 -0.51 10.88
CA SER A 29 -14.82 -0.28 9.98
C SER A 29 -14.53 0.95 9.13
N VAL A 30 -14.36 0.74 7.84
CA VAL A 30 -13.94 1.80 6.94
C VAL A 30 -15.09 2.24 6.05
N LYS A 31 -15.51 3.49 6.19
CA LYS A 31 -16.49 4.04 5.28
C LYS A 31 -15.80 4.92 4.27
N CYS A 32 -15.91 4.56 3.01
CA CYS A 32 -15.39 5.36 1.93
C CYS A 32 -16.49 5.62 0.89
N GLU A 33 -16.75 6.87 0.55
CA GLU A 33 -17.55 7.15 -0.63
C GLU A 33 -16.59 7.15 -1.81
N PRO A 34 -17.09 7.08 -3.05
CA PRO A 34 -16.25 7.21 -4.24
C PRO A 34 -15.62 8.60 -4.32
N GLN A 35 -15.84 9.39 -3.27
CA GLN A 35 -15.41 10.78 -3.20
C GLN A 35 -14.84 11.11 -1.82
N GLY A 36 -14.89 10.16 -0.89
CA GLY A 36 -14.40 10.43 0.46
C GLY A 36 -15.40 10.04 1.52
N LEU A 37 -14.92 9.45 2.61
CA LEU A 37 -15.75 9.17 3.78
C LEU A 37 -14.89 9.01 5.03
N PHE A 38 -15.55 8.85 6.16
CA PHE A 38 -14.87 8.70 7.44
C PHE A 38 -14.57 7.22 7.73
N SER A 39 -13.41 6.97 8.29
CA SER A 39 -13.01 5.61 8.63
C SER A 39 -12.82 5.49 10.15
N PHE A 40 -13.25 4.36 10.69
CA PHE A 40 -13.16 4.11 12.12
C PHE A 40 -12.34 2.86 12.42
N SER A 41 -11.39 2.99 13.31
CA SER A 41 -10.61 1.87 13.76
C SER A 41 -10.56 1.84 15.28
N ALA A 42 -10.55 0.65 15.86
CA ALA A 42 -10.42 0.53 17.30
C ALA A 42 -9.02 0.05 17.65
N LEU A 43 -8.40 0.70 18.62
CA LEU A 43 -7.05 0.35 19.04
C LEU A 43 -7.15 -0.57 20.25
N GLY A 44 -6.82 -1.84 20.05
CA GLY A 44 -7.04 -2.84 21.07
C GLY A 44 -6.10 -2.70 22.26
N ALA A 45 -4.82 -2.55 21.96
CA ALA A 45 -3.79 -2.47 22.99
C ALA A 45 -3.96 -1.25 23.90
N GLN A 46 -4.62 -0.21 23.39
CA GLN A 46 -4.77 1.03 24.13
C GLN A 46 -6.22 1.25 24.58
N GLY A 47 -7.14 0.48 24.01
CA GLY A 47 -8.55 0.64 24.33
C GLY A 47 -9.09 1.99 23.86
N GLU A 48 -8.47 2.52 22.82
CA GLU A 48 -8.80 3.84 22.32
C GLU A 48 -9.31 3.75 20.90
N ARG A 49 -10.01 4.79 20.43
CA ARG A 49 -10.52 4.79 19.08
C ARG A 49 -9.63 5.62 18.17
N PHE A 50 -9.54 5.18 16.92
CA PHE A 50 -8.84 5.93 15.89
C PHE A 50 -9.85 6.36 14.85
N GLU A 51 -9.74 7.61 14.41
CA GLU A 51 -10.71 8.14 13.46
C GLU A 51 -10.05 9.11 12.49
N PHE A 52 -10.45 9.03 11.23
CA PHE A 52 -10.00 9.96 10.21
C PHE A 52 -10.99 9.97 9.06
N SER A 53 -11.28 11.14 8.55
CA SER A 53 -12.21 11.27 7.43
C SER A 53 -11.47 11.88 6.25
N LEU A 54 -11.32 11.11 5.18
CA LEU A 54 -10.56 11.55 4.03
C LEU A 54 -11.46 11.87 2.86
N GLU A 55 -11.28 13.06 2.32
CA GLU A 55 -11.93 13.48 1.08
C GLU A 55 -11.04 13.10 -0.09
N LEU A 56 -11.62 12.50 -1.12
CA LEU A 56 -10.84 12.06 -2.27
C LEU A 56 -11.11 12.93 -3.49
N TYR A 57 -10.05 13.49 -4.04
CA TYR A 57 -10.13 14.33 -5.22
C TYR A 57 -10.26 13.44 -6.46
N GLY A 58 -9.66 12.27 -6.40
CA GLY A 58 -9.82 11.29 -7.44
C GLY A 58 -10.73 10.18 -6.98
N LYS A 59 -11.74 9.84 -7.77
CA LYS A 59 -12.77 8.93 -7.32
C LYS A 59 -12.24 7.51 -7.20
N ILE A 60 -12.60 6.87 -6.09
CA ILE A 60 -12.11 5.54 -5.78
C ILE A 60 -13.16 4.49 -6.08
N MET A 61 -12.73 3.24 -6.19
CA MET A 61 -13.65 2.14 -6.37
C MET A 61 -14.13 1.69 -5.00
N THR A 62 -15.33 2.10 -4.67
CA THR A 62 -15.92 1.90 -3.35
C THR A 62 -15.89 0.43 -2.92
N GLU A 63 -15.92 -0.47 -3.90
CA GLU A 63 -16.02 -1.89 -3.63
C GLU A 63 -14.66 -2.50 -3.28
N TYR A 64 -13.71 -2.46 -4.21
CA TYR A 64 -12.46 -3.18 -4.03
C TYR A 64 -11.43 -2.39 -3.24
N ARG A 65 -11.22 -2.83 -2.01
CA ARG A 65 -10.16 -2.32 -1.16
C ARG A 65 -9.90 -3.33 -0.04
N LYS A 66 -8.65 -3.73 0.10
CA LYS A 66 -8.29 -4.81 1.02
C LYS A 66 -7.03 -4.43 1.78
N ASN A 67 -6.98 -4.77 3.07
CA ASN A 67 -5.82 -4.43 3.88
C ASN A 67 -5.01 -5.66 4.28
N VAL A 68 -3.69 -5.51 4.23
CA VAL A 68 -2.78 -6.52 4.72
C VAL A 68 -2.02 -5.95 5.92
N GLY A 69 -1.98 -6.67 7.02
CA GLY A 69 -1.37 -6.13 8.21
C GLY A 69 -0.56 -7.14 8.99
N LEU A 70 0.46 -6.65 9.67
CA LEU A 70 1.29 -7.47 10.55
C LEU A 70 1.65 -6.65 11.79
N ARG A 71 2.53 -5.68 11.60
CA ARG A 71 2.90 -4.77 12.67
C ARG A 71 2.40 -3.37 12.30
N ASN A 72 1.71 -3.32 11.17
CA ASN A 72 1.14 -2.10 10.62
C ASN A 72 0.08 -2.49 9.61
N ILE A 73 -0.84 -1.58 9.30
CA ILE A 73 -1.95 -1.90 8.42
C ILE A 73 -1.76 -1.24 7.06
N ILE A 74 -1.63 -2.04 6.03
CA ILE A 74 -1.52 -1.54 4.67
C ILE A 74 -2.84 -1.74 3.94
N PHE A 75 -3.45 -0.64 3.52
CA PHE A 75 -4.76 -0.70 2.89
C PHE A 75 -4.65 -0.36 1.40
N SER A 76 -4.96 -1.33 0.55
CA SER A 76 -4.85 -1.14 -0.88
C SER A 76 -6.21 -0.83 -1.50
N ILE A 77 -6.35 0.36 -2.07
CA ILE A 77 -7.61 0.78 -2.69
C ILE A 77 -7.42 0.93 -4.19
N GLN A 78 -8.29 0.29 -4.96
CA GLN A 78 -8.23 0.38 -6.41
C GLN A 78 -8.97 1.64 -6.89
N LYS A 79 -8.43 2.30 -7.90
CA LYS A 79 -9.06 3.51 -8.42
C LYS A 79 -10.27 3.15 -9.28
N GLU A 80 -11.31 3.97 -9.21
CA GLU A 80 -12.54 3.70 -9.94
C GLU A 80 -12.33 3.83 -11.44
N GLU A 81 -11.95 5.02 -11.88
CA GLU A 81 -11.76 5.28 -13.29
C GLU A 81 -10.32 4.96 -13.72
N ARG A 82 -9.93 5.42 -14.89
CA ARG A 82 -8.65 5.04 -15.48
C ARG A 82 -7.53 6.00 -15.08
N SER A 83 -7.88 7.24 -14.77
CA SER A 83 -6.89 8.25 -14.43
C SER A 83 -6.80 8.45 -12.92
N TRP A 84 -5.61 8.29 -12.38
CA TRP A 84 -5.38 8.56 -10.96
C TRP A 84 -4.58 9.85 -10.82
N TRP A 85 -5.08 10.74 -9.98
CA TRP A 85 -4.45 12.03 -9.79
C TRP A 85 -3.29 11.92 -8.81
N THR A 86 -2.35 12.86 -8.88
CA THR A 86 -1.20 12.83 -8.00
C THR A 86 -1.57 13.35 -6.61
N ARG A 87 -2.63 14.16 -6.55
CA ARG A 87 -3.14 14.66 -5.30
C ARG A 87 -4.55 14.11 -5.09
N LEU A 88 -4.62 12.96 -4.44
CA LEU A 88 -5.90 12.28 -4.25
C LEU A 88 -6.67 12.84 -3.07
N LEU A 89 -6.04 13.73 -2.30
CA LEU A 89 -6.70 14.34 -1.17
C LEU A 89 -7.50 15.55 -1.62
N LYS A 90 -8.82 15.45 -1.49
CA LYS A 90 -9.70 16.57 -1.84
C LYS A 90 -9.54 17.69 -0.81
N SER A 91 -8.99 17.34 0.34
CA SER A 91 -8.51 18.32 1.31
C SER A 91 -7.25 18.96 0.75
N GLU A 92 -7.44 19.70 -0.34
CA GLU A 92 -6.36 20.17 -1.19
C GLU A 92 -5.61 21.37 -0.59
N GLU A 93 -5.85 21.65 0.67
CA GLU A 93 -5.04 22.63 1.37
C GLU A 93 -3.83 21.92 1.98
N LYS A 94 -4.12 20.93 2.84
CA LYS A 94 -3.11 20.08 3.46
C LYS A 94 -3.83 18.88 4.07
N PRO A 95 -3.39 17.65 3.75
CA PRO A 95 -4.03 16.43 4.24
C PRO A 95 -4.05 16.36 5.77
N ALA A 96 -2.88 16.23 6.37
CA ALA A 96 -2.75 16.18 7.82
C ALA A 96 -1.28 16.10 8.21
N PRO A 97 -0.91 16.68 9.36
CA PRO A 97 0.47 16.67 9.85
C PRO A 97 0.94 15.26 10.23
N TYR A 98 0.00 14.33 10.35
CA TYR A 98 0.33 12.95 10.66
C TYR A 98 0.32 12.10 9.40
N ILE A 99 0.11 12.73 8.26
CA ILE A 99 0.09 12.04 6.99
C ILE A 99 1.35 12.29 6.21
N LYS A 100 2.05 11.21 5.96
CA LYS A 100 3.28 11.22 5.19
C LYS A 100 3.18 10.25 4.04
N VAL A 101 4.27 10.09 3.31
CA VAL A 101 4.29 9.17 2.19
C VAL A 101 4.98 7.87 2.60
N ASP A 102 4.38 6.74 2.26
CA ASP A 102 5.05 5.47 2.44
C ASP A 102 6.05 5.27 1.31
N TRP A 103 7.29 5.63 1.58
CA TRP A 103 8.36 5.57 0.58
C TRP A 103 8.83 4.14 0.35
N ASN A 104 8.22 3.20 1.05
CA ASN A 104 8.58 1.79 0.93
C ASN A 104 7.63 1.08 -0.03
N LYS A 105 6.34 1.40 0.04
CA LYS A 105 5.34 0.77 -0.85
C LYS A 105 5.33 1.45 -2.22
N TRP A 106 6.12 2.51 -2.35
CA TRP A 106 6.24 3.21 -3.61
C TRP A 106 6.67 2.24 -4.72
N CYS A 107 6.01 2.33 -5.86
CA CYS A 107 6.22 1.40 -6.97
C CYS A 107 7.69 1.33 -7.37
N ASP A 108 8.28 0.14 -7.22
CA ASP A 108 9.65 -0.10 -7.63
C ASP A 108 9.68 -0.35 -9.13
N GLU A 109 10.31 0.54 -9.87
CA GLU A 109 10.31 0.45 -11.32
C GLU A 109 11.44 -0.47 -11.80
N ASP A 110 11.13 -1.76 -11.89
CA ASP A 110 12.10 -2.78 -12.30
C ASP A 110 13.31 -2.79 -11.38
N GLU A 111 13.07 -2.49 -10.11
CA GLU A 111 14.11 -2.48 -9.10
C GLU A 111 14.47 -3.93 -8.75
N GLU A 112 13.44 -4.77 -8.73
CA GLU A 112 13.58 -6.18 -8.40
C GLU A 112 13.98 -6.99 -9.63
N VAL A 113 14.87 -6.42 -10.41
CA VAL A 113 15.26 -6.98 -11.69
C VAL A 113 16.09 -8.26 -11.51
N ASN A 114 16.81 -8.35 -10.39
CA ASN A 114 17.72 -9.47 -10.17
C ASN A 114 16.94 -10.64 -9.62
N SER A 115 15.81 -10.33 -9.03
CA SER A 115 14.89 -11.33 -8.55
C SER A 115 14.11 -11.90 -9.73
N GLU A 116 13.90 -11.06 -10.74
CA GLU A 116 13.17 -11.45 -11.93
C GLU A 116 14.02 -12.29 -12.86
N THR A 117 15.28 -11.89 -13.05
CA THR A 117 16.18 -12.56 -13.98
C THR A 117 16.73 -13.87 -13.39
N ALA A 118 16.50 -14.08 -12.10
CA ALA A 118 16.90 -15.32 -11.44
C ALA A 118 16.25 -16.54 -12.10
N SER A 119 17.07 -17.42 -12.64
CA SER A 119 16.59 -18.60 -13.36
C SER A 119 16.46 -19.81 -12.44
N ASP A 120 15.79 -20.85 -12.94
CA ASP A 120 15.59 -22.08 -12.17
C ASP A 120 16.14 -23.28 -12.92
N ASP A 121 16.88 -24.12 -12.22
CA ASP A 121 17.51 -25.29 -12.84
C ASP A 121 16.60 -26.51 -12.75
N GLU A 122 16.73 -27.42 -13.72
CA GLU A 122 15.87 -28.59 -13.78
C GLU A 122 16.52 -29.75 -13.04
N SER A 123 17.83 -29.67 -12.90
CA SER A 123 18.63 -30.68 -12.23
C SER A 123 18.27 -32.10 -12.69
N ALA A 124 18.69 -32.42 -13.92
CA ALA A 124 18.41 -33.73 -14.49
C ALA A 124 19.56 -34.69 -14.19
N PHE A 125 19.34 -35.58 -13.22
CA PHE A 125 20.35 -36.52 -12.81
C PHE A 125 20.04 -37.92 -13.31
N VAL A 126 21.07 -38.61 -13.78
CA VAL A 126 20.94 -39.97 -14.26
C VAL A 126 21.89 -40.88 -13.48
N ASN A 127 21.39 -42.03 -13.04
CA ASN A 127 22.20 -42.96 -12.27
C ASN A 127 21.61 -44.36 -12.32
N GLN A 128 22.34 -45.29 -12.88
CA GLN A 128 21.90 -46.68 -12.95
C GLN A 128 23.03 -47.58 -12.45
N ASP A 129 22.75 -48.36 -11.43
CA ASP A 129 23.77 -49.18 -10.80
C ASP A 129 23.26 -50.58 -10.50
N SER A 130 22.26 -51.02 -11.26
CA SER A 130 21.73 -52.37 -11.10
C SER A 130 22.72 -53.40 -11.64
N GLU A 131 23.52 -53.95 -10.75
CA GLU A 131 24.52 -54.94 -11.12
C GLU A 131 24.63 -55.97 -10.00
N SER A 132 24.37 -57.23 -10.34
CA SER A 132 24.37 -58.30 -9.35
C SER A 132 24.65 -59.65 -10.01
N SER A 133 25.37 -60.51 -9.32
CA SER A 133 25.67 -61.85 -9.82
C SER A 133 25.96 -62.81 -8.68
N ASP A 134 25.11 -63.84 -8.53
CA ASP A 134 25.32 -64.84 -7.49
C ASP A 134 25.74 -66.16 -8.13
N ASP A 135 26.57 -66.92 -7.43
CA ASP A 135 27.14 -68.14 -7.98
C ASP A 135 26.55 -69.37 -7.31
N ASP A 136 26.82 -70.55 -7.87
CA ASP A 136 26.29 -71.80 -7.34
C ASP A 136 27.02 -72.98 -7.97
N GLY A 137 27.78 -73.69 -7.15
CA GLY A 137 28.47 -74.87 -7.62
C GLY A 137 29.36 -75.48 -6.56
N LEU A 138 28.76 -76.16 -5.60
CA LEU A 138 29.52 -76.77 -4.52
C LEU A 138 29.48 -78.29 -4.63
N LEU A 139 30.52 -78.86 -5.22
CA LEU A 139 30.66 -80.30 -5.29
C LEU A 139 32.06 -80.72 -4.83
N TYR A 140 32.19 -80.96 -3.54
CA TYR A 140 33.44 -81.40 -2.96
C TYR A 140 33.20 -82.43 -1.87
N LEU A 141 33.77 -83.61 -2.05
CA LEU A 141 33.75 -84.64 -1.03
C LEU A 141 35.05 -85.45 -1.08
N PRO A 142 36.16 -84.89 -0.57
CA PRO A 142 37.45 -85.55 -0.53
C PRO A 142 37.69 -86.29 0.77
N ASP A 143 37.33 -87.56 0.78
CA ASP A 143 37.56 -88.40 1.94
C ASP A 143 37.93 -89.82 1.52
N LEU A 144 39.23 -90.01 1.28
CA LEU A 144 39.81 -91.34 1.06
C LEU A 144 39.33 -91.98 -0.23
N GLU A 145 38.84 -91.16 -1.16
CA GLU A 145 38.29 -91.64 -2.43
C GLU A 145 37.33 -92.81 -2.19
N LYS A 146 36.41 -92.62 -1.25
CA LYS A 146 35.41 -93.62 -0.91
C LYS A 146 34.60 -94.06 -2.14
N ALA A 147 35.08 -95.10 -2.82
CA ALA A 147 34.39 -95.67 -3.96
C ALA A 147 34.79 -97.12 -4.15
N ARG A 148 33.87 -98.03 -3.80
CA ARG A 148 34.09 -99.47 -3.90
C ARG A 148 35.36 -99.91 -3.16
N ASN A 149 35.22 -100.13 -1.85
CA ASN A 149 36.34 -100.59 -1.04
C ASN A 149 36.08 -101.99 -0.53
N LYS A 150 36.91 -102.93 -0.92
CA LYS A 150 36.78 -104.30 -0.46
C LYS A 150 37.91 -104.62 0.50
N SER A 1 -13.22 11.21 20.23
CA SER A 1 -12.19 10.16 20.24
C SER A 1 -11.42 10.21 18.92
N SER A 2 -10.32 10.95 18.91
CA SER A 2 -9.55 11.14 17.70
C SER A 2 -8.08 10.81 17.92
N ARG A 3 -7.80 9.54 18.17
CA ARG A 3 -6.42 9.09 18.28
C ARG A 3 -5.89 8.82 16.89
N ASN A 4 -4.62 9.17 16.65
CA ASN A 4 -4.02 8.98 15.34
C ASN A 4 -2.54 8.59 15.45
N PRO A 5 -2.16 7.50 14.79
CA PRO A 5 -0.78 7.06 14.68
C PRO A 5 -0.14 7.54 13.38
N GLU A 6 0.78 6.76 12.81
CA GLU A 6 1.41 7.13 11.56
C GLU A 6 0.59 6.64 10.37
N VAL A 7 0.29 7.55 9.45
CA VAL A 7 -0.48 7.21 8.26
C VAL A 7 0.30 7.58 7.00
N LEU A 8 0.71 6.57 6.24
CA LEU A 8 1.45 6.78 5.01
C LEU A 8 0.60 6.37 3.82
N TRP A 9 0.81 7.01 2.69
CA TRP A 9 0.12 6.63 1.47
C TRP A 9 1.10 6.42 0.33
N ALA A 10 0.76 5.52 -0.56
CA ALA A 10 1.56 5.22 -1.74
C ALA A 10 0.65 4.84 -2.90
N GLN A 11 0.57 5.73 -3.88
CA GLN A 11 -0.35 5.53 -5.00
C GLN A 11 0.35 4.97 -6.23
N ARG A 12 -0.44 4.35 -7.09
CA ARG A 12 0.04 3.83 -8.35
C ARG A 12 -0.88 4.31 -9.47
N SER A 13 -0.66 3.82 -10.68
CA SER A 13 -1.48 4.22 -11.82
C SER A 13 -2.86 3.57 -11.75
N ASP A 14 -2.94 2.45 -11.05
CA ASP A 14 -4.17 1.66 -10.98
C ASP A 14 -4.78 1.72 -9.57
N LYS A 15 -3.98 1.41 -8.56
CA LYS A 15 -4.48 1.33 -7.19
C LYS A 15 -3.65 2.20 -6.26
N VAL A 16 -4.07 2.27 -5.01
CA VAL A 16 -3.37 3.05 -4.01
C VAL A 16 -3.27 2.26 -2.69
N TYR A 17 -2.15 2.40 -2.00
CA TYR A 17 -1.96 1.75 -0.72
C TYR A 17 -2.09 2.77 0.40
N LEU A 18 -2.78 2.39 1.46
CA LEU A 18 -2.88 3.21 2.65
C LEU A 18 -2.24 2.48 3.81
N THR A 19 -1.10 2.97 4.26
CA THR A 19 -0.33 2.31 5.30
C THR A 19 -0.53 2.99 6.65
N VAL A 20 -1.33 2.39 7.51
CA VAL A 20 -1.52 2.92 8.85
C VAL A 20 -0.78 2.06 9.86
N ALA A 21 0.05 2.70 10.68
CA ALA A 21 0.78 2.00 11.72
C ALA A 21 -0.14 1.69 12.89
N LEU A 22 -0.70 0.49 12.87
CA LEU A 22 -1.70 0.10 13.85
C LEU A 22 -1.11 -0.95 14.80
N PRO A 23 -0.95 -0.59 16.08
CA PRO A 23 -0.40 -1.51 17.09
C PRO A 23 -1.27 -2.76 17.25
N ASP A 24 -2.53 -2.56 17.60
CA ASP A 24 -3.44 -3.67 17.85
C ASP A 24 -4.78 -3.40 17.17
N ALA A 25 -5.07 -4.18 16.13
CA ALA A 25 -6.26 -3.99 15.31
C ALA A 25 -7.52 -4.50 16.02
N LYS A 26 -8.46 -3.60 16.25
CA LYS A 26 -9.73 -3.94 16.89
C LYS A 26 -10.87 -3.16 16.25
N ASP A 27 -11.99 -3.83 16.03
CA ASP A 27 -13.23 -3.21 15.55
C ASP A 27 -12.98 -2.17 14.47
N ILE A 28 -12.32 -2.59 13.40
CA ILE A 28 -11.98 -1.68 12.32
C ILE A 28 -13.20 -1.45 11.42
N SER A 29 -13.79 -0.27 11.51
CA SER A 29 -14.93 0.06 10.69
C SER A 29 -14.52 1.09 9.64
N VAL A 30 -14.56 0.68 8.39
CA VAL A 30 -14.17 1.54 7.29
C VAL A 30 -15.40 1.93 6.47
N LYS A 31 -15.72 3.21 6.46
CA LYS A 31 -16.83 3.69 5.67
C LYS A 31 -16.36 4.79 4.74
N CYS A 32 -16.10 4.42 3.50
CA CYS A 32 -15.57 5.36 2.52
C CYS A 32 -16.47 5.41 1.28
N GLU A 33 -16.59 6.57 0.67
CA GLU A 33 -17.34 6.71 -0.55
C GLU A 33 -16.38 6.92 -1.72
N PRO A 34 -16.84 6.76 -2.97
CA PRO A 34 -15.99 6.93 -4.16
C PRO A 34 -15.46 8.36 -4.32
N GLN A 35 -15.70 9.17 -3.30
CA GLN A 35 -15.25 10.55 -3.27
C GLN A 35 -14.66 10.88 -1.90
N GLY A 36 -14.68 9.90 -1.00
CA GLY A 36 -14.20 10.11 0.35
C GLY A 36 -15.24 9.78 1.38
N LEU A 37 -14.81 9.17 2.48
CA LEU A 37 -15.65 9.02 3.66
C LEU A 37 -14.78 8.73 4.89
N PHE A 38 -15.41 8.58 6.05
CA PHE A 38 -14.68 8.52 7.31
C PHE A 38 -14.54 7.08 7.81
N SER A 39 -13.44 6.80 8.48
CA SER A 39 -13.22 5.49 9.04
C SER A 39 -12.79 5.59 10.49
N PHE A 40 -13.21 4.63 11.29
CA PHE A 40 -12.84 4.60 12.70
C PHE A 40 -12.50 3.19 13.13
N SER A 41 -11.41 3.05 13.84
CA SER A 41 -10.92 1.77 14.29
C SER A 41 -10.65 1.84 15.79
N ALA A 42 -10.61 0.71 16.45
CA ALA A 42 -10.30 0.66 17.86
C ALA A 42 -8.90 0.13 18.07
N LEU A 43 -8.19 0.77 18.98
CA LEU A 43 -6.87 0.30 19.38
C LEU A 43 -7.03 -0.51 20.65
N GLY A 44 -6.87 -1.82 20.53
CA GLY A 44 -7.12 -2.71 21.63
C GLY A 44 -6.14 -2.54 22.77
N ALA A 45 -4.87 -2.40 22.42
CA ALA A 45 -3.80 -2.25 23.41
C ALA A 45 -3.94 -0.96 24.21
N GLN A 46 -4.48 0.08 23.58
CA GLN A 46 -4.61 1.37 24.23
C GLN A 46 -6.03 1.59 24.74
N GLY A 47 -6.97 0.81 24.22
CA GLY A 47 -8.36 0.93 24.61
C GLY A 47 -8.99 2.19 24.06
N GLU A 48 -8.36 2.77 23.05
CA GLU A 48 -8.79 4.06 22.51
C GLU A 48 -9.19 3.91 21.05
N ARG A 49 -10.05 4.78 20.55
CA ARG A 49 -10.46 4.72 19.16
C ARG A 49 -9.60 5.64 18.30
N PHE A 50 -9.18 5.12 17.16
CA PHE A 50 -8.46 5.88 16.17
C PHE A 50 -9.39 6.20 15.01
N GLU A 51 -9.32 7.41 14.49
CA GLU A 51 -10.22 7.80 13.42
C GLU A 51 -9.49 8.58 12.34
N PHE A 52 -10.06 8.58 11.15
CA PHE A 52 -9.57 9.40 10.05
C PHE A 52 -10.67 9.59 9.02
N SER A 53 -10.87 10.84 8.63
CA SER A 53 -11.83 11.16 7.58
C SER A 53 -11.07 11.57 6.33
N LEU A 54 -11.11 10.73 5.30
CA LEU A 54 -10.36 11.00 4.09
C LEU A 54 -11.26 11.23 2.91
N GLU A 55 -11.22 12.45 2.39
CA GLU A 55 -11.85 12.76 1.13
C GLU A 55 -10.87 12.47 0.01
N LEU A 56 -11.24 11.60 -0.90
CA LEU A 56 -10.37 11.27 -2.00
C LEU A 56 -10.73 12.15 -3.19
N TYR A 57 -9.72 12.54 -3.94
CA TYR A 57 -9.86 13.63 -4.90
C TYR A 57 -10.87 13.32 -6.02
N GLY A 58 -11.23 12.06 -6.20
CA GLY A 58 -12.26 11.74 -7.17
C GLY A 58 -12.19 10.32 -7.70
N LYS A 59 -13.36 9.69 -7.76
CA LYS A 59 -13.55 8.38 -8.40
C LYS A 59 -12.69 7.29 -7.80
N ILE A 60 -13.21 6.64 -6.78
CA ILE A 60 -12.54 5.51 -6.14
C ILE A 60 -13.37 4.25 -6.34
N MET A 61 -12.72 3.10 -6.35
CA MET A 61 -13.42 1.82 -6.45
C MET A 61 -13.85 1.39 -5.06
N THR A 62 -15.10 1.67 -4.74
CA THR A 62 -15.62 1.51 -3.38
C THR A 62 -15.76 0.05 -2.98
N GLU A 63 -15.76 -0.85 -3.94
CA GLU A 63 -16.03 -2.26 -3.67
C GLU A 63 -14.75 -3.03 -3.38
N TYR A 64 -13.74 -2.85 -4.23
CA TYR A 64 -12.50 -3.60 -4.07
C TYR A 64 -11.54 -2.88 -3.14
N ARG A 65 -11.37 -3.45 -1.96
CA ARG A 65 -10.40 -2.96 -0.99
C ARG A 65 -9.90 -4.13 -0.15
N LYS A 66 -8.58 -4.29 -0.09
CA LYS A 66 -8.02 -5.43 0.62
C LYS A 66 -7.14 -4.95 1.77
N ASN A 67 -7.43 -5.46 2.96
CA ASN A 67 -6.71 -5.10 4.17
C ASN A 67 -5.64 -6.15 4.48
N VAL A 68 -4.37 -5.76 4.37
CA VAL A 68 -3.27 -6.63 4.78
C VAL A 68 -2.54 -5.97 5.95
N GLY A 69 -1.95 -6.76 6.83
CA GLY A 69 -1.31 -6.17 7.99
C GLY A 69 -0.23 -7.03 8.60
N LEU A 70 0.87 -6.39 9.00
CA LEU A 70 1.94 -7.05 9.74
C LEU A 70 2.12 -6.35 11.09
N ARG A 71 2.88 -5.27 11.08
CA ARG A 71 2.99 -4.38 12.24
C ARG A 71 2.20 -3.11 11.95
N ASN A 72 1.55 -3.14 10.81
CA ASN A 72 0.86 -2.00 10.26
C ASN A 72 -0.20 -2.50 9.28
N ILE A 73 -1.28 -1.75 9.14
CA ILE A 73 -2.36 -2.17 8.26
C ILE A 73 -2.31 -1.39 6.96
N ILE A 74 -2.09 -2.11 5.87
CA ILE A 74 -2.05 -1.51 4.55
C ILE A 74 -3.33 -1.81 3.80
N PHE A 75 -4.05 -0.78 3.43
CA PHE A 75 -5.26 -0.93 2.66
C PHE A 75 -4.94 -0.78 1.19
N SER A 76 -5.23 -1.81 0.42
CA SER A 76 -5.02 -1.77 -1.02
C SER A 76 -6.34 -1.55 -1.74
N ILE A 77 -6.56 -0.34 -2.22
CA ILE A 77 -7.80 0.01 -2.89
C ILE A 77 -7.50 0.51 -4.29
N GLN A 78 -8.32 0.11 -5.26
CA GLN A 78 -8.20 0.63 -6.60
C GLN A 78 -9.02 1.91 -6.74
N LYS A 79 -8.60 2.81 -7.61
CA LYS A 79 -9.42 3.95 -7.93
C LYS A 79 -10.31 3.58 -9.11
N GLU A 80 -11.38 4.35 -9.31
CA GLU A 80 -12.42 3.99 -10.28
C GLU A 80 -11.83 3.74 -11.67
N GLU A 81 -10.88 4.57 -12.07
CA GLU A 81 -10.28 4.43 -13.39
C GLU A 81 -8.76 4.60 -13.31
N ARG A 82 -8.09 4.32 -14.42
CA ARG A 82 -6.64 4.46 -14.50
C ARG A 82 -6.25 5.86 -14.94
N SER A 83 -7.15 6.81 -14.71
CA SER A 83 -6.90 8.21 -15.01
C SER A 83 -5.72 8.72 -14.18
N TRP A 84 -5.05 9.75 -14.67
CA TRP A 84 -3.91 10.32 -13.98
C TRP A 84 -4.38 11.11 -12.77
N TRP A 85 -3.48 11.38 -11.85
CA TRP A 85 -3.81 12.03 -10.61
C TRP A 85 -2.95 13.26 -10.41
N THR A 86 -3.50 14.26 -9.75
CA THR A 86 -2.69 15.38 -9.31
C THR A 86 -2.29 15.15 -7.86
N ARG A 87 -3.20 14.50 -7.12
CA ARG A 87 -3.02 14.20 -5.71
C ARG A 87 -3.88 13.00 -5.36
N LEU A 88 -3.89 12.60 -4.10
CA LEU A 88 -4.80 11.56 -3.63
C LEU A 88 -5.89 12.19 -2.77
N LEU A 89 -5.48 13.11 -1.92
CA LEU A 89 -6.38 13.79 -1.00
C LEU A 89 -7.10 14.95 -1.68
N LYS A 90 -8.41 14.84 -1.76
CA LYS A 90 -9.27 15.91 -2.26
C LYS A 90 -8.97 17.23 -1.52
N SER A 91 -8.54 17.09 -0.27
CA SER A 91 -8.17 18.22 0.55
C SER A 91 -6.78 18.73 0.16
N GLU A 92 -6.73 19.44 -0.97
CA GLU A 92 -5.48 19.97 -1.49
C GLU A 92 -4.89 21.05 -0.60
N GLU A 93 -5.67 21.52 0.37
CA GLU A 93 -5.26 22.60 1.26
C GLU A 93 -4.00 22.24 2.04
N LYS A 94 -4.19 21.59 3.18
CA LYS A 94 -3.07 21.16 4.01
C LYS A 94 -3.37 19.79 4.61
N PRO A 95 -2.53 18.80 4.32
CA PRO A 95 -2.68 17.46 4.88
C PRO A 95 -2.35 17.42 6.37
N ALA A 96 -2.93 16.46 7.07
CA ALA A 96 -2.68 16.28 8.48
C ALA A 96 -1.24 15.84 8.71
N PRO A 97 -0.63 16.25 9.84
CA PRO A 97 0.78 15.95 10.14
C PRO A 97 1.09 14.46 10.20
N TYR A 98 0.07 13.66 10.50
CA TYR A 98 0.25 12.22 10.61
C TYR A 98 0.14 11.57 9.24
N ILE A 99 -0.11 12.37 8.21
CA ILE A 99 -0.21 11.86 6.85
C ILE A 99 1.05 12.19 6.07
N LYS A 100 1.72 11.14 5.66
CA LYS A 100 2.95 11.25 4.89
C LYS A 100 3.02 10.14 3.84
N VAL A 101 4.02 10.20 2.97
CA VAL A 101 4.17 9.18 1.93
C VAL A 101 4.92 7.97 2.47
N ASP A 102 4.44 6.78 2.15
CA ASP A 102 5.15 5.55 2.48
C ASP A 102 6.37 5.43 1.57
N TRP A 103 7.50 5.96 2.03
CA TRP A 103 8.72 5.97 1.23
C TRP A 103 9.42 4.61 1.23
N ASN A 104 8.83 3.64 1.91
CA ASN A 104 9.46 2.33 2.04
C ASN A 104 8.80 1.32 1.12
N LYS A 105 7.55 1.55 0.78
CA LYS A 105 6.81 0.65 -0.11
C LYS A 105 6.38 1.34 -1.40
N TRP A 106 6.75 2.61 -1.53
CA TRP A 106 6.51 3.32 -2.77
C TRP A 106 7.66 3.02 -3.74
N CYS A 107 7.30 2.68 -4.96
CA CYS A 107 8.28 2.28 -5.97
C CYS A 107 9.10 3.46 -6.45
N ASP A 108 10.30 3.61 -5.91
CA ASP A 108 11.19 4.69 -6.31
C ASP A 108 11.83 4.36 -7.65
N GLU A 109 12.09 5.37 -8.45
CA GLU A 109 12.76 5.16 -9.73
C GLU A 109 14.26 4.91 -9.51
N ASP A 110 14.71 5.15 -8.29
CA ASP A 110 16.10 4.90 -7.93
C ASP A 110 16.18 3.73 -6.93
N GLU A 111 15.05 3.07 -6.71
CA GLU A 111 14.98 1.84 -5.89
C GLU A 111 16.15 0.91 -6.25
N GLU A 112 16.70 0.25 -5.24
CA GLU A 112 17.96 -0.49 -5.36
C GLU A 112 18.05 -1.37 -6.59
N VAL A 113 18.99 -1.02 -7.46
CA VAL A 113 19.28 -1.80 -8.66
C VAL A 113 20.43 -2.77 -8.40
N ASN A 114 20.34 -3.50 -7.30
CA ASN A 114 21.44 -4.35 -6.85
C ASN A 114 21.26 -5.74 -7.43
N SER A 115 20.54 -5.80 -8.54
CA SER A 115 20.23 -7.03 -9.21
C SER A 115 21.49 -7.71 -9.74
N GLU A 116 22.54 -6.92 -9.96
CA GLU A 116 23.81 -7.46 -10.42
C GLU A 116 24.58 -8.05 -9.24
N THR A 117 24.07 -7.80 -8.03
CA THR A 117 24.67 -8.28 -6.77
C THR A 117 26.16 -7.97 -6.69
N ALA A 118 26.54 -6.80 -7.21
CA ALA A 118 27.95 -6.36 -7.25
C ALA A 118 28.78 -7.21 -8.21
N SER A 119 29.49 -6.54 -9.09
CA SER A 119 30.34 -7.21 -10.07
C SER A 119 31.81 -6.96 -9.77
N ASP A 120 32.60 -8.02 -9.77
CA ASP A 120 34.03 -7.92 -9.51
C ASP A 120 34.82 -8.70 -10.54
N ASP A 121 36.12 -8.46 -10.61
CA ASP A 121 36.98 -9.06 -11.63
C ASP A 121 37.23 -10.54 -11.35
N GLU A 122 37.78 -11.22 -12.34
CA GLU A 122 38.11 -12.63 -12.21
C GLU A 122 39.55 -12.74 -11.77
N SER A 123 39.75 -13.20 -10.54
CA SER A 123 41.05 -13.26 -9.92
C SER A 123 41.92 -14.34 -10.55
N ALA A 124 42.43 -14.03 -11.73
CA ALA A 124 43.38 -14.90 -12.41
C ALA A 124 44.57 -15.21 -11.50
N PHE A 125 44.71 -16.47 -11.15
CA PHE A 125 45.77 -16.89 -10.24
C PHE A 125 47.13 -16.88 -10.95
N VAL A 126 48.19 -16.85 -10.15
CA VAL A 126 49.54 -16.79 -10.67
C VAL A 126 50.28 -18.11 -10.42
N ASN A 127 51.47 -18.24 -10.98
CA ASN A 127 52.27 -19.43 -10.77
C ASN A 127 53.45 -19.11 -9.85
N GLN A 128 54.10 -20.15 -9.35
CA GLN A 128 55.22 -19.99 -8.43
C GLN A 128 56.54 -20.22 -9.15
N ASP A 129 57.62 -19.77 -8.53
CA ASP A 129 58.97 -19.98 -9.05
C ASP A 129 59.79 -20.63 -7.96
N SER A 130 59.45 -21.86 -7.64
CA SER A 130 60.12 -22.55 -6.55
C SER A 130 60.84 -23.81 -7.05
N GLU A 131 62.10 -23.65 -7.40
CA GLU A 131 62.98 -24.79 -7.65
C GLU A 131 63.79 -25.07 -6.40
N SER A 132 64.68 -24.13 -6.09
CA SER A 132 65.48 -24.13 -4.87
C SER A 132 66.07 -25.51 -4.54
N SER A 133 67.20 -25.83 -5.17
CA SER A 133 67.88 -27.08 -4.91
C SER A 133 69.10 -26.84 -4.03
N ASP A 134 69.42 -27.81 -3.19
CA ASP A 134 70.57 -27.69 -2.28
C ASP A 134 71.85 -28.18 -2.92
N ASP A 135 72.97 -27.93 -2.25
CA ASP A 135 74.27 -28.36 -2.73
C ASP A 135 74.82 -29.45 -1.83
N ASP A 136 75.79 -30.20 -2.34
CA ASP A 136 76.49 -31.21 -1.54
C ASP A 136 77.56 -30.53 -0.69
N GLY A 137 78.61 -30.06 -1.35
CA GLY A 137 79.67 -29.36 -0.66
C GLY A 137 80.66 -30.30 -0.01
N LEU A 138 81.07 -31.32 -0.77
CA LEU A 138 82.02 -32.30 -0.27
C LEU A 138 83.36 -32.13 -0.97
N LEU A 139 84.44 -32.44 -0.26
CA LEU A 139 85.78 -32.32 -0.83
C LEU A 139 86.63 -33.51 -0.39
N TYR A 140 87.62 -33.85 -1.19
CA TYR A 140 88.49 -34.98 -0.91
C TYR A 140 89.65 -34.57 0.01
N LEU A 141 89.42 -34.69 1.31
CA LEU A 141 90.42 -34.30 2.29
C LEU A 141 91.30 -35.50 2.64
N PRO A 142 92.57 -35.25 2.98
CA PRO A 142 93.50 -36.29 3.41
C PRO A 142 93.16 -36.80 4.81
N ASP A 143 92.68 -38.03 4.89
CA ASP A 143 92.24 -38.60 6.15
C ASP A 143 93.08 -39.84 6.48
N LEU A 144 94.21 -39.97 5.82
CA LEU A 144 95.07 -41.13 5.99
C LEU A 144 96.33 -40.77 6.76
N GLU A 145 97.05 -41.79 7.20
CA GLU A 145 98.35 -41.62 7.81
C GLU A 145 99.46 -41.95 6.82
N LYS A 146 99.14 -41.81 5.54
CA LYS A 146 100.12 -42.04 4.48
C LYS A 146 101.05 -40.83 4.36
N ALA A 147 101.90 -40.72 5.37
CA ALA A 147 102.85 -39.62 5.51
C ALA A 147 103.62 -39.81 6.80
N ARG A 148 102.95 -40.46 7.75
CA ARG A 148 103.56 -40.86 9.02
C ARG A 148 104.75 -41.77 8.76
N ASN A 149 105.95 -41.19 8.82
CA ASN A 149 107.18 -41.92 8.56
C ASN A 149 108.35 -41.07 9.03
N LYS A 150 109.17 -41.62 9.92
CA LYS A 150 110.34 -40.90 10.42
C LYS A 150 111.59 -41.30 9.65
N SER A 1 -12.47 11.62 22.04
CA SER A 1 -12.58 10.18 22.35
C SER A 1 -11.92 9.34 21.25
N SER A 2 -11.32 10.02 20.28
CA SER A 2 -10.65 9.35 19.17
C SER A 2 -9.18 9.74 19.13
N ARG A 3 -8.43 9.12 18.23
CA ARG A 3 -7.03 9.43 18.09
C ARG A 3 -6.65 9.42 16.62
N ASN A 4 -5.72 10.28 16.24
CA ASN A 4 -5.26 10.34 14.86
C ASN A 4 -3.97 9.53 14.71
N PRO A 5 -3.92 8.67 13.69
CA PRO A 5 -2.72 7.93 13.34
C PRO A 5 -1.87 8.71 12.33
N GLU A 6 -1.09 7.98 11.56
CA GLU A 6 -0.40 8.57 10.42
C GLU A 6 -0.50 7.62 9.24
N VAL A 7 -0.81 8.18 8.09
CA VAL A 7 -1.07 7.41 6.89
C VAL A 7 0.00 7.66 5.85
N LEU A 8 0.80 6.65 5.59
CA LEU A 8 1.82 6.73 4.55
C LEU A 8 1.24 6.23 3.25
N TRP A 9 1.14 7.09 2.25
CA TRP A 9 0.48 6.68 1.02
C TRP A 9 1.47 6.34 -0.08
N ALA A 10 1.05 5.37 -0.88
CA ALA A 10 1.77 4.93 -2.07
C ALA A 10 0.74 4.43 -3.07
N GLN A 11 1.18 3.82 -4.16
CA GLN A 11 0.22 3.35 -5.16
C GLN A 11 0.80 2.28 -6.05
N ARG A 12 -0.08 1.67 -6.84
CA ARG A 12 0.29 0.78 -7.91
C ARG A 12 -0.55 1.12 -9.14
N SER A 13 -0.42 0.34 -10.20
CA SER A 13 -1.14 0.61 -11.44
C SER A 13 -2.66 0.67 -11.23
N ASP A 14 -3.21 -0.33 -10.54
CA ASP A 14 -4.65 -0.41 -10.37
C ASP A 14 -5.09 0.14 -9.02
N LYS A 15 -4.37 -0.19 -7.96
CA LYS A 15 -4.80 0.14 -6.61
C LYS A 15 -3.84 1.09 -5.91
N VAL A 16 -4.36 1.77 -4.89
CA VAL A 16 -3.58 2.68 -4.08
C VAL A 16 -3.21 2.02 -2.76
N TYR A 17 -2.00 2.27 -2.28
CA TYR A 17 -1.50 1.65 -1.05
C TYR A 17 -1.51 2.64 0.09
N LEU A 18 -2.16 2.25 1.17
CA LEU A 18 -2.20 3.07 2.38
C LEU A 18 -1.54 2.34 3.54
N THR A 19 -0.39 2.83 3.95
CA THR A 19 0.33 2.21 5.05
C THR A 19 0.12 3.00 6.33
N VAL A 20 -0.74 2.50 7.19
CA VAL A 20 -1.07 3.19 8.42
C VAL A 20 -0.34 2.56 9.61
N ALA A 21 0.34 3.39 10.38
CA ALA A 21 1.07 2.92 11.54
C ALA A 21 0.11 2.61 12.68
N LEU A 22 -0.28 1.37 12.80
CA LEU A 22 -1.26 0.96 13.79
C LEU A 22 -0.92 -0.45 14.28
N PRO A 23 -0.39 -0.58 15.52
CA PRO A 23 0.07 -1.85 16.06
C PRO A 23 -1.06 -2.85 16.36
N ASP A 24 -1.75 -2.66 17.48
CA ASP A 24 -2.78 -3.59 17.91
C ASP A 24 -4.15 -3.11 17.46
N ALA A 25 -4.47 -3.39 16.20
CA ALA A 25 -5.69 -2.88 15.59
C ALA A 25 -6.81 -3.91 15.63
N LYS A 26 -7.97 -3.45 16.09
CA LYS A 26 -9.16 -4.29 16.22
C LYS A 26 -10.39 -3.44 15.91
N ASP A 27 -11.55 -4.08 15.82
CA ASP A 27 -12.82 -3.39 15.56
C ASP A 27 -12.72 -2.49 14.33
N ILE A 28 -11.93 -2.94 13.36
CA ILE A 28 -11.66 -2.16 12.18
C ILE A 28 -12.82 -2.20 11.20
N SER A 29 -13.43 -1.04 10.96
CA SER A 29 -14.46 -0.90 9.97
C SER A 29 -14.13 0.27 9.05
N VAL A 30 -13.88 -0.04 7.79
CA VAL A 30 -13.43 0.96 6.84
C VAL A 30 -14.58 1.44 5.96
N LYS A 31 -14.92 2.72 6.07
CA LYS A 31 -15.95 3.31 5.21
C LYS A 31 -15.31 4.32 4.28
N CYS A 32 -15.21 3.98 3.00
CA CYS A 32 -14.67 4.90 2.00
C CYS A 32 -15.65 5.04 0.82
N GLU A 33 -15.86 6.28 0.34
CA GLU A 33 -16.66 6.49 -0.85
C GLU A 33 -15.73 6.82 -2.01
N PRO A 34 -16.24 6.77 -3.26
CA PRO A 34 -15.44 7.08 -4.46
C PRO A 34 -15.01 8.54 -4.50
N GLN A 35 -15.38 9.27 -3.44
CA GLN A 35 -15.05 10.67 -3.31
C GLN A 35 -14.53 10.95 -1.89
N GLY A 36 -14.39 9.91 -1.08
CA GLY A 36 -13.89 10.07 0.27
C GLY A 36 -14.86 9.54 1.31
N LEU A 37 -14.30 8.91 2.33
CA LEU A 37 -15.07 8.55 3.53
C LEU A 37 -14.13 8.29 4.70
N PHE A 38 -14.69 7.96 5.86
CA PHE A 38 -13.92 7.86 7.10
C PHE A 38 -13.71 6.41 7.52
N SER A 39 -12.52 6.11 8.01
CA SER A 39 -12.21 4.78 8.48
C SER A 39 -12.14 4.76 10.00
N PHE A 40 -12.69 3.71 10.60
CA PHE A 40 -12.76 3.60 12.05
C PHE A 40 -12.05 2.34 12.54
N SER A 41 -11.04 2.53 13.38
CA SER A 41 -10.32 1.41 13.98
C SER A 41 -10.20 1.61 15.49
N ALA A 42 -9.92 0.54 16.22
CA ALA A 42 -9.72 0.64 17.66
C ALA A 42 -8.48 -0.14 18.08
N LEU A 43 -7.74 0.40 19.03
CA LEU A 43 -6.59 -0.29 19.57
C LEU A 43 -6.97 -1.02 20.83
N GLY A 44 -6.74 -2.32 20.82
CA GLY A 44 -7.03 -3.13 21.99
C GLY A 44 -5.92 -3.04 23.01
N ALA A 45 -4.77 -2.56 22.57
CA ALA A 45 -3.63 -2.35 23.45
C ALA A 45 -3.94 -1.29 24.50
N GLN A 46 -4.52 -0.19 24.05
CA GLN A 46 -4.85 0.92 24.94
C GLN A 46 -6.34 0.97 25.25
N GLY A 47 -7.13 0.37 24.37
CA GLY A 47 -8.58 0.46 24.51
C GLY A 47 -9.10 1.77 23.94
N GLU A 48 -8.32 2.37 23.06
CA GLU A 48 -8.65 3.67 22.51
C GLU A 48 -8.81 3.56 21.01
N ARG A 49 -9.67 4.39 20.44
CA ARG A 49 -10.02 4.25 19.03
C ARG A 49 -9.26 5.24 18.16
N PHE A 50 -8.91 4.80 16.97
CA PHE A 50 -8.26 5.65 15.99
C PHE A 50 -9.17 5.81 14.78
N GLU A 51 -9.25 7.01 14.25
CA GLU A 51 -10.09 7.26 13.09
C GLU A 51 -9.46 8.31 12.20
N PHE A 52 -9.80 8.25 10.93
CA PHE A 52 -9.35 9.25 9.98
C PHE A 52 -10.32 9.33 8.82
N SER A 53 -10.71 10.55 8.47
CA SER A 53 -11.59 10.76 7.35
C SER A 53 -10.80 11.30 6.18
N LEU A 54 -10.86 10.62 5.04
CA LEU A 54 -10.12 11.03 3.87
C LEU A 54 -11.05 11.33 2.72
N GLU A 55 -11.14 12.61 2.37
CA GLU A 55 -11.86 13.02 1.18
C GLU A 55 -10.97 12.86 -0.04
N LEU A 56 -11.39 12.01 -0.94
CA LEU A 56 -10.58 11.68 -2.10
C LEU A 56 -11.05 12.45 -3.31
N TYR A 57 -10.12 12.98 -4.07
CA TYR A 57 -10.41 13.94 -5.13
C TYR A 57 -11.40 13.40 -6.16
N GLY A 58 -11.29 12.14 -6.55
CA GLY A 58 -12.24 11.61 -7.50
C GLY A 58 -11.93 10.20 -7.98
N LYS A 59 -13.01 9.47 -8.28
CA LYS A 59 -12.97 8.16 -8.94
C LYS A 59 -12.18 7.11 -8.16
N ILE A 60 -12.73 6.71 -7.03
CA ILE A 60 -12.19 5.59 -6.28
C ILE A 60 -13.08 4.37 -6.52
N MET A 61 -12.52 3.17 -6.37
CA MET A 61 -13.31 1.98 -6.56
C MET A 61 -13.92 1.56 -5.22
N THR A 62 -15.20 1.87 -5.06
CA THR A 62 -15.89 1.66 -3.80
C THR A 62 -16.11 0.19 -3.53
N GLU A 63 -15.93 -0.63 -4.57
CA GLU A 63 -16.18 -2.06 -4.49
C GLU A 63 -15.39 -2.73 -3.36
N TYR A 64 -14.07 -2.79 -3.53
CA TYR A 64 -13.25 -3.51 -2.57
C TYR A 64 -12.08 -2.69 -2.07
N ARG A 65 -11.88 -2.76 -0.76
CA ARG A 65 -10.71 -2.22 -0.12
C ARG A 65 -10.29 -3.20 0.97
N LYS A 66 -9.04 -3.61 0.95
CA LYS A 66 -8.59 -4.68 1.84
C LYS A 66 -7.62 -4.17 2.88
N ASN A 67 -7.82 -4.61 4.11
CA ASN A 67 -6.92 -4.25 5.20
C ASN A 67 -6.10 -5.47 5.63
N VAL A 68 -4.79 -5.36 5.45
CA VAL A 68 -3.87 -6.39 5.89
C VAL A 68 -3.00 -5.85 7.01
N GLY A 69 -2.54 -6.71 7.91
CA GLY A 69 -1.81 -6.22 9.04
C GLY A 69 -0.73 -7.17 9.51
N LEU A 70 0.47 -6.63 9.69
CA LEU A 70 1.58 -7.38 10.26
C LEU A 70 2.06 -6.69 11.52
N ARG A 71 2.72 -5.55 11.34
CA ARG A 71 3.13 -4.70 12.46
C ARG A 71 2.36 -3.39 12.39
N ASN A 72 1.46 -3.33 11.42
CA ASN A 72 0.70 -2.13 11.12
C ASN A 72 -0.41 -2.51 10.15
N ILE A 73 -1.25 -1.55 9.79
CA ILE A 73 -2.38 -1.84 8.92
C ILE A 73 -2.22 -1.19 7.55
N ILE A 74 -2.22 -2.01 6.52
CA ILE A 74 -2.10 -1.53 5.16
C ILE A 74 -3.45 -1.64 4.44
N PHE A 75 -3.95 -0.52 4.00
CA PHE A 75 -5.20 -0.47 3.27
C PHE A 75 -4.96 -0.46 1.76
N SER A 76 -5.43 -1.48 1.09
CA SER A 76 -5.33 -1.55 -0.36
C SER A 76 -6.67 -1.21 -0.99
N ILE A 77 -6.77 -0.02 -1.57
CA ILE A 77 -8.00 0.42 -2.19
C ILE A 77 -7.78 0.62 -3.68
N GLN A 78 -8.52 -0.10 -4.50
CA GLN A 78 -8.40 0.06 -5.95
C GLN A 78 -9.04 1.38 -6.37
N LYS A 79 -8.48 2.00 -7.40
CA LYS A 79 -8.99 3.27 -7.88
C LYS A 79 -9.50 3.11 -9.31
N GLU A 80 -10.57 3.81 -9.64
CA GLU A 80 -11.14 3.72 -10.98
C GLU A 80 -10.19 4.38 -11.98
N GLU A 81 -9.91 5.65 -11.75
CA GLU A 81 -8.92 6.37 -12.54
C GLU A 81 -8.52 7.65 -11.82
N ARG A 82 -7.22 7.90 -11.75
CA ARG A 82 -6.71 9.05 -11.05
C ARG A 82 -5.40 9.51 -11.71
N SER A 83 -5.23 9.20 -12.97
CA SER A 83 -4.04 9.61 -13.70
C SER A 83 -4.26 10.96 -14.35
N TRP A 84 -5.52 11.28 -14.60
CA TRP A 84 -5.88 12.55 -15.22
C TRP A 84 -5.63 13.71 -14.25
N TRP A 85 -5.82 13.45 -12.97
CA TRP A 85 -5.53 14.45 -11.94
C TRP A 85 -4.50 13.91 -10.95
N THR A 86 -3.52 14.74 -10.64
CA THR A 86 -2.39 14.32 -9.83
C THR A 86 -2.69 14.42 -8.34
N ARG A 87 -3.64 15.27 -7.99
CA ARG A 87 -3.98 15.48 -6.59
C ARG A 87 -5.06 14.49 -6.16
N LEU A 88 -4.85 13.82 -5.03
CA LEU A 88 -5.82 12.85 -4.55
C LEU A 88 -6.57 13.36 -3.33
N LEU A 89 -6.05 14.42 -2.71
CA LEU A 89 -6.62 14.95 -1.48
C LEU A 89 -7.49 16.16 -1.75
N LYS A 90 -8.78 16.01 -1.45
CA LYS A 90 -9.72 17.13 -1.50
C LYS A 90 -9.22 18.27 -0.61
N SER A 91 -8.58 17.89 0.49
CA SER A 91 -7.97 18.86 1.39
C SER A 91 -6.60 19.28 0.86
N GLU A 92 -6.63 20.09 -0.19
CA GLU A 92 -5.41 20.51 -0.87
C GLU A 92 -4.60 21.52 -0.06
N GLU A 93 -5.17 22.68 0.22
CA GLU A 93 -4.44 23.74 0.90
C GLU A 93 -4.43 23.53 2.42
N LYS A 94 -5.10 22.49 2.87
CA LYS A 94 -5.06 22.11 4.28
C LYS A 94 -4.79 20.62 4.40
N PRO A 95 -3.51 20.22 4.46
CA PRO A 95 -3.15 18.82 4.63
C PRO A 95 -3.32 18.37 6.07
N ALA A 96 -4.02 17.26 6.27
CA ALA A 96 -4.18 16.70 7.60
C ALA A 96 -2.83 16.21 8.11
N PRO A 97 -2.60 16.29 9.43
CA PRO A 97 -1.30 15.96 10.04
C PRO A 97 -0.89 14.50 9.85
N TYR A 98 -1.80 13.69 9.31
CA TYR A 98 -1.52 12.27 9.14
C TYR A 98 -1.22 11.93 7.69
N ILE A 99 -0.95 12.93 6.86
CA ILE A 99 -0.54 12.65 5.49
C ILE A 99 0.97 12.44 5.43
N LYS A 100 1.37 11.22 5.12
CA LYS A 100 2.76 10.84 5.01
C LYS A 100 2.98 10.06 3.71
N VAL A 101 4.22 9.70 3.41
CA VAL A 101 4.52 8.90 2.23
C VAL A 101 5.29 7.64 2.64
N ASP A 102 4.82 6.48 2.20
CA ASP A 102 5.39 5.22 2.67
C ASP A 102 6.62 4.82 1.90
N TRP A 103 7.74 4.70 2.62
CA TRP A 103 8.99 4.25 2.04
C TRP A 103 9.06 2.74 1.92
N ASN A 104 8.06 2.03 2.43
CA ASN A 104 8.07 0.57 2.44
C ASN A 104 7.31 0.00 1.24
N LYS A 105 6.05 0.38 1.11
CA LYS A 105 5.18 -0.18 0.08
C LYS A 105 5.12 0.77 -1.13
N TRP A 106 6.10 1.68 -1.17
CA TRP A 106 6.16 2.73 -2.19
C TRP A 106 5.98 2.18 -3.61
N CYS A 107 5.50 3.03 -4.51
CA CYS A 107 5.21 2.63 -5.88
C CYS A 107 6.48 2.24 -6.61
N ASP A 108 6.50 0.99 -7.08
CA ASP A 108 7.66 0.45 -7.78
C ASP A 108 8.06 1.32 -8.96
N GLU A 109 9.35 1.60 -9.06
CA GLU A 109 9.89 2.22 -10.26
C GLU A 109 10.26 1.11 -11.24
N ASP A 110 9.27 0.25 -11.50
CA ASP A 110 9.45 -1.00 -12.24
C ASP A 110 10.35 -1.93 -11.43
N GLU A 111 9.77 -2.52 -10.40
CA GLU A 111 10.48 -3.42 -9.51
C GLU A 111 9.73 -4.72 -9.36
N GLU A 112 10.17 -5.59 -8.46
CA GLU A 112 9.51 -6.87 -8.24
C GLU A 112 8.41 -6.72 -7.19
N VAL A 113 7.25 -7.28 -7.49
CA VAL A 113 6.08 -7.12 -6.63
C VAL A 113 6.00 -8.25 -5.61
N ASN A 114 6.90 -8.20 -4.63
CA ASN A 114 6.84 -9.08 -3.49
C ASN A 114 6.37 -8.30 -2.28
N SER A 115 6.65 -8.82 -1.11
CA SER A 115 6.20 -8.23 0.14
C SER A 115 4.69 -8.39 0.28
N GLU A 116 4.28 -9.60 0.66
CA GLU A 116 2.90 -9.93 1.07
C GLU A 116 2.05 -10.35 -0.12
N THR A 117 2.68 -10.50 -1.28
CA THR A 117 1.95 -10.85 -2.49
C THR A 117 1.77 -12.35 -2.62
N ALA A 118 2.81 -13.11 -2.29
CA ALA A 118 2.77 -14.56 -2.41
C ALA A 118 2.24 -15.20 -1.13
N SER A 119 1.19 -15.99 -1.25
CA SER A 119 0.63 -16.73 -0.12
C SER A 119 0.97 -18.21 -0.29
N ASP A 120 0.70 -19.00 0.74
CA ASP A 120 1.08 -20.41 0.75
C ASP A 120 -0.13 -21.29 0.43
N ASP A 121 0.05 -22.59 0.56
CA ASP A 121 -1.02 -23.54 0.26
C ASP A 121 -1.76 -23.90 1.56
N GLU A 122 -2.35 -25.09 1.63
CA GLU A 122 -3.11 -25.48 2.81
C GLU A 122 -2.89 -26.97 3.11
N SER A 123 -2.83 -27.30 4.39
CA SER A 123 -2.57 -28.67 4.81
C SER A 123 -3.88 -29.45 4.96
N ALA A 124 -4.44 -29.85 3.84
CA ALA A 124 -5.68 -30.62 3.83
C ALA A 124 -5.40 -32.10 4.09
N PHE A 125 -5.49 -32.50 5.35
CA PHE A 125 -5.25 -33.88 5.75
C PHE A 125 -6.48 -34.75 5.51
N VAL A 126 -6.26 -36.02 5.19
CA VAL A 126 -7.35 -36.98 5.05
C VAL A 126 -7.06 -38.22 5.90
N ASN A 127 -7.94 -38.52 6.85
CA ASN A 127 -7.77 -39.68 7.71
C ASN A 127 -8.93 -40.65 7.52
N GLN A 128 -8.59 -41.91 7.26
CA GLN A 128 -9.59 -42.96 7.05
C GLN A 128 -9.21 -44.21 7.83
N ASP A 129 -10.16 -44.80 8.56
CA ASP A 129 -9.88 -45.99 9.37
C ASP A 129 -11.20 -46.63 9.80
N SER A 130 -11.74 -47.48 8.95
CA SER A 130 -12.96 -48.19 9.28
C SER A 130 -12.75 -49.71 9.11
N GLU A 131 -13.00 -50.45 10.17
CA GLU A 131 -12.92 -51.90 10.13
C GLU A 131 -14.26 -52.49 10.58
N SER A 132 -14.69 -53.54 9.91
CA SER A 132 -16.01 -54.10 10.13
C SER A 132 -15.95 -55.34 11.03
N SER A 133 -16.96 -55.48 11.87
CA SER A 133 -17.08 -56.65 12.73
C SER A 133 -17.84 -57.76 12.00
N ASP A 134 -17.54 -59.01 12.33
CA ASP A 134 -18.17 -60.14 11.68
C ASP A 134 -19.35 -60.64 12.51
N ASP A 135 -19.01 -61.22 13.66
CA ASP A 135 -19.98 -61.78 14.62
C ASP A 135 -21.22 -62.39 13.95
N ASP A 136 -21.06 -63.60 13.46
CA ASP A 136 -22.15 -64.31 12.80
C ASP A 136 -21.91 -65.81 12.93
N GLY A 137 -22.54 -66.41 13.92
CA GLY A 137 -22.35 -67.83 14.16
C GLY A 137 -23.62 -68.52 14.59
N LEU A 138 -24.43 -68.92 13.63
CA LEU A 138 -25.65 -69.68 13.90
C LEU A 138 -25.30 -71.00 14.55
N LEU A 139 -25.72 -71.17 15.79
CA LEU A 139 -25.48 -72.41 16.52
C LEU A 139 -26.76 -73.22 16.59
N TYR A 140 -26.97 -74.09 15.61
CA TYR A 140 -28.13 -74.95 15.59
C TYR A 140 -27.74 -76.38 15.98
N LEU A 141 -27.88 -76.66 17.27
CA LEU A 141 -27.51 -77.95 17.81
C LEU A 141 -28.69 -78.92 17.70
N PRO A 142 -28.45 -80.16 17.25
CA PRO A 142 -29.49 -81.17 17.07
C PRO A 142 -30.24 -81.50 18.35
N ASP A 143 -31.46 -80.96 18.46
CA ASP A 143 -32.34 -81.24 19.57
C ASP A 143 -33.75 -81.50 19.06
N LEU A 144 -33.98 -82.70 18.56
CA LEU A 144 -35.29 -83.06 18.03
C LEU A 144 -35.76 -84.43 18.54
N GLU A 145 -37.07 -84.62 18.57
CA GLU A 145 -37.66 -85.87 19.02
C GLU A 145 -37.97 -86.76 17.81
N LYS A 146 -37.13 -86.66 16.79
CA LYS A 146 -37.30 -87.44 15.57
C LYS A 146 -36.83 -88.88 15.79
N ALA A 147 -35.69 -89.03 16.46
CA ALA A 147 -35.14 -90.34 16.76
C ALA A 147 -35.49 -90.73 18.19
N ARG A 148 -36.43 -91.65 18.33
CA ARG A 148 -36.90 -92.05 19.65
C ARG A 148 -36.60 -93.52 19.91
N ASN A 149 -37.36 -94.39 19.25
CA ASN A 149 -37.28 -95.82 19.49
C ASN A 149 -37.22 -96.57 18.17
N LYS A 150 -38.36 -96.61 17.50
CA LYS A 150 -38.47 -97.33 16.23
C LYS A 150 -39.75 -96.90 15.54
N SER A 1 -13.00 8.58 22.76
CA SER A 1 -12.12 9.64 22.22
C SER A 1 -11.48 9.16 20.93
N SER A 2 -11.63 9.91 19.85
CA SER A 2 -11.08 9.51 18.59
C SER A 2 -9.77 10.24 18.32
N ARG A 3 -8.70 9.47 18.14
CA ARG A 3 -7.38 10.07 17.97
C ARG A 3 -6.80 9.72 16.60
N ASN A 4 -5.54 10.04 16.40
CA ASN A 4 -4.87 9.77 15.13
C ASN A 4 -3.57 9.02 15.34
N PRO A 5 -3.30 8.01 14.50
CA PRO A 5 -2.04 7.28 14.48
C PRO A 5 -1.12 7.78 13.37
N GLU A 6 -0.15 6.95 13.00
CA GLU A 6 0.73 7.26 11.88
C GLU A 6 0.20 6.57 10.62
N VAL A 7 -0.25 7.37 9.66
CA VAL A 7 -0.85 6.85 8.44
C VAL A 7 0.03 7.17 7.23
N LEU A 8 0.55 6.12 6.59
CA LEU A 8 1.39 6.29 5.41
C LEU A 8 0.63 5.87 4.15
N TRP A 9 0.96 6.47 3.01
CA TRP A 9 0.42 6.01 1.75
C TRP A 9 1.48 6.05 0.65
N ALA A 10 1.30 5.24 -0.37
CA ALA A 10 2.23 5.18 -1.49
C ALA A 10 1.53 4.65 -2.74
N GLN A 11 2.03 5.01 -3.92
CA GLN A 11 1.35 4.67 -5.16
C GLN A 11 1.99 3.48 -5.87
N ARG A 12 1.14 2.64 -6.44
CA ARG A 12 1.57 1.54 -7.30
C ARG A 12 0.73 1.56 -8.58
N SER A 13 0.80 0.48 -9.35
CA SER A 13 0.10 0.41 -10.63
C SER A 13 -1.41 0.53 -10.47
N ASP A 14 -1.93 1.74 -10.66
CA ASP A 14 -3.37 2.02 -10.62
C ASP A 14 -3.99 1.67 -9.27
N LYS A 15 -3.16 1.59 -8.24
CA LYS A 15 -3.64 1.30 -6.90
C LYS A 15 -2.73 1.94 -5.86
N VAL A 16 -3.33 2.36 -4.75
CA VAL A 16 -2.60 3.02 -3.70
C VAL A 16 -2.60 2.16 -2.44
N TYR A 17 -1.48 2.16 -1.74
CA TYR A 17 -1.37 1.43 -0.48
C TYR A 17 -1.51 2.38 0.69
N LEU A 18 -2.29 1.98 1.68
CA LEU A 18 -2.47 2.75 2.88
C LEU A 18 -1.92 1.97 4.07
N THR A 19 -0.81 2.42 4.60
CA THR A 19 -0.14 1.74 5.69
C THR A 19 -0.43 2.44 7.01
N VAL A 20 -1.33 1.87 7.80
CA VAL A 20 -1.64 2.46 9.09
C VAL A 20 -0.87 1.74 10.20
N ALA A 21 -0.28 2.54 11.09
CA ALA A 21 0.46 1.99 12.21
C ALA A 21 -0.50 1.48 13.26
N LEU A 22 -0.61 0.17 13.33
CA LEU A 22 -1.61 -0.49 14.16
C LEU A 22 -0.92 -1.34 15.22
N PRO A 23 -0.94 -0.88 16.48
CA PRO A 23 -0.36 -1.64 17.59
C PRO A 23 -1.25 -2.80 18.05
N ASP A 24 -2.56 -2.59 17.99
CA ASP A 24 -3.52 -3.63 18.37
C ASP A 24 -4.89 -3.29 17.79
N ALA A 25 -5.41 -4.19 16.96
CA ALA A 25 -6.64 -3.94 16.21
C ALA A 25 -7.87 -4.30 17.02
N LYS A 26 -8.79 -3.35 17.13
CA LYS A 26 -10.05 -3.56 17.82
C LYS A 26 -11.18 -2.91 17.05
N ASP A 27 -12.19 -3.71 16.70
CA ASP A 27 -13.41 -3.22 16.03
C ASP A 27 -13.09 -2.24 14.91
N ILE A 28 -12.51 -2.75 13.84
CA ILE A 28 -12.14 -1.93 12.71
C ILE A 28 -13.31 -1.74 11.76
N SER A 29 -13.82 -0.52 11.69
CA SER A 29 -14.89 -0.16 10.77
C SER A 29 -14.34 0.73 9.66
N VAL A 30 -14.32 0.23 8.44
CA VAL A 30 -13.76 0.97 7.33
C VAL A 30 -14.84 1.52 6.41
N LYS A 31 -14.93 2.84 6.32
CA LYS A 31 -15.82 3.48 5.37
C LYS A 31 -15.05 4.41 4.47
N CYS A 32 -14.87 4.03 3.21
CA CYS A 32 -14.27 4.90 2.21
C CYS A 32 -15.15 4.97 0.95
N GLU A 33 -15.50 6.18 0.49
CA GLU A 33 -16.30 6.30 -0.73
C GLU A 33 -15.42 6.77 -1.89
N PRO A 34 -15.92 6.66 -3.14
CA PRO A 34 -15.17 7.09 -4.33
C PRO A 34 -14.88 8.58 -4.33
N GLN A 35 -15.38 9.26 -3.32
CA GLN A 35 -15.22 10.70 -3.17
C GLN A 35 -14.68 11.03 -1.78
N GLY A 36 -14.55 10.00 -0.94
CA GLY A 36 -14.06 10.20 0.40
C GLY A 36 -14.94 9.54 1.43
N LEU A 37 -14.32 8.93 2.42
CA LEU A 37 -15.02 8.53 3.63
C LEU A 37 -14.01 8.35 4.77
N PHE A 38 -14.50 8.01 5.96
CA PHE A 38 -13.66 7.97 7.15
C PHE A 38 -13.53 6.52 7.67
N SER A 39 -12.36 6.20 8.18
CA SER A 39 -12.11 4.87 8.70
C SER A 39 -11.98 4.92 10.22
N PHE A 40 -12.89 4.23 10.90
CA PHE A 40 -12.96 4.30 12.36
C PHE A 40 -12.56 2.97 12.99
N SER A 41 -11.43 2.98 13.68
CA SER A 41 -10.93 1.78 14.34
C SER A 41 -10.55 2.07 15.78
N ALA A 42 -10.42 1.04 16.59
CA ALA A 42 -9.97 1.22 17.96
C ALA A 42 -8.58 0.61 18.16
N LEU A 43 -7.76 1.31 18.92
CA LEU A 43 -6.44 0.83 19.25
C LEU A 43 -6.47 0.15 20.60
N GLY A 44 -6.34 -1.16 20.58
CA GLY A 44 -6.46 -1.94 21.80
C GLY A 44 -5.23 -1.87 22.67
N ALA A 45 -4.14 -1.36 22.12
CA ALA A 45 -2.91 -1.19 22.88
C ALA A 45 -3.07 -0.04 23.87
N GLN A 46 -3.99 0.87 23.56
CA GLN A 46 -4.31 1.99 24.43
C GLN A 46 -5.70 1.80 25.02
N GLY A 47 -6.56 1.15 24.25
CA GLY A 47 -7.94 0.97 24.65
C GLY A 47 -8.81 2.13 24.18
N GLU A 48 -8.25 2.94 23.29
CA GLU A 48 -8.94 4.14 22.82
C GLU A 48 -9.16 4.05 21.32
N ARG A 49 -10.08 4.84 20.80
CA ARG A 49 -10.47 4.75 19.40
C ARG A 49 -9.75 5.79 18.55
N PHE A 50 -9.81 5.60 17.23
CA PHE A 50 -9.18 6.51 16.30
C PHE A 50 -9.93 6.49 14.98
N GLU A 51 -9.87 7.58 14.25
CA GLU A 51 -10.48 7.64 12.93
C GLU A 51 -9.81 8.68 12.04
N PHE A 52 -9.43 8.25 10.86
CA PHE A 52 -8.86 9.15 9.88
C PHE A 52 -9.83 9.31 8.72
N SER A 53 -9.98 10.54 8.26
CA SER A 53 -10.94 10.84 7.22
C SER A 53 -10.22 11.20 5.93
N LEU A 54 -10.52 10.46 4.88
CA LEU A 54 -9.89 10.68 3.59
C LEU A 54 -10.92 11.14 2.57
N GLU A 55 -10.93 12.44 2.31
CA GLU A 55 -11.76 12.99 1.24
C GLU A 55 -10.94 13.08 -0.03
N LEU A 56 -11.47 12.53 -1.11
CA LEU A 56 -10.72 12.44 -2.35
C LEU A 56 -11.32 13.34 -3.42
N TYR A 57 -10.46 14.05 -4.12
CA TYR A 57 -10.88 14.90 -5.23
C TYR A 57 -11.12 14.07 -6.48
N GLY A 58 -10.53 12.88 -6.51
CA GLY A 58 -10.65 12.02 -7.67
C GLY A 58 -11.71 10.94 -7.49
N LYS A 59 -11.57 9.85 -8.24
CA LYS A 59 -12.51 8.74 -8.15
C LYS A 59 -11.85 7.48 -7.61
N ILE A 60 -12.34 7.02 -6.47
CA ILE A 60 -11.80 5.84 -5.82
C ILE A 60 -12.68 4.64 -6.13
N MET A 61 -12.09 3.46 -6.12
CA MET A 61 -12.84 2.25 -6.35
C MET A 61 -13.36 1.71 -5.03
N THR A 62 -14.48 2.28 -4.57
CA THR A 62 -15.08 1.91 -3.29
C THR A 62 -15.47 0.44 -3.28
N GLU A 63 -15.68 -0.11 -4.49
CA GLU A 63 -16.08 -1.50 -4.65
C GLU A 63 -15.04 -2.45 -4.06
N TYR A 64 -13.77 -2.09 -4.19
CA TYR A 64 -12.70 -2.99 -3.79
C TYR A 64 -11.77 -2.36 -2.77
N ARG A 65 -11.85 -2.84 -1.54
CA ARG A 65 -10.90 -2.47 -0.51
C ARG A 65 -10.38 -3.75 0.14
N LYS A 66 -9.08 -3.92 0.16
CA LYS A 66 -8.49 -5.14 0.69
C LYS A 66 -7.39 -4.80 1.68
N ASN A 67 -7.46 -5.35 2.88
CA ASN A 67 -6.46 -5.06 3.89
C ASN A 67 -5.57 -6.26 4.17
N VAL A 68 -4.27 -6.06 3.98
CA VAL A 68 -3.27 -7.06 4.30
C VAL A 68 -2.46 -6.58 5.49
N GLY A 69 -1.93 -7.50 6.28
CA GLY A 69 -1.23 -7.10 7.48
C GLY A 69 0.12 -7.75 7.64
N LEU A 70 0.87 -7.22 8.59
CA LEU A 70 2.15 -7.78 8.98
C LEU A 70 2.26 -7.64 10.50
N ARG A 71 2.48 -6.42 10.95
CA ARG A 71 2.34 -6.08 12.36
C ARG A 71 1.37 -4.90 12.46
N ASN A 72 0.89 -4.49 11.30
CA ASN A 72 0.01 -3.34 11.18
C ASN A 72 -0.94 -3.59 10.01
N ILE A 73 -1.76 -2.61 9.65
CA ILE A 73 -2.75 -2.81 8.60
C ILE A 73 -2.38 -2.02 7.35
N ILE A 74 -2.38 -2.71 6.22
CA ILE A 74 -2.13 -2.06 4.94
C ILE A 74 -3.32 -2.25 4.01
N PHE A 75 -3.92 -1.15 3.59
CA PHE A 75 -5.07 -1.19 2.71
C PHE A 75 -4.66 -1.04 1.26
N SER A 76 -5.08 -1.96 0.43
CA SER A 76 -4.93 -1.85 -1.00
C SER A 76 -6.18 -1.21 -1.59
N ILE A 77 -6.07 0.04 -1.99
CA ILE A 77 -7.20 0.77 -2.53
C ILE A 77 -6.97 1.03 -4.02
N GLN A 78 -7.92 0.65 -4.85
CA GLN A 78 -7.74 0.75 -6.29
C GLN A 78 -8.34 2.04 -6.84
N LYS A 79 -7.75 2.52 -7.93
CA LYS A 79 -8.24 3.69 -8.64
C LYS A 79 -9.41 3.30 -9.55
N GLU A 80 -10.47 4.11 -9.55
CA GLU A 80 -11.67 3.80 -10.32
C GLU A 80 -11.60 4.38 -11.74
N GLU A 81 -11.45 5.68 -11.82
CA GLU A 81 -11.45 6.37 -13.11
C GLU A 81 -10.22 5.98 -13.93
N ARG A 82 -10.32 6.11 -15.24
CA ARG A 82 -9.21 5.79 -16.12
C ARG A 82 -8.09 6.81 -15.96
N SER A 83 -8.46 8.08 -15.87
CA SER A 83 -7.47 9.14 -15.67
C SER A 83 -7.36 9.47 -14.18
N TRP A 84 -6.44 10.37 -13.85
CA TRP A 84 -6.26 10.79 -12.47
C TRP A 84 -6.13 12.31 -12.41
N TRP A 85 -6.35 12.86 -11.23
CA TRP A 85 -6.26 14.28 -11.02
C TRP A 85 -4.91 14.65 -10.40
N THR A 86 -4.61 15.94 -10.39
CA THR A 86 -3.31 16.42 -9.90
C THR A 86 -3.08 16.03 -8.44
N ARG A 87 -4.13 16.02 -7.64
CA ARG A 87 -4.02 15.69 -6.23
C ARG A 87 -5.16 14.77 -5.81
N LEU A 88 -4.86 13.84 -4.91
CA LEU A 88 -5.84 12.88 -4.44
C LEU A 88 -6.73 13.49 -3.36
N LEU A 89 -6.10 14.22 -2.45
CA LEU A 89 -6.80 14.85 -1.32
C LEU A 89 -7.70 15.99 -1.79
N LYS A 90 -9.01 15.82 -1.58
CA LYS A 90 -9.99 16.86 -1.91
C LYS A 90 -9.59 18.20 -1.32
N SER A 91 -9.16 18.17 -0.06
CA SER A 91 -8.61 19.35 0.59
C SER A 91 -7.16 19.53 0.17
N GLU A 92 -6.98 19.90 -1.09
CA GLU A 92 -5.65 20.02 -1.68
C GLU A 92 -4.86 21.19 -1.11
N GLU A 93 -5.55 22.09 -0.42
CA GLU A 93 -4.89 23.23 0.19
C GLU A 93 -4.11 22.81 1.43
N LYS A 94 -4.60 21.79 2.12
CA LYS A 94 -3.99 21.34 3.36
C LYS A 94 -4.57 20.01 3.79
N PRO A 95 -3.76 18.94 3.74
CA PRO A 95 -4.16 17.62 4.21
C PRO A 95 -4.07 17.52 5.74
N ALA A 96 -4.19 16.32 6.26
CA ALA A 96 -4.06 16.09 7.69
C ALA A 96 -2.61 15.72 8.02
N PRO A 97 -2.08 16.26 9.14
CA PRO A 97 -0.68 16.07 9.52
C PRO A 97 -0.35 14.65 9.95
N TYR A 98 -1.35 13.77 9.95
CA TYR A 98 -1.12 12.37 10.26
C TYR A 98 -1.01 11.55 8.97
N ILE A 99 -1.18 12.21 7.83
CA ILE A 99 -1.02 11.55 6.54
C ILE A 99 0.38 11.78 6.00
N LYS A 100 1.11 10.71 5.95
CA LYS A 100 2.50 10.74 5.53
C LYS A 100 2.75 9.69 4.44
N VAL A 101 3.98 9.56 4.01
CA VAL A 101 4.29 8.70 2.86
C VAL A 101 4.97 7.40 3.30
N ASP A 102 4.47 6.29 2.78
CA ASP A 102 5.11 4.98 2.98
C ASP A 102 6.30 4.86 2.02
N TRP A 103 7.49 4.92 2.59
CA TRP A 103 8.72 4.96 1.81
C TRP A 103 9.15 3.59 1.26
N ASN A 104 8.44 2.53 1.62
CA ASN A 104 8.88 1.19 1.21
C ASN A 104 7.93 0.57 0.20
N LYS A 105 6.73 1.14 0.07
CA LYS A 105 5.77 0.66 -0.92
C LYS A 105 6.03 1.26 -2.30
N TRP A 106 6.96 2.22 -2.36
CA TRP A 106 7.29 2.87 -3.63
C TRP A 106 7.98 1.90 -4.59
N CYS A 107 7.86 2.18 -5.87
CA CYS A 107 8.47 1.37 -6.92
C CYS A 107 9.98 1.63 -6.98
N ASP A 108 10.76 0.59 -6.73
CA ASP A 108 12.21 0.70 -6.83
C ASP A 108 12.61 0.72 -8.30
N GLU A 109 13.67 1.45 -8.62
CA GLU A 109 14.10 1.63 -9.99
C GLU A 109 14.86 0.40 -10.53
N ASP A 110 15.23 -0.49 -9.62
CA ASP A 110 15.87 -1.75 -10.01
C ASP A 110 15.01 -2.93 -9.59
N GLU A 111 14.47 -2.83 -8.36
CA GLU A 111 13.65 -3.86 -7.73
C GLU A 111 14.22 -5.27 -7.92
N GLU A 112 15.54 -5.36 -7.88
CA GLU A 112 16.21 -6.65 -7.98
C GLU A 112 16.11 -7.38 -6.65
N VAL A 113 15.32 -8.44 -6.63
CA VAL A 113 15.10 -9.21 -5.42
C VAL A 113 16.17 -10.29 -5.28
N ASN A 114 17.05 -10.35 -6.27
CA ASN A 114 18.08 -11.38 -6.33
C ASN A 114 19.44 -10.73 -6.43
N SER A 115 19.95 -10.33 -5.28
CA SER A 115 21.29 -9.82 -5.19
C SER A 115 22.22 -10.99 -4.83
N GLU A 116 22.56 -11.76 -5.85
CA GLU A 116 23.40 -12.96 -5.69
C GLU A 116 22.66 -14.03 -4.89
N THR A 117 21.34 -13.93 -4.89
CA THR A 117 20.48 -14.91 -4.23
C THR A 117 20.70 -14.92 -2.72
N ALA A 118 21.14 -13.77 -2.19
CA ALA A 118 21.43 -13.60 -0.77
C ALA A 118 22.58 -14.53 -0.32
N SER A 119 23.75 -13.94 -0.13
CA SER A 119 24.93 -14.68 0.30
C SER A 119 24.73 -15.24 1.72
N ASP A 120 25.25 -16.44 1.95
CA ASP A 120 25.11 -17.08 3.27
C ASP A 120 26.48 -17.40 3.87
N ASP A 121 26.50 -18.31 4.84
CA ASP A 121 27.70 -18.64 5.59
C ASP A 121 28.83 -19.16 4.68
N GLU A 122 30.07 -18.81 5.03
CA GLU A 122 31.22 -19.24 4.27
C GLU A 122 31.59 -20.67 4.61
N SER A 123 32.44 -21.27 3.80
CA SER A 123 32.92 -22.61 4.06
C SER A 123 33.85 -22.59 5.28
N ALA A 124 34.50 -21.43 5.48
CA ALA A 124 35.48 -21.24 6.55
C ALA A 124 36.45 -22.42 6.63
N PHE A 125 37.34 -22.50 5.65
CA PHE A 125 38.28 -23.60 5.58
C PHE A 125 39.63 -23.20 6.16
N VAL A 126 40.26 -24.14 6.84
CA VAL A 126 41.59 -23.94 7.39
C VAL A 126 42.39 -25.23 7.32
N ASN A 127 43.53 -25.18 6.65
CA ASN A 127 44.36 -26.36 6.47
C ASN A 127 45.11 -26.69 7.74
N GLN A 128 44.90 -27.89 8.25
CA GLN A 128 45.58 -28.35 9.44
C GLN A 128 46.55 -29.48 9.10
N ASP A 129 47.84 -29.20 9.23
CA ASP A 129 48.89 -30.16 8.92
C ASP A 129 50.05 -29.93 9.87
N SER A 130 49.90 -30.37 11.10
CA SER A 130 50.93 -30.20 12.10
C SER A 130 51.70 -31.50 12.31
N GLU A 131 52.82 -31.65 11.62
CA GLU A 131 53.64 -32.83 11.75
C GLU A 131 54.77 -32.59 12.74
N SER A 132 55.21 -33.64 13.40
CA SER A 132 56.25 -33.54 14.42
C SER A 132 57.57 -34.13 13.93
N SER A 133 58.66 -33.68 14.52
CA SER A 133 59.97 -34.22 14.21
C SER A 133 60.66 -34.74 15.47
N ASP A 134 61.03 -36.01 15.46
CA ASP A 134 61.65 -36.64 16.62
C ASP A 134 63.15 -36.67 16.48
N ASP A 135 63.85 -36.73 17.60
CA ASP A 135 65.31 -36.73 17.60
C ASP A 135 65.87 -37.87 18.42
N ASP A 136 67.14 -38.17 18.19
CA ASP A 136 67.88 -39.19 18.93
C ASP A 136 69.37 -38.99 18.71
N GLY A 137 70.01 -38.33 19.67
CA GLY A 137 71.41 -38.04 19.52
C GLY A 137 72.14 -37.90 20.85
N LEU A 138 72.44 -39.03 21.48
CA LEU A 138 73.26 -39.05 22.68
C LEU A 138 74.62 -39.63 22.34
N LEU A 139 75.63 -38.77 22.19
CA LEU A 139 76.94 -39.19 21.72
C LEU A 139 78.01 -39.09 22.80
N TYR A 140 79.14 -39.75 22.55
CA TYR A 140 80.33 -39.70 23.42
C TYR A 140 80.14 -40.45 24.73
N LEU A 141 80.69 -41.65 24.77
CA LEU A 141 80.65 -42.48 25.97
C LEU A 141 81.90 -43.36 26.02
N PRO A 142 82.83 -43.07 26.94
CA PRO A 142 84.07 -43.82 27.11
C PRO A 142 83.83 -45.24 27.58
N ASP A 143 84.69 -46.16 27.14
CA ASP A 143 84.61 -47.55 27.59
C ASP A 143 84.90 -47.61 29.07
N LEU A 144 86.13 -47.28 29.42
CA LEU A 144 86.58 -47.24 30.80
C LEU A 144 87.31 -45.93 31.05
N GLU A 145 87.93 -45.41 29.98
CA GLU A 145 88.72 -44.19 30.05
C GLU A 145 89.86 -44.38 31.05
N LYS A 146 90.50 -45.54 30.97
CA LYS A 146 91.61 -45.87 31.84
C LYS A 146 92.79 -46.32 30.99
N ALA A 147 93.77 -45.46 30.83
CA ALA A 147 94.96 -45.79 30.06
C ALA A 147 95.77 -46.87 30.78
N ARG A 148 95.73 -48.09 30.23
CA ARG A 148 96.41 -49.22 30.82
C ARG A 148 97.92 -49.07 30.62
N ASN A 149 98.61 -48.71 31.69
CA ASN A 149 100.07 -48.57 31.65
C ASN A 149 100.71 -49.90 32.06
N LYS A 150 102.01 -49.90 32.29
CA LYS A 150 102.70 -51.12 32.67
C LYS A 150 103.60 -50.87 33.87
N SER A 1 -10.51 11.22 22.87
CA SER A 1 -10.74 9.77 22.79
C SER A 1 -10.30 9.22 21.44
N SER A 2 -10.53 10.00 20.39
CA SER A 2 -10.12 9.60 19.05
C SER A 2 -8.62 9.80 18.86
N ARG A 3 -7.95 8.73 18.45
CA ARG A 3 -6.52 8.77 18.24
C ARG A 3 -6.21 8.94 16.76
N ASN A 4 -5.19 9.74 16.47
CA ASN A 4 -4.73 9.96 15.11
C ASN A 4 -3.19 9.94 15.07
N PRO A 5 -2.62 8.76 14.79
CA PRO A 5 -1.17 8.58 14.73
C PRO A 5 -0.61 8.78 13.33
N GLU A 6 0.60 8.28 13.11
CA GLU A 6 1.29 8.39 11.84
C GLU A 6 0.58 7.57 10.76
N VAL A 7 0.24 8.24 9.65
CA VAL A 7 -0.45 7.61 8.53
C VAL A 7 0.31 7.86 7.25
N LEU A 8 0.82 6.80 6.64
CA LEU A 8 1.57 6.93 5.39
C LEU A 8 0.72 6.46 4.22
N TRP A 9 0.82 7.13 3.09
CA TRP A 9 0.14 6.66 1.90
C TRP A 9 1.14 6.23 0.85
N ALA A 10 0.78 5.21 0.11
CA ALA A 10 1.62 4.69 -0.95
C ALA A 10 0.85 4.68 -2.25
N GLN A 11 1.48 5.18 -3.31
CA GLN A 11 0.81 5.34 -4.58
C GLN A 11 1.10 4.15 -5.48
N ARG A 12 0.07 3.65 -6.15
CA ARG A 12 0.23 2.65 -7.17
C ARG A 12 -0.49 3.12 -8.42
N SER A 13 -0.28 2.45 -9.55
CA SER A 13 -0.88 2.87 -10.79
C SER A 13 -2.40 2.70 -10.75
N ASP A 14 -2.84 1.54 -10.30
CA ASP A 14 -4.25 1.17 -10.32
C ASP A 14 -4.92 1.33 -8.96
N LYS A 15 -4.14 1.29 -7.90
CA LYS A 15 -4.69 1.31 -6.55
C LYS A 15 -3.84 2.15 -5.60
N VAL A 16 -4.28 2.23 -4.35
CA VAL A 16 -3.55 2.96 -3.33
C VAL A 16 -3.45 2.15 -2.05
N TYR A 17 -2.31 2.22 -1.41
CA TYR A 17 -2.11 1.55 -0.13
C TYR A 17 -2.03 2.58 0.99
N LEU A 18 -2.72 2.30 2.08
CA LEU A 18 -2.72 3.18 3.23
C LEU A 18 -2.06 2.46 4.40
N THR A 19 -0.97 3.02 4.88
CA THR A 19 -0.18 2.38 5.92
C THR A 19 -0.27 3.17 7.22
N VAL A 20 -1.08 2.67 8.14
CA VAL A 20 -1.23 3.34 9.43
C VAL A 20 -0.43 2.60 10.49
N ALA A 21 0.17 3.37 11.41
CA ALA A 21 0.90 2.78 12.50
C ALA A 21 -0.07 2.25 13.54
N LEU A 22 -0.36 0.96 13.40
CA LEU A 22 -1.38 0.31 14.22
C LEU A 22 -0.91 -1.09 14.59
N PRO A 23 -0.46 -1.26 15.84
CA PRO A 23 0.12 -2.52 16.31
C PRO A 23 -0.92 -3.59 16.66
N ASP A 24 -2.08 -3.18 17.14
CA ASP A 24 -3.11 -4.12 17.56
C ASP A 24 -4.49 -3.63 17.14
N ALA A 25 -5.15 -4.39 16.28
CA ALA A 25 -6.36 -3.94 15.63
C ALA A 25 -7.60 -4.70 16.09
N LYS A 26 -8.63 -3.96 16.47
CA LYS A 26 -9.96 -4.52 16.72
C LYS A 26 -11.00 -3.53 16.22
N ASP A 27 -12.18 -4.03 15.87
CA ASP A 27 -13.32 -3.20 15.44
C ASP A 27 -12.87 -2.15 14.44
N ILE A 28 -12.40 -2.60 13.30
CA ILE A 28 -11.98 -1.70 12.23
C ILE A 28 -12.98 -1.73 11.10
N SER A 29 -13.76 -0.67 10.98
CA SER A 29 -14.64 -0.52 9.86
C SER A 29 -14.15 0.64 8.99
N VAL A 30 -13.68 0.32 7.80
CA VAL A 30 -13.23 1.35 6.90
C VAL A 30 -14.31 1.65 5.88
N LYS A 31 -14.82 2.87 5.93
CA LYS A 31 -15.88 3.28 5.04
C LYS A 31 -15.34 4.30 4.05
N CYS A 32 -15.30 3.90 2.79
CA CYS A 32 -14.86 4.78 1.72
C CYS A 32 -15.99 4.97 0.71
N GLU A 33 -16.21 6.21 0.30
CA GLU A 33 -17.30 6.54 -0.59
C GLU A 33 -16.69 6.80 -1.97
N PRO A 34 -17.46 6.74 -3.07
CA PRO A 34 -16.94 6.96 -4.44
C PRO A 34 -16.08 8.23 -4.61
N GLN A 35 -16.10 9.09 -3.60
CA GLN A 35 -15.35 10.34 -3.62
C GLN A 35 -14.58 10.54 -2.31
N GLY A 36 -14.53 9.50 -1.49
CA GLY A 36 -13.87 9.59 -0.21
C GLY A 36 -14.82 9.31 0.93
N LEU A 37 -14.34 8.66 1.97
CA LEU A 37 -15.13 8.48 3.18
C LEU A 37 -14.20 8.19 4.37
N PHE A 38 -14.77 8.00 5.55
CA PHE A 38 -14.01 7.99 6.78
C PHE A 38 -13.89 6.58 7.37
N SER A 39 -12.81 6.32 8.09
CA SER A 39 -12.58 5.02 8.67
C SER A 39 -12.68 5.09 10.20
N PHE A 40 -13.21 4.04 10.80
CA PHE A 40 -13.35 3.96 12.26
C PHE A 40 -12.72 2.68 12.78
N SER A 41 -11.68 2.81 13.58
CA SER A 41 -10.92 1.68 14.07
C SER A 41 -10.74 1.74 15.59
N ALA A 42 -10.39 0.62 16.19
CA ALA A 42 -10.06 0.59 17.61
C ALA A 42 -8.67 0.00 17.85
N LEU A 43 -7.87 0.70 18.65
CA LEU A 43 -6.52 0.28 18.96
C LEU A 43 -6.49 -0.46 20.28
N GLY A 44 -6.26 -1.76 20.22
CA GLY A 44 -6.26 -2.56 21.43
C GLY A 44 -4.98 -2.38 22.22
N ALA A 45 -3.89 -2.13 21.53
CA ALA A 45 -2.58 -1.98 22.16
C ALA A 45 -2.58 -0.84 23.17
N GLN A 46 -3.14 0.30 22.77
CA GLN A 46 -3.14 1.48 23.63
C GLN A 46 -4.49 1.63 24.34
N GLY A 47 -5.50 0.94 23.85
CA GLY A 47 -6.82 1.03 24.43
C GLY A 47 -7.57 2.27 24.00
N GLU A 48 -7.23 2.78 22.82
CA GLU A 48 -7.83 3.99 22.29
C GLU A 48 -8.58 3.70 21.01
N ARG A 49 -9.45 4.60 20.64
CA ARG A 49 -10.21 4.44 19.41
C ARG A 49 -9.66 5.38 18.34
N PHE A 50 -9.40 4.84 17.16
CA PHE A 50 -8.70 5.56 16.11
C PHE A 50 -9.62 5.85 14.94
N GLU A 51 -9.51 7.04 14.37
CA GLU A 51 -10.32 7.38 13.20
C GLU A 51 -9.63 8.40 12.32
N PHE A 52 -9.99 8.41 11.04
CA PHE A 52 -9.46 9.36 10.08
C PHE A 52 -10.37 9.42 8.85
N SER A 53 -10.57 10.62 8.34
CA SER A 53 -11.46 10.83 7.21
C SER A 53 -10.66 11.16 5.95
N LEU A 54 -10.89 10.43 4.88
CA LEU A 54 -10.15 10.65 3.63
C LEU A 54 -11.09 11.00 2.49
N GLU A 55 -10.87 12.17 1.90
CA GLU A 55 -11.58 12.57 0.70
C GLU A 55 -10.69 12.35 -0.51
N LEU A 56 -11.22 11.71 -1.54
CA LEU A 56 -10.44 11.44 -2.74
C LEU A 56 -10.96 12.30 -3.89
N TYR A 57 -10.05 12.85 -4.67
CA TYR A 57 -10.42 13.80 -5.72
C TYR A 57 -11.11 13.08 -6.87
N GLY A 58 -10.76 11.82 -7.05
CA GLY A 58 -11.30 11.06 -8.16
C GLY A 58 -12.08 9.86 -7.68
N LYS A 59 -12.80 9.23 -8.61
CA LYS A 59 -13.59 8.05 -8.29
C LYS A 59 -12.71 6.91 -7.80
N ILE A 60 -13.03 6.41 -6.62
CA ILE A 60 -12.38 5.21 -6.11
C ILE A 60 -13.31 4.02 -6.27
N MET A 61 -12.74 2.85 -6.50
CA MET A 61 -13.52 1.66 -6.75
C MET A 61 -13.87 0.99 -5.44
N THR A 62 -15.05 1.28 -4.93
CA THR A 62 -15.51 0.78 -3.65
C THR A 62 -15.73 -0.72 -3.68
N GLU A 63 -15.63 -1.32 -4.86
CA GLU A 63 -15.71 -2.76 -5.01
C GLU A 63 -14.46 -3.42 -4.43
N TYR A 64 -13.38 -2.63 -4.34
CA TYR A 64 -12.14 -3.11 -3.76
C TYR A 64 -11.76 -2.30 -2.53
N ARG A 65 -11.91 -2.93 -1.37
CA ARG A 65 -11.48 -2.34 -0.10
C ARG A 65 -11.26 -3.45 0.93
N LYS A 66 -10.06 -3.47 1.52
CA LYS A 66 -9.68 -4.52 2.44
C LYS A 66 -8.44 -4.10 3.22
N ASN A 67 -8.39 -4.44 4.49
CA ASN A 67 -7.25 -4.07 5.33
C ASN A 67 -6.46 -5.31 5.75
N VAL A 68 -5.15 -5.26 5.52
CA VAL A 68 -4.23 -6.34 5.90
C VAL A 68 -3.26 -5.84 6.95
N GLY A 69 -3.12 -6.57 8.05
CA GLY A 69 -2.22 -6.13 9.10
C GLY A 69 -0.97 -6.97 9.18
N LEU A 70 0.12 -6.45 8.63
CA LEU A 70 1.41 -7.12 8.68
C LEU A 70 2.09 -6.82 10.01
N ARG A 71 2.64 -5.63 10.11
CA ARG A 71 3.15 -5.09 11.37
C ARG A 71 2.43 -3.79 11.65
N ASN A 72 1.47 -3.53 10.78
CA ASN A 72 0.70 -2.30 10.77
C ASN A 72 -0.51 -2.56 9.90
N ILE A 73 -1.45 -1.63 9.85
CA ILE A 73 -2.67 -1.87 9.10
C ILE A 73 -2.59 -1.23 7.72
N ILE A 74 -2.58 -2.09 6.70
CA ILE A 74 -2.56 -1.62 5.33
C ILE A 74 -3.98 -1.64 4.76
N PHE A 75 -4.47 -0.48 4.36
CA PHE A 75 -5.76 -0.38 3.71
C PHE A 75 -5.56 -0.39 2.21
N SER A 76 -6.14 -1.37 1.54
CA SER A 76 -6.02 -1.49 0.11
C SER A 76 -7.30 -1.02 -0.58
N ILE A 77 -7.21 0.10 -1.29
CA ILE A 77 -8.34 0.63 -2.03
C ILE A 77 -7.94 0.82 -3.49
N GLN A 78 -8.77 0.34 -4.41
CA GLN A 78 -8.45 0.46 -5.81
C GLN A 78 -9.05 1.73 -6.40
N LYS A 79 -8.31 2.35 -7.31
CA LYS A 79 -8.74 3.58 -7.95
C LYS A 79 -9.56 3.25 -9.20
N GLU A 80 -10.67 3.95 -9.36
CA GLU A 80 -11.57 3.68 -10.49
C GLU A 80 -11.02 4.31 -11.76
N GLU A 81 -10.42 5.48 -11.61
CA GLU A 81 -9.85 6.19 -12.74
C GLU A 81 -8.68 7.06 -12.30
N ARG A 82 -8.04 7.71 -13.26
CA ARG A 82 -6.93 8.60 -13.01
C ARG A 82 -6.85 9.64 -14.11
N SER A 83 -7.20 10.87 -13.79
CA SER A 83 -7.20 11.93 -14.79
C SER A 83 -5.78 12.41 -15.10
N TRP A 84 -5.32 13.43 -14.38
CA TRP A 84 -4.01 14.01 -14.63
C TRP A 84 -3.30 14.36 -13.34
N TRP A 85 -3.78 13.82 -12.23
CA TRP A 85 -3.20 14.14 -10.93
C TRP A 85 -2.79 12.88 -10.18
N THR A 86 -1.75 13.00 -9.37
CA THR A 86 -1.31 11.92 -8.52
C THR A 86 -1.77 12.18 -7.08
N ARG A 87 -2.22 13.40 -6.84
CA ARG A 87 -2.76 13.78 -5.53
C ARG A 87 -4.15 13.20 -5.39
N LEU A 88 -4.23 11.96 -4.90
CA LEU A 88 -5.51 11.29 -4.74
C LEU A 88 -6.36 11.97 -3.69
N LEU A 89 -5.71 12.68 -2.78
CA LEU A 89 -6.43 13.45 -1.77
C LEU A 89 -7.16 14.61 -2.41
N LYS A 90 -8.49 14.56 -2.33
CA LYS A 90 -9.37 15.60 -2.88
C LYS A 90 -8.94 16.98 -2.40
N SER A 91 -8.53 17.05 -1.16
CA SER A 91 -8.14 18.31 -0.56
C SER A 91 -6.68 18.26 -0.09
N GLU A 92 -5.76 18.53 -1.00
CA GLU A 92 -4.35 18.63 -0.62
C GLU A 92 -4.08 20.02 -0.08
N GLU A 93 -5.02 20.92 -0.33
CA GLU A 93 -4.98 22.27 0.22
C GLU A 93 -4.99 22.21 1.75
N LYS A 94 -5.89 21.39 2.28
CA LYS A 94 -6.03 21.20 3.71
C LYS A 94 -5.99 19.72 4.07
N PRO A 95 -4.80 19.15 4.20
CA PRO A 95 -4.62 17.76 4.61
C PRO A 95 -4.40 17.64 6.11
N ALA A 96 -4.10 16.43 6.55
CA ALA A 96 -3.74 16.18 7.92
C ALA A 96 -2.22 16.02 8.02
N PRO A 97 -1.60 16.72 8.98
CA PRO A 97 -0.13 16.73 9.14
C PRO A 97 0.44 15.35 9.44
N TYR A 98 -0.42 14.41 9.84
CA TYR A 98 0.03 13.07 10.14
C TYR A 98 0.00 12.20 8.89
N ILE A 99 -0.49 12.75 7.78
CA ILE A 99 -0.46 12.05 6.52
C ILE A 99 0.87 12.29 5.84
N LYS A 100 1.60 11.22 5.69
CA LYS A 100 2.95 11.25 5.16
C LYS A 100 3.11 10.17 4.09
N VAL A 101 4.28 10.05 3.49
CA VAL A 101 4.47 9.14 2.37
C VAL A 101 5.13 7.83 2.82
N ASP A 102 4.51 6.71 2.47
CA ASP A 102 5.11 5.40 2.70
C ASP A 102 6.20 5.14 1.66
N TRP A 103 7.43 5.33 2.07
CA TRP A 103 8.59 5.22 1.17
C TRP A 103 8.97 3.76 0.90
N ASN A 104 8.25 2.83 1.51
CA ASN A 104 8.64 1.42 1.45
C ASN A 104 7.90 0.70 0.33
N LYS A 105 6.61 0.94 0.21
CA LYS A 105 5.79 0.23 -0.78
C LYS A 105 5.42 1.14 -1.95
N TRP A 106 6.08 2.28 -2.05
CA TRP A 106 5.85 3.21 -3.14
C TRP A 106 6.29 2.58 -4.45
N CYS A 107 5.50 2.78 -5.51
CA CYS A 107 5.75 2.13 -6.78
C CYS A 107 6.91 2.79 -7.52
N ASP A 108 7.85 1.97 -7.99
CA ASP A 108 8.93 2.45 -8.83
C ASP A 108 8.50 2.37 -10.27
N GLU A 109 8.72 3.44 -11.02
CA GLU A 109 8.41 3.45 -12.45
C GLU A 109 9.46 2.64 -13.22
N ASP A 110 10.62 2.44 -12.58
CA ASP A 110 11.66 1.59 -13.13
C ASP A 110 11.22 0.14 -13.11
N GLU A 111 10.51 -0.22 -12.04
CA GLU A 111 9.96 -1.56 -11.89
C GLU A 111 8.71 -1.67 -12.75
N GLU A 112 8.61 -2.75 -13.50
CA GLU A 112 7.54 -2.91 -14.48
C GLU A 112 6.18 -3.10 -13.82
N VAL A 113 5.37 -2.05 -13.85
CA VAL A 113 4.00 -2.13 -13.37
C VAL A 113 3.14 -2.80 -14.44
N ASN A 114 3.35 -2.39 -15.69
CA ASN A 114 2.74 -3.06 -16.84
C ASN A 114 1.25 -2.81 -16.81
N SER A 115 0.89 -1.59 -16.50
CA SER A 115 -0.47 -1.12 -16.65
C SER A 115 -0.75 -0.99 -18.14
N GLU A 116 -1.08 -2.13 -18.76
CA GLU A 116 -1.25 -2.22 -20.20
C GLU A 116 0.10 -1.97 -20.87
N THR A 117 1.15 -2.54 -20.24
CA THR A 117 2.57 -2.37 -20.59
C THR A 117 3.06 -0.93 -20.43
N ALA A 118 2.20 0.01 -20.77
CA ALA A 118 2.49 1.44 -20.78
C ALA A 118 1.33 2.16 -21.47
N SER A 119 0.32 2.52 -20.69
CA SER A 119 -0.92 3.04 -21.27
C SER A 119 -0.89 4.57 -21.38
N ASP A 120 -1.34 5.07 -22.52
CA ASP A 120 -1.51 6.51 -22.73
C ASP A 120 -2.94 6.77 -23.20
N ASP A 121 -3.73 7.40 -22.36
CA ASP A 121 -5.16 7.57 -22.62
C ASP A 121 -5.44 8.88 -23.35
N GLU A 122 -6.71 9.10 -23.68
CA GLU A 122 -7.14 10.24 -24.47
C GLU A 122 -6.59 10.13 -25.88
N SER A 123 -7.25 9.28 -26.64
CA SER A 123 -6.85 9.02 -28.01
C SER A 123 -7.34 10.15 -28.91
N ALA A 124 -8.36 10.86 -28.43
CA ALA A 124 -8.99 11.96 -29.16
C ALA A 124 -9.41 11.52 -30.56
N PHE A 125 -10.63 11.01 -30.66
CA PHE A 125 -11.15 10.53 -31.92
C PHE A 125 -12.26 11.43 -32.44
N VAL A 126 -11.93 12.24 -33.42
CA VAL A 126 -12.88 13.19 -33.99
C VAL A 126 -13.53 12.59 -35.24
N ASN A 127 -14.86 12.59 -35.25
CA ASN A 127 -15.61 12.02 -36.36
C ASN A 127 -16.46 13.09 -37.04
N GLN A 128 -16.70 12.91 -38.33
CA GLN A 128 -17.60 13.80 -39.07
C GLN A 128 -18.95 13.11 -39.25
N ASP A 129 -20.00 13.77 -38.80
CA ASP A 129 -21.34 13.20 -38.83
C ASP A 129 -22.04 13.52 -40.14
N SER A 130 -21.45 14.47 -40.88
CA SER A 130 -21.95 14.87 -42.19
C SER A 130 -23.31 15.55 -42.08
N GLU A 131 -23.31 16.87 -42.20
CA GLU A 131 -24.52 17.65 -42.03
C GLU A 131 -25.21 17.90 -43.36
N SER A 132 -26.51 17.66 -43.40
CA SER A 132 -27.29 17.89 -44.61
C SER A 132 -28.43 18.86 -44.31
N SER A 133 -28.88 19.57 -45.34
CA SER A 133 -29.94 20.55 -45.16
C SER A 133 -30.59 20.86 -46.51
N ASP A 134 -31.88 21.16 -46.47
CA ASP A 134 -32.63 21.55 -47.66
C ASP A 134 -33.46 22.79 -47.37
N ASP A 135 -33.92 23.45 -48.42
CA ASP A 135 -34.67 24.70 -48.28
C ASP A 135 -36.05 24.60 -48.92
N ASP A 136 -36.81 25.68 -48.85
CA ASP A 136 -38.16 25.73 -49.40
C ASP A 136 -38.67 27.17 -49.43
N GLY A 137 -38.63 27.79 -50.59
CA GLY A 137 -39.04 29.17 -50.71
C GLY A 137 -39.61 29.48 -52.08
N LEU A 138 -40.92 29.29 -52.22
CA LEU A 138 -41.61 29.58 -53.47
C LEU A 138 -42.21 30.98 -53.43
N LEU A 139 -42.16 31.67 -54.57
CA LEU A 139 -42.64 33.04 -54.66
C LEU A 139 -43.96 33.13 -55.43
N TYR A 140 -44.92 33.82 -54.82
CA TYR A 140 -46.22 34.02 -55.43
C TYR A 140 -46.23 35.32 -56.24
N LEU A 141 -46.29 35.18 -57.54
CA LEU A 141 -46.31 36.33 -58.44
C LEU A 141 -47.73 36.63 -58.90
N PRO A 142 -48.34 37.70 -58.37
CA PRO A 142 -49.66 38.15 -58.77
C PRO A 142 -49.59 39.08 -59.97
N ASP A 143 -50.10 38.63 -61.11
CA ASP A 143 -50.04 39.41 -62.34
C ASP A 143 -51.43 39.70 -62.87
N LEU A 144 -52.45 39.29 -62.13
CA LEU A 144 -53.83 39.42 -62.59
C LEU A 144 -54.34 40.83 -62.38
N GLU A 145 -55.08 41.33 -63.35
CA GLU A 145 -55.68 42.64 -63.28
C GLU A 145 -57.08 42.52 -62.68
N LYS A 146 -57.18 41.79 -61.58
CA LYS A 146 -58.46 41.58 -60.92
C LYS A 146 -59.02 42.92 -60.42
N ALA A 147 -60.22 43.25 -60.89
CA ALA A 147 -60.85 44.51 -60.52
C ALA A 147 -62.33 44.48 -60.89
N ARG A 148 -63.08 45.42 -60.33
CA ARG A 148 -64.50 45.54 -60.63
C ARG A 148 -64.70 46.62 -61.70
N ASN A 149 -64.51 46.22 -62.95
CA ASN A 149 -64.51 47.16 -64.07
C ASN A 149 -65.85 47.18 -64.80
N LYS A 150 -66.24 48.35 -65.28
CA LYS A 150 -67.46 48.50 -66.07
C LYS A 150 -67.13 49.21 -67.39
N SER A 1 -8.93 9.71 23.40
CA SER A 1 -8.53 10.76 22.45
C SER A 1 -8.60 10.25 21.02
N SER A 2 -8.90 11.14 20.08
CA SER A 2 -8.91 10.76 18.67
C SER A 2 -7.49 10.69 18.14
N ARG A 3 -6.97 9.48 18.01
CA ARG A 3 -5.59 9.28 17.63
C ARG A 3 -5.43 9.24 16.13
N ASN A 4 -4.27 9.71 15.67
CA ASN A 4 -3.88 9.64 14.27
C ASN A 4 -2.36 9.49 14.18
N PRO A 5 -1.87 8.27 13.89
CA PRO A 5 -0.45 8.01 13.71
C PRO A 5 0.03 8.38 12.31
N GLU A 6 1.11 7.76 11.87
CA GLU A 6 1.63 8.02 10.55
C GLU A 6 0.78 7.28 9.51
N VAL A 7 0.11 8.04 8.66
CA VAL A 7 -0.72 7.46 7.61
C VAL A 7 -0.04 7.64 6.26
N LEU A 8 0.39 6.53 5.67
CA LEU A 8 1.12 6.57 4.42
C LEU A 8 0.22 6.11 3.29
N TRP A 9 0.37 6.72 2.13
CA TRP A 9 -0.32 6.25 0.93
C TRP A 9 0.68 5.87 -0.13
N ALA A 10 0.33 4.88 -0.93
CA ALA A 10 1.15 4.43 -2.03
C ALA A 10 0.32 4.36 -3.30
N GLN A 11 0.78 5.01 -4.35
CA GLN A 11 0.00 5.17 -5.56
C GLN A 11 0.36 4.16 -6.63
N ARG A 12 -0.65 3.67 -7.32
CA ARG A 12 -0.47 2.89 -8.54
C ARG A 12 -1.49 3.37 -9.56
N SER A 13 -1.52 2.72 -10.72
CA SER A 13 -2.40 3.12 -11.80
C SER A 13 -3.88 3.04 -11.40
N ASP A 14 -4.37 1.83 -11.16
CA ASP A 14 -5.79 1.62 -10.89
C ASP A 14 -6.03 1.24 -9.43
N LYS A 15 -4.96 1.13 -8.66
CA LYS A 15 -5.09 0.71 -7.28
C LYS A 15 -4.27 1.61 -6.37
N VAL A 16 -4.68 1.69 -5.11
CA VAL A 16 -3.99 2.51 -4.12
C VAL A 16 -3.81 1.73 -2.83
N TYR A 17 -2.62 1.84 -2.25
CA TYR A 17 -2.32 1.16 -0.99
C TYR A 17 -2.31 2.18 0.14
N LEU A 18 -2.90 1.80 1.26
CA LEU A 18 -2.93 2.64 2.44
C LEU A 18 -2.16 1.94 3.55
N THR A 19 -1.12 2.60 4.04
CA THR A 19 -0.29 2.03 5.08
C THR A 19 -0.40 2.86 6.35
N VAL A 20 -1.16 2.38 7.32
CA VAL A 20 -1.31 3.08 8.57
C VAL A 20 -0.55 2.35 9.67
N ALA A 21 0.28 3.09 10.41
CA ALA A 21 1.05 2.50 11.48
C ALA A 21 0.18 2.25 12.70
N LEU A 22 -0.32 1.04 12.81
CA LEU A 22 -1.23 0.68 13.88
C LEU A 22 -0.81 -0.65 14.49
N PRO A 23 -0.42 -0.65 15.77
CA PRO A 23 0.06 -1.84 16.47
C PRO A 23 -1.03 -2.90 16.66
N ASP A 24 -2.08 -2.55 17.39
CA ASP A 24 -3.15 -3.49 17.69
C ASP A 24 -4.51 -2.91 17.34
N ALA A 25 -5.15 -3.50 16.35
CA ALA A 25 -6.40 -2.97 15.82
C ALA A 25 -7.61 -3.73 16.36
N LYS A 26 -8.73 -3.02 16.47
CA LYS A 26 -9.95 -3.57 17.03
C LYS A 26 -11.17 -2.95 16.38
N ASP A 27 -12.07 -3.82 15.93
CA ASP A 27 -13.38 -3.41 15.40
C ASP A 27 -13.25 -2.38 14.30
N ILE A 28 -12.27 -2.59 13.42
CA ILE A 28 -12.00 -1.68 12.33
C ILE A 28 -13.25 -1.48 11.47
N SER A 29 -13.86 -0.32 11.59
CA SER A 29 -15.03 0.02 10.81
C SER A 29 -14.65 1.05 9.76
N VAL A 30 -14.70 0.67 8.50
CA VAL A 30 -14.23 1.52 7.44
C VAL A 30 -15.32 1.77 6.40
N LYS A 31 -15.57 3.04 6.12
CA LYS A 31 -16.48 3.42 5.06
C LYS A 31 -15.78 4.39 4.13
N CYS A 32 -15.69 4.01 2.85
CA CYS A 32 -15.07 4.84 1.82
C CYS A 32 -16.02 5.04 0.63
N GLU A 33 -16.17 6.27 0.15
CA GLU A 33 -16.91 6.51 -1.08
C GLU A 33 -15.92 6.69 -2.23
N PRO A 34 -16.39 6.61 -3.48
CA PRO A 34 -15.56 6.89 -4.67
C PRO A 34 -15.01 8.33 -4.65
N GLN A 35 -15.42 9.08 -3.64
CA GLN A 35 -15.04 10.47 -3.49
C GLN A 35 -14.50 10.74 -2.09
N GLY A 36 -14.46 9.71 -1.26
CA GLY A 36 -13.98 9.88 0.10
C GLY A 36 -15.00 9.47 1.12
N LEU A 37 -14.55 8.84 2.18
CA LEU A 37 -15.39 8.57 3.35
C LEU A 37 -14.52 8.35 4.60
N PHE A 38 -15.17 8.09 5.73
CA PHE A 38 -14.48 8.13 7.02
C PHE A 38 -14.26 6.71 7.57
N SER A 39 -13.25 6.56 8.41
CA SER A 39 -12.92 5.26 8.96
C SER A 39 -12.60 5.37 10.45
N PHE A 40 -12.95 4.33 11.20
CA PHE A 40 -12.75 4.31 12.64
C PHE A 40 -12.24 2.94 13.10
N SER A 41 -11.14 2.95 13.82
CA SER A 41 -10.58 1.73 14.39
C SER A 41 -10.28 1.94 15.86
N ALA A 42 -10.35 0.89 16.64
CA ALA A 42 -10.01 0.98 18.05
C ALA A 42 -8.65 0.36 18.29
N LEU A 43 -7.97 0.84 19.32
CA LEU A 43 -6.68 0.30 19.70
C LEU A 43 -6.87 -0.58 20.93
N GLY A 44 -6.75 -1.87 20.73
CA GLY A 44 -7.09 -2.82 21.77
C GLY A 44 -6.01 -2.96 22.82
N ALA A 45 -4.79 -2.56 22.45
CA ALA A 45 -3.67 -2.62 23.38
C ALA A 45 -3.74 -1.49 24.40
N GLN A 46 -4.38 -0.40 24.03
CA GLN A 46 -4.43 0.77 24.89
C GLN A 46 -5.82 1.01 25.47
N GLY A 47 -6.84 0.72 24.67
CA GLY A 47 -8.19 1.11 25.04
C GLY A 47 -8.50 2.49 24.49
N GLU A 48 -7.81 2.80 23.40
CA GLU A 48 -7.87 4.12 22.78
C GLU A 48 -8.54 4.01 21.42
N ARG A 49 -9.03 5.12 20.88
CA ARG A 49 -9.69 5.08 19.58
C ARG A 49 -8.91 5.87 18.53
N PHE A 50 -8.85 5.31 17.34
CA PHE A 50 -8.21 5.96 16.20
C PHE A 50 -9.27 6.25 15.15
N GLU A 51 -9.25 7.43 14.57
CA GLU A 51 -10.29 7.81 13.63
C GLU A 51 -9.84 8.93 12.71
N PHE A 52 -10.24 8.84 11.45
CA PHE A 52 -9.85 9.81 10.44
C PHE A 52 -10.89 9.83 9.32
N SER A 53 -10.72 10.76 8.39
CA SER A 53 -11.62 10.88 7.26
C SER A 53 -10.85 11.21 6.00
N LEU A 54 -10.82 10.29 5.05
CA LEU A 54 -10.10 10.51 3.81
C LEU A 54 -11.06 10.89 2.70
N GLU A 55 -11.11 12.18 2.39
CA GLU A 55 -11.87 12.66 1.25
C GLU A 55 -10.98 12.64 0.02
N LEU A 56 -11.45 12.01 -1.04
CA LEU A 56 -10.64 11.79 -2.22
C LEU A 56 -10.84 12.88 -3.25
N TYR A 57 -9.72 13.43 -3.70
CA TYR A 57 -9.70 14.39 -4.80
C TYR A 57 -9.86 13.64 -6.12
N GLY A 58 -9.38 12.39 -6.10
CA GLY A 58 -9.47 11.54 -7.28
C GLY A 58 -10.76 10.76 -7.32
N LYS A 59 -10.68 9.50 -7.72
CA LYS A 59 -11.87 8.67 -7.88
C LYS A 59 -11.61 7.23 -7.46
N ILE A 60 -12.33 6.78 -6.44
CA ILE A 60 -12.21 5.42 -5.95
C ILE A 60 -13.25 4.53 -6.60
N MET A 61 -13.01 3.23 -6.60
CA MET A 61 -13.97 2.28 -7.16
C MET A 61 -14.61 1.46 -6.05
N THR A 62 -13.85 1.27 -4.96
CA THR A 62 -14.31 0.57 -3.74
C THR A 62 -14.77 -0.88 -4.01
N GLU A 63 -14.58 -1.37 -5.23
CA GLU A 63 -15.04 -2.71 -5.60
C GLU A 63 -14.25 -3.79 -4.85
N TYR A 64 -12.93 -3.69 -4.89
CA TYR A 64 -12.09 -4.69 -4.25
C TYR A 64 -11.24 -4.03 -3.17
N ARG A 65 -11.18 -4.65 -2.01
CA ARG A 65 -10.43 -4.11 -0.88
C ARG A 65 -9.92 -5.25 0.01
N LYS A 66 -8.70 -5.10 0.50
CA LYS A 66 -8.11 -6.11 1.38
C LYS A 66 -7.29 -5.43 2.47
N ASN A 67 -7.38 -5.96 3.69
CA ASN A 67 -6.69 -5.38 4.83
C ASN A 67 -5.91 -6.45 5.60
N VAL A 68 -4.58 -6.41 5.47
CA VAL A 68 -3.70 -7.31 6.20
C VAL A 68 -2.82 -6.51 7.15
N GLY A 69 -2.41 -7.12 8.26
CA GLY A 69 -1.62 -6.38 9.23
C GLY A 69 -0.49 -7.19 9.83
N LEU A 70 0.61 -6.50 10.12
CA LEU A 70 1.78 -7.11 10.74
C LEU A 70 2.59 -6.04 11.47
N ARG A 71 3.25 -5.19 10.68
CA ARG A 71 3.97 -4.04 11.23
C ARG A 71 3.06 -2.83 11.26
N ASN A 72 1.90 -3.00 10.66
CA ASN A 72 0.99 -1.91 10.37
C ASN A 72 -0.29 -2.49 9.80
N ILE A 73 -1.21 -1.63 9.40
CA ILE A 73 -2.41 -2.09 8.73
C ILE A 73 -2.36 -1.70 7.26
N ILE A 74 -2.19 -2.69 6.40
CA ILE A 74 -2.15 -2.47 4.97
C ILE A 74 -3.54 -2.63 4.39
N PHE A 75 -4.05 -1.56 3.80
CA PHE A 75 -5.37 -1.58 3.20
C PHE A 75 -5.27 -1.26 1.72
N SER A 76 -5.53 -2.25 0.89
CA SER A 76 -5.44 -2.07 -0.56
C SER A 76 -6.83 -1.83 -1.13
N ILE A 77 -6.99 -0.72 -1.85
CA ILE A 77 -8.28 -0.37 -2.43
C ILE A 77 -8.16 -0.14 -3.92
N GLN A 78 -9.17 -0.57 -4.67
CA GLN A 78 -9.24 -0.29 -6.10
C GLN A 78 -9.79 1.12 -6.32
N LYS A 79 -9.10 1.91 -7.14
CA LYS A 79 -9.54 3.26 -7.45
C LYS A 79 -9.77 3.41 -8.95
N GLU A 80 -10.91 3.96 -9.32
CA GLU A 80 -11.27 4.03 -10.72
C GLU A 80 -11.05 5.45 -11.23
N GLU A 81 -9.81 5.72 -11.60
CA GLU A 81 -9.40 7.04 -12.06
C GLU A 81 -8.27 6.89 -13.06
N ARG A 82 -7.55 7.97 -13.32
CA ARG A 82 -6.44 7.92 -14.26
C ARG A 82 -5.16 8.35 -13.55
N SER A 83 -4.39 9.21 -14.18
CA SER A 83 -3.10 9.63 -13.64
C SER A 83 -3.08 11.13 -13.39
N TRP A 84 -4.25 11.77 -13.53
CA TRP A 84 -4.35 13.21 -13.38
C TRP A 84 -4.41 13.62 -11.91
N TRP A 85 -4.93 12.73 -11.08
CA TRP A 85 -5.08 13.02 -9.67
C TRP A 85 -3.87 12.51 -8.90
N THR A 86 -2.83 13.33 -8.86
CA THR A 86 -1.61 12.96 -8.16
C THR A 86 -1.73 13.28 -6.68
N ARG A 87 -2.67 14.16 -6.36
CA ARG A 87 -2.96 14.50 -4.98
C ARG A 87 -4.38 14.05 -4.65
N LEU A 88 -4.50 12.85 -4.10
CA LEU A 88 -5.81 12.24 -3.89
C LEU A 88 -6.52 12.81 -2.66
N LEU A 89 -5.92 13.79 -2.02
CA LEU A 89 -6.57 14.46 -0.90
C LEU A 89 -7.44 15.59 -1.43
N LYS A 90 -8.76 15.45 -1.25
CA LYS A 90 -9.72 16.45 -1.74
C LYS A 90 -9.37 17.83 -1.19
N SER A 91 -9.03 17.86 0.09
CA SER A 91 -8.60 19.09 0.73
C SER A 91 -7.13 19.34 0.45
N GLU A 92 -6.85 19.78 -0.78
CA GLU A 92 -5.49 20.13 -1.19
C GLU A 92 -4.97 21.29 -0.36
N GLU A 93 -5.89 22.10 0.15
CA GLU A 93 -5.55 23.18 1.05
C GLU A 93 -5.22 22.62 2.44
N LYS A 94 -3.93 22.31 2.62
CA LYS A 94 -3.40 21.66 3.83
C LYS A 94 -4.25 20.45 4.26
N PRO A 95 -3.87 19.25 3.77
CA PRO A 95 -4.56 18.00 4.10
C PRO A 95 -4.60 17.70 5.59
N ALA A 96 -3.47 17.23 6.12
CA ALA A 96 -3.37 16.83 7.51
C ALA A 96 -1.93 16.48 7.84
N PRO A 97 -1.50 16.72 9.09
CA PRO A 97 -0.12 16.47 9.51
C PRO A 97 0.22 14.98 9.53
N TYR A 98 -0.80 14.13 9.58
CA TYR A 98 -0.58 12.69 9.70
C TYR A 98 -0.49 12.02 8.33
N ILE A 99 -0.74 12.78 7.26
CA ILE A 99 -0.67 12.23 5.91
C ILE A 99 0.72 12.34 5.33
N LYS A 100 1.25 11.18 4.99
CA LYS A 100 2.57 11.08 4.35
C LYS A 100 2.47 10.05 3.23
N VAL A 101 3.47 10.02 2.37
CA VAL A 101 3.55 9.00 1.34
C VAL A 101 4.41 7.84 1.83
N ASP A 102 3.96 6.61 1.58
CA ASP A 102 4.71 5.42 1.98
C ASP A 102 6.01 5.33 1.19
N TRP A 103 7.09 5.82 1.77
CA TRP A 103 8.38 5.86 1.11
C TRP A 103 9.08 4.51 1.12
N ASN A 104 8.44 3.49 1.68
CA ASN A 104 9.08 2.19 1.80
C ASN A 104 8.38 1.13 0.94
N LYS A 105 7.06 1.15 0.95
CA LYS A 105 6.30 0.13 0.24
C LYS A 105 5.68 0.65 -1.06
N TRP A 106 6.03 1.87 -1.47
CA TRP A 106 5.53 2.39 -2.73
C TRP A 106 6.17 1.64 -3.89
N CYS A 107 5.36 1.22 -4.84
CA CYS A 107 5.86 0.53 -6.01
C CYS A 107 6.54 1.51 -6.94
N ASP A 108 7.69 1.11 -7.47
CA ASP A 108 8.51 1.98 -8.32
C ASP A 108 7.73 2.51 -9.52
N GLU A 109 7.90 3.79 -9.79
CA GLU A 109 7.31 4.40 -10.97
C GLU A 109 8.16 4.08 -12.20
N ASP A 110 9.30 3.44 -11.95
CA ASP A 110 10.14 2.91 -13.00
C ASP A 110 9.44 1.73 -13.66
N GLU A 111 8.60 1.05 -12.89
CA GLU A 111 7.83 -0.06 -13.39
C GLU A 111 6.37 0.34 -13.55
N GLU A 112 6.05 0.89 -14.71
CA GLU A 112 4.70 1.29 -15.07
C GLU A 112 4.62 1.44 -16.58
N VAL A 113 3.56 0.93 -17.17
CA VAL A 113 3.47 0.83 -18.63
C VAL A 113 3.34 2.21 -19.29
N ASN A 114 2.63 3.13 -18.65
CA ASN A 114 2.39 4.44 -19.22
C ASN A 114 3.49 5.41 -18.82
N SER A 115 4.51 4.91 -18.13
CA SER A 115 5.58 5.74 -17.62
C SER A 115 6.71 5.86 -18.65
N GLU A 116 6.41 5.54 -19.91
CA GLU A 116 7.41 5.58 -20.96
C GLU A 116 6.81 5.94 -22.31
N THR A 117 5.93 5.07 -22.79
CA THR A 117 5.39 5.18 -24.15
C THR A 117 4.48 6.40 -24.33
N ALA A 118 4.12 7.03 -23.22
CA ALA A 118 3.22 8.17 -23.26
C ALA A 118 3.97 9.47 -23.55
N SER A 119 5.25 9.36 -23.86
CA SER A 119 6.07 10.54 -24.13
C SER A 119 6.87 10.37 -25.42
N ASP A 120 6.48 11.13 -26.44
CA ASP A 120 7.23 11.26 -27.69
C ASP A 120 7.27 9.96 -28.49
N ASP A 121 6.36 9.84 -29.44
CA ASP A 121 6.32 8.70 -30.35
C ASP A 121 5.48 9.07 -31.56
N GLU A 122 6.11 9.77 -32.50
CA GLU A 122 5.42 10.24 -33.69
C GLU A 122 6.41 10.29 -34.85
N SER A 123 5.96 10.76 -36.00
CA SER A 123 6.82 10.89 -37.16
C SER A 123 7.84 12.00 -36.93
N ALA A 124 7.37 13.11 -36.36
CA ALA A 124 8.18 14.29 -36.01
C ALA A 124 8.69 15.04 -37.24
N PHE A 125 9.05 14.30 -38.27
CA PHE A 125 9.67 14.87 -39.46
C PHE A 125 8.71 15.76 -40.25
N VAL A 126 9.22 16.93 -40.62
CA VAL A 126 8.50 17.87 -41.46
C VAL A 126 9.50 18.86 -42.08
N ASN A 127 9.30 19.19 -43.36
CA ASN A 127 10.20 20.11 -44.04
C ASN A 127 9.50 20.71 -45.26
N GLN A 128 9.89 21.93 -45.62
CA GLN A 128 9.32 22.61 -46.77
C GLN A 128 10.43 23.34 -47.53
N ASP A 129 10.82 22.78 -48.66
CA ASP A 129 11.97 23.31 -49.41
C ASP A 129 11.62 23.53 -50.88
N SER A 130 10.35 23.40 -51.22
CA SER A 130 9.94 23.43 -52.62
C SER A 130 9.67 24.85 -53.11
N GLU A 131 10.66 25.43 -53.78
CA GLU A 131 10.51 26.72 -54.43
C GLU A 131 11.00 26.61 -55.86
N SER A 132 10.22 27.10 -56.81
CA SER A 132 10.53 26.93 -58.21
C SER A 132 11.55 27.95 -58.71
N SER A 133 12.48 27.47 -59.51
CA SER A 133 13.46 28.32 -60.17
C SER A 133 13.51 27.94 -61.64
N ASP A 134 13.72 28.91 -62.52
CA ASP A 134 13.70 28.66 -63.95
C ASP A 134 14.56 29.68 -64.70
N ASP A 135 15.40 29.19 -65.60
CA ASP A 135 16.23 30.05 -66.43
C ASP A 135 15.99 29.74 -67.91
N ASP A 136 16.03 30.76 -68.74
CA ASP A 136 15.73 30.60 -70.16
C ASP A 136 17.02 30.65 -70.99
N GLY A 137 17.48 31.87 -71.24
CA GLY A 137 18.63 32.07 -72.09
C GLY A 137 18.31 33.03 -73.21
N LEU A 138 17.48 32.58 -74.15
CA LEU A 138 16.97 33.42 -75.24
C LEU A 138 18.12 33.97 -76.11
N LEU A 139 19.25 33.28 -76.10
CA LEU A 139 20.41 33.77 -76.83
C LEU A 139 20.91 32.71 -77.81
N TYR A 140 20.64 32.95 -79.08
CA TYR A 140 21.17 32.11 -80.15
C TYR A 140 21.35 32.95 -81.42
N LEU A 141 22.60 33.07 -81.86
CA LEU A 141 22.91 33.92 -82.99
C LEU A 141 23.87 33.21 -83.96
N PRO A 142 23.44 33.01 -85.20
CA PRO A 142 24.29 32.45 -86.26
C PRO A 142 25.37 33.44 -86.68
N ASP A 143 26.60 32.96 -86.79
CA ASP A 143 27.72 33.81 -87.16
C ASP A 143 27.71 34.07 -88.67
N LEU A 144 27.43 33.03 -89.45
CA LEU A 144 27.41 33.10 -90.91
C LEU A 144 28.73 33.62 -91.45
N GLU A 145 29.81 33.37 -90.73
CA GLU A 145 31.12 33.85 -91.14
C GLU A 145 31.75 32.87 -92.12
N LYS A 146 30.90 32.20 -92.90
CA LYS A 146 31.37 31.24 -93.88
C LYS A 146 31.91 31.98 -95.11
N ALA A 147 33.23 32.09 -95.17
CA ALA A 147 33.90 32.81 -96.25
C ALA A 147 35.36 32.39 -96.32
N ARG A 148 35.96 32.53 -97.50
CA ARG A 148 37.35 32.16 -97.71
C ARG A 148 38.13 33.27 -98.37
N ASN A 149 39.24 33.65 -97.74
CA ASN A 149 40.15 34.64 -98.31
C ASN A 149 41.22 33.93 -99.14
N LYS A 150 41.87 34.67 -100.02
CA LYS A 150 42.85 34.07 -100.92
C LYS A 150 44.15 34.87 -100.93
N SER A 1 -12.12 11.67 22.88
CA SER A 1 -11.97 10.46 22.05
C SER A 1 -11.58 10.84 20.63
N SER A 2 -11.44 9.85 19.76
CA SER A 2 -11.07 10.07 18.37
C SER A 2 -9.67 10.67 18.25
N ARG A 3 -8.68 9.80 18.09
CA ARG A 3 -7.30 10.23 17.93
C ARG A 3 -6.70 9.65 16.67
N ASN A 4 -5.50 10.09 16.33
CA ASN A 4 -4.86 9.73 15.06
C ASN A 4 -3.50 9.10 15.30
N PRO A 5 -3.18 8.03 14.56
CA PRO A 5 -1.88 7.37 14.61
C PRO A 5 -0.93 7.87 13.52
N GLU A 6 0.05 7.05 13.16
CA GLU A 6 0.98 7.38 12.10
C GLU A 6 0.50 6.74 10.80
N VAL A 7 0.26 7.56 9.79
CA VAL A 7 -0.33 7.11 8.55
C VAL A 7 0.59 7.36 7.36
N LEU A 8 0.90 6.30 6.61
CA LEU A 8 1.69 6.40 5.39
C LEU A 8 0.81 6.06 4.20
N TRP A 9 1.10 6.65 3.04
CA TRP A 9 0.39 6.28 1.83
C TRP A 9 1.36 6.12 0.67
N ALA A 10 0.94 5.34 -0.31
CA ALA A 10 1.70 5.12 -1.53
C ALA A 10 0.74 4.73 -2.65
N GLN A 11 1.22 4.65 -3.88
CA GLN A 11 0.36 4.30 -4.99
C GLN A 11 1.11 3.43 -5.98
N ARG A 12 0.45 2.38 -6.46
CA ARG A 12 1.04 1.51 -7.46
C ARG A 12 0.07 1.26 -8.61
N SER A 13 0.16 2.11 -9.62
CA SER A 13 -0.63 2.01 -10.86
C SER A 13 -2.14 1.95 -10.58
N ASP A 14 -2.64 0.74 -10.32
CA ASP A 14 -4.08 0.51 -10.18
C ASP A 14 -4.60 0.95 -8.82
N LYS A 15 -3.85 0.68 -7.78
CA LYS A 15 -4.36 0.83 -6.42
C LYS A 15 -3.46 1.70 -5.55
N VAL A 16 -4.08 2.22 -4.50
CA VAL A 16 -3.38 3.05 -3.53
C VAL A 16 -3.17 2.26 -2.24
N TYR A 17 -2.00 2.42 -1.65
CA TYR A 17 -1.66 1.71 -0.43
C TYR A 17 -1.73 2.65 0.75
N LEU A 18 -2.45 2.24 1.77
CA LEU A 18 -2.56 3.00 3.00
C LEU A 18 -1.96 2.20 4.14
N THR A 19 -0.81 2.64 4.63
CA THR A 19 -0.11 1.91 5.66
C THR A 19 -0.26 2.62 7.01
N VAL A 20 -1.01 2.01 7.91
CA VAL A 20 -1.22 2.59 9.21
C VAL A 20 -0.39 1.86 10.26
N ALA A 21 0.31 2.63 11.09
CA ALA A 21 1.07 2.07 12.20
C ALA A 21 0.10 1.69 13.31
N LEU A 22 -0.30 0.43 13.32
CA LEU A 22 -1.37 -0.03 14.18
C LEU A 22 -0.94 -1.27 14.94
N PRO A 23 -0.57 -1.11 16.22
CA PRO A 23 -0.08 -2.21 17.05
C PRO A 23 -1.21 -3.11 17.57
N ASP A 24 -2.37 -2.53 17.84
CA ASP A 24 -3.47 -3.28 18.41
C ASP A 24 -4.80 -2.58 18.16
N ALA A 25 -5.68 -3.25 17.43
CA ALA A 25 -6.98 -2.67 17.08
C ALA A 25 -8.10 -3.68 17.20
N LYS A 26 -9.31 -3.25 16.88
CA LYS A 26 -10.51 -4.08 16.96
C LYS A 26 -11.63 -3.45 16.14
N ASP A 27 -12.43 -4.31 15.50
CA ASP A 27 -13.57 -3.87 14.68
C ASP A 27 -13.20 -2.72 13.77
N ILE A 28 -12.22 -2.96 12.93
CA ILE A 28 -11.76 -1.94 11.99
C ILE A 28 -12.81 -1.74 10.90
N SER A 29 -13.52 -0.63 10.97
CA SER A 29 -14.57 -0.32 10.02
C SER A 29 -14.09 0.71 9.01
N VAL A 30 -14.02 0.31 7.76
CA VAL A 30 -13.60 1.20 6.70
C VAL A 30 -14.81 1.60 5.85
N LYS A 31 -15.15 2.88 5.86
CA LYS A 31 -16.24 3.36 5.04
C LYS A 31 -15.71 4.35 4.02
N CYS A 32 -15.79 3.99 2.74
CA CYS A 32 -15.30 4.83 1.66
C CYS A 32 -16.39 5.08 0.62
N GLU A 33 -16.47 6.31 0.09
CA GLU A 33 -17.34 6.59 -1.03
C GLU A 33 -16.51 6.63 -2.30
N PRO A 34 -17.14 6.58 -3.48
CA PRO A 34 -16.44 6.66 -4.77
C PRO A 34 -15.53 7.89 -4.90
N GLN A 35 -15.64 8.82 -3.96
CA GLN A 35 -14.79 9.99 -3.95
C GLN A 35 -14.22 10.26 -2.55
N GLY A 36 -14.40 9.31 -1.64
CA GLY A 36 -13.83 9.47 -0.32
C GLY A 36 -14.81 9.25 0.80
N LEU A 37 -14.36 8.56 1.82
CA LEU A 37 -15.09 8.46 3.08
C LEU A 37 -14.10 8.10 4.20
N PHE A 38 -14.59 7.96 5.43
CA PHE A 38 -13.71 7.88 6.58
C PHE A 38 -13.73 6.49 7.20
N SER A 39 -12.65 6.11 7.87
CA SER A 39 -12.57 4.84 8.55
C SER A 39 -12.56 5.07 10.05
N PHE A 40 -13.20 4.18 10.79
CA PHE A 40 -13.31 4.31 12.24
C PHE A 40 -13.01 2.98 12.91
N SER A 41 -11.94 2.94 13.67
CA SER A 41 -11.50 1.72 14.31
C SER A 41 -11.23 1.94 15.80
N ALA A 42 -11.15 0.84 16.54
CA ALA A 42 -10.87 0.91 17.97
C ALA A 42 -9.44 0.49 18.25
N LEU A 43 -8.78 1.25 19.11
CA LEU A 43 -7.43 0.92 19.55
C LEU A 43 -7.50 0.17 20.86
N GLY A 44 -7.19 -1.11 20.81
CA GLY A 44 -7.28 -1.95 21.99
C GLY A 44 -6.20 -1.62 23.00
N ALA A 45 -5.04 -1.24 22.49
CA ALA A 45 -3.90 -0.90 23.35
C ALA A 45 -4.15 0.37 24.15
N GLN A 46 -4.78 1.35 23.51
CA GLN A 46 -4.96 2.65 24.14
C GLN A 46 -6.37 2.81 24.72
N GLY A 47 -7.25 1.87 24.39
CA GLY A 47 -8.64 1.98 24.83
C GLY A 47 -9.33 3.17 24.19
N GLU A 48 -8.84 3.54 23.02
CA GLU A 48 -9.28 4.75 22.34
C GLU A 48 -9.91 4.39 21.00
N ARG A 49 -10.69 5.29 20.45
CA ARG A 49 -11.22 5.12 19.11
C ARG A 49 -10.42 6.00 18.16
N PHE A 50 -9.93 5.43 17.06
CA PHE A 50 -9.11 6.19 16.13
C PHE A 50 -9.81 6.30 14.78
N GLU A 51 -9.65 7.43 14.14
CA GLU A 51 -10.31 7.68 12.87
C GLU A 51 -9.37 8.31 11.87
N PHE A 52 -9.76 8.26 10.61
CA PHE A 52 -9.06 8.96 9.55
C PHE A 52 -9.95 9.02 8.31
N SER A 53 -10.00 10.17 7.67
CA SER A 53 -10.88 10.37 6.54
C SER A 53 -10.09 10.41 5.24
N LEU A 54 -10.41 9.50 4.33
CA LEU A 54 -9.76 9.47 3.04
C LEU A 54 -10.66 10.11 2.00
N GLU A 55 -10.46 11.41 1.77
CA GLU A 55 -11.21 12.12 0.75
C GLU A 55 -10.36 12.26 -0.50
N LEU A 56 -10.86 11.73 -1.61
CA LEU A 56 -10.11 11.71 -2.85
C LEU A 56 -10.75 12.65 -3.87
N TYR A 57 -9.99 13.01 -4.88
CA TYR A 57 -10.46 13.98 -5.86
C TYR A 57 -11.40 13.36 -6.90
N GLY A 58 -10.99 12.24 -7.48
CA GLY A 58 -11.75 11.66 -8.56
C GLY A 58 -12.61 10.47 -8.14
N LYS A 59 -12.25 9.29 -8.64
CA LYS A 59 -13.04 8.08 -8.42
C LYS A 59 -12.22 6.98 -7.74
N ILE A 60 -12.85 6.29 -6.82
CA ILE A 60 -12.24 5.13 -6.17
C ILE A 60 -12.97 3.87 -6.60
N MET A 61 -12.25 2.76 -6.60
CA MET A 61 -12.83 1.49 -6.98
C MET A 61 -13.12 0.68 -5.72
N THR A 62 -14.24 1.00 -5.08
CA THR A 62 -14.56 0.50 -3.75
C THR A 62 -15.22 -0.89 -3.81
N GLU A 63 -14.97 -1.63 -4.89
CA GLU A 63 -15.50 -2.98 -5.00
C GLU A 63 -14.67 -3.96 -4.15
N TYR A 64 -13.37 -3.73 -4.11
CA TYR A 64 -12.46 -4.57 -3.36
C TYR A 64 -11.47 -3.73 -2.57
N ARG A 65 -11.35 -4.01 -1.28
CA ARG A 65 -10.38 -3.38 -0.43
C ARG A 65 -9.87 -4.39 0.59
N LYS A 66 -8.57 -4.56 0.67
CA LYS A 66 -7.99 -5.60 1.50
C LYS A 66 -6.97 -5.02 2.48
N ASN A 67 -7.03 -5.48 3.72
CA ASN A 67 -6.05 -5.09 4.73
C ASN A 67 -5.16 -6.28 5.08
N VAL A 68 -3.87 -6.07 4.97
CA VAL A 68 -2.89 -7.07 5.40
C VAL A 68 -2.06 -6.54 6.56
N GLY A 69 -2.01 -7.28 7.64
CA GLY A 69 -1.32 -6.82 8.82
C GLY A 69 -0.23 -7.76 9.28
N LEU A 70 0.98 -7.22 9.43
CA LEU A 70 2.10 -7.97 9.98
C LEU A 70 2.52 -7.35 11.31
N ARG A 71 3.15 -6.19 11.23
CA ARG A 71 3.47 -5.40 12.41
C ARG A 71 2.70 -4.09 12.36
N ASN A 72 1.88 -3.99 11.33
CA ASN A 72 1.12 -2.80 11.01
C ASN A 72 0.07 -3.16 9.98
N ILE A 73 -0.90 -2.29 9.74
CA ILE A 73 -2.00 -2.64 8.84
C ILE A 73 -1.86 -1.91 7.51
N ILE A 74 -1.72 -2.68 6.44
CA ILE A 74 -1.60 -2.13 5.11
C ILE A 74 -2.90 -2.33 4.33
N PHE A 75 -3.50 -1.24 3.90
CA PHE A 75 -4.73 -1.28 3.14
C PHE A 75 -4.43 -1.14 1.65
N SER A 76 -4.97 -2.04 0.85
CA SER A 76 -4.87 -1.93 -0.59
C SER A 76 -6.24 -1.59 -1.18
N ILE A 77 -6.39 -0.35 -1.64
CA ILE A 77 -7.65 0.09 -2.23
C ILE A 77 -7.46 0.44 -3.69
N GLN A 78 -8.22 -0.20 -4.57
CA GLN A 78 -8.16 0.12 -5.98
C GLN A 78 -8.71 1.51 -6.25
N LYS A 79 -8.03 2.27 -7.07
CA LYS A 79 -8.45 3.63 -7.37
C LYS A 79 -8.55 3.82 -8.88
N GLU A 80 -9.36 4.76 -9.31
CA GLU A 80 -9.50 5.02 -10.72
C GLU A 80 -9.16 6.48 -11.05
N GLU A 81 -10.17 7.35 -10.90
CA GLU A 81 -10.04 8.78 -11.20
C GLU A 81 -9.76 9.00 -12.69
N ARG A 82 -10.41 8.20 -13.54
CA ARG A 82 -10.25 8.37 -14.98
C ARG A 82 -11.12 9.52 -15.46
N SER A 83 -10.75 10.72 -15.05
CA SER A 83 -11.47 11.92 -15.43
C SER A 83 -10.52 13.11 -15.48
N TRP A 84 -10.10 13.54 -14.29
CA TRP A 84 -9.12 14.61 -14.12
C TRP A 84 -8.86 14.78 -12.64
N TRP A 85 -7.60 14.98 -12.26
CA TRP A 85 -7.23 15.04 -10.87
C TRP A 85 -6.11 16.04 -10.64
N THR A 86 -6.33 16.94 -9.70
CA THR A 86 -5.28 17.85 -9.28
C THR A 86 -4.26 17.08 -8.45
N ARG A 87 -4.78 16.21 -7.60
CA ARG A 87 -3.99 15.36 -6.72
C ARG A 87 -4.87 14.22 -6.24
N LEU A 88 -4.33 13.31 -5.45
CA LEU A 88 -5.12 12.20 -4.95
C LEU A 88 -5.97 12.65 -3.78
N LEU A 89 -5.32 13.26 -2.81
CA LEU A 89 -6.02 13.76 -1.62
C LEU A 89 -6.76 15.04 -1.98
N LYS A 90 -8.09 14.97 -1.92
CA LYS A 90 -8.95 16.10 -2.28
C LYS A 90 -8.56 17.36 -1.51
N SER A 91 -8.24 17.20 -0.23
CA SER A 91 -7.80 18.31 0.59
C SER A 91 -6.30 18.50 0.41
N GLU A 92 -5.92 18.96 -0.77
CA GLU A 92 -4.51 19.14 -1.09
C GLU A 92 -4.00 20.51 -0.68
N GLU A 93 -4.85 21.27 0.01
CA GLU A 93 -4.47 22.58 0.49
C GLU A 93 -3.70 22.49 1.81
N LYS A 94 -4.07 21.54 2.65
CA LYS A 94 -3.42 21.39 3.95
C LYS A 94 -3.53 19.96 4.45
N PRO A 95 -2.49 19.14 4.24
CA PRO A 95 -2.41 17.80 4.82
C PRO A 95 -2.00 17.85 6.29
N ALA A 96 -2.21 16.74 6.98
CA ALA A 96 -1.87 16.66 8.39
C ALA A 96 -0.49 16.03 8.57
N PRO A 97 0.24 16.40 9.63
CA PRO A 97 1.60 15.93 9.87
C PRO A 97 1.68 14.42 10.10
N TYR A 98 0.54 13.78 10.35
CA TYR A 98 0.52 12.34 10.53
C TYR A 98 0.26 11.63 9.21
N ILE A 99 0.15 12.40 8.13
CA ILE A 99 0.03 11.83 6.80
C ILE A 99 1.35 11.95 6.07
N LYS A 100 2.00 10.82 5.99
CA LYS A 100 3.32 10.73 5.39
C LYS A 100 3.28 9.76 4.23
N VAL A 101 4.39 9.61 3.53
CA VAL A 101 4.46 8.71 2.40
C VAL A 101 5.16 7.43 2.80
N ASP A 102 4.55 6.29 2.51
CA ASP A 102 5.17 5.00 2.78
C ASP A 102 6.42 4.83 1.92
N TRP A 103 7.58 4.98 2.55
CA TRP A 103 8.86 4.91 1.86
C TRP A 103 9.26 3.47 1.53
N ASN A 104 8.44 2.50 1.90
CA ASN A 104 8.77 1.09 1.71
C ASN A 104 7.93 0.46 0.61
N LYS A 105 6.70 0.96 0.43
CA LYS A 105 5.88 0.50 -0.67
C LYS A 105 6.18 1.32 -1.91
N TRP A 106 6.63 2.55 -1.69
CA TRP A 106 7.09 3.40 -2.78
C TRP A 106 8.38 2.82 -3.34
N CYS A 107 8.36 2.47 -4.62
CA CYS A 107 9.46 1.76 -5.23
C CYS A 107 10.45 2.71 -5.89
N ASP A 108 11.63 2.81 -5.31
CA ASP A 108 12.71 3.57 -5.92
C ASP A 108 13.17 2.89 -7.19
N GLU A 109 13.37 3.68 -8.23
CA GLU A 109 13.80 3.16 -9.51
C GLU A 109 15.31 3.05 -9.52
N ASP A 110 15.94 3.81 -8.65
CA ASP A 110 17.39 3.84 -8.55
C ASP A 110 17.89 2.77 -7.59
N GLU A 111 16.96 2.06 -6.97
CA GLU A 111 17.30 1.07 -5.97
C GLU A 111 16.81 -0.32 -6.39
N GLU A 112 17.61 -1.33 -6.10
CA GLU A 112 17.26 -2.70 -6.41
C GLU A 112 16.54 -3.33 -5.21
N VAL A 113 15.63 -4.26 -5.48
CA VAL A 113 14.89 -4.91 -4.43
C VAL A 113 15.35 -6.35 -4.22
N ASN A 114 15.68 -7.05 -5.32
CA ASN A 114 16.17 -8.42 -5.23
C ASN A 114 16.58 -8.98 -6.60
N SER A 115 15.74 -8.80 -7.62
CA SER A 115 15.96 -9.42 -8.93
C SER A 115 16.26 -10.92 -8.80
N GLU A 116 15.76 -11.53 -7.71
CA GLU A 116 15.95 -12.94 -7.42
C GLU A 116 17.45 -13.30 -7.31
N THR A 117 18.29 -12.32 -7.00
CA THR A 117 19.72 -12.57 -6.89
C THR A 117 20.15 -12.66 -5.42
N ALA A 118 19.18 -12.51 -4.53
CA ALA A 118 19.44 -12.53 -3.09
C ALA A 118 19.46 -13.96 -2.57
N SER A 119 20.66 -14.45 -2.25
CA SER A 119 20.83 -15.78 -1.69
C SER A 119 22.04 -15.79 -0.77
N ASP A 120 23.22 -15.61 -1.36
CA ASP A 120 24.47 -15.45 -0.62
C ASP A 120 24.89 -16.73 0.11
N ASP A 121 24.19 -17.82 -0.17
CA ASP A 121 24.49 -19.10 0.43
C ASP A 121 24.82 -20.11 -0.64
N GLU A 122 25.60 -21.11 -0.28
CA GLU A 122 25.93 -22.19 -1.20
C GLU A 122 25.96 -23.50 -0.44
N SER A 123 25.80 -24.59 -1.16
CA SER A 123 25.75 -25.90 -0.54
C SER A 123 27.16 -26.45 -0.34
N ALA A 124 27.84 -25.91 0.65
CA ALA A 124 29.15 -26.41 1.02
C ALA A 124 29.02 -27.80 1.63
N PHE A 125 29.21 -28.81 0.81
CA PHE A 125 28.97 -30.18 1.20
C PHE A 125 30.23 -30.80 1.76
N VAL A 126 30.05 -31.82 2.61
CA VAL A 126 31.18 -32.50 3.22
C VAL A 126 31.32 -33.90 2.62
N ASN A 127 32.52 -34.45 2.71
CA ASN A 127 32.76 -35.81 2.26
C ASN A 127 33.05 -36.69 3.47
N GLN A 128 32.32 -37.77 3.59
CA GLN A 128 32.45 -38.65 4.74
C GLN A 128 33.61 -39.63 4.57
N ASP A 129 34.36 -39.82 5.64
CA ASP A 129 35.49 -40.73 5.66
C ASP A 129 35.79 -41.10 7.09
N SER A 130 35.03 -42.05 7.60
CA SER A 130 35.09 -42.41 9.01
C SER A 130 36.19 -43.41 9.30
N GLU A 131 36.33 -44.43 8.45
CA GLU A 131 37.24 -45.56 8.68
C GLU A 131 36.70 -46.44 9.80
N SER A 132 36.97 -47.74 9.73
CA SER A 132 36.51 -48.66 10.73
C SER A 132 37.68 -49.43 11.33
N SER A 133 38.10 -49.04 12.52
CA SER A 133 39.17 -49.71 13.24
C SER A 133 38.57 -50.78 14.15
N ASP A 134 39.37 -51.77 14.52
CA ASP A 134 38.89 -52.88 15.33
C ASP A 134 39.98 -53.34 16.30
N ASP A 135 39.79 -54.50 16.92
CA ASP A 135 40.72 -54.98 17.94
C ASP A 135 41.27 -56.35 17.58
N ASP A 136 42.32 -56.76 18.29
CA ASP A 136 42.91 -58.07 18.11
C ASP A 136 42.50 -58.99 19.24
N GLY A 137 43.32 -59.08 20.29
CA GLY A 137 43.00 -59.91 21.44
C GLY A 137 43.25 -61.38 21.21
N LEU A 138 44.10 -61.69 20.24
CA LEU A 138 44.42 -63.08 19.92
C LEU A 138 45.84 -63.43 20.36
N LEU A 139 45.94 -64.30 21.35
CA LEU A 139 47.24 -64.80 21.80
C LEU A 139 47.44 -66.21 21.27
N TYR A 140 48.62 -66.51 20.75
CA TYR A 140 48.89 -67.80 20.14
C TYR A 140 50.04 -68.51 20.83
N LEU A 141 50.45 -68.01 21.99
CA LEU A 141 51.55 -68.61 22.73
C LEU A 141 51.04 -69.38 23.94
N PRO A 142 51.17 -70.72 23.90
CA PRO A 142 50.78 -71.59 24.99
C PRO A 142 51.97 -72.09 25.81
N ASP A 143 52.22 -71.44 26.94
CA ASP A 143 53.24 -71.92 27.87
C ASP A 143 52.58 -72.55 29.10
N LEU A 144 51.73 -73.52 28.82
CA LEU A 144 50.91 -74.14 29.86
C LEU A 144 51.73 -75.12 30.70
N GLU A 145 51.08 -75.74 31.68
CA GLU A 145 51.74 -76.65 32.59
C GLU A 145 51.60 -78.10 32.13
N LYS A 146 51.20 -78.29 30.88
CA LYS A 146 51.09 -79.62 30.29
C LYS A 146 52.48 -80.24 30.18
N ALA A 147 52.83 -81.04 31.17
CA ALA A 147 54.15 -81.66 31.21
C ALA A 147 54.01 -83.18 31.32
N ARG A 148 54.97 -83.88 30.75
CA ARG A 148 54.97 -85.33 30.79
C ARG A 148 56.04 -85.83 31.76
N ASN A 149 55.62 -86.40 32.87
CA ASN A 149 56.56 -87.01 33.79
C ASN A 149 56.81 -88.45 33.37
N LYS A 150 55.76 -89.25 33.46
CA LYS A 150 55.77 -90.62 32.96
C LYS A 150 54.35 -91.08 32.68
N SER A 1 -13.58 12.06 21.10
CA SER A 1 -13.29 10.78 20.43
C SER A 1 -12.37 10.99 19.22
N SER A 2 -12.19 12.23 18.81
CA SER A 2 -11.44 12.51 17.59
C SER A 2 -9.94 12.54 17.84
N ARG A 3 -9.28 11.43 17.52
CA ARG A 3 -7.83 11.35 17.52
C ARG A 3 -7.38 10.77 16.19
N ASN A 4 -6.30 11.31 15.64
CA ASN A 4 -5.85 10.91 14.31
C ASN A 4 -4.51 10.19 14.36
N PRO A 5 -4.43 8.98 13.79
CA PRO A 5 -3.18 8.22 13.71
C PRO A 5 -2.31 8.67 12.53
N GLU A 6 -1.19 8.00 12.33
CA GLU A 6 -0.27 8.34 11.25
C GLU A 6 -0.66 7.59 9.97
N VAL A 7 -0.65 8.31 8.86
CA VAL A 7 -1.17 7.77 7.60
C VAL A 7 -0.16 7.92 6.46
N LEU A 8 0.24 6.79 5.89
CA LEU A 8 1.12 6.79 4.72
C LEU A 8 0.38 6.29 3.50
N TRP A 9 0.75 6.76 2.32
CA TRP A 9 0.17 6.25 1.08
C TRP A 9 1.26 5.98 0.06
N ALA A 10 0.97 5.08 -0.86
CA ALA A 10 1.90 4.69 -1.91
C ALA A 10 1.14 4.28 -3.17
N GLN A 11 1.59 4.79 -4.31
CA GLN A 11 0.87 4.59 -5.57
C GLN A 11 1.48 3.46 -6.40
N ARG A 12 0.61 2.57 -6.87
CA ARG A 12 1.01 1.54 -7.83
C ARG A 12 0.00 1.52 -8.98
N SER A 13 0.14 0.58 -9.89
CA SER A 13 -0.78 0.49 -11.02
C SER A 13 -2.15 0.02 -10.54
N ASP A 14 -3.15 0.89 -10.77
CA ASP A 14 -4.56 0.57 -10.56
C ASP A 14 -4.97 0.67 -9.09
N LYS A 15 -4.02 0.50 -8.18
CA LYS A 15 -4.32 0.44 -6.77
C LYS A 15 -3.32 1.22 -5.94
N VAL A 16 -3.81 1.85 -4.88
CA VAL A 16 -2.97 2.62 -3.97
C VAL A 16 -2.98 1.95 -2.60
N TYR A 17 -1.84 1.98 -1.93
CA TYR A 17 -1.74 1.41 -0.60
C TYR A 17 -1.95 2.48 0.45
N LEU A 18 -2.64 2.11 1.51
CA LEU A 18 -2.78 2.98 2.66
C LEU A 18 -2.10 2.34 3.84
N THR A 19 -0.98 2.91 4.25
CA THR A 19 -0.24 2.39 5.38
C THR A 19 -0.72 3.03 6.67
N VAL A 20 -1.55 2.31 7.41
CA VAL A 20 -2.05 2.78 8.67
C VAL A 20 -1.14 2.29 9.80
N ALA A 21 -0.57 3.24 10.53
CA ALA A 21 0.33 2.92 11.62
C ALA A 21 -0.45 2.44 12.83
N LEU A 22 -0.57 1.13 12.96
CA LEU A 22 -1.34 0.52 14.02
C LEU A 22 -0.75 -0.83 14.39
N PRO A 23 -0.12 -0.93 15.57
CA PRO A 23 0.46 -2.19 16.04
C PRO A 23 -0.61 -3.23 16.42
N ASP A 24 -1.53 -2.83 17.28
CA ASP A 24 -2.59 -3.72 17.74
C ASP A 24 -3.92 -3.28 17.16
N ALA A 25 -4.36 -3.98 16.12
CA ALA A 25 -5.55 -3.59 15.38
C ALA A 25 -6.82 -4.24 15.94
N LYS A 26 -7.82 -3.41 16.20
CA LYS A 26 -9.13 -3.90 16.64
C LYS A 26 -10.24 -3.01 16.10
N ASP A 27 -11.39 -3.63 15.80
CA ASP A 27 -12.61 -2.91 15.41
C ASP A 27 -12.38 -1.96 14.24
N ILE A 28 -11.61 -2.38 13.26
CA ILE A 28 -11.33 -1.54 12.10
C ILE A 28 -12.52 -1.53 11.14
N SER A 29 -13.22 -0.42 11.10
CA SER A 29 -14.33 -0.23 10.20
C SER A 29 -13.99 0.85 9.18
N VAL A 30 -13.88 0.48 7.92
CA VAL A 30 -13.50 1.41 6.88
C VAL A 30 -14.64 1.60 5.89
N LYS A 31 -15.15 2.82 5.81
CA LYS A 31 -16.21 3.14 4.86
C LYS A 31 -15.80 4.36 4.05
N CYS A 32 -15.57 4.14 2.75
CA CYS A 32 -15.10 5.19 1.85
C CYS A 32 -16.04 5.36 0.65
N GLU A 33 -16.31 6.60 0.24
CA GLU A 33 -17.02 6.84 -1.00
C GLU A 33 -15.99 6.96 -2.12
N PRO A 34 -16.41 6.88 -3.39
CA PRO A 34 -15.52 7.14 -4.53
C PRO A 34 -15.00 8.58 -4.54
N GLN A 35 -15.24 9.30 -3.46
CA GLN A 35 -14.83 10.69 -3.33
C GLN A 35 -14.55 11.04 -1.86
N GLY A 36 -14.57 10.04 -0.97
CA GLY A 36 -14.27 10.32 0.42
C GLY A 36 -15.32 9.76 1.38
N LEU A 37 -14.86 9.04 2.38
CA LEU A 37 -15.69 8.68 3.53
C LEU A 37 -14.82 8.35 4.74
N PHE A 38 -15.45 8.03 5.86
CA PHE A 38 -14.78 8.03 7.16
C PHE A 38 -14.41 6.61 7.59
N SER A 39 -13.39 6.49 8.41
CA SER A 39 -12.98 5.19 8.93
C SER A 39 -12.81 5.25 10.45
N PHE A 40 -13.27 4.20 11.11
CA PHE A 40 -13.18 4.07 12.56
C PHE A 40 -12.22 2.95 12.92
N SER A 41 -11.23 3.27 13.73
CA SER A 41 -10.24 2.28 14.15
C SER A 41 -10.07 2.30 15.66
N ALA A 42 -9.85 1.13 16.27
CA ALA A 42 -9.64 1.06 17.70
C ALA A 42 -8.26 0.51 18.00
N LEU A 43 -7.59 1.12 18.98
CA LEU A 43 -6.26 0.71 19.37
C LEU A 43 -6.36 -0.21 20.57
N GLY A 44 -6.10 -1.49 20.36
CA GLY A 44 -6.25 -2.48 21.41
C GLY A 44 -5.26 -2.31 22.53
N ALA A 45 -4.02 -1.94 22.18
CA ALA A 45 -2.97 -1.73 23.17
C ALA A 45 -3.33 -0.58 24.12
N GLN A 46 -4.12 0.35 23.62
CA GLN A 46 -4.57 1.48 24.42
C GLN A 46 -5.91 1.18 25.07
N GLY A 47 -6.77 0.49 24.34
CA GLY A 47 -8.14 0.30 24.76
C GLY A 47 -8.97 1.50 24.36
N GLU A 48 -8.42 2.29 23.45
CA GLU A 48 -9.02 3.54 23.04
C GLU A 48 -9.35 3.51 21.56
N ARG A 49 -10.23 4.39 21.11
CA ARG A 49 -10.64 4.40 19.71
C ARG A 49 -10.27 5.71 19.02
N PHE A 50 -9.87 5.62 17.77
CA PHE A 50 -9.49 6.78 16.96
C PHE A 50 -10.41 6.91 15.75
N GLU A 51 -10.35 8.03 15.06
CA GLU A 51 -11.20 8.25 13.90
C GLU A 51 -10.48 9.14 12.88
N PHE A 52 -10.79 8.95 11.61
CA PHE A 52 -10.24 9.77 10.55
C PHE A 52 -11.11 9.66 9.29
N SER A 53 -11.18 10.74 8.54
CA SER A 53 -11.97 10.77 7.32
C SER A 53 -11.05 10.82 6.12
N LEU A 54 -11.26 9.91 5.18
CA LEU A 54 -10.42 9.86 3.99
C LEU A 54 -11.13 10.50 2.82
N GLU A 55 -10.81 11.76 2.57
CA GLU A 55 -11.43 12.52 1.49
C GLU A 55 -10.62 12.35 0.20
N LEU A 56 -11.25 11.80 -0.83
CA LEU A 56 -10.54 11.49 -2.06
C LEU A 56 -10.77 12.55 -3.14
N TYR A 57 -9.69 12.90 -3.81
CA TYR A 57 -9.70 13.92 -4.85
C TYR A 57 -10.24 13.36 -6.17
N GLY A 58 -10.31 12.03 -6.26
CA GLY A 58 -10.72 11.40 -7.50
C GLY A 58 -11.49 10.11 -7.28
N LYS A 59 -12.16 9.64 -8.32
CA LYS A 59 -13.07 8.50 -8.22
C LYS A 59 -12.37 7.24 -7.74
N ILE A 60 -12.87 6.70 -6.64
CA ILE A 60 -12.37 5.45 -6.09
C ILE A 60 -13.32 4.33 -6.45
N MET A 61 -12.82 3.10 -6.49
CA MET A 61 -13.67 1.95 -6.72
C MET A 61 -14.01 1.32 -5.38
N THR A 62 -15.17 1.67 -4.86
CA THR A 62 -15.58 1.24 -3.52
C THR A 62 -15.86 -0.27 -3.47
N GLU A 63 -15.80 -0.92 -4.62
CA GLU A 63 -15.97 -2.37 -4.68
C GLU A 63 -14.79 -3.09 -4.06
N TYR A 64 -13.61 -2.92 -4.67
CA TYR A 64 -12.43 -3.63 -4.23
C TYR A 64 -11.61 -2.76 -3.28
N ARG A 65 -11.64 -3.15 -2.01
CA ARG A 65 -10.84 -2.51 -0.99
C ARG A 65 -10.74 -3.43 0.22
N LYS A 66 -9.52 -3.72 0.66
CA LYS A 66 -9.32 -4.70 1.72
C LYS A 66 -8.18 -4.28 2.64
N ASN A 67 -8.13 -4.89 3.82
CA ASN A 67 -7.14 -4.56 4.83
C ASN A 67 -6.21 -5.74 5.07
N VAL A 68 -4.94 -5.57 4.76
CA VAL A 68 -3.96 -6.60 5.01
C VAL A 68 -2.98 -6.15 6.09
N GLY A 69 -2.85 -6.94 7.14
CA GLY A 69 -1.99 -6.57 8.23
C GLY A 69 -0.71 -7.39 8.26
N LEU A 70 0.42 -6.71 8.28
CA LEU A 70 1.71 -7.37 8.44
C LEU A 70 2.27 -7.02 9.81
N ARG A 71 2.82 -5.81 9.92
CA ARG A 71 3.20 -5.26 11.21
C ARG A 71 2.32 -4.05 11.50
N ASN A 72 1.38 -3.83 10.59
CA ASN A 72 0.49 -2.68 10.62
C ASN A 72 -0.60 -2.92 9.59
N ILE A 73 -1.56 -2.02 9.50
CA ILE A 73 -2.68 -2.23 8.61
C ILE A 73 -2.45 -1.53 7.27
N ILE A 74 -2.38 -2.32 6.21
CA ILE A 74 -2.29 -1.78 4.87
C ILE A 74 -3.63 -1.91 4.18
N PHE A 75 -4.22 -0.79 3.81
CA PHE A 75 -5.52 -0.79 3.16
C PHE A 75 -5.34 -0.66 1.65
N SER A 76 -5.74 -1.69 0.94
CA SER A 76 -5.60 -1.71 -0.51
C SER A 76 -6.80 -1.00 -1.13
N ILE A 77 -6.53 0.13 -1.77
CA ILE A 77 -7.58 0.93 -2.38
C ILE A 77 -7.47 0.89 -3.90
N GLN A 78 -8.45 0.30 -4.55
CA GLN A 78 -8.44 0.25 -6.01
C GLN A 78 -9.11 1.48 -6.59
N LYS A 79 -8.49 2.06 -7.60
CA LYS A 79 -9.00 3.25 -8.24
C LYS A 79 -10.05 2.89 -9.27
N GLU A 80 -11.13 3.68 -9.32
CA GLU A 80 -12.17 3.48 -10.31
C GLU A 80 -11.62 3.83 -11.69
N GLU A 81 -11.22 5.09 -11.83
CA GLU A 81 -10.55 5.55 -13.01
C GLU A 81 -9.16 6.07 -12.62
N ARG A 82 -8.18 5.77 -13.43
CA ARG A 82 -6.81 6.15 -13.12
C ARG A 82 -6.42 7.39 -13.93
N SER A 83 -7.01 8.52 -13.56
CA SER A 83 -6.66 9.79 -14.15
C SER A 83 -5.47 10.38 -13.40
N TRP A 84 -4.70 11.23 -14.07
CA TRP A 84 -3.52 11.80 -13.45
C TRP A 84 -3.84 13.06 -12.67
N TRP A 85 -4.11 12.89 -11.39
CA TRP A 85 -4.31 14.00 -10.49
C TRP A 85 -2.99 14.38 -9.84
N THR A 86 -2.95 15.56 -9.24
CA THR A 86 -1.76 16.04 -8.57
C THR A 86 -1.67 15.44 -7.16
N ARG A 87 -2.81 15.26 -6.54
CA ARG A 87 -2.88 14.71 -5.20
C ARG A 87 -4.19 13.93 -5.01
N LEU A 88 -4.16 12.93 -4.13
CA LEU A 88 -5.31 12.05 -3.95
C LEU A 88 -6.23 12.55 -2.83
N LEU A 89 -5.79 13.58 -2.12
CA LEU A 89 -6.53 14.09 -0.98
C LEU A 89 -7.42 15.25 -1.41
N LYS A 90 -8.74 15.06 -1.30
CA LYS A 90 -9.71 16.08 -1.69
C LYS A 90 -9.46 17.40 -0.96
N SER A 91 -9.06 17.29 0.30
CA SER A 91 -8.67 18.44 1.08
C SER A 91 -7.31 18.93 0.61
N GLU A 92 -7.34 19.62 -0.52
CA GLU A 92 -6.13 20.09 -1.18
C GLU A 92 -5.36 21.07 -0.30
N GLU A 93 -6.08 21.85 0.49
CA GLU A 93 -5.45 22.83 1.37
C GLU A 93 -4.93 22.18 2.64
N LYS A 94 -3.75 21.59 2.49
CA LYS A 94 -3.00 21.00 3.60
C LYS A 94 -3.89 20.13 4.50
N PRO A 95 -4.12 18.87 4.09
CA PRO A 95 -4.96 17.93 4.83
C PRO A 95 -4.59 17.86 6.31
N ALA A 96 -3.43 17.27 6.58
CA ALA A 96 -2.94 17.12 7.93
C ALA A 96 -1.53 16.56 7.89
N PRO A 97 -0.69 16.91 8.88
CA PRO A 97 0.72 16.50 8.90
C PRO A 97 0.91 14.99 9.02
N TYR A 98 -0.13 14.29 9.47
CA TYR A 98 0.01 12.85 9.65
C TYR A 98 -0.09 12.13 8.32
N ILE A 99 -0.54 12.85 7.30
CA ILE A 99 -0.57 12.31 5.96
C ILE A 99 0.79 12.46 5.31
N LYS A 100 1.46 11.33 5.23
CA LYS A 100 2.81 11.24 4.72
C LYS A 100 2.89 10.16 3.64
N VAL A 101 4.04 10.04 3.01
CA VAL A 101 4.23 9.04 1.98
C VAL A 101 4.87 7.78 2.57
N ASP A 102 4.33 6.62 2.19
CA ASP A 102 4.93 5.35 2.57
C ASP A 102 6.19 5.11 1.75
N TRP A 103 7.33 5.32 2.38
CA TRP A 103 8.61 5.17 1.72
C TRP A 103 9.00 3.70 1.63
N ASN A 104 8.20 2.84 2.24
CA ASN A 104 8.50 1.41 2.30
C ASN A 104 8.17 0.74 0.98
N LYS A 105 6.91 0.81 0.58
CA LYS A 105 6.44 0.14 -0.62
C LYS A 105 6.38 1.11 -1.79
N TRP A 106 6.94 2.31 -1.59
CA TRP A 106 7.09 3.26 -2.68
C TRP A 106 7.98 2.66 -3.77
N CYS A 107 7.66 2.98 -5.01
CA CYS A 107 8.26 2.31 -6.15
C CYS A 107 9.23 3.22 -6.90
N ASP A 108 9.85 2.65 -7.93
CA ASP A 108 10.72 3.40 -8.82
C ASP A 108 9.95 3.76 -10.08
N GLU A 109 10.04 5.01 -10.51
CA GLU A 109 9.33 5.43 -11.70
C GLU A 109 10.03 4.89 -12.95
N ASP A 110 11.30 4.53 -12.81
CA ASP A 110 12.08 4.04 -13.93
C ASP A 110 12.21 2.52 -13.88
N GLU A 111 11.31 1.87 -13.14
CA GLU A 111 11.29 0.42 -13.06
C GLU A 111 11.03 -0.18 -14.44
N GLU A 112 10.27 0.53 -15.25
CA GLU A 112 10.02 0.14 -16.63
C GLU A 112 11.06 0.81 -17.54
N VAL A 113 12.09 0.05 -17.88
CA VAL A 113 13.27 0.59 -18.56
C VAL A 113 13.08 0.71 -20.07
N ASN A 114 11.88 1.11 -20.49
CA ASN A 114 11.58 1.21 -21.92
C ASN A 114 12.34 2.37 -22.51
N SER A 115 12.55 3.35 -21.66
CA SER A 115 13.29 4.55 -22.00
C SER A 115 14.75 4.22 -22.30
N GLU A 116 15.20 3.06 -21.84
CA GLU A 116 16.59 2.66 -22.02
C GLU A 116 16.70 1.62 -23.13
N THR A 117 15.63 0.85 -23.31
CA THR A 117 15.60 -0.19 -24.34
C THR A 117 15.72 0.42 -25.74
N ALA A 118 15.04 1.53 -25.95
CA ALA A 118 15.08 2.23 -27.23
C ALA A 118 16.32 3.11 -27.34
N SER A 119 17.38 2.55 -27.90
CA SER A 119 18.64 3.26 -28.03
C SER A 119 18.76 3.88 -29.43
N ASP A 120 19.01 5.18 -29.47
CA ASP A 120 19.21 5.89 -30.73
C ASP A 120 20.64 5.66 -31.22
N ASP A 121 20.83 5.72 -32.53
CA ASP A 121 22.14 5.45 -33.11
C ASP A 121 22.67 6.68 -33.83
N GLU A 122 23.91 7.06 -33.51
CA GLU A 122 24.56 8.17 -34.18
C GLU A 122 25.13 7.71 -35.49
N SER A 123 25.31 8.65 -36.41
CA SER A 123 25.85 8.34 -37.72
C SER A 123 27.37 8.16 -37.65
N ALA A 124 27.94 8.51 -36.49
CA ALA A 124 29.37 8.39 -36.23
C ALA A 124 30.20 9.07 -37.31
N PHE A 125 30.28 10.39 -37.25
CA PHE A 125 31.05 11.15 -38.21
C PHE A 125 32.42 11.50 -37.65
N VAL A 126 33.46 11.34 -38.47
CA VAL A 126 34.79 11.78 -38.10
C VAL A 126 35.16 13.01 -38.95
N ASN A 127 35.10 14.17 -38.33
CA ASN A 127 35.34 15.41 -39.04
C ASN A 127 36.50 16.18 -38.42
N GLN A 128 37.32 16.77 -39.27
CA GLN A 128 38.44 17.57 -38.82
C GLN A 128 38.83 18.58 -39.90
N ASP A 129 39.12 19.80 -39.46
CA ASP A 129 39.51 20.89 -40.35
C ASP A 129 39.66 22.17 -39.53
N SER A 130 40.86 22.42 -39.06
CA SER A 130 41.13 23.61 -38.27
C SER A 130 42.59 24.03 -38.41
N GLU A 131 42.91 24.75 -39.47
CA GLU A 131 44.25 25.28 -39.65
C GLU A 131 44.22 26.60 -40.40
N SER A 132 45.19 27.45 -40.09
CA SER A 132 45.39 28.70 -40.79
C SER A 132 46.88 28.93 -40.96
N SER A 133 47.43 28.43 -42.06
CA SER A 133 48.86 28.44 -42.27
C SER A 133 49.31 29.72 -42.99
N ASP A 134 49.79 30.68 -42.22
CA ASP A 134 50.35 31.89 -42.79
C ASP A 134 51.60 32.29 -42.02
N ASP A 135 52.53 32.95 -42.72
CA ASP A 135 53.80 33.32 -42.11
C ASP A 135 54.20 34.73 -42.55
N ASP A 136 55.00 35.40 -41.71
CA ASP A 136 55.54 36.71 -42.05
C ASP A 136 56.78 37.00 -41.23
N GLY A 137 57.93 36.75 -41.81
CA GLY A 137 59.19 37.07 -41.18
C GLY A 137 60.12 37.78 -42.13
N LEU A 138 59.76 38.99 -42.48
CA LEU A 138 60.51 39.76 -43.47
C LEU A 138 61.22 40.93 -42.84
N LEU A 139 62.42 40.68 -42.33
CA LEU A 139 63.27 41.74 -41.82
C LEU A 139 64.71 41.25 -41.88
N TYR A 140 65.36 41.52 -43.01
CA TYR A 140 66.74 41.10 -43.20
C TYR A 140 67.69 42.02 -42.46
N LEU A 141 68.46 42.79 -43.20
CA LEU A 141 69.39 43.73 -42.60
C LEU A 141 69.53 44.98 -43.47
N PRO A 142 69.84 46.13 -42.85
CA PRO A 142 70.13 47.36 -43.58
C PRO A 142 71.50 47.29 -44.24
N ASP A 143 71.61 47.85 -45.43
CA ASP A 143 72.88 47.87 -46.15
C ASP A 143 73.89 48.74 -45.42
N LEU A 144 73.53 50.00 -45.23
CA LEU A 144 74.35 50.95 -44.49
C LEU A 144 73.43 52.03 -43.92
N GLU A 145 73.66 52.44 -42.69
CA GLU A 145 72.88 53.51 -42.09
C GLU A 145 73.32 54.85 -42.66
N LYS A 146 72.87 55.11 -43.87
CA LYS A 146 73.22 56.32 -44.60
C LYS A 146 72.46 57.52 -44.04
N ALA A 147 73.14 58.31 -43.22
CA ALA A 147 72.52 59.47 -42.61
C ALA A 147 73.52 60.60 -42.42
N ARG A 148 73.58 61.48 -43.41
CA ARG A 148 74.39 62.70 -43.30
C ARG A 148 73.44 63.89 -43.21
N ASN A 149 73.31 64.43 -42.01
CA ASN A 149 72.36 65.51 -41.77
C ASN A 149 72.85 66.82 -42.38
N LYS A 150 74.12 67.14 -42.13
CA LYS A 150 74.70 68.37 -42.64
C LYS A 150 75.88 68.05 -43.55
N SER A 1 -12.30 10.39 21.03
CA SER A 1 -12.45 9.41 19.93
C SER A 1 -11.53 9.77 18.77
N SER A 2 -11.21 11.05 18.63
CA SER A 2 -10.41 11.51 17.51
C SER A 2 -8.91 11.36 17.80
N ARG A 3 -8.41 10.15 17.61
CA ARG A 3 -6.98 9.90 17.67
C ARG A 3 -6.45 9.74 16.24
N ASN A 4 -5.32 10.35 15.94
CA ASN A 4 -4.80 10.33 14.58
C ASN A 4 -3.37 9.83 14.53
N PRO A 5 -3.17 8.53 14.22
CA PRO A 5 -1.86 7.97 13.91
C PRO A 5 -1.48 8.29 12.47
N GLU A 6 -0.21 8.21 12.14
CA GLU A 6 0.24 8.59 10.81
C GLU A 6 -0.15 7.52 9.78
N VAL A 7 -0.65 8.00 8.65
CA VAL A 7 -1.12 7.15 7.58
C VAL A 7 -0.31 7.40 6.31
N LEU A 8 0.27 6.34 5.77
CA LEU A 8 1.11 6.45 4.57
C LEU A 8 0.34 5.97 3.36
N TRP A 9 0.53 6.62 2.21
CA TRP A 9 -0.06 6.12 0.97
C TRP A 9 0.99 5.99 -0.12
N ALA A 10 0.77 5.04 -0.99
CA ALA A 10 1.66 4.78 -2.12
C ALA A 10 0.86 4.28 -3.32
N GLN A 11 1.23 4.71 -4.51
CA GLN A 11 0.50 4.35 -5.71
C GLN A 11 1.18 3.20 -6.45
N ARG A 12 0.42 2.18 -6.81
CA ARG A 12 0.97 1.06 -7.55
C ARG A 12 0.06 0.69 -8.71
N SER A 13 0.31 1.31 -9.86
CA SER A 13 -0.40 1.03 -11.11
C SER A 13 -1.93 1.01 -10.96
N ASP A 14 -2.47 -0.12 -10.53
CA ASP A 14 -3.91 -0.32 -10.49
C ASP A 14 -4.49 0.03 -9.12
N LYS A 15 -3.69 -0.09 -8.06
CA LYS A 15 -4.21 0.13 -6.72
C LYS A 15 -3.34 1.07 -5.92
N VAL A 16 -3.92 1.62 -4.86
CA VAL A 16 -3.21 2.46 -3.94
C VAL A 16 -3.07 1.74 -2.60
N TYR A 17 -1.87 1.73 -2.07
CA TYR A 17 -1.60 1.08 -0.80
C TYR A 17 -1.57 2.09 0.33
N LEU A 18 -2.25 1.77 1.41
CA LEU A 18 -2.35 2.66 2.54
C LEU A 18 -1.78 2.00 3.79
N THR A 19 -0.64 2.47 4.23
CA THR A 19 0.01 1.89 5.40
C THR A 19 -0.31 2.71 6.65
N VAL A 20 -1.20 2.19 7.48
CA VAL A 20 -1.56 2.87 8.71
C VAL A 20 -0.75 2.33 9.87
N ALA A 21 -0.29 3.23 10.73
CA ALA A 21 0.43 2.83 11.92
C ALA A 21 -0.57 2.32 12.95
N LEU A 22 -0.74 1.01 12.96
CA LEU A 22 -1.72 0.37 13.82
C LEU A 22 -1.12 -0.87 14.44
N PRO A 23 -0.56 -0.73 15.65
CA PRO A 23 0.11 -1.83 16.35
C PRO A 23 -0.86 -2.91 16.80
N ASP A 24 -2.03 -2.50 17.27
CA ASP A 24 -3.02 -3.43 17.80
C ASP A 24 -4.39 -3.07 17.27
N ALA A 25 -4.88 -3.87 16.34
CA ALA A 25 -6.08 -3.53 15.57
C ALA A 25 -7.35 -4.04 16.21
N LYS A 26 -8.37 -3.19 16.24
CA LYS A 26 -9.69 -3.57 16.76
C LYS A 26 -10.80 -2.98 15.90
N ASP A 27 -11.64 -3.86 15.35
CA ASP A 27 -12.89 -3.47 14.70
C ASP A 27 -12.68 -2.41 13.62
N ILE A 28 -11.65 -2.60 12.80
CA ILE A 28 -11.35 -1.68 11.70
C ILE A 28 -12.52 -1.64 10.72
N SER A 29 -13.24 -0.54 10.72
CA SER A 29 -14.35 -0.36 9.80
C SER A 29 -14.09 0.84 8.89
N VAL A 30 -13.92 0.57 7.61
CA VAL A 30 -13.57 1.61 6.66
C VAL A 30 -14.74 1.95 5.75
N LYS A 31 -15.21 3.19 5.81
CA LYS A 31 -16.26 3.63 4.92
C LYS A 31 -15.77 4.77 4.05
N CYS A 32 -15.47 4.45 2.79
CA CYS A 32 -14.98 5.43 1.84
C CYS A 32 -15.87 5.47 0.60
N GLU A 33 -16.00 6.66 0.01
CA GLU A 33 -16.75 6.82 -1.22
C GLU A 33 -15.77 6.95 -2.37
N PRO A 34 -16.24 6.84 -3.63
CA PRO A 34 -15.38 7.06 -4.81
C PRO A 34 -14.81 8.49 -4.84
N GLN A 35 -15.22 9.28 -3.86
CA GLN A 35 -14.76 10.66 -3.71
C GLN A 35 -14.17 10.87 -2.31
N GLY A 36 -14.09 9.78 -1.55
CA GLY A 36 -13.59 9.87 -0.19
C GLY A 36 -14.68 9.69 0.84
N LEU A 37 -14.36 9.02 1.93
CA LEU A 37 -15.25 8.93 3.09
C LEU A 37 -14.39 8.59 4.32
N PHE A 38 -14.97 8.47 5.50
CA PHE A 38 -14.20 8.40 6.74
C PHE A 38 -14.10 6.97 7.28
N SER A 39 -13.03 6.71 8.02
CA SER A 39 -12.79 5.39 8.55
C SER A 39 -12.77 5.41 10.08
N PHE A 40 -13.29 4.34 10.68
CA PHE A 40 -13.37 4.21 12.13
C PHE A 40 -12.67 2.94 12.60
N SER A 41 -11.60 3.12 13.35
CA SER A 41 -10.84 1.99 13.87
C SER A 41 -10.57 2.15 15.36
N ALA A 42 -10.20 1.07 16.03
CA ALA A 42 -9.87 1.13 17.45
C ALA A 42 -8.44 0.66 17.71
N LEU A 43 -7.77 1.33 18.64
CA LEU A 43 -6.42 0.96 19.05
C LEU A 43 -6.48 0.11 20.30
N GLY A 44 -6.01 -1.12 20.16
CA GLY A 44 -6.08 -2.08 21.26
C GLY A 44 -5.08 -1.78 22.36
N ALA A 45 -4.02 -1.07 22.01
CA ALA A 45 -2.96 -0.76 22.97
C ALA A 45 -3.44 0.18 24.08
N GLN A 46 -4.33 1.08 23.73
CA GLN A 46 -4.82 2.08 24.68
C GLN A 46 -6.27 1.83 25.06
N GLY A 47 -6.91 0.89 24.37
CA GLY A 47 -8.33 0.66 24.58
C GLY A 47 -9.15 1.84 24.13
N GLU A 48 -8.61 2.57 23.16
CA GLU A 48 -9.23 3.79 22.68
C GLU A 48 -9.57 3.63 21.19
N ARG A 49 -10.46 4.45 20.68
CA ARG A 49 -10.78 4.42 19.26
C ARG A 49 -10.11 5.58 18.56
N PHE A 50 -9.91 5.44 17.25
CA PHE A 50 -9.29 6.49 16.46
C PHE A 50 -10.05 6.65 15.15
N GLU A 51 -9.96 7.84 14.55
CA GLU A 51 -10.77 8.14 13.38
C GLU A 51 -10.03 9.07 12.44
N PHE A 52 -10.31 8.94 11.15
CA PHE A 52 -9.71 9.80 10.14
C PHE A 52 -10.61 9.85 8.91
N SER A 53 -10.65 11.00 8.26
CA SER A 53 -11.52 11.19 7.11
C SER A 53 -10.68 11.39 5.85
N LEU A 54 -10.79 10.45 4.92
CA LEU A 54 -10.03 10.54 3.69
C LEU A 54 -10.94 10.94 2.53
N GLU A 55 -11.00 12.23 2.29
CA GLU A 55 -11.68 12.74 1.11
C GLU A 55 -10.68 12.82 -0.03
N LEU A 56 -10.98 12.17 -1.14
CA LEU A 56 -10.03 12.05 -2.23
C LEU A 56 -10.53 12.76 -3.47
N TYR A 57 -9.59 13.42 -4.15
CA TYR A 57 -9.90 14.20 -5.34
C TYR A 57 -10.06 13.30 -6.57
N GLY A 58 -9.61 12.05 -6.44
CA GLY A 58 -9.65 11.13 -7.56
C GLY A 58 -10.65 10.01 -7.36
N LYS A 59 -11.02 9.35 -8.46
CA LYS A 59 -12.00 8.29 -8.42
C LYS A 59 -11.42 6.97 -7.89
N ILE A 60 -11.76 6.64 -6.66
CA ILE A 60 -11.38 5.36 -6.09
C ILE A 60 -12.55 4.38 -6.18
N MET A 61 -12.25 3.12 -6.43
CA MET A 61 -13.28 2.11 -6.53
C MET A 61 -13.53 1.50 -5.17
N THR A 62 -14.58 1.96 -4.51
CA THR A 62 -14.90 1.54 -3.16
C THR A 62 -15.62 0.18 -3.16
N GLU A 63 -15.36 -0.62 -4.19
CA GLU A 63 -15.96 -1.94 -4.27
C GLU A 63 -15.40 -2.85 -3.20
N TYR A 64 -14.11 -3.16 -3.30
CA TYR A 64 -13.48 -4.00 -2.32
C TYR A 64 -12.33 -3.26 -1.65
N ARG A 65 -12.26 -3.37 -0.33
CA ARG A 65 -11.14 -2.84 0.41
C ARG A 65 -10.51 -3.95 1.22
N LYS A 66 -9.22 -4.16 1.05
CA LYS A 66 -8.54 -5.24 1.75
C LYS A 66 -7.47 -4.71 2.69
N ASN A 67 -7.32 -5.37 3.83
CA ASN A 67 -6.34 -4.97 4.83
C ASN A 67 -5.45 -6.16 5.19
N VAL A 68 -4.16 -5.99 4.99
CA VAL A 68 -3.19 -7.01 5.34
C VAL A 68 -2.30 -6.49 6.46
N GLY A 69 -2.40 -7.09 7.63
CA GLY A 69 -1.60 -6.63 8.75
C GLY A 69 -0.62 -7.68 9.21
N LEU A 70 0.46 -7.20 9.81
CA LEU A 70 1.50 -8.06 10.33
C LEU A 70 2.25 -7.28 11.40
N ARG A 71 2.83 -6.16 11.00
CA ARG A 71 3.48 -5.24 11.93
C ARG A 71 2.60 -3.99 12.06
N ASN A 72 1.79 -3.76 11.03
CA ASN A 72 0.88 -2.62 10.93
C ASN A 72 -0.24 -3.04 10.01
N ILE A 73 -1.13 -2.11 9.63
CA ILE A 73 -2.22 -2.48 8.76
C ILE A 73 -2.05 -1.82 7.39
N ILE A 74 -1.80 -2.64 6.38
CA ILE A 74 -1.67 -2.15 5.02
C ILE A 74 -2.96 -2.36 4.24
N PHE A 75 -3.55 -1.29 3.78
CA PHE A 75 -4.77 -1.35 3.01
C PHE A 75 -4.46 -1.35 1.52
N SER A 76 -5.21 -2.13 0.77
CA SER A 76 -5.10 -2.14 -0.67
C SER A 76 -6.44 -1.76 -1.30
N ILE A 77 -6.49 -0.58 -1.89
CA ILE A 77 -7.72 -0.09 -2.50
C ILE A 77 -7.51 0.11 -4.00
N GLN A 78 -8.43 -0.41 -4.80
CA GLN A 78 -8.35 -0.26 -6.23
C GLN A 78 -8.97 1.06 -6.66
N LYS A 79 -8.39 1.73 -7.64
CA LYS A 79 -8.97 2.96 -8.15
C LYS A 79 -9.88 2.66 -9.32
N GLU A 80 -10.88 3.50 -9.53
CA GLU A 80 -11.94 3.20 -10.48
C GLU A 80 -11.49 3.47 -11.92
N GLU A 81 -10.60 4.44 -12.09
CA GLU A 81 -10.13 4.83 -13.41
C GLU A 81 -8.62 5.05 -13.37
N ARG A 82 -8.03 5.50 -14.47
CA ARG A 82 -6.62 5.82 -14.49
C ARG A 82 -6.35 6.98 -13.54
N SER A 83 -7.28 7.95 -13.53
CA SER A 83 -7.31 9.03 -12.55
C SER A 83 -6.14 10.01 -12.68
N TRP A 84 -6.47 11.25 -12.98
CA TRP A 84 -5.51 12.34 -12.98
C TRP A 84 -5.88 13.36 -11.93
N TRP A 85 -4.94 13.66 -11.04
CA TRP A 85 -5.17 14.61 -9.97
C TRP A 85 -3.91 15.43 -9.71
N THR A 86 -4.08 16.71 -9.45
CA THR A 86 -2.96 17.54 -9.04
C THR A 86 -2.72 17.35 -7.53
N ARG A 87 -3.81 17.16 -6.81
CA ARG A 87 -3.75 16.92 -5.37
C ARG A 87 -4.65 15.74 -5.06
N LEU A 88 -4.19 14.83 -4.21
CA LEU A 88 -4.98 13.64 -3.90
C LEU A 88 -6.03 13.95 -2.83
N LEU A 89 -5.62 14.76 -1.86
CA LEU A 89 -6.49 15.12 -0.75
C LEU A 89 -7.50 16.18 -1.14
N LYS A 90 -8.78 15.81 -1.12
CA LYS A 90 -9.85 16.77 -1.32
C LYS A 90 -9.84 17.78 -0.16
N SER A 91 -9.50 17.29 1.02
CA SER A 91 -9.35 18.13 2.19
C SER A 91 -7.95 18.76 2.18
N GLU A 92 -7.72 19.62 1.20
CA GLU A 92 -6.39 20.13 0.93
C GLU A 92 -6.25 21.59 1.36
N GLU A 93 -6.78 21.92 2.53
CA GLU A 93 -6.47 23.21 3.14
C GLU A 93 -5.01 23.19 3.57
N LYS A 94 -4.60 22.04 4.08
CA LYS A 94 -3.23 21.76 4.46
C LYS A 94 -3.15 20.28 4.81
N PRO A 95 -2.10 19.57 4.35
CA PRO A 95 -1.95 18.15 4.66
C PRO A 95 -1.90 17.90 6.16
N ALA A 96 -2.95 17.28 6.68
CA ALA A 96 -3.02 16.94 8.10
C ALA A 96 -1.82 16.09 8.51
N PRO A 97 -1.39 16.21 9.77
CA PRO A 97 -0.15 15.56 10.27
C PRO A 97 -0.18 14.04 10.22
N TYR A 98 -1.27 13.46 9.74
CA TYR A 98 -1.35 12.02 9.62
C TYR A 98 -1.36 11.60 8.16
N ILE A 99 -1.13 12.54 7.25
CA ILE A 99 -1.00 12.22 5.84
C ILE A 99 0.47 12.22 5.44
N LYS A 100 0.98 11.05 5.12
CA LYS A 100 2.36 10.89 4.70
C LYS A 100 2.43 9.90 3.55
N VAL A 101 3.59 9.83 2.90
CA VAL A 101 3.75 8.97 1.73
C VAL A 101 4.54 7.71 2.11
N ASP A 102 3.98 6.55 1.83
CA ASP A 102 4.65 5.28 2.08
C ASP A 102 5.72 5.03 1.04
N TRP A 103 6.97 5.19 1.46
CA TRP A 103 8.12 4.99 0.59
C TRP A 103 8.45 3.52 0.41
N ASN A 104 7.68 2.63 1.03
CA ASN A 104 8.01 1.21 1.06
C ASN A 104 7.35 0.46 -0.09
N LYS A 105 6.09 0.76 -0.35
CA LYS A 105 5.30 0.05 -1.35
C LYS A 105 5.39 0.71 -2.72
N TRP A 106 6.16 1.79 -2.81
CA TRP A 106 6.31 2.50 -4.08
C TRP A 106 7.03 1.66 -5.11
N CYS A 107 6.63 1.82 -6.37
CA CYS A 107 7.20 1.06 -7.47
C CYS A 107 8.57 1.60 -7.85
N ASP A 108 9.57 0.71 -7.89
CA ASP A 108 10.91 1.08 -8.32
C ASP A 108 10.87 1.53 -9.77
N GLU A 109 11.08 2.81 -9.98
CA GLU A 109 11.15 3.36 -11.33
C GLU A 109 12.55 3.11 -11.91
N ASP A 110 12.97 1.85 -11.83
CA ASP A 110 14.31 1.44 -12.20
C ASP A 110 15.32 2.15 -11.29
N GLU A 111 14.88 2.40 -10.06
CA GLU A 111 15.67 3.18 -9.13
C GLU A 111 16.23 2.29 -8.03
N GLU A 112 17.51 2.47 -7.71
CA GLU A 112 18.15 1.69 -6.67
C GLU A 112 17.87 2.32 -5.29
N VAL A 113 16.77 1.92 -4.68
CA VAL A 113 16.43 2.39 -3.35
C VAL A 113 16.52 1.26 -2.32
N ASN A 114 15.79 0.18 -2.55
CA ASN A 114 15.83 -0.97 -1.66
C ASN A 114 15.58 -2.25 -2.45
N SER A 115 15.84 -2.17 -3.75
CA SER A 115 15.58 -3.25 -4.68
C SER A 115 16.40 -4.51 -4.34
N GLU A 116 17.52 -4.29 -3.64
CA GLU A 116 18.40 -5.38 -3.26
C GLU A 116 18.35 -5.63 -1.76
N THR A 117 17.37 -5.01 -1.10
CA THR A 117 17.21 -5.05 0.36
C THR A 117 18.52 -4.74 1.10
N ALA A 118 18.68 -3.46 1.46
CA ALA A 118 19.91 -3.00 2.10
C ALA A 118 19.91 -3.38 3.57
N SER A 119 20.76 -4.34 3.93
CA SER A 119 20.93 -4.72 5.31
C SER A 119 22.35 -5.19 5.54
N ASP A 120 23.21 -4.27 5.97
CA ASP A 120 24.57 -4.63 6.33
C ASP A 120 24.66 -4.82 7.84
N ASP A 121 24.98 -6.04 8.25
CA ASP A 121 25.06 -6.37 9.66
C ASP A 121 25.95 -7.58 9.86
N GLU A 122 26.43 -7.76 11.08
CA GLU A 122 27.37 -8.83 11.39
C GLU A 122 26.65 -9.98 12.08
N SER A 123 27.22 -11.16 11.98
CA SER A 123 26.65 -12.32 12.63
C SER A 123 27.26 -12.50 14.02
N ALA A 124 26.80 -11.69 14.95
CA ALA A 124 27.27 -11.75 16.33
C ALA A 124 26.75 -13.02 17.01
N PHE A 125 27.61 -13.67 17.78
CA PHE A 125 27.26 -14.90 18.47
C PHE A 125 27.71 -14.84 19.93
N VAL A 126 26.97 -15.52 20.79
CA VAL A 126 27.31 -15.60 22.21
C VAL A 126 27.37 -17.05 22.67
N ASN A 127 28.56 -17.51 23.02
CA ASN A 127 28.74 -18.86 23.51
C ASN A 127 28.63 -18.90 25.03
N GLN A 128 27.97 -19.92 25.54
CA GLN A 128 27.81 -20.10 26.97
C GLN A 128 28.87 -21.07 27.49
N ASP A 129 29.17 -20.98 28.78
CA ASP A 129 30.17 -21.83 29.40
C ASP A 129 29.89 -21.99 30.89
N SER A 130 28.93 -22.84 31.17
CA SER A 130 28.52 -23.10 32.54
C SER A 130 29.30 -24.27 33.13
N GLU A 131 29.40 -24.32 34.45
CA GLU A 131 30.16 -25.37 35.11
C GLU A 131 29.41 -25.89 36.33
N SER A 132 29.48 -27.20 36.56
CA SER A 132 28.82 -27.82 37.69
C SER A 132 29.85 -28.32 38.70
N SER A 133 29.38 -29.05 39.71
CA SER A 133 30.26 -29.61 40.72
C SER A 133 29.75 -30.99 41.13
N ASP A 134 30.35 -31.58 42.16
CA ASP A 134 29.93 -32.87 42.68
C ASP A 134 30.27 -32.99 44.16
N ASP A 135 29.38 -33.57 44.93
CA ASP A 135 29.58 -33.72 46.37
C ASP A 135 29.80 -35.19 46.71
N ASP A 136 30.64 -35.44 47.70
CA ASP A 136 30.88 -36.80 48.16
C ASP A 136 29.89 -37.16 49.27
N GLY A 137 29.94 -36.40 50.36
CA GLY A 137 28.96 -36.56 51.43
C GLY A 137 29.18 -37.80 52.26
N LEU A 138 29.79 -37.65 53.43
CA LEU A 138 30.00 -38.76 54.33
C LEU A 138 30.07 -38.26 55.78
N LEU A 139 28.98 -38.44 56.52
CA LEU A 139 28.93 -38.02 57.91
C LEU A 139 28.24 -39.09 58.77
N TYR A 140 29.03 -39.77 59.58
CA TYR A 140 28.50 -40.80 60.48
C TYR A 140 28.94 -40.51 61.90
N LEU A 141 27.99 -40.09 62.73
CA LEU A 141 28.27 -39.77 64.13
C LEU A 141 27.77 -40.88 65.05
N PRO A 142 28.66 -41.76 65.51
CA PRO A 142 28.33 -42.87 66.39
C PRO A 142 28.56 -42.55 67.87
N ASP A 143 27.48 -42.22 68.57
CA ASP A 143 27.53 -41.98 70.00
C ASP A 143 26.30 -42.58 70.65
N LEU A 144 26.36 -43.88 70.91
CA LEU A 144 25.25 -44.60 71.52
C LEU A 144 25.38 -44.56 73.03
N GLU A 145 24.39 -45.12 73.71
CA GLU A 145 24.37 -45.10 75.17
C GLU A 145 25.58 -45.82 75.76
N LYS A 146 25.95 -46.95 75.14
CA LYS A 146 26.97 -47.86 75.69
C LYS A 146 26.83 -48.01 77.21
N ALA A 147 25.61 -48.28 77.66
CA ALA A 147 25.32 -48.39 79.08
C ALA A 147 25.68 -49.78 79.61
N ARG A 148 25.94 -49.86 80.91
CA ARG A 148 26.29 -51.13 81.54
C ARG A 148 25.08 -51.82 82.14
N ASN A 149 25.27 -53.07 82.53
CA ASN A 149 24.20 -53.88 83.08
C ASN A 149 24.46 -54.22 84.54
N LYS A 150 23.42 -54.58 85.27
CA LYS A 150 23.57 -55.02 86.65
C LYS A 150 23.63 -56.54 86.68
#